data_8DOW
#
_entry.id   8DOW
#
_cell.length_a   1.00
_cell.length_b   1.00
_cell.length_c   1.00
_cell.angle_alpha   90.00
_cell.angle_beta   90.00
_cell.angle_gamma   90.00
#
_symmetry.space_group_name_H-M   'P 1'
#
loop_
_entity.id
_entity.type
_entity.pdbx_description
1 polymer 'Envelope glycoprotein gp120'
2 polymer 'Envelope glycoprotein gp41'
3 polymer 'DH1030.1 Fab Heavy chain'
4 polymer 'DH1030.1 Fab Light Chain'
5 branched 2-acetamido-2-deoxy-beta-D-glucopyranose-(1-4)-2-acetamido-2-deoxy-beta-D-glucopyranose
6 branched alpha-D-mannopyranose-(1-3)-alpha-D-mannopyranose-(1-6)-[alpha-D-mannopyranose-(1-3)]beta-D-mannopyranose-(1-4)-2-acetamido-2-deoxy-beta-D-glucopyranose-(1-4)-2-acetamido-2-deoxy-beta-D-glucopyranose
7 branched alpha-D-mannopyranose-(1-6)-beta-D-mannopyranose-(1-4)-2-acetamido-2-deoxy-beta-D-glucopyranose-(1-4)-2-acetamido-2-deoxy-beta-D-glucopyranose
8 branched beta-D-mannopyranose-(1-4)-2-acetamido-2-deoxy-beta-D-glucopyranose-(1-4)-2-acetamido-2-deoxy-beta-D-glucopyranose
9 non-polymer 2-acetamido-2-deoxy-beta-D-glucopyranose
#
loop_
_entity_poly.entity_id
_entity_poly.type
_entity_poly.pdbx_seq_one_letter_code
_entity_poly.pdbx_strand_id
1 'polypeptide(L)'
;AENLWVTVYYGVPVWKEAKTTLFCASDARAYEKEVHNVWATHACVPTDPSPQELVLGNVTENFNMWKNDMVDQMHEDIIS
LWDQSLKPCVKLTPLCVTLICSDATVKTGTVEEMKNCSFNTTTEIRDKEKKEYALFYKPDIVPLSETNNTSEYRLINCNT
SACTQACPKVTFEPIPIHYCAPAGYAILKCNDETFNGTGPCSNVSTVQCTHGIRPVVSTQLLLNGSLAEKEIVIRSENLT
NNAKIIIVHLHTPVEIVCTRPNNNTRKSVRIGPGQTFYATGDIIGDIKQAHCNISEEKWNDTLQKVGIELQKHFPNKTIK
YNQSAGGDMEITTHSFNCGGEFFYCNTSNLFNGTYNGTYISTNSSANSTSTITLQCRIKQIINMWQGVGRCMYAPPIAGN
ITCRSNITGLLLTRDGGTNSNETETFRPAGGDMRDNWRSELYKYKVVKIEPLGVAPTRCKRRV
;
A,E,I
2 'polypeptide(L)'
;VGRRRRRRAVGIGAVFLGFLGAAGSTMGAASMTLTVQARNLLSGIVQQQSNLLRAPEAQQHLLKLTVWGIKQLQARVLAV
ERYLRDQQLLGIWGCSGKLICCTNVPWNSSWSNRNLSEIWDNMTWLQWDKEISNYTQIIYGLLEESQNQQEKNEQDLLAL
D
;
B,F,J
3 'polypeptide(L)'
;EVQLAESGGGLTKPGGSLRLSCAASGFTFSDFYMDWVRQTPGKGLEWVSRINNDGRNKWYADSVRGRFTVSRENAKNTLY
LQMDSLRAEDTAVYYCARDRPVYRYWSGGYHLDPWGQGVVVTVSSASTKGPSVFPLAPSSRSTSESTAALGCLVKDYFPE
PVTVSWNSGSLTSGVHTFPAVLQSSGLYSLSSVVTVPSSSLGTQTYVCNVNHKPSNTKVDKRVEIKTCGG
;
C,G,K
4 'polypeptide(L)'
;YVVMTQSPLSLPITPGQPASISCRSSQRLLHSDGNTYLAWYQQRPGQPPRRLIYEVSKLDSGVPDRFSGSGAGTDFTLKI
SRVEAEDVGVYYCGQNTYLPYSFGQGSKVEIKRAVAAPSVFIFPPSEDQVKSGTVSVVCLLNNFYPREASVKWKVDGVLK
TGNSQESVTEQDSKDNTYSLSSTLTLSNTDYQSHNVYACEVTHQGLSSPVTKSFNRGEC
;
D,H,L
#
loop_
_chem_comp.id
_chem_comp.type
_chem_comp.name
_chem_comp.formula
BMA D-saccharide, beta linking beta-D-mannopyranose 'C6 H12 O6'
MAN D-saccharide, alpha linking alpha-D-mannopyranose 'C6 H12 O6'
NAG D-saccharide, beta linking 2-acetamido-2-deoxy-beta-D-glucopyranose 'C8 H15 N O6'
#
# COMPACT_ATOMS: atom_id res chain seq x y z
N GLU A 2 71.98 21.44 -36.08
CA GLU A 2 70.60 20.92 -35.85
C GLU A 2 69.81 21.84 -34.91
N ASN A 3 68.48 21.85 -35.04
CA ASN A 3 67.57 22.38 -34.02
C ASN A 3 66.24 21.60 -34.02
N LEU A 4 65.46 21.70 -32.95
CA LEU A 4 64.35 20.83 -32.65
C LEU A 4 63.04 21.61 -32.50
N TRP A 5 61.96 20.98 -32.93
CA TRP A 5 60.63 21.57 -33.06
C TRP A 5 59.58 20.60 -32.53
N VAL A 6 58.59 21.11 -31.80
CA VAL A 6 57.46 20.30 -31.37
C VAL A 6 56.72 19.71 -32.56
N THR A 7 56.33 18.45 -32.45
CA THR A 7 55.35 17.76 -33.31
C THR A 7 54.24 17.23 -32.43
N VAL A 8 52.99 17.28 -32.90
CA VAL A 8 51.87 16.69 -32.16
C VAL A 8 51.41 15.43 -32.85
N TYR A 9 51.25 14.35 -32.07
CA TYR A 9 50.89 13.01 -32.49
C TYR A 9 49.56 12.60 -31.87
N TYR A 10 48.56 12.24 -32.66
CA TYR A 10 47.34 11.64 -32.12
C TYR A 10 47.43 10.11 -32.05
N GLY A 11 46.54 9.46 -31.30
CA GLY A 11 46.47 7.99 -31.23
C GLY A 11 47.61 7.25 -30.52
N VAL A 12 48.68 7.89 -30.04
CA VAL A 12 49.80 7.19 -29.36
C VAL A 12 49.32 6.35 -28.17
N PRO A 13 49.88 5.17 -27.91
CA PRO A 13 49.47 4.31 -26.81
C PRO A 13 50.08 4.76 -25.49
N VAL A 14 49.37 5.57 -24.70
CA VAL A 14 49.72 5.85 -23.30
C VAL A 14 48.45 5.87 -22.46
N TRP A 15 48.57 5.72 -21.14
CA TRP A 15 47.42 5.46 -20.27
C TRP A 15 47.61 5.90 -18.82
N LYS A 16 46.52 5.91 -18.07
CA LYS A 16 46.46 6.28 -16.65
C LYS A 16 45.41 5.43 -15.92
N GLU A 17 45.57 5.19 -14.62
CA GLU A 17 44.50 4.64 -13.78
C GLU A 17 43.30 5.59 -13.77
N ALA A 18 42.09 5.05 -13.82
CA ALA A 18 40.89 5.83 -13.53
C ALA A 18 39.77 4.95 -13.00
N LYS A 19 38.91 5.56 -12.19
CA LYS A 19 37.64 4.99 -11.76
C LYS A 19 36.57 5.38 -12.76
N THR A 20 35.91 4.39 -13.35
CA THR A 20 34.86 4.58 -14.37
C THR A 20 33.81 3.49 -14.23
N THR A 21 32.54 3.75 -14.54
CA THR A 21 31.49 2.71 -14.49
C THR A 21 31.69 1.71 -15.63
N LEU A 22 32.13 0.51 -15.30
CA LEU A 22 32.12 -0.63 -16.23
C LEU A 22 30.70 -1.09 -16.52
N PHE A 23 30.51 -1.87 -17.58
CA PHE A 23 29.19 -2.40 -17.94
C PHE A 23 29.24 -3.92 -18.11
N CYS A 24 28.16 -4.62 -17.75
CA CYS A 24 28.12 -6.07 -17.72
C CYS A 24 27.60 -6.67 -19.04
N ALA A 25 28.27 -7.71 -19.50
CA ALA A 25 28.01 -8.39 -20.76
C ALA A 25 27.80 -9.88 -20.48
N SER A 26 26.68 -10.41 -20.94
CA SER A 26 26.30 -11.82 -20.72
C SER A 26 26.93 -12.74 -21.78
N ASP A 27 26.73 -14.05 -21.67
CA ASP A 27 26.99 -15.01 -22.76
C ASP A 27 25.80 -15.20 -23.73
N ALA A 28 24.77 -14.34 -23.59
CA ALA A 28 23.49 -14.35 -24.30
C ALA A 28 22.61 -15.62 -24.17
N ARG A 29 23.05 -16.72 -23.53
CA ARG A 29 22.25 -17.97 -23.48
C ARG A 29 20.90 -17.79 -22.78
N ALA A 30 20.86 -16.96 -21.75
CA ALA A 30 19.65 -16.65 -20.98
C ALA A 30 18.58 -15.82 -21.73
N TYR A 31 18.86 -15.26 -22.93
CA TYR A 31 18.03 -14.19 -23.51
C TYR A 31 16.80 -14.69 -24.29
N GLU A 32 16.32 -15.87 -23.92
CA GLU A 32 14.90 -16.24 -24.03
C GLU A 32 14.10 -15.44 -22.97
N LYS A 33 12.98 -15.95 -22.45
CA LYS A 33 12.28 -15.36 -21.29
C LYS A 33 13.20 -15.15 -20.07
N GLU A 34 14.23 -15.97 -19.93
CA GLU A 34 15.05 -16.04 -18.72
C GLU A 34 15.87 -14.78 -18.42
N VAL A 35 16.12 -13.86 -19.36
CA VAL A 35 16.84 -12.59 -19.09
C VAL A 35 16.29 -11.85 -17.87
N HIS A 36 14.97 -11.75 -17.74
CA HIS A 36 14.30 -11.06 -16.62
C HIS A 36 13.97 -11.99 -15.43
N ASN A 37 14.16 -13.31 -15.60
CA ASN A 37 14.04 -14.26 -14.51
C ASN A 37 15.37 -14.45 -13.79
N VAL A 38 16.48 -14.46 -14.52
CA VAL A 38 17.80 -14.72 -13.96
C VAL A 38 18.26 -13.46 -13.26
N TRP A 39 18.28 -13.51 -11.93
CA TRP A 39 18.98 -12.52 -11.13
C TRP A 39 20.45 -12.50 -11.58
N ALA A 40 21.08 -11.31 -11.60
CA ALA A 40 22.41 -11.13 -12.18
C ALA A 40 22.48 -11.49 -13.69
N THR A 41 21.51 -11.02 -14.47
CA THR A 41 21.52 -11.04 -15.95
C THR A 41 20.61 -9.97 -16.55
N HIS A 42 19.48 -9.65 -15.94
CA HIS A 42 18.53 -8.66 -16.48
C HIS A 42 19.12 -7.24 -16.70
N ALA A 43 20.15 -6.86 -15.96
CA ALA A 43 20.87 -5.59 -16.14
C ALA A 43 21.86 -5.57 -17.32
N CYS A 44 22.12 -6.69 -17.99
CA CYS A 44 23.30 -6.88 -18.83
C CYS A 44 22.95 -7.09 -20.32
N VAL A 45 23.92 -6.83 -21.19
CA VAL A 45 23.75 -6.91 -22.64
C VAL A 45 23.79 -8.36 -23.13
N PRO A 46 22.95 -8.78 -24.10
CA PRO A 46 23.17 -10.02 -24.84
C PRO A 46 24.39 -9.87 -25.76
N THR A 47 25.41 -10.68 -25.55
CA THR A 47 26.74 -10.51 -26.16
C THR A 47 27.45 -11.84 -26.39
N ASP A 48 28.45 -11.82 -27.27
CA ASP A 48 29.54 -12.80 -27.34
C ASP A 48 30.87 -12.12 -26.95
N PRO A 49 31.10 -11.83 -25.65
CA PRO A 49 32.14 -10.92 -25.18
C PRO A 49 33.55 -11.57 -25.13
N SER A 50 33.93 -12.34 -26.15
CA SER A 50 35.16 -13.15 -26.21
C SER A 50 36.43 -12.36 -25.84
N PRO A 51 37.13 -12.72 -24.75
CA PRO A 51 38.34 -12.01 -24.31
C PRO A 51 39.40 -11.97 -25.42
N GLN A 52 39.90 -10.77 -25.70
CA GLN A 52 40.78 -10.49 -26.83
C GLN A 52 42.25 -10.91 -26.62
N GLU A 53 43.00 -10.90 -27.71
CA GLU A 53 44.20 -11.73 -27.91
C GLU A 53 45.54 -11.03 -27.57
N LEU A 54 45.51 -9.81 -27.07
CA LEU A 54 46.63 -8.87 -27.20
C LEU A 54 47.61 -8.94 -26.02
N VAL A 55 48.59 -9.85 -26.06
CA VAL A 55 49.76 -9.77 -25.17
C VAL A 55 50.58 -8.52 -25.51
N LEU A 56 50.86 -7.65 -24.53
CA LEU A 56 51.42 -6.30 -24.78
C LEU A 56 52.93 -6.24 -25.04
N GLY A 57 53.67 -7.35 -25.05
CA GLY A 57 55.12 -7.32 -25.27
C GLY A 57 55.88 -6.77 -24.06
N ASN A 58 56.86 -5.89 -24.27
CA ASN A 58 57.89 -5.46 -23.32
C ASN A 58 57.39 -4.61 -22.11
N VAL A 59 56.08 -4.53 -21.91
CA VAL A 59 55.39 -3.83 -20.81
C VAL A 59 55.59 -4.51 -19.45
N THR A 60 55.67 -3.72 -18.38
CA THR A 60 55.51 -4.18 -16.98
C THR A 60 54.56 -3.24 -16.23
N GLU A 61 53.62 -3.75 -15.44
CA GLU A 61 52.50 -2.97 -14.92
C GLU A 61 52.17 -3.28 -13.44
N ASN A 62 51.90 -2.25 -12.63
CA ASN A 62 51.71 -2.37 -11.19
C ASN A 62 50.25 -2.66 -10.83
N PHE A 63 49.85 -3.92 -10.85
CA PHE A 63 48.53 -4.39 -10.43
C PHE A 63 48.29 -4.29 -8.92
N ASN A 64 47.03 -4.28 -8.47
CA ASN A 64 46.68 -4.39 -7.06
C ASN A 64 45.34 -5.11 -6.84
N MET A 65 45.26 -6.02 -5.87
CA MET A 65 44.09 -6.83 -5.51
C MET A 65 43.21 -6.18 -4.44
N TRP A 66 43.78 -5.49 -3.44
CA TRP A 66 42.97 -4.98 -2.31
C TRP A 66 42.61 -3.51 -2.42
N LYS A 67 43.48 -2.69 -3.02
CA LYS A 67 43.17 -1.26 -3.28
C LYS A 67 42.21 -1.05 -4.47
N ASN A 68 41.86 -2.15 -5.16
CA ASN A 68 41.07 -2.17 -6.39
C ASN A 68 39.66 -1.59 -6.21
N ASP A 69 39.17 -0.85 -7.20
CA ASP A 69 37.82 -0.25 -7.20
C ASP A 69 36.73 -1.14 -7.80
N MET A 70 37.07 -1.92 -8.83
CA MET A 70 36.09 -2.66 -9.63
C MET A 70 35.27 -3.67 -8.81
N VAL A 71 35.82 -4.15 -7.68
CA VAL A 71 35.12 -4.94 -6.67
C VAL A 71 33.94 -4.17 -6.07
N ASP A 72 34.08 -2.89 -5.78
CA ASP A 72 32.94 -2.09 -5.31
C ASP A 72 31.91 -1.82 -6.39
N GLN A 73 32.29 -1.81 -7.67
CA GLN A 73 31.30 -1.76 -8.75
C GLN A 73 30.48 -3.04 -8.79
N MET A 74 31.13 -4.21 -8.69
CA MET A 74 30.43 -5.49 -8.55
C MET A 74 29.48 -5.44 -7.34
N HIS A 75 29.97 -5.03 -6.17
CA HIS A 75 29.13 -4.93 -4.96
C HIS A 75 27.92 -4.01 -5.12
N GLU A 76 28.08 -2.78 -5.62
CA GLU A 76 26.94 -1.87 -5.81
C GLU A 76 25.97 -2.39 -6.87
N ASP A 77 26.47 -2.88 -8.00
CA ASP A 77 25.63 -3.44 -9.07
C ASP A 77 24.81 -4.63 -8.54
N ILE A 78 25.41 -5.51 -7.75
CA ILE A 78 24.74 -6.63 -7.12
C ILE A 78 23.59 -6.16 -6.24
N ILE A 79 23.83 -5.24 -5.31
CA ILE A 79 22.80 -4.81 -4.37
C ILE A 79 21.69 -4.06 -5.09
N SER A 80 22.04 -3.14 -5.97
CA SER A 80 21.05 -2.37 -6.73
C SER A 80 20.19 -3.27 -7.63
N LEU A 81 20.73 -4.38 -8.15
CA LEU A 81 19.95 -5.34 -8.93
C LEU A 81 19.09 -6.28 -8.09
N TRP A 82 19.62 -6.80 -6.98
CA TRP A 82 18.83 -7.60 -6.03
C TRP A 82 17.59 -6.82 -5.61
N ASP A 83 17.80 -5.62 -5.08
CA ASP A 83 16.73 -4.77 -4.57
C ASP A 83 15.73 -4.38 -5.66
N GLN A 84 16.19 -4.16 -6.91
CA GLN A 84 15.28 -3.93 -8.04
C GLN A 84 14.38 -5.13 -8.31
N SER A 85 14.93 -6.34 -8.31
CA SER A 85 14.17 -7.55 -8.67
C SER A 85 13.08 -7.92 -7.65
N LEU A 86 13.15 -7.41 -6.42
CA LEU A 86 12.16 -7.65 -5.36
C LEU A 86 10.97 -6.69 -5.40
N LYS A 87 11.10 -5.49 -5.98
CA LYS A 87 10.05 -4.45 -5.96
C LYS A 87 8.66 -4.90 -6.44
N PRO A 88 8.51 -5.65 -7.55
CA PRO A 88 7.18 -6.08 -7.99
C PRO A 88 6.55 -7.21 -7.17
N CYS A 89 7.25 -7.81 -6.20
CA CYS A 89 6.80 -9.07 -5.59
C CYS A 89 5.96 -8.89 -4.30
N VAL A 90 5.24 -9.94 -3.89
CA VAL A 90 4.26 -9.92 -2.79
C VAL A 90 4.88 -9.53 -1.46
N LYS A 91 4.49 -8.40 -0.86
CA LYS A 91 4.84 -8.11 0.54
C LYS A 91 4.03 -8.97 1.49
N LEU A 92 4.68 -9.60 2.46
CA LEU A 92 4.04 -10.49 3.43
C LEU A 92 3.34 -9.76 4.60
N THR A 93 3.10 -8.46 4.50
CA THR A 93 2.47 -7.66 5.57
C THR A 93 1.21 -8.28 6.18
N PRO A 94 0.26 -8.86 5.42
CA PRO A 94 -0.95 -9.45 6.00
C PRO A 94 -0.68 -10.68 6.86
N LEU A 95 0.47 -11.32 6.70
CA LEU A 95 0.83 -12.58 7.34
C LEU A 95 1.43 -12.40 8.74
N CYS A 96 1.72 -11.18 9.20
CA CYS A 96 2.11 -10.92 10.59
C CYS A 96 0.91 -11.02 11.56
N VAL A 97 0.22 -12.16 11.55
CA VAL A 97 -0.83 -12.51 12.50
C VAL A 97 -0.27 -13.32 13.66
N THR A 98 -1.04 -13.55 14.72
CA THR A 98 -0.68 -14.53 15.75
C THR A 98 -0.72 -15.94 15.16
N LEU A 99 0.41 -16.64 15.06
CA LEU A 99 0.44 -18.06 14.70
C LEU A 99 0.15 -18.88 15.95
N ILE A 100 -0.65 -19.94 15.83
CA ILE A 100 -0.78 -20.98 16.85
C ILE A 100 -0.14 -22.27 16.36
N CYS A 101 0.79 -22.85 17.12
CA CYS A 101 1.64 -23.94 16.67
C CYS A 101 1.70 -25.14 17.62
N SER A 102 2.02 -26.29 17.07
CA SER A 102 2.49 -27.49 17.76
C SER A 102 3.57 -28.20 16.94
N ASP A 103 4.24 -29.20 17.51
CA ASP A 103 5.30 -29.94 16.81
C ASP A 103 4.72 -30.80 15.67
N ALA A 104 5.45 -30.97 14.55
CA ALA A 104 4.96 -31.80 13.44
C ALA A 104 4.76 -33.28 13.83
N THR A 105 5.65 -33.83 14.67
CA THR A 105 5.53 -35.19 15.24
C THR A 105 6.30 -35.34 16.57
N VAL A 106 6.39 -34.27 17.38
CA VAL A 106 7.21 -34.19 18.61
C VAL A 106 8.66 -34.65 18.32
N LYS A 107 9.27 -35.53 19.14
CA LYS A 107 10.50 -36.30 18.87
C LYS A 107 11.75 -35.42 18.63
N THR A 108 12.80 -36.02 18.10
CA THR A 108 14.17 -35.47 17.92
C THR A 108 14.22 -34.24 17.01
N GLY A 109 15.27 -33.42 17.15
CA GLY A 109 15.49 -32.20 16.36
C GLY A 109 15.44 -32.36 14.83
N THR A 110 15.69 -33.57 14.30
CA THR A 110 15.57 -33.87 12.87
C THR A 110 14.16 -33.65 12.31
N VAL A 111 13.12 -33.89 13.12
CA VAL A 111 11.70 -33.65 12.79
C VAL A 111 11.15 -32.41 13.50
N GLU A 112 11.48 -32.18 14.77
CA GLU A 112 11.01 -31.01 15.50
C GLU A 112 11.61 -29.68 14.99
N GLU A 113 12.57 -29.74 14.07
CA GLU A 113 12.93 -28.62 13.18
C GLU A 113 11.71 -27.98 12.49
N MET A 114 10.66 -28.75 12.21
CA MET A 114 9.42 -28.27 11.59
C MET A 114 8.32 -28.08 12.64
N LYS A 115 7.92 -26.85 12.92
CA LYS A 115 6.67 -26.54 13.62
C LYS A 115 5.51 -26.64 12.64
N ASN A 116 4.36 -27.10 13.10
CA ASN A 116 3.11 -27.06 12.35
C ASN A 116 2.25 -25.97 12.96
N CYS A 117 1.86 -24.99 12.15
CA CYS A 117 1.27 -23.76 12.60
C CYS A 117 0.03 -23.39 11.81
N SER A 118 -0.94 -22.76 12.47
CA SER A 118 -2.19 -22.34 11.86
C SER A 118 -2.61 -20.96 12.32
N PHE A 119 -3.41 -20.29 11.49
CA PHE A 119 -3.78 -18.88 11.64
C PHE A 119 -5.00 -18.53 10.78
N ASN A 120 -5.61 -17.39 11.06
CA ASN A 120 -6.65 -16.84 10.18
C ASN A 120 -6.01 -16.04 9.04
N THR A 121 -6.39 -16.30 7.79
CA THR A 121 -5.93 -15.54 6.62
C THR A 121 -7.06 -14.73 6.01
N THR A 122 -6.79 -13.51 5.57
CA THR A 122 -7.79 -12.71 4.86
C THR A 122 -8.01 -13.24 3.45
N THR A 123 -9.25 -13.63 3.14
CA THR A 123 -9.59 -14.05 1.77
C THR A 123 -9.55 -12.86 0.80
N GLU A 124 -10.01 -13.03 -0.43
CA GLU A 124 -10.30 -11.90 -1.32
C GLU A 124 -11.44 -11.02 -0.78
N ILE A 125 -12.47 -11.66 -0.24
CA ILE A 125 -13.61 -10.99 0.39
C ILE A 125 -13.13 -10.37 1.70
N ARG A 126 -12.91 -9.05 1.73
CA ARG A 126 -12.26 -8.34 2.83
C ARG A 126 -12.87 -8.65 4.21
N ASP A 127 -14.19 -8.82 4.30
CA ASP A 127 -14.88 -9.15 5.54
C ASP A 127 -14.75 -10.62 6.00
N LYS A 128 -14.23 -11.54 5.19
CA LYS A 128 -14.10 -12.96 5.54
C LYS A 128 -12.65 -13.37 5.73
N GLU A 129 -12.36 -14.00 6.86
CA GLU A 129 -11.09 -14.67 7.12
C GLU A 129 -11.30 -16.17 7.29
N LYS A 130 -10.40 -16.95 6.70
CA LYS A 130 -10.42 -18.41 6.58
C LYS A 130 -9.30 -18.99 7.42
N LYS A 131 -9.53 -20.03 8.20
CA LYS A 131 -8.45 -20.67 8.99
C LYS A 131 -7.58 -21.56 8.11
N GLU A 132 -6.27 -21.48 8.28
CA GLU A 132 -5.29 -21.99 7.34
C GLU A 132 -4.02 -22.47 8.05
N TYR A 133 -3.26 -23.41 7.49
CA TYR A 133 -2.08 -23.98 8.16
C TYR A 133 -0.88 -24.20 7.22
N ALA A 134 0.33 -24.22 7.79
CA ALA A 134 1.60 -24.39 7.09
C ALA A 134 2.67 -24.98 8.02
N LEU A 135 3.76 -25.52 7.45
CA LEU A 135 4.92 -25.99 8.20
C LEU A 135 6.06 -24.96 8.08
N PHE A 136 6.70 -24.61 9.19
CA PHE A 136 7.76 -23.62 9.27
C PHE A 136 9.00 -24.19 9.95
N TYR A 137 10.19 -23.85 9.49
CA TYR A 137 11.42 -24.25 10.16
C TYR A 137 11.62 -23.38 11.41
N LYS A 138 12.03 -23.95 12.56
CA LYS A 138 12.12 -23.17 13.81
C LYS A 138 12.87 -21.84 13.72
N PRO A 139 13.93 -21.66 12.92
CA PRO A 139 14.60 -20.37 12.80
C PRO A 139 13.76 -19.23 12.20
N ASP A 140 12.74 -19.53 11.40
CA ASP A 140 11.82 -18.52 10.85
C ASP A 140 10.80 -18.00 11.89
N ILE A 141 10.68 -18.66 13.05
CA ILE A 141 9.60 -18.50 14.04
C ILE A 141 10.17 -18.04 15.38
N VAL A 142 9.39 -17.27 16.15
CA VAL A 142 9.77 -16.87 17.51
C VAL A 142 8.55 -16.81 18.43
N PRO A 143 8.64 -17.21 19.72
CA PRO A 143 7.48 -17.18 20.61
C PRO A 143 6.96 -15.77 20.79
N LEU A 144 5.64 -15.60 20.69
CA LEU A 144 5.02 -14.35 21.07
C LEU A 144 5.07 -14.23 22.59
N SER A 145 5.44 -13.07 23.12
CA SER A 145 5.47 -12.84 24.57
C SER A 145 4.07 -12.49 25.12
N GLU A 146 3.97 -11.95 26.33
CA GLU A 146 2.70 -11.65 27.03
C GLU A 146 1.80 -12.89 27.23
N THR A 147 2.40 -14.07 27.38
CA THR A 147 1.67 -15.34 27.47
C THR A 147 2.44 -16.37 28.31
N ASN A 148 1.75 -17.35 28.90
CA ASN A 148 2.33 -18.32 29.83
C ASN A 148 3.03 -19.50 29.12
N ASN A 149 4.03 -19.21 28.29
CA ASN A 149 4.79 -20.19 27.49
C ASN A 149 3.92 -21.09 26.59
N THR A 150 2.87 -20.52 25.99
CA THR A 150 1.91 -21.23 25.14
C THR A 150 2.42 -21.49 23.73
N SER A 151 1.58 -22.17 22.95
CA SER A 151 1.60 -22.32 21.50
C SER A 151 1.49 -21.04 20.66
N GLU A 152 1.66 -19.84 21.23
CA GLU A 152 1.55 -18.57 20.49
C GLU A 152 2.89 -18.10 19.94
N TYR A 153 2.94 -17.81 18.65
CA TYR A 153 4.16 -17.53 17.89
C TYR A 153 3.94 -16.40 16.88
N ARG A 154 5.04 -15.89 16.31
CA ARG A 154 5.03 -15.03 15.11
C ARG A 154 6.20 -15.34 14.19
N LEU A 155 6.15 -14.83 12.96
CA LEU A 155 7.32 -14.78 12.07
C LEU A 155 8.40 -13.91 12.72
N ILE A 156 9.67 -14.27 12.50
CA ILE A 156 10.81 -13.59 13.11
C ILE A 156 10.90 -12.10 12.75
N ASN A 157 10.47 -11.70 11.54
CA ASN A 157 10.70 -10.35 11.02
C ASN A 157 9.62 -9.30 11.32
N CYS A 158 8.46 -9.62 11.90
CA CYS A 158 7.38 -8.64 12.09
C CYS A 158 7.75 -7.41 12.94
N ASN A 159 8.76 -7.49 13.81
CA ASN A 159 9.24 -6.35 14.60
C ASN A 159 10.33 -5.52 13.93
N THR A 160 10.69 -5.81 12.67
CA THR A 160 11.74 -5.05 11.96
C THR A 160 11.33 -4.58 10.58
N SER A 161 10.73 -5.42 9.75
CA SER A 161 10.48 -5.13 8.33
C SER A 161 9.60 -6.22 7.70
N ALA A 162 8.69 -5.86 6.82
CA ALA A 162 7.91 -6.85 6.09
C ALA A 162 8.71 -7.32 4.87
N CYS A 163 9.06 -8.60 4.81
CA CYS A 163 9.80 -9.13 3.67
C CYS A 163 8.87 -9.37 2.49
N THR A 164 9.37 -9.18 1.27
CA THR A 164 8.74 -9.70 0.08
C THR A 164 8.98 -11.19 -0.05
N GLN A 165 8.00 -11.93 -0.52
CA GLN A 165 8.27 -13.21 -1.15
C GLN A 165 9.10 -12.96 -2.40
N ALA A 166 10.15 -13.73 -2.63
CA ALA A 166 10.83 -13.69 -3.91
C ALA A 166 9.89 -14.22 -4.99
N CYS A 167 9.62 -13.43 -6.05
CA CYS A 167 8.74 -13.86 -7.13
C CYS A 167 9.18 -15.24 -7.67
N PRO A 168 8.29 -16.24 -7.78
CA PRO A 168 8.68 -17.63 -8.05
C PRO A 168 9.30 -17.84 -9.44
N LYS A 169 9.05 -16.91 -10.38
CA LYS A 169 9.73 -16.90 -11.69
C LYS A 169 11.21 -16.54 -11.62
N VAL A 170 11.66 -15.77 -10.63
CA VAL A 170 13.06 -15.40 -10.46
C VAL A 170 13.89 -16.63 -10.13
N THR A 171 15.06 -16.73 -10.75
CA THR A 171 16.02 -17.80 -10.60
C THR A 171 17.33 -17.20 -10.10
N PHE A 172 17.87 -17.67 -8.97
CA PHE A 172 19.10 -17.12 -8.37
C PHE A 172 20.40 -17.72 -8.93
N GLU A 173 20.31 -18.59 -9.94
CA GLU A 173 21.45 -19.39 -10.39
C GLU A 173 22.62 -18.50 -10.85
N PRO A 174 23.86 -18.73 -10.39
CA PRO A 174 25.04 -17.93 -10.76
C PRO A 174 25.51 -18.06 -12.21
N ILE A 175 24.70 -17.60 -13.18
CA ILE A 175 25.10 -17.41 -14.58
C ILE A 175 26.23 -16.39 -14.67
N PRO A 176 27.31 -16.62 -15.43
CA PRO A 176 28.49 -15.78 -15.37
C PRO A 176 28.25 -14.40 -15.99
N ILE A 177 28.84 -13.38 -15.36
CA ILE A 177 28.93 -12.03 -15.87
C ILE A 177 30.32 -11.86 -16.48
N HIS A 178 30.43 -11.29 -17.67
CA HIS A 178 31.68 -10.68 -18.12
C HIS A 178 31.58 -9.19 -17.81
N TYR A 179 32.59 -8.59 -17.20
CA TYR A 179 32.64 -7.13 -17.04
C TYR A 179 33.41 -6.52 -18.20
N CYS A 180 32.92 -5.43 -18.80
CA CYS A 180 33.53 -4.76 -19.95
C CYS A 180 33.87 -3.31 -19.68
N ALA A 181 34.98 -2.84 -20.25
CA ALA A 181 35.34 -1.43 -20.28
C ALA A 181 34.55 -0.66 -21.35
N PRO A 182 34.03 0.53 -21.01
CA PRO A 182 33.40 1.40 -21.99
C PRO A 182 34.44 1.95 -22.95
N ALA A 183 33.99 2.51 -24.08
CA ALA A 183 34.88 3.06 -25.10
C ALA A 183 35.80 4.15 -24.54
N GLY A 184 37.08 4.17 -24.92
CA GLY A 184 38.05 5.11 -24.38
C GLY A 184 38.66 4.68 -23.05
N TYR A 185 38.39 3.46 -22.62
CA TYR A 185 39.06 2.74 -21.53
C TYR A 185 39.41 1.33 -21.99
N ALA A 186 40.32 0.66 -21.30
CA ALA A 186 40.72 -0.71 -21.58
C ALA A 186 40.96 -1.48 -20.28
N ILE A 187 40.79 -2.80 -20.28
CA ILE A 187 41.12 -3.63 -19.11
C ILE A 187 42.43 -4.33 -19.39
N LEU A 188 43.37 -4.22 -18.48
CA LEU A 188 44.60 -5.00 -18.48
C LEU A 188 44.42 -6.21 -17.56
N LYS A 189 44.99 -7.35 -17.92
CA LYS A 189 45.16 -8.48 -17.00
C LYS A 189 46.56 -9.03 -16.99
N CYS A 190 46.97 -9.62 -15.88
CA CYS A 190 48.13 -10.50 -15.84
C CYS A 190 47.89 -11.78 -16.63
N ASN A 191 48.86 -12.19 -17.44
CA ASN A 191 49.06 -13.56 -17.85
C ASN A 191 50.17 -14.24 -17.00
N ASP A 192 50.88 -13.47 -16.17
CA ASP A 192 52.00 -13.90 -15.32
C ASP A 192 51.56 -14.64 -14.05
N GLU A 193 50.92 -15.80 -14.18
CA GLU A 193 50.30 -16.51 -13.06
C GLU A 193 51.29 -17.02 -11.99
N THR A 194 50.73 -17.41 -10.83
CA THR A 194 51.40 -17.43 -9.52
C THR A 194 51.78 -16.01 -9.05
N PHE A 195 50.86 -15.07 -9.27
CA PHE A 195 50.95 -13.67 -8.85
C PHE A 195 50.60 -13.49 -7.36
N ASN A 196 51.08 -12.40 -6.76
CA ASN A 196 51.12 -12.19 -5.32
C ASN A 196 50.03 -11.23 -4.80
N GLY A 197 49.17 -10.69 -5.68
CA GLY A 197 48.12 -9.72 -5.33
C GLY A 197 48.55 -8.25 -5.37
N THR A 198 49.84 -7.95 -5.33
CA THR A 198 50.41 -6.60 -5.47
C THR A 198 51.79 -6.63 -6.11
N GLY A 199 52.25 -5.49 -6.64
CA GLY A 199 53.54 -5.35 -7.29
C GLY A 199 53.50 -5.51 -8.81
N PRO A 200 54.65 -5.45 -9.49
CA PRO A 200 54.72 -5.43 -10.95
C PRO A 200 54.45 -6.81 -11.54
N CYS A 201 53.64 -6.85 -12.59
CA CYS A 201 53.30 -8.05 -13.34
C CYS A 201 53.99 -8.04 -14.70
N SER A 202 54.67 -9.12 -15.08
CA SER A 202 55.69 -9.08 -16.15
C SER A 202 55.22 -9.54 -17.52
N ASN A 203 53.98 -10.02 -17.63
CA ASN A 203 53.41 -10.62 -18.83
C ASN A 203 51.92 -10.28 -18.81
N VAL A 204 51.50 -9.32 -19.63
CA VAL A 204 50.26 -8.55 -19.46
C VAL A 204 49.53 -8.46 -20.79
N SER A 205 48.20 -8.52 -20.79
CA SER A 205 47.37 -8.36 -22.00
C SER A 205 46.28 -7.32 -21.80
N THR A 206 45.88 -6.59 -22.84
CA THR A 206 44.54 -5.98 -22.81
C THR A 206 43.47 -7.00 -23.17
N VAL A 207 42.29 -6.78 -22.62
CA VAL A 207 41.00 -7.30 -23.09
C VAL A 207 39.96 -6.20 -22.89
N GLN A 208 38.93 -6.14 -23.72
CA GLN A 208 37.83 -5.22 -23.45
C GLN A 208 36.86 -5.80 -22.40
N CYS A 209 36.77 -7.13 -22.27
CA CYS A 209 35.90 -7.81 -21.32
C CYS A 209 36.61 -8.96 -20.59
N THR A 210 36.33 -9.16 -19.30
CA THR A 210 36.85 -10.28 -18.50
C THR A 210 36.33 -11.64 -18.99
N HIS A 211 36.92 -12.73 -18.51
CA HIS A 211 36.28 -14.05 -18.56
C HIS A 211 34.94 -14.06 -17.80
N GLY A 212 34.19 -15.14 -17.90
CA GLY A 212 32.90 -15.27 -17.22
C GLY A 212 33.06 -15.47 -15.72
N ILE A 213 32.65 -14.49 -14.93
CA ILE A 213 32.72 -14.50 -13.46
C ILE A 213 31.35 -14.85 -12.89
N ARG A 214 31.23 -15.98 -12.21
CA ARG A 214 30.00 -16.38 -11.51
C ARG A 214 29.83 -15.52 -10.25
N PRO A 215 28.71 -14.81 -10.05
CA PRO A 215 28.47 -14.02 -8.84
C PRO A 215 28.02 -14.90 -7.66
N VAL A 216 28.74 -15.98 -7.33
CA VAL A 216 28.40 -16.88 -6.21
C VAL A 216 28.57 -16.16 -4.88
N VAL A 217 27.48 -16.02 -4.11
CA VAL A 217 27.56 -15.64 -2.69
C VAL A 217 27.64 -16.89 -1.81
N SER A 218 28.53 -16.85 -0.81
CA SER A 218 28.79 -17.91 0.16
C SER A 218 29.65 -17.33 1.30
N THR A 219 29.90 -18.12 2.34
CA THR A 219 30.89 -17.77 3.38
C THR A 219 31.63 -19.01 3.84
N GLN A 220 32.77 -18.85 4.50
CA GLN A 220 33.72 -19.90 4.95
C GLN A 220 34.34 -20.80 3.86
N LEU A 221 33.71 -20.92 2.71
CA LEU A 221 34.21 -21.56 1.49
C LEU A 221 33.70 -20.76 0.30
N LEU A 222 34.43 -20.81 -0.81
CA LEU A 222 33.92 -20.37 -2.11
C LEU A 222 33.48 -21.60 -2.89
N LEU A 223 32.74 -21.44 -3.98
CA LEU A 223 32.22 -22.57 -4.76
C LEU A 223 32.24 -22.21 -6.25
N ASN A 224 32.49 -23.18 -7.12
CA ASN A 224 32.70 -22.98 -8.56
C ASN A 224 33.67 -21.83 -8.94
N GLY A 225 34.62 -21.48 -8.08
CA GLY A 225 35.69 -20.55 -8.40
C GLY A 225 36.63 -21.14 -9.46
N SER A 226 37.26 -20.28 -10.25
CA SER A 226 38.33 -20.66 -11.17
C SER A 226 39.56 -21.12 -10.39
N LEU A 227 40.17 -22.25 -10.75
CA LEU A 227 41.35 -22.77 -10.04
C LEU A 227 42.61 -21.98 -10.37
N ALA A 228 43.56 -21.93 -9.44
CA ALA A 228 44.91 -21.42 -9.70
C ALA A 228 45.64 -22.26 -10.78
N GLU A 229 46.64 -21.68 -11.42
CA GLU A 229 47.25 -22.25 -12.63
C GLU A 229 48.09 -23.52 -12.37
N LYS A 230 49.04 -23.45 -11.43
CA LYS A 230 50.06 -24.50 -11.20
C LYS A 230 50.19 -24.97 -9.75
N GLU A 231 49.85 -24.12 -8.78
CA GLU A 231 50.16 -24.32 -7.36
C GLU A 231 49.11 -23.62 -6.50
N ILE A 232 48.97 -23.99 -5.23
CA ILE A 232 48.12 -23.23 -4.30
C ILE A 232 48.70 -21.84 -4.11
N VAL A 233 47.85 -20.83 -4.24
CA VAL A 233 48.24 -19.42 -4.12
C VAL A 233 47.62 -18.85 -2.85
N ILE A 234 48.43 -18.27 -1.98
CA ILE A 234 47.95 -17.68 -0.73
C ILE A 234 48.03 -16.16 -0.85
N ARG A 235 46.93 -15.46 -0.63
CA ARG A 235 46.88 -13.99 -0.74
C ARG A 235 46.29 -13.36 0.50
N SER A 236 46.85 -12.25 0.96
CA SER A 236 46.28 -11.44 2.04
C SER A 236 46.67 -9.98 1.85
N GLU A 237 45.88 -9.03 2.33
CA GLU A 237 46.30 -7.62 2.23
C GLU A 237 47.57 -7.34 3.06
N ASN A 238 47.74 -8.02 4.20
CA ASN A 238 48.87 -7.89 5.11
C ASN A 238 48.83 -9.01 6.18
N LEU A 239 49.62 -10.08 6.04
CA LEU A 239 49.55 -11.22 6.98
C LEU A 239 49.83 -10.86 8.43
N THR A 240 50.66 -9.84 8.67
CA THR A 240 51.13 -9.49 10.01
C THR A 240 50.06 -8.83 10.87
N ASN A 241 48.94 -8.40 10.28
CA ASN A 241 47.77 -7.99 11.01
C ASN A 241 46.75 -9.14 11.00
N ASN A 242 46.43 -9.71 12.17
CA ASN A 242 45.52 -10.86 12.28
C ASN A 242 44.12 -10.56 11.71
N ALA A 243 43.72 -9.29 11.63
CA ALA A 243 42.43 -8.88 11.09
C ALA A 243 42.31 -9.10 9.57
N LYS A 244 43.42 -9.27 8.83
CA LYS A 244 43.38 -9.53 7.39
C LYS A 244 43.01 -10.98 7.09
N ILE A 245 42.02 -11.14 6.22
CA ILE A 245 41.64 -12.42 5.60
C ILE A 245 42.84 -13.04 4.91
N ILE A 246 42.84 -14.36 4.79
CA ILE A 246 43.77 -15.08 3.91
C ILE A 246 42.95 -15.86 2.89
N ILE A 247 43.03 -15.49 1.62
CA ILE A 247 42.39 -16.24 0.54
C ILE A 247 43.32 -17.40 0.18
N VAL A 248 42.97 -18.62 0.53
CA VAL A 248 43.78 -19.78 0.13
C VAL A 248 43.25 -20.32 -1.18
N HIS A 249 43.69 -19.76 -2.29
CA HIS A 249 43.21 -20.14 -3.61
C HIS A 249 43.73 -21.53 -4.01
N LEU A 250 42.84 -22.48 -4.32
CA LEU A 250 43.23 -23.87 -4.60
C LEU A 250 43.74 -24.08 -6.02
N HIS A 251 44.64 -25.05 -6.17
CA HIS A 251 45.07 -25.59 -7.47
C HIS A 251 44.12 -26.68 -7.99
N THR A 252 43.52 -27.47 -7.11
CA THR A 252 42.75 -28.68 -7.45
C THR A 252 41.34 -28.68 -6.82
N PRO A 253 40.31 -29.20 -7.51
CA PRO A 253 38.94 -29.14 -7.04
C PRO A 253 38.66 -30.27 -6.04
N VAL A 254 38.56 -29.94 -4.75
CA VAL A 254 37.76 -30.78 -3.84
C VAL A 254 36.28 -30.67 -4.26
N GLU A 255 35.51 -31.73 -4.12
CA GLU A 255 34.09 -31.76 -4.53
C GLU A 255 33.16 -31.97 -3.36
N ILE A 256 32.08 -31.19 -3.29
CA ILE A 256 31.05 -31.26 -2.25
C ILE A 256 29.72 -31.67 -2.84
N VAL A 257 28.97 -32.50 -2.12
CA VAL A 257 27.59 -32.89 -2.42
C VAL A 257 26.71 -32.45 -1.28
N CYS A 258 25.55 -31.85 -1.55
CA CYS A 258 24.61 -31.41 -0.52
C CYS A 258 23.18 -31.74 -0.87
N THR A 259 22.34 -31.91 0.15
CA THR A 259 20.97 -32.34 -0.08
C THR A 259 20.03 -32.01 1.07
N ARG A 260 18.76 -31.76 0.75
CA ARG A 260 17.64 -31.92 1.66
C ARG A 260 16.91 -33.19 1.23
N PRO A 261 17.16 -34.35 1.84
CA PRO A 261 16.67 -35.60 1.28
C PRO A 261 15.19 -35.83 1.56
N ASN A 262 14.60 -35.24 2.61
CA ASN A 262 13.18 -35.40 2.89
C ASN A 262 12.32 -34.65 1.87
N ASN A 263 11.16 -35.22 1.53
CA ASN A 263 10.40 -34.87 0.34
C ASN A 263 9.24 -33.90 0.63
N ASN A 264 9.52 -32.60 0.56
CA ASN A 264 8.51 -31.55 0.78
C ASN A 264 7.50 -31.48 -0.36
N THR A 265 6.32 -30.98 -0.04
CA THR A 265 5.31 -30.55 -1.01
C THR A 265 4.90 -29.11 -0.76
N ARG A 266 4.60 -28.38 -1.83
CA ARG A 266 4.29 -26.95 -1.78
C ARG A 266 2.79 -26.72 -1.89
N LYS A 267 2.23 -25.89 -1.01
CA LYS A 267 0.84 -25.41 -1.09
C LYS A 267 0.82 -23.91 -1.26
N SER A 268 -0.17 -23.41 -1.98
CA SER A 268 -0.37 -21.97 -2.18
C SER A 268 -1.53 -21.46 -1.37
N VAL A 269 -1.33 -20.37 -0.64
CA VAL A 269 -2.32 -19.73 0.21
C VAL A 269 -2.70 -18.39 -0.43
N ARG A 270 -3.97 -18.21 -0.78
CA ARG A 270 -4.51 -16.94 -1.27
C ARG A 270 -4.44 -15.87 -0.17
N ILE A 271 -4.04 -14.65 -0.51
CA ILE A 271 -4.02 -13.53 0.44
C ILE A 271 -4.47 -12.27 -0.27
N GLY A 272 -5.66 -11.78 0.06
CA GLY A 272 -6.25 -10.64 -0.66
C GLY A 272 -6.50 -10.91 -2.16
N PRO A 273 -6.70 -9.87 -2.97
CA PRO A 273 -6.89 -10.04 -4.41
C PRO A 273 -5.59 -10.40 -5.13
N GLY A 274 -5.56 -11.55 -5.80
CA GLY A 274 -4.54 -11.86 -6.82
C GLY A 274 -3.12 -12.08 -6.32
N GLN A 275 -2.92 -12.52 -5.07
CA GLN A 275 -1.60 -12.88 -4.53
C GLN A 275 -1.64 -14.26 -3.89
N THR A 276 -0.55 -15.02 -4.01
CA THR A 276 -0.37 -16.28 -3.28
C THR A 276 0.95 -16.30 -2.54
N PHE A 277 0.87 -16.47 -1.23
CA PHE A 277 1.98 -16.96 -0.44
C PHE A 277 2.15 -18.46 -0.72
N TYR A 278 3.37 -18.98 -0.68
CA TYR A 278 3.62 -20.42 -0.80
C TYR A 278 4.23 -20.93 0.49
N ALA A 279 3.84 -22.12 0.92
CA ALA A 279 4.34 -22.71 2.16
C ALA A 279 4.54 -24.20 2.01
N THR A 280 5.33 -24.79 2.91
CA THR A 280 5.52 -26.24 2.90
C THR A 280 4.29 -26.90 3.52
N GLY A 281 3.55 -27.67 2.74
CA GLY A 281 2.30 -28.27 3.19
C GLY A 281 2.48 -29.58 3.95
N ASP A 282 3.36 -30.45 3.45
CA ASP A 282 3.57 -31.78 4.01
C ASP A 282 4.96 -32.33 3.68
N ILE A 283 5.44 -33.28 4.46
CA ILE A 283 6.62 -34.09 4.17
C ILE A 283 6.15 -35.50 3.80
N ILE A 284 6.41 -35.95 2.58
CA ILE A 284 5.95 -37.27 2.11
C ILE A 284 6.89 -38.36 2.59
N GLY A 285 6.39 -39.27 3.42
CA GLY A 285 7.15 -40.39 3.94
C GLY A 285 8.16 -39.98 5.00
N ASP A 286 9.44 -40.24 4.74
CA ASP A 286 10.50 -40.19 5.74
C ASP A 286 11.04 -38.77 6.01
N ILE A 287 11.58 -38.56 7.22
CA ILE A 287 12.01 -37.25 7.77
C ILE A 287 13.51 -36.94 7.67
N LYS A 288 14.34 -37.90 7.25
CA LYS A 288 15.83 -37.88 7.17
C LYS A 288 16.47 -36.51 6.90
N GLN A 289 17.58 -36.24 7.58
CA GLN A 289 18.17 -34.91 7.79
C GLN A 289 18.90 -34.29 6.58
N ALA A 290 18.87 -32.96 6.44
CA ALA A 290 19.67 -32.23 5.44
C ALA A 290 21.15 -32.28 5.78
N HIS A 291 22.02 -32.62 4.83
CA HIS A 291 23.44 -32.86 5.08
C HIS A 291 24.31 -32.67 3.84
N CYS A 292 25.62 -32.55 4.03
CA CYS A 292 26.62 -32.42 2.95
C CYS A 292 27.80 -33.36 3.14
N ASN A 293 28.34 -33.89 2.04
CA ASN A 293 29.39 -34.89 2.05
C ASN A 293 30.61 -34.49 1.24
N ILE A 294 31.80 -34.68 1.81
CA ILE A 294 33.10 -34.40 1.20
C ILE A 294 34.00 -35.63 1.40
N SER A 295 34.78 -36.04 0.40
CA SER A 295 35.69 -37.19 0.56
C SER A 295 36.80 -36.80 1.54
N GLU A 296 36.82 -37.42 2.72
CA GLU A 296 37.72 -37.00 3.79
C GLU A 296 39.19 -37.33 3.47
N GLU A 297 39.43 -38.25 2.57
CA GLU A 297 40.75 -38.45 1.95
C GLU A 297 41.25 -37.19 1.23
N LYS A 298 40.52 -36.72 0.20
CA LYS A 298 40.94 -35.57 -0.61
C LYS A 298 40.98 -34.28 0.20
N TRP A 299 40.03 -34.11 1.12
CA TRP A 299 40.09 -33.00 2.05
C TRP A 299 41.34 -33.05 2.92
N ASN A 300 41.72 -34.22 3.43
CA ASN A 300 42.90 -34.32 4.27
C ASN A 300 44.19 -33.99 3.49
N ASP A 301 44.35 -34.47 2.24
CA ASP A 301 45.49 -34.05 1.42
C ASP A 301 45.53 -32.53 1.24
N THR A 302 44.38 -31.91 1.02
CA THR A 302 44.30 -30.46 0.83
C THR A 302 44.70 -29.72 2.09
N LEU A 303 44.34 -30.19 3.27
CA LEU A 303 44.86 -29.61 4.51
C LEU A 303 46.35 -29.88 4.73
N GLN A 304 46.94 -30.97 4.21
CA GLN A 304 48.40 -31.08 4.17
C GLN A 304 49.00 -30.03 3.23
N LYS A 305 48.56 -29.94 1.98
CA LYS A 305 49.18 -29.06 0.98
C LYS A 305 49.01 -27.60 1.36
N VAL A 306 47.83 -27.17 1.79
CA VAL A 306 47.67 -25.83 2.37
C VAL A 306 48.52 -25.64 3.62
N GLY A 307 48.81 -26.71 4.37
CA GLY A 307 49.75 -26.66 5.48
C GLY A 307 51.15 -26.28 5.00
N ILE A 308 51.66 -27.02 4.02
CA ILE A 308 52.98 -26.78 3.43
C ILE A 308 53.12 -25.33 2.94
N GLU A 309 52.22 -24.86 2.08
CA GLU A 309 52.33 -23.51 1.55
C GLU A 309 52.23 -22.45 2.64
N LEU A 310 51.24 -22.53 3.53
CA LEU A 310 51.02 -21.52 4.55
C LEU A 310 52.17 -21.45 5.56
N GLN A 311 52.87 -22.55 5.78
CA GLN A 311 54.07 -22.57 6.60
C GLN A 311 55.21 -21.71 6.02
N LYS A 312 55.32 -21.46 4.71
CA LYS A 312 56.39 -20.59 4.16
C LYS A 312 56.36 -19.18 4.75
N HIS A 313 55.18 -18.67 5.06
CA HIS A 313 54.97 -17.36 5.70
C HIS A 313 55.09 -17.42 7.22
N PHE A 314 55.08 -18.61 7.82
CA PHE A 314 55.29 -18.86 9.25
C PHE A 314 56.25 -20.05 9.45
N PRO A 315 57.52 -19.93 9.01
CA PRO A 315 58.41 -21.07 8.82
C PRO A 315 58.67 -21.85 10.10
N ASN A 316 58.90 -23.15 9.93
CA ASN A 316 59.06 -24.17 10.99
C ASN A 316 57.81 -24.44 11.86
N LYS A 317 56.88 -23.50 12.01
CA LYS A 317 55.72 -23.64 12.91
C LYS A 317 54.71 -24.70 12.44
N THR A 318 54.11 -25.41 13.40
CA THR A 318 52.98 -26.31 13.21
C THR A 318 51.70 -25.50 12.95
N ILE A 319 50.76 -26.05 12.18
CA ILE A 319 49.51 -25.38 11.83
C ILE A 319 48.35 -26.07 12.53
N LYS A 320 47.58 -25.33 13.32
CA LYS A 320 46.27 -25.80 13.78
C LYS A 320 45.23 -25.27 12.81
N TYR A 321 44.41 -26.15 12.24
CA TYR A 321 43.09 -25.70 11.80
C TYR A 321 42.16 -25.74 13.00
N ASN A 322 41.11 -24.93 13.00
CA ASN A 322 40.11 -24.97 14.05
C ASN A 322 38.75 -24.49 13.54
N GLN A 323 37.69 -24.72 14.29
CA GLN A 323 36.38 -24.15 14.00
C GLN A 323 36.35 -22.63 14.16
N SER A 324 35.31 -22.00 13.61
CA SER A 324 34.99 -20.58 13.80
C SER A 324 34.70 -20.25 15.27
N ALA A 325 34.96 -19.01 15.71
CA ALA A 325 35.00 -18.67 17.14
C ALA A 325 33.63 -18.61 17.82
N GLY A 326 32.56 -18.22 17.10
CA GLY A 326 31.19 -18.17 17.63
C GLY A 326 30.29 -17.14 16.95
N GLY A 327 28.98 -17.17 17.22
CA GLY A 327 27.99 -16.22 16.66
C GLY A 327 26.73 -16.87 16.06
N ASP A 328 25.98 -16.08 15.29
CA ASP A 328 24.82 -16.50 14.52
C ASP A 328 25.19 -17.54 13.44
N MET A 329 24.21 -18.24 12.87
CA MET A 329 24.44 -19.16 11.75
C MET A 329 25.17 -18.48 10.60
N GLU A 330 24.72 -17.29 10.22
CA GLU A 330 25.26 -16.46 9.15
C GLU A 330 26.76 -16.14 9.34
N ILE A 331 27.28 -16.27 10.55
CA ILE A 331 28.69 -16.06 10.90
C ILE A 331 29.42 -17.39 11.07
N THR A 332 28.80 -18.35 11.75
CA THR A 332 29.41 -19.62 12.17
C THR A 332 29.29 -20.76 11.18
N THR A 333 28.44 -20.66 10.16
CA THR A 333 28.18 -21.77 9.24
C THR A 333 28.45 -21.36 7.80
N HIS A 334 29.02 -22.28 7.03
CA HIS A 334 29.05 -22.20 5.58
C HIS A 334 27.63 -22.09 5.03
N SER A 335 27.44 -21.43 3.89
CA SER A 335 26.12 -21.11 3.37
C SER A 335 26.07 -21.17 1.84
N PHE A 336 24.90 -21.47 1.26
CA PHE A 336 24.70 -21.76 -0.17
C PHE A 336 23.43 -21.05 -0.67
N ASN A 337 23.00 -21.38 -1.88
CA ASN A 337 21.59 -21.30 -2.30
C ASN A 337 21.18 -22.50 -3.19
N CYS A 338 21.67 -23.72 -2.93
CA CYS A 338 21.44 -24.90 -3.77
C CYS A 338 19.96 -25.10 -4.12
N GLY A 339 19.66 -25.25 -5.41
CA GLY A 339 18.31 -25.37 -5.94
C GLY A 339 17.41 -24.14 -5.78
N GLY A 340 17.75 -23.20 -4.91
CA GLY A 340 16.90 -22.10 -4.43
C GLY A 340 16.59 -22.16 -2.93
N GLU A 341 17.21 -23.05 -2.17
CA GLU A 341 17.10 -23.12 -0.70
C GLU A 341 18.38 -22.62 -0.01
N PHE A 342 18.24 -21.80 1.03
CA PHE A 342 19.39 -21.23 1.73
C PHE A 342 19.87 -22.12 2.87
N PHE A 343 20.77 -23.05 2.59
CA PHE A 343 21.42 -23.92 3.58
C PHE A 343 22.33 -23.15 4.54
N TYR A 344 22.57 -23.73 5.71
CA TYR A 344 23.51 -23.25 6.72
C TYR A 344 24.20 -24.44 7.37
N CYS A 345 25.42 -24.80 6.95
CA CYS A 345 26.07 -26.03 7.37
C CYS A 345 27.15 -25.82 8.43
N ASN A 346 27.09 -26.61 9.49
CA ASN A 346 28.07 -26.61 10.56
C ASN A 346 29.43 -27.15 10.09
N THR A 347 30.45 -26.30 9.97
CA THR A 347 31.82 -26.66 9.57
C THR A 347 32.72 -27.09 10.72
N SER A 348 32.21 -27.14 11.95
CA SER A 348 33.00 -27.41 13.16
C SER A 348 33.85 -28.67 13.10
N ASN A 349 33.36 -29.77 12.53
CA ASN A 349 34.14 -30.99 12.37
C ASN A 349 35.04 -31.02 11.12
N LEU A 350 34.87 -30.10 10.19
CA LEU A 350 35.60 -30.09 8.91
C LEU A 350 37.01 -29.50 9.03
N PHE A 351 37.13 -28.38 9.74
CA PHE A 351 38.41 -27.74 10.06
C PHE A 351 38.90 -28.26 11.42
N ASN A 352 39.29 -29.53 11.46
CA ASN A 352 39.68 -30.21 12.67
C ASN A 352 41.08 -30.82 12.55
N GLY A 353 41.78 -30.90 13.68
CA GLY A 353 43.14 -31.40 13.76
C GLY A 353 44.22 -30.37 13.42
N THR A 354 45.46 -30.75 13.69
CA THR A 354 46.67 -29.93 13.50
C THR A 354 47.72 -30.71 12.75
N TYR A 355 48.44 -30.04 11.86
CA TYR A 355 49.34 -30.67 10.91
C TYR A 355 50.63 -29.86 10.77
N ASN A 356 51.72 -30.58 10.53
CA ASN A 356 53.06 -30.17 10.93
C ASN A 356 54.06 -30.44 9.80
N GLY A 357 55.24 -29.81 9.87
CA GLY A 357 56.23 -29.74 8.77
C GLY A 357 56.71 -31.07 8.17
N THR A 358 56.35 -32.21 8.77
CA THR A 358 56.51 -33.55 8.18
C THR A 358 55.66 -33.74 6.92
N TYR A 359 54.42 -33.22 6.92
CA TYR A 359 53.42 -33.31 5.84
C TYR A 359 53.45 -34.63 5.03
N ILE A 360 53.43 -35.76 5.75
CA ILE A 360 53.40 -37.12 5.19
C ILE A 360 52.06 -37.39 4.47
N SER A 361 52.14 -38.16 3.38
CA SER A 361 50.99 -38.73 2.66
C SER A 361 50.31 -39.84 3.46
N THR A 362 49.64 -39.48 4.55
CA THR A 362 48.97 -40.44 5.45
C THR A 362 47.83 -41.20 4.77
N ASN A 363 47.16 -40.60 3.79
CA ASN A 363 46.22 -41.30 2.91
C ASN A 363 46.98 -42.33 2.06
N SER A 364 46.73 -43.62 2.26
CA SER A 364 47.34 -44.68 1.47
C SER A 364 46.78 -44.73 0.04
N SER A 365 47.55 -45.30 -0.90
CA SER A 365 47.17 -45.44 -2.32
C SER A 365 46.04 -46.46 -2.56
N ALA A 366 45.70 -47.30 -1.59
CA ALA A 366 44.55 -48.21 -1.67
C ALA A 366 43.21 -47.45 -1.70
N ASN A 367 42.13 -48.13 -2.07
CA ASN A 367 40.79 -47.52 -2.05
C ASN A 367 40.34 -47.21 -0.62
N SER A 368 39.62 -46.10 -0.46
CA SER A 368 38.93 -45.72 0.77
C SER A 368 37.65 -44.97 0.41
N THR A 369 36.60 -45.13 1.22
CA THR A 369 35.31 -44.44 1.01
C THR A 369 34.97 -43.46 2.13
N SER A 370 35.91 -43.15 3.01
CA SER A 370 35.73 -42.26 4.17
C SER A 370 35.12 -40.91 3.76
N THR A 371 33.87 -40.65 4.13
CA THR A 371 33.22 -39.35 3.92
C THR A 371 33.15 -38.61 5.22
N ILE A 372 33.56 -37.35 5.26
CA ILE A 372 33.11 -36.46 6.33
C ILE A 372 31.73 -35.94 5.95
N THR A 373 30.85 -35.76 6.94
CA THR A 373 29.48 -35.28 6.75
C THR A 373 29.19 -34.10 7.67
N LEU A 374 28.48 -33.09 7.18
CA LEU A 374 28.08 -31.89 7.92
C LEU A 374 26.57 -31.89 8.20
N GLN A 375 26.15 -31.53 9.40
CA GLN A 375 24.75 -31.23 9.68
C GLN A 375 24.39 -29.87 9.09
N CYS A 376 23.24 -29.70 8.44
CA CYS A 376 22.85 -28.42 7.87
C CYS A 376 21.45 -28.00 8.31
N ARG A 377 21.32 -26.78 8.82
CA ARG A 377 20.02 -26.11 8.97
C ARG A 377 19.57 -25.59 7.61
N ILE A 378 18.30 -25.26 7.49
CA ILE A 378 17.72 -24.50 6.37
C ILE A 378 16.92 -23.33 6.96
N LYS A 379 16.82 -22.21 6.24
CA LYS A 379 15.96 -21.06 6.58
C LYS A 379 15.12 -20.67 5.38
N GLN A 380 13.95 -20.08 5.60
CA GLN A 380 13.19 -19.45 4.53
C GLN A 380 13.26 -17.92 4.56
N ILE A 381 13.32 -17.30 5.74
CA ILE A 381 13.46 -15.84 5.85
C ILE A 381 14.92 -15.48 5.97
N ILE A 382 15.45 -14.75 5.00
CA ILE A 382 16.86 -14.32 4.96
C ILE A 382 16.94 -12.79 4.97
N ASN A 383 17.70 -12.22 5.91
CA ASN A 383 17.92 -10.77 6.02
C ASN A 383 19.15 -10.39 5.18
N MET A 384 19.00 -10.53 3.86
CA MET A 384 20.12 -10.73 2.92
C MET A 384 21.23 -9.66 3.01
N TRP A 385 22.48 -10.13 3.04
CA TRP A 385 23.68 -9.30 3.16
C TRP A 385 23.66 -8.36 4.37
N GLN A 386 23.04 -8.83 5.45
CA GLN A 386 22.78 -8.08 6.68
C GLN A 386 21.93 -6.80 6.50
N GLY A 387 21.13 -6.72 5.43
CA GLY A 387 20.16 -5.64 5.25
C GLY A 387 18.79 -6.02 5.78
N VAL A 388 18.29 -5.27 6.76
CA VAL A 388 16.95 -5.47 7.34
C VAL A 388 15.84 -5.16 6.33
N GLY A 389 16.02 -4.13 5.49
CA GLY A 389 15.13 -3.83 4.36
C GLY A 389 15.39 -4.68 3.11
N ARG A 390 16.57 -5.30 2.99
CA ARG A 390 16.91 -6.22 1.90
C ARG A 390 16.27 -7.62 2.07
N CYS A 391 15.56 -7.87 3.17
CA CYS A 391 15.11 -9.21 3.54
C CYS A 391 14.09 -9.79 2.57
N MET A 392 14.07 -11.12 2.45
CA MET A 392 13.13 -11.81 1.60
C MET A 392 12.73 -13.14 2.20
N TYR A 393 11.56 -13.62 1.80
CA TYR A 393 11.11 -14.97 2.07
C TYR A 393 11.30 -15.80 0.81
N ALA A 394 12.09 -16.86 0.87
CA ALA A 394 12.25 -17.77 -0.25
C ALA A 394 11.13 -18.82 -0.24
N PRO A 395 10.31 -18.91 -1.30
CA PRO A 395 9.28 -19.94 -1.37
C PRO A 395 9.94 -21.32 -1.41
N PRO A 396 9.33 -22.33 -0.77
CA PRO A 396 9.90 -23.67 -0.71
C PRO A 396 9.84 -24.36 -2.07
N ILE A 397 10.65 -25.40 -2.25
CA ILE A 397 10.75 -26.15 -3.50
C ILE A 397 10.35 -27.61 -3.27
N ALA A 398 9.40 -28.08 -4.06
CA ALA A 398 8.83 -29.42 -3.96
C ALA A 398 9.82 -30.51 -4.34
N GLY A 399 9.58 -31.74 -3.91
CA GLY A 399 10.50 -32.85 -4.13
C GLY A 399 11.66 -32.81 -3.14
N ASN A 400 12.83 -33.26 -3.57
CA ASN A 400 14.04 -33.27 -2.76
C ASN A 400 15.24 -32.69 -3.52
N ILE A 401 15.92 -31.73 -2.91
CA ILE A 401 17.11 -31.06 -3.46
C ILE A 401 18.31 -31.99 -3.40
N THR A 402 19.05 -32.15 -4.50
CA THR A 402 20.47 -32.55 -4.49
C THR A 402 21.29 -31.55 -5.30
N CYS A 403 22.56 -31.39 -4.95
CA CYS A 403 23.36 -30.28 -5.41
C CYS A 403 24.86 -30.60 -5.33
N ARG A 404 25.57 -30.60 -6.46
CA ARG A 404 27.02 -30.81 -6.46
C ARG A 404 27.98 -29.77 -7.03
N SER A 405 29.15 -29.65 -6.45
CA SER A 405 30.01 -28.51 -6.74
C SER A 405 31.50 -28.80 -6.57
N ASN A 406 32.34 -28.21 -7.40
CA ASN A 406 33.76 -28.06 -7.10
C ASN A 406 33.89 -26.96 -6.06
N ILE A 407 34.99 -26.92 -5.31
CA ILE A 407 35.11 -25.93 -4.23
C ILE A 407 36.36 -25.07 -4.22
N THR A 408 36.07 -23.91 -3.67
CA THR A 408 36.86 -22.97 -2.90
C THR A 408 38.18 -22.36 -3.32
N GLY A 409 38.36 -21.28 -2.60
CA GLY A 409 39.56 -20.65 -2.13
C GLY A 409 39.18 -20.40 -0.66
N LEU A 410 39.77 -21.08 0.31
CA LEU A 410 39.28 -21.01 1.71
C LEU A 410 39.38 -19.57 2.22
N LEU A 411 38.37 -19.02 2.89
CA LEU A 411 38.50 -17.74 3.59
C LEU A 411 38.93 -18.03 5.01
N LEU A 412 40.24 -18.10 5.27
CA LEU A 412 40.76 -18.25 6.63
C LEU A 412 40.98 -16.89 7.31
N THR A 413 40.96 -16.89 8.63
CA THR A 413 41.58 -15.85 9.47
C THR A 413 42.59 -16.52 10.39
N ARG A 414 43.72 -15.86 10.64
CA ARG A 414 44.70 -16.31 11.64
C ARG A 414 44.22 -15.92 13.04
N ASP A 415 44.66 -16.67 14.02
CA ASP A 415 44.42 -16.47 15.44
C ASP A 415 45.69 -16.91 16.18
N GLY A 416 46.34 -15.99 16.88
CA GLY A 416 47.67 -16.23 17.44
C GLY A 416 48.18 -15.09 18.31
N GLY A 417 49.03 -15.42 19.28
CA GLY A 417 49.62 -14.50 20.24
C GLY A 417 50.66 -15.21 21.10
N THR A 418 50.68 -14.92 22.40
CA THR A 418 51.70 -15.44 23.33
C THR A 418 51.67 -16.96 23.51
N ASN A 419 50.50 -17.57 23.26
CA ASN A 419 50.31 -19.03 23.21
C ASN A 419 51.18 -19.74 22.15
N SER A 420 51.62 -19.02 21.12
CA SER A 420 51.96 -19.63 19.84
C SER A 420 53.18 -20.53 19.92
N ASN A 421 54.34 -19.95 20.18
CA ASN A 421 55.64 -20.63 20.19
C ASN A 421 55.86 -21.44 18.90
N GLU A 422 55.55 -22.73 18.91
CA GLU A 422 55.63 -23.59 17.73
C GLU A 422 54.42 -23.47 16.80
N THR A 423 53.25 -22.96 17.21
CA THR A 423 52.04 -23.18 16.42
C THR A 423 51.03 -22.05 16.45
N GLU A 424 50.25 -21.92 15.37
CA GLU A 424 49.19 -20.93 15.27
C GLU A 424 47.91 -21.53 14.68
N THR A 425 46.79 -20.86 14.98
CA THR A 425 45.45 -21.32 14.64
C THR A 425 44.93 -20.56 13.44
N PHE A 426 44.41 -21.31 12.47
CA PHE A 426 43.69 -20.76 11.33
C PHE A 426 42.24 -21.25 11.37
N ARG A 427 41.29 -20.30 11.33
CA ARG A 427 39.85 -20.55 11.47
C ARG A 427 39.09 -20.10 10.23
N PRO A 428 37.96 -20.71 9.87
CA PRO A 428 37.06 -20.17 8.86
C PRO A 428 36.57 -18.77 9.21
N ALA A 429 36.49 -17.88 8.22
CA ALA A 429 36.19 -16.46 8.41
C ALA A 429 34.83 -16.09 7.82
N GLY A 430 34.10 -15.22 8.52
CA GLY A 430 32.82 -14.67 8.08
C GLY A 430 32.99 -13.61 7.00
N GLY A 431 33.35 -14.04 5.79
CA GLY A 431 33.72 -13.14 4.69
C GLY A 431 32.61 -12.16 4.28
N ASP A 432 33.00 -10.99 3.78
CA ASP A 432 32.09 -10.11 3.04
C ASP A 432 31.76 -10.72 1.66
N MET A 433 30.72 -10.24 0.99
CA MET A 433 30.47 -10.59 -0.40
C MET A 433 31.67 -10.22 -1.27
N ARG A 434 32.32 -9.07 -0.97
CA ARG A 434 33.48 -8.58 -1.72
C ARG A 434 34.57 -9.64 -1.85
N ASP A 435 34.84 -10.35 -0.77
CA ASP A 435 35.90 -11.33 -0.72
C ASP A 435 35.70 -12.45 -1.73
N ASN A 436 34.45 -12.84 -2.03
CA ASN A 436 34.20 -13.82 -3.07
C ASN A 436 34.69 -13.29 -4.41
N TRP A 437 34.16 -12.15 -4.84
CA TRP A 437 34.43 -11.57 -6.14
C TRP A 437 35.89 -11.19 -6.30
N ARG A 438 36.52 -10.68 -5.24
CA ARG A 438 37.95 -10.33 -5.25
C ARG A 438 38.82 -11.54 -5.56
N SER A 439 38.41 -12.75 -5.17
CA SER A 439 39.14 -13.97 -5.53
C SER A 439 39.02 -14.36 -7.01
N GLU A 440 38.26 -13.63 -7.81
CA GLU A 440 38.21 -13.71 -9.28
C GLU A 440 38.81 -12.47 -9.95
N LEU A 441 38.55 -11.27 -9.43
CA LEU A 441 38.97 -10.02 -10.05
C LEU A 441 40.43 -9.61 -9.77
N TYR A 442 41.20 -10.32 -8.93
CA TYR A 442 42.59 -9.94 -8.62
C TYR A 442 43.48 -9.75 -9.86
N LYS A 443 43.17 -10.46 -10.94
CA LYS A 443 43.91 -10.43 -12.20
C LYS A 443 43.82 -9.10 -12.97
N TYR A 444 42.82 -8.27 -12.70
CA TYR A 444 42.37 -7.22 -13.63
C TYR A 444 42.55 -5.79 -13.09
N LYS A 445 42.92 -4.87 -13.98
CA LYS A 445 43.10 -3.43 -13.75
C LYS A 445 42.49 -2.65 -14.91
N VAL A 446 41.84 -1.52 -14.64
CA VAL A 446 41.26 -0.69 -15.71
C VAL A 446 42.09 0.56 -15.93
N VAL A 447 42.36 0.89 -17.18
CA VAL A 447 43.03 2.14 -17.52
C VAL A 447 42.29 2.95 -18.56
N LYS A 448 42.43 4.26 -18.43
CA LYS A 448 42.03 5.30 -19.36
C LYS A 448 43.12 5.45 -20.41
N ILE A 449 42.81 5.25 -21.68
CA ILE A 449 43.75 5.62 -22.74
C ILE A 449 43.83 7.13 -22.77
N GLU A 450 45.00 7.72 -22.97
CA GLU A 450 45.19 9.16 -22.88
C GLU A 450 46.11 9.64 -24.01
N PRO A 451 45.64 9.66 -25.26
CA PRO A 451 46.45 9.96 -26.43
C PRO A 451 46.74 11.47 -26.53
N LEU A 452 47.11 11.98 -27.72
CA LEU A 452 47.55 13.36 -27.96
C LEU A 452 48.91 13.62 -27.30
N GLY A 453 49.92 12.91 -27.80
CA GLY A 453 51.30 13.01 -27.34
C GLY A 453 52.11 14.02 -28.14
N VAL A 454 53.16 14.55 -27.53
CA VAL A 454 53.92 15.69 -28.05
C VAL A 454 55.42 15.36 -28.01
N ALA A 455 56.16 15.55 -29.09
CA ALA A 455 57.58 15.17 -29.13
C ALA A 455 58.39 16.02 -30.10
N PRO A 456 59.72 16.15 -29.90
CA PRO A 456 60.61 16.83 -30.84
C PRO A 456 61.00 15.93 -32.01
N THR A 457 61.06 16.45 -33.23
CA THR A 457 61.33 15.63 -34.44
C THR A 457 62.26 16.27 -35.47
N ARG A 458 62.70 17.51 -35.24
CA ARG A 458 63.40 18.33 -36.25
C ARG A 458 62.63 18.41 -37.58
N CYS A 459 61.48 19.08 -37.56
CA CYS A 459 60.71 19.45 -38.74
C CYS A 459 59.97 20.76 -38.54
N LYS A 460 59.67 21.47 -39.63
CA LYS A 460 59.14 22.83 -39.57
C LYS A 460 57.88 22.94 -40.44
N ARG A 461 56.89 23.73 -40.00
CA ARG A 461 55.62 23.92 -40.75
C ARG A 461 55.93 24.48 -42.15
N ARG A 462 55.04 24.24 -43.12
CA ARG A 462 55.26 24.56 -44.55
C ARG A 462 55.57 26.04 -44.84
N VAL A 463 55.08 26.95 -44.00
CA VAL A 463 55.42 28.40 -44.03
C VAL A 463 56.02 28.91 -42.72
N ALA B 9 51.82 -9.86 -30.52
CA ALA B 9 51.69 -8.48 -29.98
C ALA B 9 51.05 -7.54 -31.01
N VAL B 10 51.84 -6.95 -31.92
CA VAL B 10 51.38 -5.99 -32.95
C VAL B 10 50.77 -6.73 -34.15
N GLY B 11 49.55 -6.33 -34.52
CA GLY B 11 48.93 -6.63 -35.81
C GLY B 11 47.90 -5.56 -36.13
N ILE B 12 47.99 -4.93 -37.30
CA ILE B 12 47.28 -3.67 -37.63
C ILE B 12 45.74 -3.85 -37.68
N GLY B 13 45.24 -5.08 -37.84
CA GLY B 13 43.81 -5.40 -37.77
C GLY B 13 43.20 -5.20 -36.38
N ALA B 14 43.93 -5.51 -35.30
CA ALA B 14 43.36 -5.54 -33.94
C ALA B 14 44.21 -4.90 -32.81
N VAL B 15 45.46 -4.50 -33.03
CA VAL B 15 46.39 -4.06 -31.96
C VAL B 15 45.86 -2.96 -31.05
N PHE B 16 45.08 -2.05 -31.58
CA PHE B 16 44.42 -1.01 -30.80
C PHE B 16 42.89 -1.12 -30.82
N LEU B 17 42.33 -2.22 -31.38
CA LEU B 17 40.89 -2.57 -31.34
C LEU B 17 40.47 -3.15 -29.98
N GLY B 18 41.41 -3.79 -29.27
CA GLY B 18 41.43 -3.92 -27.81
C GLY B 18 42.29 -2.84 -27.12
N PHE B 19 42.59 -1.74 -27.83
CA PHE B 19 43.54 -0.67 -27.49
C PHE B 19 44.98 -1.13 -27.19
N LEU B 20 45.91 -0.18 -27.10
CA LEU B 20 47.22 -0.28 -26.42
C LEU B 20 48.28 -1.24 -26.98
N GLY B 21 47.97 -2.20 -27.83
CA GLY B 21 48.81 -3.38 -28.08
C GLY B 21 50.22 -3.18 -28.69
N ALA B 22 50.60 -1.95 -29.03
CA ALA B 22 51.94 -1.64 -29.53
C ALA B 22 52.89 -1.03 -28.48
N ALA B 23 52.46 -0.83 -27.24
CA ALA B 23 53.12 0.08 -26.29
C ALA B 23 54.56 -0.30 -25.87
N GLY B 24 55.02 -1.51 -26.15
CA GLY B 24 56.42 -1.91 -25.95
C GLY B 24 57.39 -1.54 -27.08
N SER B 25 56.91 -1.08 -28.23
CA SER B 25 57.68 -1.15 -29.50
C SER B 25 58.78 -0.10 -29.69
N THR B 26 58.89 0.91 -28.82
CA THR B 26 59.70 2.14 -28.98
C THR B 26 59.12 3.16 -29.96
N MET B 27 59.29 4.46 -29.67
CA MET B 27 58.43 5.52 -30.22
C MET B 27 58.44 5.59 -31.74
N GLY B 28 59.58 5.38 -32.40
CA GLY B 28 59.66 5.38 -33.85
C GLY B 28 58.84 4.27 -34.49
N ALA B 29 58.90 3.07 -33.94
CA ALA B 29 58.19 1.92 -34.48
C ALA B 29 56.69 1.95 -34.17
N ALA B 30 56.29 2.56 -33.06
CA ALA B 30 54.87 2.72 -32.73
C ALA B 30 54.15 3.65 -33.70
N SER B 31 54.83 4.65 -34.24
CA SER B 31 54.24 5.69 -35.08
C SER B 31 53.54 5.21 -36.37
N MET B 32 53.79 3.98 -36.84
CA MET B 32 53.07 3.41 -37.97
C MET B 32 51.67 2.88 -37.61
N THR B 33 51.31 2.79 -36.32
CA THR B 33 50.06 2.14 -35.87
C THR B 33 48.93 3.09 -35.45
N LEU B 34 49.16 4.40 -35.38
CA LEU B 34 48.29 5.35 -34.68
C LEU B 34 46.82 5.27 -35.12
N THR B 35 46.55 4.99 -36.39
CA THR B 35 45.21 4.91 -36.97
C THR B 35 44.33 3.92 -36.25
N VAL B 36 44.89 2.80 -35.78
CA VAL B 36 44.12 1.74 -35.15
C VAL B 36 43.56 2.19 -33.80
N GLN B 37 44.22 3.14 -33.13
CA GLN B 37 43.76 3.71 -31.86
C GLN B 37 42.66 4.71 -32.12
N ALA B 38 42.94 5.65 -33.03
CA ALA B 38 41.99 6.66 -33.43
C ALA B 38 40.64 6.05 -33.82
N ARG B 39 40.60 5.09 -34.75
CA ARG B 39 39.33 4.48 -35.19
C ARG B 39 38.61 3.70 -34.10
N ASN B 40 39.27 3.37 -32.98
CA ASN B 40 38.67 2.64 -31.88
C ASN B 40 38.20 3.51 -30.71
N LEU B 41 38.51 4.80 -30.67
CA LEU B 41 38.11 5.69 -29.56
C LEU B 41 36.59 5.89 -29.39
N LEU B 42 35.76 5.35 -30.27
CA LEU B 42 34.34 5.73 -30.39
C LEU B 42 33.39 4.57 -30.73
N SER B 43 33.75 3.31 -30.44
CA SER B 43 32.89 2.14 -30.66
C SER B 43 31.64 2.12 -29.77
N GLY B 44 30.73 1.18 -30.04
CA GLY B 44 29.55 0.88 -29.23
C GLY B 44 28.93 -0.49 -29.54
N THR B 66 14.78 1.85 -16.65
CA THR B 66 15.59 1.26 -15.57
C THR B 66 16.95 1.98 -15.46
N VAL B 67 17.56 2.04 -14.28
CA VAL B 67 18.77 2.86 -14.01
C VAL B 67 19.99 2.50 -14.90
N TRP B 68 20.11 1.27 -15.39
CA TRP B 68 21.13 0.84 -16.35
C TRP B 68 21.08 1.67 -17.65
N GLY B 69 19.91 2.15 -18.04
CA GLY B 69 19.77 3.08 -19.16
C GLY B 69 20.56 4.35 -18.92
N ILE B 70 20.47 4.93 -17.72
CA ILE B 70 21.28 6.09 -17.33
C ILE B 70 22.76 5.72 -17.25
N LYS B 71 23.14 4.53 -16.76
CA LYS B 71 24.57 4.14 -16.77
C LYS B 71 25.15 4.14 -18.19
N GLN B 72 24.49 3.51 -19.15
CA GLN B 72 25.01 3.49 -20.52
C GLN B 72 24.98 4.86 -21.18
N LEU B 73 23.91 5.64 -21.03
CA LEU B 73 23.89 6.99 -21.56
C LEU B 73 25.03 7.83 -20.99
N GLN B 74 25.24 7.85 -19.68
CA GLN B 74 26.36 8.62 -19.10
C GLN B 74 27.71 8.14 -19.60
N ALA B 75 27.91 6.84 -19.77
CA ALA B 75 29.18 6.30 -20.28
C ALA B 75 29.43 6.73 -21.72
N ARG B 76 28.42 6.62 -22.59
CA ARG B 76 28.49 7.05 -24.00
C ARG B 76 28.79 8.52 -24.13
N VAL B 77 28.05 9.37 -23.43
CA VAL B 77 28.18 10.82 -23.59
C VAL B 77 29.55 11.31 -23.13
N LEU B 78 30.14 10.75 -22.08
CA LEU B 78 31.54 11.06 -21.76
C LEU B 78 32.50 10.62 -22.86
N ALA B 79 32.34 9.45 -23.47
CA ALA B 79 33.22 9.02 -24.55
C ALA B 79 33.14 9.94 -25.78
N VAL B 80 31.96 10.50 -26.08
CA VAL B 80 31.86 11.52 -27.13
C VAL B 80 32.60 12.79 -26.74
N GLU B 81 32.33 13.35 -25.57
CA GLU B 81 32.97 14.61 -25.19
C GLU B 81 34.49 14.46 -25.09
N ARG B 82 35.01 13.34 -24.59
CA ARG B 82 36.44 13.03 -24.64
C ARG B 82 36.98 13.17 -26.06
N TYR B 83 36.32 12.55 -27.04
CA TYR B 83 36.79 12.62 -28.42
C TYR B 83 36.72 14.02 -28.98
N LEU B 84 35.59 14.72 -28.82
CA LEU B 84 35.48 16.06 -29.40
C LEU B 84 36.45 17.06 -28.77
N ARG B 85 36.68 17.00 -27.45
CA ARG B 85 37.63 17.90 -26.79
C ARG B 85 39.05 17.68 -27.30
N ASP B 86 39.43 16.46 -27.66
CA ASP B 86 40.71 16.23 -28.34
C ASP B 86 40.72 16.83 -29.74
N GLN B 87 39.72 16.55 -30.56
CA GLN B 87 39.66 17.07 -31.92
C GLN B 87 39.62 18.59 -31.96
N GLN B 88 39.03 19.22 -30.96
CA GLN B 88 39.04 20.66 -30.86
C GLN B 88 40.44 21.21 -30.58
N LEU B 89 41.18 20.65 -29.62
CA LEU B 89 42.55 21.05 -29.38
C LEU B 89 43.40 20.91 -30.64
N LEU B 90 43.27 19.79 -31.35
CA LEU B 90 43.99 19.61 -32.61
C LEU B 90 43.60 20.66 -33.65
N GLY B 91 42.33 21.05 -33.70
CA GLY B 91 41.88 22.15 -34.56
C GLY B 91 42.61 23.44 -34.22
N ILE B 92 42.56 23.87 -32.97
CA ILE B 92 43.06 25.18 -32.54
C ILE B 92 44.57 25.31 -32.72
N TRP B 93 45.37 24.29 -32.44
CA TRP B 93 46.83 24.38 -32.60
C TRP B 93 47.29 24.28 -34.05
N GLY B 94 46.44 23.69 -34.87
CA GLY B 94 46.90 22.97 -36.06
C GLY B 94 47.51 21.62 -35.62
N CYS B 95 47.15 20.49 -36.20
CA CYS B 95 46.52 20.39 -37.52
C CYS B 95 45.16 19.71 -37.43
N SER B 96 44.25 20.05 -38.33
CA SER B 96 42.81 19.82 -38.16
C SER B 96 42.37 18.36 -38.07
N GLY B 97 43.13 17.44 -38.67
CA GLY B 97 42.82 16.00 -38.62
C GLY B 97 44.01 15.10 -38.97
N LYS B 98 45.23 15.63 -38.88
CA LYS B 98 46.38 15.14 -39.66
C LYS B 98 47.13 13.98 -39.00
N LEU B 99 46.76 13.53 -37.79
CA LEU B 99 47.44 12.52 -36.94
C LEU B 99 48.89 12.81 -36.53
N ILE B 100 49.67 13.48 -37.36
CA ILE B 100 51.07 13.80 -37.17
C ILE B 100 51.33 15.15 -37.83
N CYS B 101 51.74 16.20 -37.11
CA CYS B 101 52.20 17.40 -37.82
C CYS B 101 53.21 18.28 -37.08
N CYS B 102 54.02 19.02 -37.83
CA CYS B 102 55.00 19.98 -37.33
C CYS B 102 54.31 21.29 -36.88
N THR B 103 54.96 22.12 -36.06
CA THR B 103 54.20 23.18 -35.33
C THR B 103 54.83 24.57 -35.20
N ASN B 104 56.07 24.79 -35.62
CA ASN B 104 56.74 26.09 -35.43
C ASN B 104 56.77 26.55 -33.96
N VAL B 105 56.93 25.60 -33.04
CA VAL B 105 57.31 25.90 -31.66
C VAL B 105 58.66 25.22 -31.38
N PRO B 106 59.76 25.98 -31.21
CA PRO B 106 61.06 25.41 -30.89
C PRO B 106 61.06 24.66 -29.57
N TRP B 107 61.91 23.64 -29.47
CA TRP B 107 62.02 22.78 -28.29
C TRP B 107 63.04 23.33 -27.29
N ASN B 108 62.58 23.81 -26.12
CA ASN B 108 63.41 24.54 -25.17
C ASN B 108 64.53 23.70 -24.55
N SER B 109 65.65 24.36 -24.23
CA SER B 109 66.85 23.76 -23.66
C SER B 109 66.55 22.96 -22.38
N SER B 110 65.68 23.48 -21.51
CA SER B 110 65.31 22.78 -20.27
C SER B 110 64.55 21.47 -20.50
N TRP B 111 63.89 21.29 -21.65
CA TRP B 111 63.25 20.03 -22.07
C TRP B 111 64.19 19.12 -22.87
N SER B 112 65.28 19.68 -23.40
CA SER B 112 66.20 19.06 -24.39
C SER B 112 67.16 17.99 -23.84
N ASN B 113 66.76 17.27 -22.79
CA ASN B 113 67.69 16.49 -21.95
C ASN B 113 68.16 15.17 -22.60
N ARG B 114 67.70 14.86 -23.83
CA ARG B 114 68.05 13.66 -24.58
C ARG B 114 68.41 13.95 -26.02
N ASN B 115 69.35 13.19 -26.56
CA ASN B 115 69.59 13.11 -27.99
C ASN B 115 68.38 12.48 -28.71
N LEU B 116 68.03 12.97 -29.90
CA LEU B 116 66.83 12.52 -30.64
C LEU B 116 66.74 11.00 -30.79
N SER B 117 67.86 10.33 -31.02
CA SER B 117 67.88 8.87 -31.20
C SER B 117 67.42 8.10 -29.95
N GLU B 118 67.61 8.64 -28.74
CA GLU B 118 67.06 7.98 -27.55
C GLU B 118 65.54 8.01 -27.59
N ILE B 119 64.97 9.14 -27.97
CA ILE B 119 63.54 9.35 -28.00
C ILE B 119 62.95 8.43 -29.05
N TRP B 120 63.39 8.53 -30.30
CA TRP B 120 62.78 7.74 -31.37
C TRP B 120 63.16 6.27 -31.36
N ASP B 121 64.33 5.89 -30.87
CA ASP B 121 64.85 4.54 -31.07
C ASP B 121 65.06 3.73 -29.77
N ASN B 122 64.98 4.36 -28.59
CA ASN B 122 65.17 3.67 -27.31
C ASN B 122 63.91 3.69 -26.43
N MET B 123 63.30 4.84 -26.19
CA MET B 123 62.17 4.95 -25.26
C MET B 123 60.88 4.39 -25.84
N THR B 124 59.99 3.89 -24.98
CA THR B 124 58.58 3.60 -25.27
C THR B 124 57.71 4.84 -25.05
N TRP B 125 56.57 4.97 -25.73
CA TRP B 125 55.72 6.15 -25.58
C TRP B 125 55.28 6.37 -24.14
N LEU B 126 54.92 5.30 -23.45
CA LEU B 126 54.55 5.35 -22.04
C LEU B 126 55.70 5.85 -21.16
N GLN B 127 56.95 5.48 -21.46
CA GLN B 127 58.10 5.94 -20.71
C GLN B 127 58.38 7.42 -20.99
N TRP B 128 58.25 7.86 -22.23
CA TRP B 128 58.45 9.26 -22.60
C TRP B 128 57.42 10.17 -21.93
N ASP B 129 56.19 9.69 -21.78
CA ASP B 129 55.16 10.42 -21.07
C ASP B 129 55.59 10.77 -19.64
N LYS B 130 56.37 9.92 -18.96
CA LYS B 130 56.80 10.21 -17.59
C LYS B 130 57.68 11.46 -17.52
N GLU B 131 58.38 11.79 -18.59
CA GLU B 131 59.12 13.04 -18.68
C GLU B 131 58.20 14.21 -19.02
N ILE B 132 57.60 14.23 -20.21
CA ILE B 132 56.83 15.39 -20.72
C ILE B 132 55.44 15.55 -20.07
N SER B 133 55.11 14.73 -19.08
CA SER B 133 53.97 14.98 -18.18
C SER B 133 54.28 16.08 -17.16
N ASN B 134 55.55 16.42 -16.96
CA ASN B 134 55.93 17.73 -16.43
C ASN B 134 55.63 18.82 -17.48
N TYR B 135 55.26 20.02 -17.03
CA TYR B 135 55.21 21.26 -17.83
C TYR B 135 54.42 21.23 -19.16
N THR B 136 53.46 20.31 -19.34
CA THR B 136 52.76 20.13 -20.62
C THR B 136 52.01 21.37 -21.08
N GLN B 137 51.29 22.05 -20.20
CA GLN B 137 50.45 23.19 -20.56
C GLN B 137 51.26 24.40 -21.03
N ILE B 138 52.57 24.44 -20.76
CA ILE B 138 53.47 25.43 -21.38
C ILE B 138 53.47 25.21 -22.89
N ILE B 139 53.60 23.96 -23.34
CA ILE B 139 53.60 23.62 -24.75
C ILE B 139 52.25 23.97 -25.37
N TYR B 140 51.13 23.63 -24.74
CA TYR B 140 49.82 23.97 -25.31
C TYR B 140 49.62 25.48 -25.46
N GLY B 141 50.07 26.30 -24.50
CA GLY B 141 50.02 27.76 -24.64
C GLY B 141 50.83 28.29 -25.83
N LEU B 142 52.04 27.77 -26.02
CA LEU B 142 52.86 28.08 -27.20
C LEU B 142 52.19 27.64 -28.50
N LEU B 143 51.70 26.40 -28.55
CA LEU B 143 51.07 25.85 -29.74
C LEU B 143 49.85 26.67 -30.16
N GLU B 144 49.00 27.06 -29.22
CA GLU B 144 47.83 27.85 -29.55
C GLU B 144 48.20 29.20 -30.16
N GLU B 145 49.16 29.89 -29.56
CA GLU B 145 49.51 31.23 -30.01
C GLU B 145 50.29 31.23 -31.33
N SER B 146 51.06 30.18 -31.61
CA SER B 146 51.67 30.03 -32.94
C SER B 146 50.61 30.09 -34.04
N GLN B 147 49.46 29.45 -33.82
CA GLN B 147 48.41 29.44 -34.82
C GLN B 147 47.73 30.81 -34.97
N ASN B 148 47.50 31.53 -33.87
CA ASN B 148 46.94 32.89 -33.96
C ASN B 148 47.78 33.78 -34.87
N GLN B 149 49.08 33.88 -34.61
CA GLN B 149 49.96 34.73 -35.40
C GLN B 149 50.02 34.28 -36.86
N GLN B 150 49.96 32.98 -37.13
CA GLN B 150 49.94 32.51 -38.51
C GLN B 150 48.64 32.90 -39.21
N GLU B 151 47.47 32.77 -38.58
CA GLU B 151 46.21 33.19 -39.19
C GLU B 151 46.14 34.71 -39.41
N LYS B 152 46.68 35.53 -38.50
CA LYS B 152 46.86 36.97 -38.74
C LYS B 152 47.71 37.21 -39.99
N ASN B 153 48.85 36.53 -40.13
CA ASN B 153 49.71 36.72 -41.30
C ASN B 153 49.04 36.25 -42.59
N GLU B 154 48.46 35.06 -42.63
CA GLU B 154 47.78 34.59 -43.84
C GLU B 154 46.64 35.52 -44.24
N GLN B 155 45.90 36.08 -43.29
CA GLN B 155 44.82 37.00 -43.59
C GLN B 155 45.30 38.24 -44.37
N ASP B 156 46.46 38.79 -44.05
CA ASP B 156 47.04 39.90 -44.82
C ASP B 156 47.51 39.44 -46.20
N LEU B 157 48.10 38.26 -46.33
CA LEU B 157 48.46 37.73 -47.65
C LEU B 157 47.21 37.53 -48.52
N LEU B 158 46.12 37.00 -47.98
CA LEU B 158 44.85 36.90 -48.69
C LEU B 158 44.21 38.27 -48.98
N ALA B 159 44.48 39.29 -48.15
CA ALA B 159 44.01 40.67 -48.38
C ALA B 159 44.75 41.34 -49.55
N LEU B 160 46.05 41.11 -49.68
CA LEU B 160 46.83 41.48 -50.87
C LEU B 160 46.43 40.63 -52.09
N ASP B 161 46.21 39.33 -51.89
CA ASP B 161 45.69 38.37 -52.89
C ASP B 161 44.15 38.35 -52.94
N GLU C 1 22.22 -58.51 18.05
CA GLU C 1 21.04 -59.06 18.76
C GLU C 1 19.76 -59.03 17.90
N VAL C 2 18.96 -57.96 17.97
CA VAL C 2 17.65 -57.82 17.31
C VAL C 2 16.66 -58.94 17.68
N GLN C 3 15.90 -58.75 18.75
CA GLN C 3 14.96 -59.74 19.26
C GLN C 3 13.58 -59.13 19.59
N LEU C 4 12.50 -59.82 19.19
CA LEU C 4 11.12 -59.36 19.29
C LEU C 4 10.27 -60.33 20.12
N ALA C 5 9.49 -59.82 21.07
CA ALA C 5 8.54 -60.61 21.86
C ALA C 5 7.10 -60.06 21.78
N GLU C 6 6.19 -60.79 21.15
CA GLU C 6 4.76 -60.53 21.20
C GLU C 6 4.14 -61.03 22.52
N SER C 7 3.03 -60.42 22.92
CA SER C 7 2.31 -60.65 24.18
C SER C 7 0.87 -60.11 24.07
N GLY C 8 -0.02 -60.47 24.99
CA GLY C 8 -1.42 -59.98 25.00
C GLY C 8 -2.46 -60.89 24.35
N GLY C 9 -2.06 -62.10 23.95
CA GLY C 9 -2.95 -63.10 23.33
C GLY C 9 -4.08 -63.55 24.24
N GLY C 10 -5.11 -64.16 23.67
CA GLY C 10 -6.36 -64.40 24.39
C GLY C 10 -7.48 -65.12 23.64
N LEU C 11 -8.64 -65.16 24.30
CA LEU C 11 -9.89 -65.76 23.86
C LEU C 11 -10.98 -64.69 23.85
N THR C 12 -11.82 -64.67 22.80
CA THR C 12 -12.97 -63.78 22.74
C THR C 12 -14.14 -64.39 21.96
N LYS C 13 -15.33 -63.90 22.28
CA LYS C 13 -16.55 -63.98 21.47
C LYS C 13 -16.40 -63.21 20.15
N PRO C 14 -17.06 -63.63 19.05
CA PRO C 14 -17.15 -62.83 17.84
C PRO C 14 -17.72 -61.44 18.11
N GLY C 15 -17.32 -60.45 17.33
CA GLY C 15 -17.65 -59.04 17.55
C GLY C 15 -16.89 -58.37 18.71
N GLY C 16 -16.16 -59.13 19.53
CA GLY C 16 -15.36 -58.61 20.64
C GLY C 16 -14.08 -57.87 20.22
N SER C 17 -13.20 -57.65 21.20
CA SER C 17 -11.93 -56.93 21.04
C SER C 17 -10.79 -57.54 21.85
N LEU C 18 -9.55 -57.43 21.36
CA LEU C 18 -8.29 -57.80 22.04
C LEU C 18 -7.17 -56.81 21.67
N ARG C 19 -6.10 -56.77 22.48
CA ARG C 19 -4.89 -55.97 22.19
C ARG C 19 -3.62 -56.79 22.30
N LEU C 20 -2.75 -56.71 21.29
CA LEU C 20 -1.46 -57.40 21.22
C LEU C 20 -0.32 -56.40 21.41
N SER C 21 0.68 -56.71 22.23
CA SER C 21 1.87 -55.85 22.43
C SER C 21 3.12 -56.59 21.98
N CYS C 22 3.92 -55.98 21.10
CA CYS C 22 5.23 -56.47 20.67
C CYS C 22 6.34 -55.61 21.28
N ALA C 23 7.30 -56.25 21.94
CA ALA C 23 8.37 -55.63 22.70
C ALA C 23 9.71 -55.77 21.97
N ALA C 24 10.38 -54.64 21.71
CA ALA C 24 11.59 -54.59 20.91
C ALA C 24 12.87 -54.54 21.76
N SER C 25 13.75 -55.52 21.59
CA SER C 25 14.93 -55.71 22.44
C SER C 25 16.21 -55.89 21.62
N GLY C 26 17.25 -55.16 21.96
CA GLY C 26 18.54 -55.28 21.28
C GLY C 26 18.61 -54.63 19.90
N PHE C 27 17.90 -53.52 19.65
CA PHE C 27 18.15 -52.60 18.53
C PHE C 27 17.53 -51.22 18.80
N THR C 28 17.91 -50.22 18.01
CA THR C 28 17.36 -48.87 18.11
C THR C 28 15.94 -48.80 17.56
N PHE C 29 14.94 -49.11 18.39
CA PHE C 29 13.56 -49.29 17.93
C PHE C 29 12.95 -48.09 17.20
N SER C 30 13.36 -46.87 17.53
CA SER C 30 12.86 -45.68 16.82
C SER C 30 13.17 -45.64 15.32
N ASP C 31 14.10 -46.46 14.83
CA ASP C 31 14.64 -46.30 13.48
C ASP C 31 14.15 -47.37 12.50
N PHE C 32 12.97 -47.94 12.73
CA PHE C 32 12.38 -48.96 11.86
C PHE C 32 10.88 -48.82 11.69
N TYR C 33 10.40 -49.11 10.49
CA TYR C 33 9.01 -49.50 10.28
C TYR C 33 8.77 -50.89 10.90
N MET C 34 7.54 -51.20 11.31
CA MET C 34 7.19 -52.49 11.93
C MET C 34 5.90 -53.07 11.38
N ASP C 35 5.83 -54.41 11.31
CA ASP C 35 4.73 -55.13 10.68
C ASP C 35 4.12 -56.20 11.56
N TRP C 36 2.81 -56.37 11.42
CA TRP C 36 2.05 -57.49 11.93
C TRP C 36 1.69 -58.44 10.80
N VAL C 37 1.96 -59.73 10.99
CA VAL C 37 1.71 -60.79 10.00
C VAL C 37 1.14 -61.99 10.73
N ARG C 38 0.14 -62.68 10.18
CA ARG C 38 -0.56 -63.78 10.87
C ARG C 38 -0.63 -65.07 10.07
N GLN C 39 -0.74 -66.17 10.79
CA GLN C 39 -0.66 -67.52 10.28
C GLN C 39 -1.85 -68.33 10.76
N THR C 40 -2.48 -69.08 9.85
CA THR C 40 -3.62 -69.98 10.16
C THR C 40 -3.45 -71.31 9.42
N PRO C 41 -4.12 -72.39 9.89
CA PRO C 41 -4.06 -73.69 9.21
C PRO C 41 -4.65 -73.65 7.78
N GLY C 42 -5.56 -72.71 7.50
CA GLY C 42 -6.08 -72.49 6.15
C GLY C 42 -5.14 -71.70 5.23
N LYS C 43 -4.70 -70.52 5.68
CA LYS C 43 -4.03 -69.48 4.85
C LYS C 43 -2.50 -69.57 4.79
N GLY C 44 -1.85 -70.19 5.77
CA GLY C 44 -0.38 -70.23 5.87
C GLY C 44 0.21 -68.91 6.37
N LEU C 45 0.16 -67.86 5.56
CA LEU C 45 0.59 -66.50 5.92
C LEU C 45 -0.32 -65.43 5.33
N GLU C 46 -0.63 -64.39 6.08
CA GLU C 46 -1.36 -63.20 5.64
C GLU C 46 -0.76 -61.96 6.28
N TRP C 47 -0.56 -60.91 5.50
CA TRP C 47 -0.13 -59.63 6.04
C TRP C 47 -1.27 -58.91 6.77
N VAL C 48 -1.04 -58.33 7.95
CA VAL C 48 -2.09 -57.64 8.75
C VAL C 48 -1.96 -56.13 8.65
N SER C 49 -0.79 -55.59 8.97
CA SER C 49 -0.59 -54.14 9.07
C SER C 49 0.89 -53.73 9.13
N ARG C 50 1.17 -52.48 8.74
CA ARG C 50 2.48 -51.81 8.82
C ARG C 50 2.33 -50.45 9.50
N ILE C 51 3.35 -50.04 10.25
CA ILE C 51 3.43 -48.71 10.89
C ILE C 51 4.77 -48.04 10.61
N ASN C 52 4.76 -46.72 10.42
CA ASN C 52 5.97 -45.92 10.28
C ASN C 52 6.83 -45.89 11.54
N ASN C 53 8.09 -45.45 11.45
CA ASN C 53 9.01 -45.43 12.58
C ASN C 53 8.59 -44.47 13.72
N ASP C 54 8.04 -43.30 13.38
CA ASP C 54 7.49 -42.31 14.33
C ASP C 54 5.97 -42.52 14.61
N GLY C 55 5.33 -43.52 13.99
CA GLY C 55 3.88 -43.76 14.07
C GLY C 55 3.00 -42.91 13.14
N ARG C 56 3.56 -41.98 12.36
CA ARG C 56 2.79 -40.99 11.58
C ARG C 56 1.99 -41.56 10.41
N ASN C 57 2.50 -42.57 9.70
CA ASN C 57 1.79 -43.26 8.61
C ASN C 57 1.56 -44.73 8.96
N LYS C 58 0.41 -45.26 8.55
CA LYS C 58 -0.10 -46.59 8.92
C LYS C 58 -0.81 -47.21 7.74
N TRP C 59 -0.75 -48.53 7.65
CA TRP C 59 -1.39 -49.32 6.59
C TRP C 59 -1.97 -50.61 7.15
N TYR C 60 -3.00 -51.12 6.50
CA TYR C 60 -3.70 -52.32 6.91
C TYR C 60 -4.09 -53.16 5.69
N ALA C 61 -4.24 -54.46 5.88
CA ALA C 61 -4.82 -55.34 4.88
C ALA C 61 -6.34 -55.13 4.74
N ASP C 62 -6.86 -55.50 3.57
CA ASP C 62 -8.29 -55.34 3.23
C ASP C 62 -9.20 -56.09 4.20
N SER C 63 -8.70 -57.19 4.76
CA SER C 63 -9.42 -58.04 5.70
C SER C 63 -9.62 -57.42 7.08
N VAL C 64 -8.91 -56.34 7.44
CA VAL C 64 -8.99 -55.74 8.80
C VAL C 64 -9.11 -54.23 8.80
N ARG C 65 -9.15 -53.58 7.63
CA ARG C 65 -9.18 -52.13 7.52
C ARG C 65 -10.31 -51.52 8.35
N GLY C 66 -10.01 -50.46 9.10
CA GLY C 66 -10.91 -49.83 10.08
C GLY C 66 -11.18 -50.64 11.35
N ARG C 67 -11.40 -51.96 11.26
CA ARG C 67 -11.69 -52.82 12.42
C ARG C 67 -10.56 -52.83 13.45
N PHE C 68 -9.31 -52.79 13.00
CA PHE C 68 -8.12 -52.79 13.86
C PHE C 68 -7.35 -51.47 13.72
N THR C 69 -6.64 -51.04 14.76
CA THR C 69 -5.71 -49.90 14.67
C THR C 69 -4.35 -50.25 15.25
N VAL C 70 -3.28 -49.71 14.66
CA VAL C 70 -1.91 -49.97 15.11
C VAL C 70 -1.22 -48.72 15.63
N SER C 71 -0.46 -48.86 16.70
CA SER C 71 0.17 -47.75 17.42
C SER C 71 1.50 -48.18 18.01
N ARG C 72 2.40 -47.25 18.30
CA ARG C 72 3.70 -47.57 18.89
C ARG C 72 4.12 -46.48 19.87
N GLU C 73 4.90 -46.88 20.85
CA GLU C 73 5.48 -46.00 21.85
C GLU C 73 6.97 -46.24 21.89
N ASN C 74 7.71 -45.41 21.16
CA ASN C 74 9.16 -45.52 21.02
C ASN C 74 9.87 -45.32 22.37
N ALA C 75 9.26 -44.53 23.27
CA ALA C 75 9.70 -44.36 24.66
C ALA C 75 9.67 -45.67 25.48
N LYS C 76 8.94 -46.70 25.02
CA LYS C 76 8.82 -48.02 25.67
C LYS C 76 9.40 -49.16 24.85
N ASN C 77 10.01 -48.90 23.70
CA ASN C 77 10.36 -49.95 22.74
C ASN C 77 9.18 -50.91 22.49
N THR C 78 7.96 -50.40 22.30
CA THR C 78 6.77 -51.26 22.21
C THR C 78 5.78 -50.84 21.14
N LEU C 79 5.21 -51.83 20.48
CA LEU C 79 4.24 -51.71 19.40
C LEU C 79 2.93 -52.37 19.84
N TYR C 80 1.78 -51.75 19.64
CA TYR C 80 0.48 -52.33 19.98
C TYR C 80 -0.46 -52.37 18.80
N LEU C 81 -1.11 -53.52 18.60
CA LEU C 81 -2.25 -53.64 17.72
C LEU C 81 -3.50 -53.78 18.56
N GLN C 82 -4.49 -52.91 18.32
CA GLN C 82 -5.81 -53.00 18.90
C GLN C 82 -6.78 -53.55 17.86
N MET C 83 -7.44 -54.65 18.19
CA MET C 83 -8.35 -55.36 17.30
C MET C 83 -9.76 -55.28 17.84
N ASP C 84 -10.72 -54.83 17.03
CA ASP C 84 -12.13 -54.77 17.38
C ASP C 84 -12.99 -55.45 16.31
N SER C 85 -14.24 -55.78 16.66
CA SER C 85 -15.19 -56.44 15.76
C SER C 85 -14.61 -57.73 15.15
N LEU C 86 -13.95 -58.53 15.98
CA LEU C 86 -13.26 -59.73 15.53
C LEU C 86 -14.23 -60.77 14.95
N ARG C 87 -13.90 -61.34 13.80
CA ARG C 87 -14.66 -62.42 13.14
C ARG C 87 -14.01 -63.76 13.49
N ALA C 88 -14.69 -64.88 13.30
CA ALA C 88 -14.05 -66.18 13.51
C ALA C 88 -12.81 -66.39 12.60
N GLU C 89 -12.81 -65.83 11.39
CA GLU C 89 -11.67 -65.82 10.46
C GLU C 89 -10.44 -65.05 10.99
N ASP C 90 -10.57 -64.23 12.03
CA ASP C 90 -9.41 -63.60 12.67
C ASP C 90 -8.67 -64.53 13.63
N THR C 91 -9.15 -65.76 13.85
CA THR C 91 -8.49 -66.75 14.71
C THR C 91 -7.17 -67.22 14.10
N ALA C 92 -6.05 -66.85 14.71
CA ALA C 92 -4.73 -67.04 14.13
C ALA C 92 -3.59 -66.99 15.16
N VAL C 93 -2.41 -67.45 14.76
CA VAL C 93 -1.14 -67.06 15.38
C VAL C 93 -0.72 -65.73 14.76
N TYR C 94 -0.49 -64.70 15.57
CA TYR C 94 -0.02 -63.39 15.13
C TYR C 94 1.45 -63.19 15.46
N TYR C 95 2.21 -62.68 14.49
CA TYR C 95 3.62 -62.36 14.61
C TYR C 95 3.87 -60.87 14.36
N CYS C 96 4.89 -60.39 15.04
CA CYS C 96 5.51 -59.09 14.87
C CYS C 96 6.79 -59.26 14.08
N ALA C 97 7.07 -58.39 13.12
CA ALA C 97 8.30 -58.46 12.35
C ALA C 97 8.79 -57.07 11.97
N ARG C 98 10.10 -56.91 11.80
CA ARG C 98 10.74 -55.61 11.60
C ARG C 98 11.01 -55.35 10.12
N ASP C 99 10.67 -54.17 9.64
CA ASP C 99 10.72 -53.83 8.23
C ASP C 99 11.80 -52.75 7.96
N ARG C 100 11.50 -51.72 7.20
CA ARG C 100 12.46 -50.83 6.55
C ARG C 100 13.22 -49.97 7.56
N PRO C 101 14.55 -49.98 7.60
CA PRO C 101 15.31 -49.08 8.46
C PRO C 101 15.22 -47.64 8.00
N VAL C 102 15.39 -46.69 8.91
CA VAL C 102 15.51 -45.26 8.60
C VAL C 102 16.59 -44.64 9.49
N TYR C 103 17.84 -44.60 9.02
CA TYR C 103 18.95 -43.98 9.73
C TYR C 103 18.92 -42.46 9.58
N ARG C 104 19.93 -41.74 10.07
CA ARG C 104 19.92 -40.27 10.06
C ARG C 104 19.84 -39.67 8.67
N TYR C 105 20.62 -40.18 7.73
CA TYR C 105 20.79 -39.59 6.40
C TYR C 105 20.16 -40.39 5.25
N TRP C 106 19.72 -41.63 5.46
CA TRP C 106 19.26 -42.52 4.39
C TRP C 106 18.38 -43.67 4.91
N SER C 107 17.62 -44.31 4.03
CA SER C 107 16.57 -45.27 4.37
C SER C 107 16.42 -46.38 3.31
N GLY C 108 16.91 -47.58 3.60
CA GLY C 108 17.00 -48.71 2.65
C GLY C 108 15.69 -49.38 2.24
N GLY C 109 15.78 -50.66 1.90
CA GLY C 109 14.68 -51.44 1.30
C GLY C 109 13.69 -52.03 2.31
N TYR C 110 12.56 -52.52 1.84
CA TYR C 110 11.55 -53.21 2.64
C TYR C 110 11.97 -54.63 3.03
N HIS C 111 11.51 -55.11 4.17
CA HIS C 111 11.88 -56.38 4.79
C HIS C 111 10.78 -56.91 5.71
N LEU C 112 10.90 -58.17 6.11
CA LEU C 112 10.24 -58.73 7.28
C LEU C 112 11.30 -59.55 8.00
N ASP C 113 12.15 -58.92 8.81
CA ASP C 113 13.26 -59.60 9.47
C ASP C 113 13.80 -58.76 10.64
N PRO C 114 13.93 -59.34 11.85
CA PRO C 114 13.50 -60.66 12.26
C PRO C 114 11.99 -60.71 12.56
N TRP C 115 11.49 -61.92 12.84
CA TRP C 115 10.13 -62.18 13.30
C TRP C 115 10.15 -62.63 14.75
N GLY C 116 9.22 -62.15 15.56
CA GLY C 116 9.00 -62.64 16.92
C GLY C 116 8.43 -64.07 16.95
N GLN C 117 8.33 -64.66 18.13
CA GLN C 117 7.89 -66.06 18.30
C GLN C 117 6.36 -66.23 18.24
N GLY C 118 5.61 -65.14 18.14
CA GLY C 118 4.17 -65.10 17.95
C GLY C 118 3.32 -65.25 19.21
N VAL C 119 2.01 -65.01 19.04
CA VAL C 119 0.95 -65.07 20.06
C VAL C 119 -0.33 -65.67 19.46
N VAL C 120 -1.24 -66.16 20.30
CA VAL C 120 -2.48 -66.84 19.89
C VAL C 120 -3.70 -65.96 20.12
N VAL C 121 -4.60 -65.88 19.13
CA VAL C 121 -5.91 -65.22 19.28
C VAL C 121 -7.03 -66.14 18.83
N THR C 122 -7.98 -66.42 19.73
CA THR C 122 -9.10 -67.35 19.50
C THR C 122 -10.43 -66.57 19.45
N VAL C 123 -11.13 -66.59 18.32
CA VAL C 123 -12.40 -65.86 18.13
C VAL C 123 -13.55 -66.85 17.93
N SER C 124 -13.99 -67.41 19.05
CA SER C 124 -15.21 -68.19 19.24
C SER C 124 -15.34 -68.43 20.74
N SER C 125 -16.41 -67.96 21.40
CA SER C 125 -16.58 -68.16 22.86
C SER C 125 -17.55 -69.29 23.21
N ALA C 126 -18.32 -69.78 22.23
CA ALA C 126 -19.36 -70.76 22.45
C ALA C 126 -18.81 -72.11 22.93
N SER C 127 -19.64 -72.81 23.70
CA SER C 127 -19.40 -74.19 24.16
C SER C 127 -18.01 -74.41 24.79
N THR C 128 -17.54 -73.46 25.61
CA THR C 128 -16.34 -73.62 26.44
C THR C 128 -16.56 -74.78 27.41
N LYS C 129 -15.77 -75.85 27.30
CA LYS C 129 -16.11 -77.18 27.83
C LYS C 129 -14.87 -78.06 28.01
N GLY C 130 -14.81 -78.84 29.08
CA GLY C 130 -13.83 -79.91 29.28
C GLY C 130 -14.25 -81.24 28.65
N PRO C 131 -13.30 -82.11 28.25
CA PRO C 131 -13.54 -83.25 27.36
C PRO C 131 -14.39 -84.39 27.91
N SER C 132 -15.05 -85.09 26.99
CA SER C 132 -15.38 -86.51 27.13
C SER C 132 -14.14 -87.35 26.82
N VAL C 133 -13.98 -88.51 27.47
CA VAL C 133 -12.88 -89.45 27.15
C VAL C 133 -13.44 -90.86 26.99
N PHE C 134 -13.10 -91.52 25.88
CA PHE C 134 -13.59 -92.85 25.52
C PHE C 134 -12.45 -93.78 25.10
N PRO C 135 -12.39 -95.04 25.57
CA PRO C 135 -11.47 -96.01 25.00
C PRO C 135 -11.75 -96.30 23.52
N LEU C 136 -10.72 -96.22 22.67
CA LEU C 136 -10.73 -96.87 21.36
C LEU C 136 -10.24 -98.30 21.60
N ALA C 137 -11.19 -99.19 21.91
CA ALA C 137 -10.90 -100.42 22.60
C ALA C 137 -10.13 -101.42 21.72
N PRO C 138 -9.08 -102.08 22.24
CA PRO C 138 -8.43 -103.24 21.63
C PRO C 138 -9.29 -104.51 21.75
N SER C 139 -10.59 -104.43 21.46
CA SER C 139 -11.56 -105.49 21.76
C SER C 139 -11.93 -106.38 20.57
N SER C 140 -12.51 -107.55 20.84
CA SER C 140 -13.02 -108.49 19.84
C SER C 140 -11.94 -108.88 18.82
N ARG C 141 -12.20 -108.85 17.50
CA ARG C 141 -11.18 -109.09 16.48
C ARG C 141 -9.97 -108.15 16.56
N SER C 142 -10.08 -106.96 17.16
CA SER C 142 -8.92 -106.09 17.37
C SER C 142 -7.89 -106.70 18.36
N THR C 143 -8.32 -107.63 19.23
CA THR C 143 -7.48 -108.32 20.24
C THR C 143 -6.56 -109.41 19.65
N SER C 144 -6.94 -110.05 18.54
CA SER C 144 -6.22 -111.22 18.00
C SER C 144 -4.97 -110.87 17.16
N GLU C 145 -4.74 -109.59 16.94
CA GLU C 145 -3.46 -109.04 16.44
C GLU C 145 -2.32 -109.41 17.40
N SER C 146 -1.11 -109.67 16.89
CA SER C 146 0.04 -110.04 17.73
C SER C 146 0.56 -108.87 18.58
N THR C 147 0.62 -107.67 17.98
CA THR C 147 1.02 -106.41 18.64
C THR C 147 -0.11 -105.39 18.48
N ALA C 148 -1.25 -105.65 19.13
CA ALA C 148 -2.48 -104.87 18.95
C ALA C 148 -2.29 -103.38 19.23
N ALA C 149 -2.95 -102.55 18.43
CA ALA C 149 -3.20 -101.17 18.80
C ALA C 149 -4.26 -101.09 19.90
N LEU C 150 -4.06 -100.20 20.85
CA LEU C 150 -5.09 -99.71 21.76
C LEU C 150 -5.11 -98.19 21.70
N GLY C 151 -6.26 -97.57 21.97
CA GLY C 151 -6.38 -96.13 21.77
C GLY C 151 -7.41 -95.45 22.67
N CYS C 152 -7.58 -94.16 22.41
CA CYS C 152 -8.28 -93.23 23.28
C CYS C 152 -8.82 -92.09 22.43
N LEU C 153 -10.07 -91.71 22.64
CA LEU C 153 -10.74 -90.60 21.98
C LEU C 153 -11.05 -89.54 23.02
N VAL C 154 -10.57 -88.33 22.80
CA VAL C 154 -10.82 -87.15 23.63
C VAL C 154 -11.73 -86.24 22.81
N LYS C 155 -12.90 -85.89 23.32
CA LYS C 155 -13.98 -85.36 22.48
C LYS C 155 -14.67 -84.15 23.11
N ASP C 156 -15.13 -83.25 22.25
CA ASP C 156 -16.07 -82.18 22.58
C ASP C 156 -15.58 -81.28 23.72
N TYR C 157 -14.39 -80.70 23.56
CA TYR C 157 -13.83 -79.71 24.48
C TYR C 157 -13.46 -78.42 23.78
N PHE C 158 -13.48 -77.31 24.50
CA PHE C 158 -13.09 -76.02 23.97
C PHE C 158 -12.60 -75.09 25.08
N PRO C 159 -11.59 -74.24 24.82
CA PRO C 159 -10.63 -74.32 23.72
C PRO C 159 -9.60 -75.45 23.94
N GLU C 160 -8.61 -75.60 23.05
CA GLU C 160 -7.30 -76.17 23.39
C GLU C 160 -6.60 -75.28 24.44
N PRO C 161 -5.62 -75.78 25.23
CA PRO C 161 -4.96 -77.08 25.09
C PRO C 161 -5.65 -78.25 25.82
N VAL C 162 -5.48 -79.45 25.28
CA VAL C 162 -5.47 -80.70 26.06
C VAL C 162 -4.06 -81.26 26.08
N THR C 163 -3.68 -81.81 27.24
CA THR C 163 -2.48 -82.62 27.40
C THR C 163 -2.90 -84.08 27.53
N VAL C 164 -2.41 -84.94 26.63
CA VAL C 164 -2.85 -86.34 26.52
C VAL C 164 -1.63 -87.26 26.43
N SER C 165 -1.62 -88.36 27.19
CA SER C 165 -0.44 -89.23 27.33
C SER C 165 -0.80 -90.65 27.78
N TRP C 166 0.12 -91.61 27.62
CA TRP C 166 -0.10 -93.02 27.96
C TRP C 166 0.63 -93.45 29.24
N ASN C 167 -0.12 -93.95 30.22
CA ASN C 167 0.37 -94.34 31.54
C ASN C 167 1.25 -93.23 32.16
N SER C 168 0.70 -92.02 32.21
CA SER C 168 1.39 -90.78 32.62
C SER C 168 2.62 -90.42 31.77
N GLY C 169 2.65 -90.84 30.50
CA GLY C 169 3.79 -90.69 29.59
C GLY C 169 4.84 -91.81 29.70
N SER C 170 4.67 -92.78 30.62
CA SER C 170 5.65 -93.86 30.84
C SER C 170 5.64 -94.95 29.76
N LEU C 171 4.60 -95.00 28.93
CA LEU C 171 4.50 -95.88 27.76
C LEU C 171 4.77 -95.10 26.48
N THR C 172 5.63 -95.63 25.61
CA THR C 172 6.08 -94.96 24.37
C THR C 172 5.93 -95.79 23.09
N SER C 173 5.67 -97.10 23.17
CA SER C 173 5.77 -98.07 22.07
C SER C 173 4.79 -97.82 20.91
N GLY C 174 5.19 -96.99 19.94
CA GLY C 174 4.32 -96.58 18.82
C GLY C 174 3.19 -95.63 19.26
N VAL C 175 3.46 -94.75 20.22
CA VAL C 175 2.52 -93.69 20.62
C VAL C 175 2.26 -92.72 19.46
N HIS C 176 0.99 -92.52 19.13
CA HIS C 176 0.53 -91.51 18.17
C HIS C 176 -0.72 -90.80 18.69
N THR C 177 -0.49 -89.74 19.47
CA THR C 177 -1.50 -88.70 19.72
C THR C 177 -1.63 -87.87 18.45
N PHE C 178 -2.69 -88.09 17.70
CA PHE C 178 -2.96 -87.36 16.45
C PHE C 178 -3.24 -85.87 16.72
N PRO C 179 -2.91 -84.97 15.78
CA PRO C 179 -3.30 -83.56 15.87
C PRO C 179 -4.81 -83.39 15.99
N ALA C 180 -5.25 -82.44 16.80
CA ALA C 180 -6.66 -82.24 17.10
C ALA C 180 -7.47 -81.75 15.89
N VAL C 181 -8.70 -82.23 15.80
CA VAL C 181 -9.75 -81.77 14.88
C VAL C 181 -10.62 -80.78 15.64
N LEU C 182 -10.70 -79.52 15.22
CA LEU C 182 -11.77 -78.62 15.63
C LEU C 182 -13.05 -79.00 14.86
N GLN C 183 -14.01 -79.63 15.53
CA GLN C 183 -15.21 -80.21 14.90
C GLN C 183 -16.23 -79.14 14.48
N SER C 184 -17.18 -79.52 13.62
CA SER C 184 -18.30 -78.66 13.19
C SER C 184 -19.17 -78.15 14.35
N SER C 185 -19.25 -78.93 15.44
CA SER C 185 -19.90 -78.53 16.70
C SER C 185 -19.28 -77.27 17.35
N GLY C 186 -18.07 -76.87 16.96
CA GLY C 186 -17.33 -75.77 17.58
C GLY C 186 -16.54 -76.21 18.82
N LEU C 187 -16.24 -77.51 18.93
CA LEU C 187 -15.40 -78.08 19.98
C LEU C 187 -14.33 -78.98 19.38
N TYR C 188 -13.12 -78.95 19.93
CA TYR C 188 -12.04 -79.83 19.55
C TYR C 188 -12.30 -81.27 19.96
N SER C 189 -11.63 -82.17 19.26
CA SER C 189 -11.46 -83.57 19.60
C SER C 189 -10.12 -84.05 19.08
N LEU C 190 -9.53 -85.08 19.71
CA LEU C 190 -8.38 -85.78 19.15
C LEU C 190 -8.49 -87.27 19.47
N SER C 191 -7.71 -88.07 18.75
CA SER C 191 -7.49 -89.48 19.06
C SER C 191 -6.03 -89.74 19.38
N SER C 192 -5.77 -90.68 20.28
CA SER C 192 -4.43 -91.19 20.56
C SER C 192 -4.41 -92.71 20.51
N VAL C 193 -3.30 -93.29 20.08
CA VAL C 193 -3.11 -94.74 19.98
C VAL C 193 -1.72 -95.10 20.45
N VAL C 194 -1.53 -96.38 20.76
CA VAL C 194 -0.25 -97.02 21.06
C VAL C 194 -0.35 -98.49 20.72
N THR C 195 0.77 -99.19 20.56
CA THR C 195 0.78 -100.58 20.08
C THR C 195 1.64 -101.46 20.99
N VAL C 196 1.11 -102.59 21.43
CA VAL C 196 1.75 -103.43 22.47
C VAL C 196 1.50 -104.92 22.21
N PRO C 197 2.38 -105.84 22.63
CA PRO C 197 2.18 -107.29 22.48
C PRO C 197 0.93 -107.74 23.23
N SER C 198 -0.04 -108.36 22.55
CA SER C 198 -1.44 -108.41 23.03
C SER C 198 -1.70 -109.20 24.31
N SER C 199 -0.82 -110.12 24.71
CA SER C 199 -0.89 -110.77 26.04
C SER C 199 -0.70 -109.77 27.19
N SER C 200 -0.02 -108.64 26.93
CA SER C 200 0.14 -107.52 27.84
C SER C 200 -1.19 -106.78 28.10
N LEU C 201 -2.19 -106.85 27.19
CA LEU C 201 -3.47 -106.17 27.35
C LEU C 201 -4.17 -106.58 28.66
N GLY C 202 -4.52 -105.59 29.48
CA GLY C 202 -5.10 -105.79 30.81
C GLY C 202 -4.12 -106.35 31.85
N THR C 203 -3.09 -107.10 31.44
CA THR C 203 -1.98 -107.52 32.31
C THR C 203 -1.19 -106.29 32.76
N GLN C 204 -0.83 -105.41 31.82
CA GLN C 204 -0.58 -104.00 32.10
C GLN C 204 -1.91 -103.24 32.03
N THR C 205 -2.14 -102.36 33.02
CA THR C 205 -3.28 -101.44 33.05
C THR C 205 -2.99 -100.28 32.09
N TYR C 206 -3.37 -100.40 30.82
CA TYR C 206 -3.19 -99.32 29.85
C TYR C 206 -4.13 -98.15 30.16
N VAL C 207 -3.58 -96.95 30.29
CA VAL C 207 -4.32 -95.73 30.67
C VAL C 207 -3.98 -94.60 29.71
N CYS C 208 -5.01 -93.97 29.17
CA CYS C 208 -4.93 -92.66 28.52
C CYS C 208 -5.18 -91.58 29.58
N ASN C 209 -4.12 -90.87 29.99
CA ASN C 209 -4.20 -89.80 30.96
C ASN C 209 -4.41 -88.47 30.21
N VAL C 210 -5.55 -87.83 30.44
CA VAL C 210 -6.00 -86.61 29.77
C VAL C 210 -6.13 -85.49 30.79
N ASN C 211 -5.74 -84.26 30.46
CA ASN C 211 -6.09 -83.03 31.19
C ASN C 211 -6.38 -81.89 30.20
N HIS C 212 -7.25 -80.96 30.58
CA HIS C 212 -7.75 -79.83 29.79
C HIS C 212 -7.63 -78.54 30.60
N LYS C 213 -6.49 -77.85 30.50
CA LYS C 213 -6.15 -76.67 31.32
C LYS C 213 -7.18 -75.54 31.35
N PRO C 214 -7.96 -75.24 30.28
CA PRO C 214 -9.02 -74.22 30.36
C PRO C 214 -10.12 -74.54 31.38
N SER C 215 -10.23 -75.79 31.84
CA SER C 215 -11.14 -76.21 32.92
C SER C 215 -10.45 -77.02 34.03
N ASN C 216 -9.19 -77.42 33.85
CA ASN C 216 -8.48 -78.48 34.60
C ASN C 216 -9.26 -79.81 34.67
N THR C 217 -10.15 -80.07 33.71
CA THR C 217 -10.85 -81.36 33.59
C THR C 217 -9.85 -82.44 33.19
N LYS C 218 -9.71 -83.48 34.00
CA LYS C 218 -8.75 -84.57 33.77
C LYS C 218 -9.34 -85.94 34.05
N VAL C 219 -8.96 -86.93 33.25
CA VAL C 219 -9.40 -88.32 33.40
C VAL C 219 -8.22 -89.29 33.20
N ASP C 220 -8.07 -90.25 34.08
CA ASP C 220 -7.14 -91.38 33.95
C ASP C 220 -7.86 -92.57 33.29
N LYS C 221 -8.25 -92.41 32.02
CA LYS C 221 -9.15 -93.36 31.34
C LYS C 221 -8.43 -94.66 30.96
N ARG C 222 -8.74 -95.75 31.67
CA ARG C 222 -8.21 -97.08 31.41
C ARG C 222 -8.80 -97.67 30.12
N VAL C 223 -7.95 -98.26 29.27
CA VAL C 223 -8.26 -98.76 27.92
C VAL C 223 -8.00 -100.26 27.87
N GLU C 224 -9.00 -101.06 27.48
CA GLU C 224 -9.00 -102.53 27.64
C GLU C 224 -9.84 -103.25 26.57
N ILE C 225 -9.71 -104.57 26.50
CA ILE C 225 -10.50 -105.47 25.62
C ILE C 225 -12.01 -105.24 25.79
N TYR D 1 -2.65 -55.31 -6.52
CA TYR D 1 -2.30 -56.51 -5.73
C TYR D 1 -1.28 -57.37 -6.50
N VAL D 2 -0.63 -58.33 -5.83
CA VAL D 2 0.33 -59.27 -6.45
C VAL D 2 0.08 -60.69 -5.97
N VAL D 3 -0.50 -61.55 -6.83
CA VAL D 3 -0.60 -62.98 -6.55
C VAL D 3 0.76 -63.64 -6.70
N MET D 4 1.03 -64.62 -5.84
CA MET D 4 2.26 -65.40 -5.80
C MET D 4 1.91 -66.88 -5.91
N THR D 5 2.74 -67.68 -6.58
CA THR D 5 2.58 -69.14 -6.58
C THR D 5 3.91 -69.86 -6.68
N GLN D 6 4.15 -70.79 -5.76
CA GLN D 6 5.28 -71.73 -5.82
C GLN D 6 4.92 -72.93 -6.71
N SER D 7 5.89 -73.51 -7.40
CA SER D 7 5.62 -74.58 -8.36
C SER D 7 5.55 -75.99 -7.73
N PRO D 8 6.63 -76.58 -7.18
CA PRO D 8 6.54 -77.88 -6.51
C PRO D 8 5.86 -77.74 -5.14
N LEU D 9 5.02 -78.68 -4.74
CA LEU D 9 4.49 -78.74 -3.38
C LEU D 9 5.40 -79.60 -2.50
N SER D 10 5.28 -80.93 -2.54
CA SER D 10 6.18 -81.80 -1.78
C SER D 10 7.54 -81.95 -2.47
N LEU D 11 8.60 -81.97 -1.65
CA LEU D 11 9.97 -82.32 -2.00
C LEU D 11 10.39 -83.51 -1.11
N PRO D 12 9.96 -84.76 -1.41
CA PRO D 12 10.37 -85.94 -0.69
C PRO D 12 11.71 -86.41 -1.24
N ILE D 13 12.80 -85.88 -0.70
CA ILE D 13 14.14 -85.93 -1.31
C ILE D 13 15.15 -86.56 -0.35
N THR D 14 16.12 -87.29 -0.87
CA THR D 14 17.13 -88.00 -0.06
C THR D 14 18.12 -87.00 0.57
N PRO D 15 18.47 -87.10 1.86
CA PRO D 15 19.50 -86.28 2.47
C PRO D 15 20.82 -86.35 1.68
N GLY D 16 21.42 -85.20 1.43
CA GLY D 16 22.62 -85.02 0.59
C GLY D 16 22.34 -84.60 -0.87
N GLN D 17 21.14 -84.84 -1.40
CA GLN D 17 20.79 -84.48 -2.79
C GLN D 17 20.51 -82.97 -2.97
N PRO D 18 20.83 -82.36 -4.13
CA PRO D 18 20.36 -81.01 -4.44
C PRO D 18 18.85 -80.97 -4.66
N ALA D 19 18.28 -79.78 -4.49
CA ALA D 19 16.85 -79.51 -4.68
C ALA D 19 16.61 -78.06 -5.08
N SER D 20 15.47 -77.77 -5.72
CA SER D 20 15.10 -76.39 -5.99
C SER D 20 13.58 -76.18 -6.05
N ILE D 21 13.17 -74.96 -5.72
CA ILE D 21 11.77 -74.52 -5.69
C ILE D 21 11.69 -73.25 -6.51
N SER D 22 10.65 -73.07 -7.32
CA SER D 22 10.41 -71.86 -8.09
C SER D 22 9.14 -71.18 -7.61
N CYS D 23 9.12 -69.86 -7.67
CA CYS D 23 8.00 -69.00 -7.32
C CYS D 23 7.83 -67.91 -8.38
N ARG D 24 6.59 -67.64 -8.75
CA ARG D 24 6.22 -66.80 -9.89
C ARG D 24 5.11 -65.82 -9.52
N SER D 25 5.20 -64.58 -10.01
CA SER D 25 4.34 -63.47 -9.60
C SER D 25 3.48 -62.89 -10.72
N SER D 26 2.28 -62.42 -10.38
CA SER D 26 1.33 -61.82 -11.32
C SER D 26 1.73 -60.43 -11.87
N GLN D 27 2.86 -59.89 -11.45
CA GLN D 27 3.46 -58.63 -11.89
C GLN D 27 4.96 -58.69 -11.63
N ARG D 28 5.77 -57.82 -12.25
CA ARG D 28 7.20 -57.78 -11.97
C ARG D 28 7.48 -57.33 -10.54
N LEU D 29 8.47 -57.96 -9.91
CA LEU D 29 8.85 -57.65 -8.53
C LEU D 29 9.91 -56.55 -8.42
N LEU D 30 10.36 -55.99 -9.54
CA LEU D 30 11.20 -54.78 -9.56
C LEU D 30 10.46 -53.62 -8.90
N HIS D 31 11.08 -53.02 -7.88
CA HIS D 31 10.60 -51.79 -7.26
C HIS D 31 11.20 -50.55 -7.93
N SER D 32 10.51 -49.43 -7.80
CA SER D 32 10.93 -48.13 -8.35
C SER D 32 12.36 -47.73 -7.96
N ASP D 33 12.84 -48.11 -6.76
CA ASP D 33 14.20 -47.79 -6.32
C ASP D 33 15.30 -48.62 -7.02
N GLY D 34 14.92 -49.60 -7.84
CA GLY D 34 15.82 -50.38 -8.69
C GLY D 34 16.24 -51.73 -8.12
N ASN D 35 15.78 -52.10 -6.93
CA ASN D 35 15.96 -53.45 -6.41
C ASN D 35 14.73 -54.31 -6.71
N THR D 36 14.80 -55.60 -6.41
CA THR D 36 13.64 -56.49 -6.48
C THR D 36 13.38 -57.15 -5.12
N TYR D 37 12.26 -56.84 -4.45
CA TYR D 37 12.05 -57.22 -3.05
C TYR D 37 11.27 -58.52 -2.92
N LEU D 38 11.83 -59.60 -3.47
CA LEU D 38 11.47 -60.96 -3.13
C LEU D 38 12.38 -61.51 -2.04
N ALA D 39 11.83 -62.37 -1.20
CA ALA D 39 12.58 -63.18 -0.25
C ALA D 39 11.97 -64.57 -0.09
N TRP D 40 12.73 -65.47 0.51
CA TRP D 40 12.33 -66.84 0.86
C TRP D 40 12.44 -67.04 2.37
N TYR D 41 11.45 -67.69 2.97
CA TYR D 41 11.41 -67.97 4.41
C TYR D 41 11.31 -69.47 4.65
N GLN D 42 12.07 -70.01 5.61
CA GLN D 42 11.92 -71.38 6.08
C GLN D 42 11.17 -71.36 7.41
N GLN D 43 10.17 -72.22 7.50
CA GLN D 43 9.49 -72.57 8.74
C GLN D 43 9.78 -74.04 9.08
N ARG D 44 10.66 -74.28 10.04
CA ARG D 44 10.71 -75.58 10.72
C ARG D 44 9.40 -75.84 11.48
N PRO D 45 9.03 -77.11 11.75
CA PRO D 45 7.91 -77.43 12.63
C PRO D 45 7.97 -76.70 13.98
N GLY D 46 6.84 -76.14 14.40
CA GLY D 46 6.65 -75.50 15.70
C GLY D 46 7.48 -74.23 15.96
N GLN D 47 7.88 -73.51 14.91
CA GLN D 47 8.68 -72.29 14.99
C GLN D 47 8.09 -71.19 14.11
N PRO D 48 8.38 -69.90 14.35
CA PRO D 48 8.08 -68.85 13.40
C PRO D 48 8.79 -69.09 12.07
N PRO D 49 8.28 -68.58 10.95
CA PRO D 49 9.08 -68.48 9.75
C PRO D 49 10.26 -67.54 10.01
N ARG D 50 11.44 -67.84 9.46
CA ARG D 50 12.59 -66.92 9.43
C ARG D 50 13.08 -66.80 7.99
N ARG D 51 13.65 -65.65 7.65
CA ARG D 51 14.09 -65.34 6.28
C ARG D 51 15.47 -65.95 5.96
N LEU D 52 15.58 -66.74 4.89
CA LEU D 52 16.87 -67.28 4.42
C LEU D 52 17.53 -66.38 3.37
N ILE D 53 16.79 -66.04 2.32
CA ILE D 53 17.31 -65.39 1.13
C ILE D 53 16.48 -64.14 0.92
N TYR D 54 17.09 -63.02 0.57
CA TYR D 54 16.36 -61.75 0.48
C TYR D 54 17.00 -60.80 -0.52
N GLU D 55 16.27 -59.75 -0.91
CA GLU D 55 16.68 -58.88 -2.03
C GLU D 55 17.06 -59.74 -3.26
N VAL D 56 16.15 -60.63 -3.64
CA VAL D 56 16.31 -61.76 -4.59
C VAL D 56 17.25 -62.88 -4.16
N SER D 57 18.50 -62.57 -3.79
CA SER D 57 19.53 -63.62 -3.72
C SER D 57 20.64 -63.39 -2.71
N LYS D 58 20.66 -62.29 -1.95
CA LYS D 58 21.61 -62.17 -0.84
C LYS D 58 21.26 -63.22 0.21
N LEU D 59 22.24 -63.90 0.81
CA LEU D 59 22.01 -64.67 2.03
C LEU D 59 21.78 -63.70 3.19
N ASP D 60 20.75 -63.97 3.99
CA ASP D 60 20.61 -63.33 5.30
C ASP D 60 21.66 -63.90 6.27
N SER D 61 21.98 -63.16 7.32
CA SER D 61 23.04 -63.48 8.29
C SER D 61 22.93 -64.93 8.80
N GLY D 62 24.05 -65.65 8.86
CA GLY D 62 24.16 -66.97 9.50
C GLY D 62 23.47 -68.13 8.76
N VAL D 63 22.88 -67.88 7.59
CA VAL D 63 22.24 -68.91 6.76
C VAL D 63 23.29 -69.89 6.18
N PRO D 64 23.05 -71.22 6.19
CA PRO D 64 23.94 -72.19 5.56
C PRO D 64 24.14 -71.93 4.06
N ASP D 65 25.39 -71.98 3.60
CA ASP D 65 25.77 -71.57 2.24
C ASP D 65 25.18 -72.45 1.13
N ARG D 66 24.68 -73.65 1.47
CA ARG D 66 23.96 -74.50 0.51
C ARG D 66 22.74 -73.82 -0.11
N PHE D 67 22.12 -72.86 0.58
CA PHE D 67 20.99 -72.09 0.07
C PHE D 67 21.45 -70.91 -0.79
N SER D 68 20.72 -70.64 -1.86
CA SER D 68 21.06 -69.61 -2.85
C SER D 68 19.84 -69.27 -3.69
N GLY D 69 19.79 -68.05 -4.23
CA GLY D 69 18.66 -67.58 -5.02
C GLY D 69 18.98 -67.33 -6.49
N SER D 70 17.95 -67.25 -7.32
CA SER D 70 18.03 -66.78 -8.70
C SER D 70 16.72 -66.14 -9.12
N GLY D 71 16.73 -65.33 -10.19
CA GLY D 71 15.52 -64.92 -10.89
C GLY D 71 15.58 -63.57 -11.55
N ALA D 72 14.48 -63.20 -12.22
CA ALA D 72 14.27 -61.89 -12.83
C ALA D 72 12.79 -61.65 -13.15
N GLY D 73 12.40 -60.38 -13.30
CA GLY D 73 11.04 -59.96 -13.68
C GLY D 73 9.95 -60.51 -12.75
N THR D 74 9.33 -61.63 -13.12
CA THR D 74 8.28 -62.31 -12.36
C THR D 74 8.70 -63.64 -11.74
N ASP D 75 9.82 -64.25 -12.17
CA ASP D 75 10.12 -65.66 -11.88
C ASP D 75 11.47 -65.81 -11.17
N PHE D 76 11.44 -66.52 -10.04
CA PHE D 76 12.55 -66.63 -9.09
C PHE D 76 12.61 -68.03 -8.49
N THR D 77 13.79 -68.46 -8.08
CA THR D 77 13.99 -69.82 -7.57
C THR D 77 14.96 -69.86 -6.41
N LEU D 78 14.71 -70.81 -5.51
CA LEU D 78 15.53 -71.14 -4.37
C LEU D 78 16.23 -72.45 -4.72
N LYS D 79 17.55 -72.47 -4.60
CA LYS D 79 18.39 -73.65 -4.87
C LYS D 79 19.13 -74.08 -3.62
N ILE D 80 19.06 -75.37 -3.33
CA ILE D 80 19.77 -76.03 -2.23
C ILE D 80 20.77 -77.01 -2.84
N SER D 81 22.06 -76.89 -2.56
CA SER D 81 23.08 -77.80 -3.12
C SER D 81 23.01 -79.22 -2.53
N ARG D 82 22.60 -79.36 -1.27
CA ARG D 82 22.42 -80.64 -0.57
C ARG D 82 21.36 -80.49 0.53
N VAL D 83 20.18 -81.10 0.40
CA VAL D 83 19.14 -81.07 1.44
C VAL D 83 19.57 -81.87 2.66
N GLU D 84 19.19 -81.45 3.86
CA GLU D 84 19.55 -82.09 5.12
C GLU D 84 18.35 -82.18 6.08
N ALA D 85 18.47 -82.95 7.16
CA ALA D 85 17.39 -83.11 8.15
C ALA D 85 16.84 -81.78 8.70
N GLU D 86 17.70 -80.82 9.03
CA GLU D 86 17.33 -79.49 9.49
C GLU D 86 16.72 -78.60 8.39
N ASP D 87 16.70 -79.06 7.13
CA ASP D 87 15.97 -78.39 6.06
C ASP D 87 14.50 -78.86 6.00
N VAL D 88 14.09 -79.92 6.73
CA VAL D 88 12.69 -80.39 6.76
C VAL D 88 11.75 -79.30 7.30
N GLY D 89 10.58 -79.15 6.69
CA GLY D 89 9.59 -78.11 7.01
C GLY D 89 9.09 -77.38 5.77
N VAL D 90 8.42 -76.25 5.96
CA VAL D 90 7.71 -75.52 4.89
C VAL D 90 8.46 -74.27 4.50
N TYR D 91 8.60 -74.05 3.21
CA TYR D 91 9.26 -72.91 2.59
C TYR D 91 8.23 -72.03 1.90
N TYR D 92 8.29 -70.72 2.13
CA TYR D 92 7.46 -69.72 1.48
C TYR D 92 8.31 -68.75 0.70
N CYS D 93 7.99 -68.47 -0.55
CA CYS D 93 8.40 -67.20 -1.13
C CYS D 93 7.47 -66.09 -0.64
N GLY D 94 7.90 -64.85 -0.76
CA GLY D 94 7.00 -63.70 -0.69
C GLY D 94 7.64 -62.43 -1.20
N GLN D 95 6.80 -61.44 -1.52
CA GLN D 95 7.24 -60.15 -2.06
C GLN D 95 6.81 -59.01 -1.16
N ASN D 96 7.64 -57.97 -1.09
CA ASN D 96 7.39 -56.74 -0.35
C ASN D 96 7.44 -55.50 -1.24
N THR D 97 7.63 -55.66 -2.55
CA THR D 97 7.67 -54.58 -3.54
C THR D 97 6.37 -53.80 -3.57
N TYR D 98 5.22 -54.47 -3.53
CA TYR D 98 3.91 -53.84 -3.58
C TYR D 98 3.06 -54.22 -2.37
N LEU D 99 2.38 -53.24 -1.77
CA LEU D 99 1.36 -53.49 -0.76
C LEU D 99 0.13 -54.17 -1.38
N PRO D 100 -0.54 -55.08 -0.66
CA PRO D 100 -0.07 -55.71 0.56
C PRO D 100 1.05 -56.71 0.25
N TYR D 101 1.95 -56.92 1.20
CA TYR D 101 2.99 -57.94 1.07
C TYR D 101 2.33 -59.31 0.95
N SER D 102 2.78 -60.13 0.01
CA SER D 102 2.12 -61.38 -0.34
C SER D 102 3.07 -62.57 -0.34
N PHE D 103 2.50 -63.74 -0.09
CA PHE D 103 3.23 -64.98 0.23
C PHE D 103 2.78 -66.11 -0.69
N GLY D 104 3.69 -66.98 -1.11
CA GLY D 104 3.35 -68.20 -1.83
C GLY D 104 2.59 -69.16 -0.92
N GLN D 105 1.91 -70.13 -1.53
CA GLN D 105 1.07 -71.10 -0.83
C GLN D 105 1.86 -72.19 -0.07
N GLY D 106 3.19 -72.12 -0.07
CA GLY D 106 4.08 -73.08 0.59
C GLY D 106 4.55 -74.21 -0.31
N SER D 107 5.73 -74.74 0.01
CA SER D 107 6.31 -75.99 -0.48
C SER D 107 6.91 -76.73 0.71
N LYS D 108 6.84 -78.07 0.77
CA LYS D 108 7.22 -78.86 1.95
C LYS D 108 8.41 -79.76 1.65
N VAL D 109 9.50 -79.62 2.39
CA VAL D 109 10.68 -80.51 2.34
C VAL D 109 10.48 -81.67 3.30
N GLU D 110 10.65 -82.89 2.79
CA GLU D 110 10.43 -84.15 3.51
C GLU D 110 11.58 -85.12 3.23
N ILE D 111 11.94 -85.96 4.19
CA ILE D 111 12.98 -86.96 3.98
C ILE D 111 12.43 -88.06 3.06
N LYS D 112 13.17 -88.43 2.00
CA LYS D 112 12.89 -89.68 1.27
C LYS D 112 13.34 -90.89 2.06
N ARG D 113 12.47 -91.90 2.18
CA ARG D 113 12.72 -93.22 2.78
C ARG D 113 11.87 -94.29 2.07
N ALA D 114 12.20 -95.56 2.22
CA ALA D 114 11.56 -96.64 1.46
C ALA D 114 10.05 -96.79 1.76
N VAL D 115 9.26 -97.11 0.74
CA VAL D 115 7.80 -97.25 0.85
C VAL D 115 7.43 -98.35 1.85
N ALA D 116 6.63 -97.99 2.86
CA ALA D 116 6.31 -98.85 4.01
C ALA D 116 4.80 -99.09 4.10
N ALA D 117 4.41 -100.33 4.35
CA ALA D 117 3.01 -100.70 4.58
C ALA D 117 2.47 -100.07 5.87
N PRO D 118 1.20 -99.63 5.93
CA PRO D 118 0.56 -99.39 7.21
C PRO D 118 0.43 -100.69 8.01
N SER D 119 0.70 -100.66 9.32
CA SER D 119 0.03 -101.58 10.25
C SER D 119 -1.41 -101.10 10.41
N VAL D 120 -2.40 -101.98 10.19
CA VAL D 120 -3.82 -101.57 10.04
C VAL D 120 -4.68 -102.16 11.15
N PHE D 121 -5.50 -101.31 11.80
CA PHE D 121 -6.36 -101.68 12.92
C PHE D 121 -7.74 -101.02 12.80
N ILE D 122 -8.72 -101.56 13.52
CA ILE D 122 -10.04 -100.96 13.76
C ILE D 122 -10.39 -101.12 15.25
N PHE D 123 -11.16 -100.19 15.80
CA PHE D 123 -11.57 -100.21 17.20
C PHE D 123 -13.09 -100.31 17.31
N PRO D 124 -13.64 -101.34 17.98
CA PRO D 124 -15.01 -101.31 18.45
C PRO D 124 -15.16 -100.19 19.49
N PRO D 125 -16.16 -99.28 19.37
CA PRO D 125 -16.39 -98.25 20.39
C PRO D 125 -16.63 -98.83 21.78
N SER D 126 -16.10 -98.17 22.80
CA SER D 126 -16.26 -98.56 24.22
C SER D 126 -17.73 -98.50 24.69
N GLU D 127 -18.10 -99.30 25.70
CA GLU D 127 -19.52 -99.42 26.10
C GLU D 127 -20.17 -98.08 26.52
N ASP D 128 -19.41 -97.21 27.17
CA ASP D 128 -19.85 -95.85 27.53
C ASP D 128 -20.06 -94.97 26.29
N GLN D 129 -19.27 -95.15 25.25
CA GLN D 129 -19.49 -94.53 23.95
C GLN D 129 -20.66 -95.18 23.19
N VAL D 130 -20.85 -96.50 23.29
CA VAL D 130 -21.94 -97.26 22.65
C VAL D 130 -23.32 -96.80 23.13
N LYS D 131 -23.47 -96.41 24.39
CA LYS D 131 -24.71 -95.79 24.91
C LYS D 131 -24.85 -94.30 24.57
N SER D 132 -23.73 -93.59 24.34
CA SER D 132 -23.71 -92.15 24.08
C SER D 132 -24.38 -91.77 22.76
N GLY D 133 -25.02 -90.61 22.70
CA GLY D 133 -25.89 -90.20 21.57
C GLY D 133 -25.21 -90.05 20.20
N THR D 134 -23.89 -89.92 20.16
CA THR D 134 -23.06 -90.07 18.95
C THR D 134 -21.87 -91.00 19.22
N VAL D 135 -21.48 -91.76 18.20
CA VAL D 135 -20.47 -92.82 18.31
C VAL D 135 -19.44 -92.67 17.19
N SER D 136 -18.15 -92.61 17.55
CA SER D 136 -17.03 -92.64 16.61
C SER D 136 -16.50 -94.06 16.47
N VAL D 137 -16.81 -94.71 15.35
CA VAL D 137 -16.11 -95.93 14.93
C VAL D 137 -14.77 -95.52 14.30
N VAL D 138 -13.67 -96.20 14.63
CA VAL D 138 -12.31 -95.69 14.33
C VAL D 138 -11.38 -96.72 13.70
N CYS D 139 -10.55 -96.26 12.77
CA CYS D 139 -9.55 -97.05 12.04
C CYS D 139 -8.18 -96.37 12.13
N LEU D 140 -7.11 -97.16 12.23
CA LEU D 140 -5.71 -96.70 12.33
C LEU D 140 -4.88 -97.34 11.23
N LEU D 141 -4.13 -96.50 10.53
CA LEU D 141 -3.03 -96.88 9.64
C LEU D 141 -1.74 -96.38 10.30
N ASN D 142 -0.76 -97.25 10.56
CA ASN D 142 0.40 -96.88 11.36
C ASN D 142 1.74 -97.07 10.64
N ASN D 143 2.64 -96.11 10.83
CA ASN D 143 4.02 -96.10 10.35
C ASN D 143 4.19 -96.57 8.89
N PHE D 144 3.44 -95.97 7.97
CA PHE D 144 3.48 -96.19 6.53
C PHE D 144 4.28 -95.11 5.78
N TYR D 145 4.66 -95.33 4.52
CA TYR D 145 5.26 -94.28 3.70
C TYR D 145 4.87 -94.39 2.23
N PRO D 146 4.67 -93.29 1.48
CA PRO D 146 4.69 -91.89 1.90
C PRO D 146 3.41 -91.44 2.64
N ARG D 147 3.31 -90.14 2.95
CA ARG D 147 2.27 -89.50 3.80
C ARG D 147 0.84 -89.71 3.32
N GLU D 148 0.62 -89.74 2.01
CA GLU D 148 -0.71 -89.64 1.42
C GLU D 148 -1.54 -90.92 1.63
N ALA D 149 -2.46 -90.87 2.59
CA ALA D 149 -3.32 -91.97 3.00
C ALA D 149 -4.72 -91.49 3.42
N SER D 150 -5.71 -92.39 3.41
CA SER D 150 -7.08 -92.19 3.88
C SER D 150 -7.78 -93.57 4.08
N VAL D 151 -8.99 -93.59 4.60
CA VAL D 151 -9.78 -94.80 4.82
C VAL D 151 -11.12 -94.72 4.09
N LYS D 152 -11.63 -95.88 3.62
CA LYS D 152 -12.99 -96.06 3.13
C LYS D 152 -13.79 -96.82 4.17
N TRP D 153 -15.00 -96.35 4.48
CA TRP D 153 -15.80 -96.89 5.58
C TRP D 153 -16.92 -97.80 5.09
N LYS D 154 -17.04 -98.97 5.71
CA LYS D 154 -17.98 -100.04 5.37
C LYS D 154 -18.64 -100.62 6.63
N VAL D 155 -19.81 -101.23 6.46
CA VAL D 155 -20.48 -102.04 7.49
C VAL D 155 -21.30 -103.15 6.83
N ASP D 156 -21.43 -104.31 7.45
CA ASP D 156 -22.21 -105.44 6.92
C ASP D 156 -21.75 -105.84 5.48
N GLY D 157 -20.51 -105.52 5.11
CA GLY D 157 -19.93 -105.72 3.76
C GLY D 157 -20.28 -104.65 2.71
N VAL D 158 -20.87 -103.52 3.10
CA VAL D 158 -21.41 -102.45 2.22
C VAL D 158 -20.87 -101.07 2.63
N LEU D 159 -20.77 -100.11 1.70
CA LEU D 159 -20.29 -98.75 2.00
C LEU D 159 -21.13 -98.04 3.10
N LYS D 160 -20.44 -97.27 3.96
CA LYS D 160 -20.94 -96.67 5.21
C LYS D 160 -20.25 -95.32 5.47
N THR D 161 -20.20 -94.49 4.44
CA THR D 161 -19.55 -93.18 4.43
C THR D 161 -20.47 -92.06 4.95
N GLY D 162 -19.88 -90.93 5.32
CA GLY D 162 -20.54 -89.85 6.06
C GLY D 162 -19.53 -89.03 6.87
N ASN D 163 -19.67 -89.00 8.20
CA ASN D 163 -18.78 -88.27 9.11
C ASN D 163 -17.43 -88.96 9.37
N SER D 164 -16.71 -89.42 8.34
CA SER D 164 -15.38 -90.04 8.47
C SER D 164 -14.26 -89.00 8.69
N GLN D 165 -14.16 -88.42 9.89
CA GLN D 165 -13.17 -87.38 10.18
C GLN D 165 -11.76 -87.98 10.28
N GLU D 166 -10.74 -87.34 9.69
CA GLU D 166 -9.37 -87.87 9.60
C GLU D 166 -8.31 -86.90 10.11
N SER D 167 -7.26 -87.45 10.70
CA SER D 167 -6.07 -86.73 11.16
C SER D 167 -4.82 -87.58 10.96
N VAL D 168 -3.67 -86.93 10.77
CA VAL D 168 -2.40 -87.57 10.34
C VAL D 168 -1.22 -87.04 11.13
N THR D 169 -0.18 -87.86 11.25
CA THR D 169 1.10 -87.44 11.84
C THR D 169 1.87 -86.53 10.89
N GLU D 170 2.80 -85.75 11.44
CA GLU D 170 3.94 -85.28 10.67
C GLU D 170 4.89 -86.46 10.36
N GLN D 171 5.95 -86.28 9.57
CA GLN D 171 6.91 -87.33 9.29
C GLN D 171 7.56 -87.85 10.58
N ASP D 172 7.56 -89.16 10.77
CA ASP D 172 7.97 -89.84 11.99
C ASP D 172 9.47 -89.60 12.29
N SER D 173 9.78 -89.08 13.48
CA SER D 173 11.14 -88.71 13.88
C SER D 173 12.04 -89.91 14.19
N LYS D 174 11.49 -91.12 14.35
CA LYS D 174 12.20 -92.37 14.65
C LYS D 174 12.50 -93.17 13.38
N ASP D 175 11.57 -93.21 12.42
CA ASP D 175 11.70 -94.05 11.21
C ASP D 175 11.26 -93.38 9.90
N ASN D 176 10.86 -92.12 9.93
CA ASN D 176 10.52 -91.30 8.77
C ASN D 176 9.29 -91.76 7.96
N THR D 177 8.50 -92.71 8.49
CA THR D 177 7.15 -93.04 8.00
C THR D 177 6.10 -92.03 8.50
N TYR D 178 4.81 -92.36 8.44
CA TYR D 178 3.66 -91.55 8.87
C TYR D 178 2.56 -92.44 9.42
N SER D 179 1.61 -91.88 10.17
CA SER D 179 0.42 -92.60 10.62
C SER D 179 -0.84 -91.76 10.43
N LEU D 180 -2.00 -92.40 10.43
CA LEU D 180 -3.32 -91.81 10.20
C LEU D 180 -4.38 -92.44 11.09
N SER D 181 -5.33 -91.65 11.56
CA SER D 181 -6.58 -92.15 12.15
C SER D 181 -7.79 -91.59 11.40
N SER D 182 -8.83 -92.42 11.32
CA SER D 182 -10.08 -92.15 10.63
C SER D 182 -11.24 -92.49 11.54
N THR D 183 -12.25 -91.62 11.59
CA THR D 183 -13.09 -91.42 12.79
C THR D 183 -14.56 -91.21 12.40
N LEU D 184 -15.22 -92.29 11.99
CA LEU D 184 -16.60 -92.31 11.51
C LEU D 184 -17.60 -92.02 12.64
N THR D 185 -18.08 -90.78 12.72
CA THR D 185 -18.85 -90.28 13.87
C THR D 185 -20.36 -90.23 13.59
N LEU D 186 -21.02 -91.36 13.80
CA LEU D 186 -22.46 -91.58 13.55
C LEU D 186 -23.34 -91.08 14.70
N SER D 187 -24.62 -90.84 14.45
CA SER D 187 -25.63 -90.85 15.52
C SER D 187 -25.73 -92.25 16.15
N ASN D 188 -26.24 -92.36 17.39
CA ASN D 188 -26.42 -93.67 18.02
C ASN D 188 -27.32 -94.58 17.16
N THR D 189 -28.37 -94.02 16.56
CA THR D 189 -29.26 -94.74 15.65
C THR D 189 -28.52 -95.29 14.43
N ASP D 190 -27.80 -94.45 13.68
CA ASP D 190 -27.09 -94.90 12.48
C ASP D 190 -25.90 -95.84 12.85
N TYR D 191 -25.35 -95.73 14.05
CA TYR D 191 -24.43 -96.73 14.58
C TYR D 191 -25.10 -98.08 14.87
N GLN D 192 -26.20 -98.08 15.63
CA GLN D 192 -26.96 -99.28 15.99
C GLN D 192 -27.70 -99.91 14.79
N SER D 193 -27.86 -99.16 13.69
CA SER D 193 -28.48 -99.61 12.44
C SER D 193 -27.75 -100.77 11.75
N HIS D 194 -26.45 -100.95 11.98
CA HIS D 194 -25.59 -101.89 11.24
C HIS D 194 -24.47 -102.47 12.12
N ASN D 195 -23.84 -103.58 11.72
CA ASN D 195 -23.22 -104.50 12.67
C ASN D 195 -21.72 -104.76 12.42
N VAL D 196 -21.37 -105.29 11.25
CA VAL D 196 -19.99 -105.69 10.92
C VAL D 196 -19.20 -104.49 10.38
N TYR D 197 -18.84 -103.57 11.26
CA TYR D 197 -18.09 -102.38 10.87
C TYR D 197 -16.71 -102.76 10.35
N ALA D 198 -16.33 -102.15 9.23
CA ALA D 198 -15.13 -102.46 8.48
C ALA D 198 -14.50 -101.17 7.92
N CYS D 199 -13.17 -101.14 7.84
CA CYS D 199 -12.43 -100.00 7.31
C CYS D 199 -11.34 -100.47 6.33
N GLU D 200 -11.21 -99.77 5.21
CA GLU D 200 -10.36 -100.15 4.07
C GLU D 200 -9.29 -99.09 3.78
N VAL D 201 -8.03 -99.53 3.63
CA VAL D 201 -6.88 -98.68 3.28
C VAL D 201 -7.05 -98.00 1.92
N THR D 202 -6.79 -96.70 1.90
CA THR D 202 -6.32 -95.92 0.74
C THR D 202 -4.91 -95.43 1.06
N HIS D 203 -3.88 -95.76 0.28
CA HIS D 203 -2.50 -95.28 0.52
C HIS D 203 -1.73 -95.12 -0.78
N GLN D 204 -0.95 -94.06 -0.92
CA GLN D 204 -0.07 -93.83 -2.08
C GLN D 204 1.10 -94.84 -2.17
N GLY D 205 1.52 -95.43 -1.05
CA GLY D 205 2.56 -96.46 -0.99
C GLY D 205 1.99 -97.85 -1.25
N LEU D 206 1.70 -98.59 -0.17
CA LEU D 206 0.96 -99.85 -0.24
C LEU D 206 -0.53 -99.60 -0.48
N SER D 207 -0.88 -99.32 -1.74
CA SER D 207 -2.25 -99.02 -2.19
C SER D 207 -3.27 -100.17 -2.09
N SER D 208 -2.90 -101.30 -1.49
CA SER D 208 -3.76 -102.48 -1.39
C SER D 208 -5.00 -102.21 -0.52
N PRO D 209 -6.19 -102.75 -0.85
CA PRO D 209 -7.44 -102.59 -0.09
C PRO D 209 -7.48 -103.39 1.23
N VAL D 210 -6.42 -103.28 2.03
CA VAL D 210 -6.32 -103.94 3.35
C VAL D 210 -7.53 -103.51 4.18
N THR D 211 -8.32 -104.49 4.62
CA THR D 211 -9.56 -104.24 5.34
C THR D 211 -9.52 -104.94 6.70
N LYS D 212 -9.86 -104.21 7.76
CA LYS D 212 -9.98 -104.74 9.13
C LYS D 212 -11.39 -104.46 9.64
N SER D 213 -11.96 -105.35 10.44
CA SER D 213 -13.38 -105.31 10.79
C SER D 213 -13.70 -105.93 12.16
N PHE D 214 -14.85 -105.58 12.71
CA PHE D 214 -15.39 -106.11 13.96
C PHE D 214 -16.92 -106.18 13.88
N ASN D 215 -17.58 -106.94 14.75
CA ASN D 215 -19.05 -106.94 14.88
C ASN D 215 -19.51 -106.19 16.16
N ARG D 216 -20.46 -105.27 16.00
CA ARG D 216 -20.94 -104.32 17.02
C ARG D 216 -21.48 -105.01 18.29
N GLY D 217 -21.13 -104.46 19.45
CA GLY D 217 -21.60 -104.98 20.75
C GLY D 217 -21.01 -106.36 21.11
N GLU E 2 43.44 4.75 -70.87
CA GLU E 2 43.00 5.38 -69.60
C GLU E 2 43.14 4.41 -68.42
N ASN E 3 43.29 4.94 -67.21
CA ASN E 3 43.28 4.15 -65.97
C ASN E 3 42.42 4.84 -64.91
N LEU E 4 41.84 4.08 -63.98
CA LEU E 4 40.82 4.53 -63.05
C LEU E 4 41.33 4.46 -61.61
N TRP E 5 40.82 5.34 -60.76
CA TRP E 5 41.21 5.52 -59.36
C TRP E 5 39.97 5.69 -58.48
N VAL E 6 40.03 5.30 -57.22
CA VAL E 6 38.96 5.53 -56.24
C VAL E 6 38.80 7.01 -55.93
N THR E 7 37.56 7.49 -55.94
CA THR E 7 37.14 8.69 -55.20
C THR E 7 36.11 8.30 -54.16
N VAL E 8 36.10 8.99 -53.02
CA VAL E 8 35.10 8.82 -51.95
C VAL E 8 34.11 9.97 -51.95
N TYR E 9 32.82 9.65 -51.84
CA TYR E 9 31.70 10.57 -51.89
C TYR E 9 30.90 10.50 -50.60
N TYR E 10 30.84 11.59 -49.84
CA TYR E 10 29.93 11.67 -48.69
C TYR E 10 28.52 12.08 -49.12
N GLY E 11 27.55 11.91 -48.23
CA GLY E 11 26.17 12.38 -48.45
C GLY E 11 25.33 11.70 -49.55
N VAL E 12 25.84 10.72 -50.30
CA VAL E 12 25.10 10.13 -51.44
C VAL E 12 23.82 9.44 -51.00
N PRO E 13 22.73 9.52 -51.79
CA PRO E 13 21.44 8.96 -51.40
C PRO E 13 21.37 7.45 -51.64
N VAL E 14 21.73 6.65 -50.64
CA VAL E 14 21.46 5.21 -50.62
C VAL E 14 21.02 4.81 -49.22
N TRP E 15 20.36 3.66 -49.12
CA TRP E 15 19.67 3.26 -47.90
C TRP E 15 19.51 1.76 -47.74
N LYS E 16 19.14 1.34 -46.54
CA LYS E 16 18.93 -0.05 -46.14
C LYS E 16 17.82 -0.14 -45.09
N GLU E 17 17.10 -1.24 -45.00
CA GLU E 17 16.07 -1.44 -43.99
C GLU E 17 16.67 -1.67 -42.60
N ALA E 18 16.06 -1.11 -41.57
CA ALA E 18 16.47 -1.32 -40.18
C ALA E 18 15.30 -1.16 -39.22
N LYS E 19 15.38 -1.84 -38.06
CA LYS E 19 14.56 -1.54 -36.89
C LYS E 19 15.15 -0.32 -36.18
N THR E 20 14.36 0.72 -35.96
CA THR E 20 14.77 1.89 -35.17
C THR E 20 13.56 2.42 -34.40
N THR E 21 13.76 2.99 -33.21
CA THR E 21 12.65 3.48 -32.39
C THR E 21 12.08 4.76 -32.97
N LEU E 22 10.94 4.70 -33.63
CA LEU E 22 10.22 5.92 -34.02
C LEU E 22 9.73 6.67 -32.79
N PHE E 23 9.42 7.94 -32.93
CA PHE E 23 8.83 8.73 -31.85
C PHE E 23 7.49 9.34 -32.27
N CYS E 24 6.56 9.48 -31.33
CA CYS E 24 5.23 10.01 -31.62
C CYS E 24 5.21 11.53 -31.49
N ALA E 25 4.50 12.17 -32.41
CA ALA E 25 4.44 13.60 -32.61
C ALA E 25 2.98 14.01 -32.79
N SER E 26 2.57 15.06 -32.11
CA SER E 26 1.17 15.50 -32.02
C SER E 26 0.80 16.50 -33.12
N ASP E 27 -0.44 16.98 -33.12
CA ASP E 27 -0.85 18.21 -33.80
C ASP E 27 -0.69 19.47 -32.92
N ALA E 28 -0.08 19.32 -31.74
CA ALA E 28 0.02 20.28 -30.65
C ALA E 28 -1.30 20.86 -30.09
N ARG E 29 -2.49 20.43 -30.53
CA ARG E 29 -3.76 21.07 -30.11
C ARG E 29 -4.08 20.87 -28.63
N ALA E 30 -3.71 19.71 -28.09
CA ALA E 30 -3.93 19.35 -26.69
C ALA E 30 -2.94 19.97 -25.68
N TYR E 31 -1.90 20.71 -26.11
CA TYR E 31 -0.75 21.07 -25.25
C TYR E 31 -0.99 22.28 -24.33
N GLU E 32 -2.26 22.61 -24.11
CA GLU E 32 -2.72 23.24 -22.87
C GLU E 32 -2.67 22.19 -21.72
N LYS E 33 -3.53 22.29 -20.70
CA LYS E 33 -3.70 21.24 -19.68
C LYS E 33 -3.88 19.82 -20.25
N GLU E 34 -4.49 19.69 -21.42
CA GLU E 34 -4.97 18.40 -21.94
C GLU E 34 -3.89 17.39 -22.35
N VAL E 35 -2.63 17.76 -22.60
CA VAL E 35 -1.56 16.82 -23.03
C VAL E 35 -1.41 15.65 -22.07
N HIS E 36 -1.51 15.92 -20.76
CA HIS E 36 -1.43 14.90 -19.71
C HIS E 36 -2.79 14.26 -19.37
N ASN E 37 -3.89 14.85 -19.83
CA ASN E 37 -5.23 14.27 -19.70
C ASN E 37 -5.53 13.27 -20.82
N VAL E 38 -5.15 13.59 -22.06
CA VAL E 38 -5.43 12.73 -23.20
C VAL E 38 -4.51 11.52 -23.14
N TRP E 39 -5.09 10.35 -22.95
CA TRP E 39 -4.40 9.08 -23.19
C TRP E 39 -3.98 9.01 -24.66
N ALA E 40 -2.84 8.37 -24.95
CA ALA E 40 -2.21 8.41 -26.28
C ALA E 40 -1.89 9.85 -26.74
N THR E 41 -1.31 10.69 -25.88
CA THR E 41 -0.73 11.99 -26.24
C THR E 41 0.38 12.44 -25.29
N HIS E 42 0.30 12.13 -23.99
CA HIS E 42 1.26 12.61 -22.98
C HIS E 42 2.74 12.22 -23.23
N ALA E 43 2.98 11.15 -23.99
CA ALA E 43 4.33 10.75 -24.42
C ALA E 43 4.92 11.60 -25.57
N CYS E 44 4.07 12.23 -26.37
CA CYS E 44 4.44 12.74 -27.70
C CYS E 44 4.99 14.17 -27.68
N VAL E 45 5.68 14.52 -28.76
CA VAL E 45 6.25 15.87 -28.96
C VAL E 45 5.16 16.87 -29.37
N PRO E 46 5.15 18.11 -28.85
CA PRO E 46 4.33 19.20 -29.40
C PRO E 46 4.85 19.62 -30.78
N THR E 47 4.04 19.50 -31.83
CA THR E 47 4.52 19.63 -33.22
C THR E 47 3.49 20.12 -34.23
N ASP E 48 3.98 20.68 -35.34
CA ASP E 48 3.33 20.83 -36.65
C ASP E 48 4.03 19.89 -37.67
N PRO E 49 3.84 18.56 -37.59
CA PRO E 49 4.68 17.57 -38.26
C PRO E 49 4.27 17.37 -39.75
N SER E 50 3.99 18.46 -40.46
CA SER E 50 3.25 18.44 -41.74
C SER E 50 4.02 17.64 -42.82
N PRO E 51 3.47 16.53 -43.33
CA PRO E 51 4.20 15.60 -44.19
C PRO E 51 4.75 16.25 -45.46
N GLN E 52 6.00 15.91 -45.78
CA GLN E 52 6.81 16.52 -46.82
C GLN E 52 6.49 15.96 -48.21
N GLU E 53 6.90 16.69 -49.24
CA GLU E 53 6.30 16.62 -50.59
C GLU E 53 7.08 15.74 -51.58
N LEU E 54 8.08 15.02 -51.08
CA LEU E 54 9.21 14.52 -51.86
C LEU E 54 8.87 13.24 -52.61
N VAL E 55 8.21 13.38 -53.76
CA VAL E 55 8.10 12.30 -54.76
C VAL E 55 9.49 11.93 -55.27
N LEU E 56 9.92 10.67 -55.11
CA LEU E 56 11.29 10.26 -55.43
C LEU E 56 11.55 9.98 -56.93
N GLY E 57 10.58 10.18 -57.80
CA GLY E 57 10.77 9.95 -59.24
C GLY E 57 11.04 8.48 -59.57
N ASN E 58 12.09 8.20 -60.33
CA ASN E 58 12.35 6.90 -60.96
C ASN E 58 12.68 5.74 -60.00
N VAL E 59 12.62 5.95 -58.69
CA VAL E 59 12.68 4.89 -57.65
C VAL E 59 11.50 3.91 -57.80
N THR E 60 11.73 2.63 -57.49
CA THR E 60 10.67 1.67 -57.10
C THR E 60 11.12 0.89 -55.87
N GLU E 61 10.25 0.68 -54.89
CA GLU E 61 10.63 0.15 -53.57
C GLU E 61 9.72 -0.99 -53.12
N ASN E 62 10.26 -2.02 -52.47
CA ASN E 62 9.50 -3.19 -52.00
C ASN E 62 8.99 -3.01 -50.57
N PHE E 63 7.71 -2.64 -50.42
CA PHE E 63 7.04 -2.54 -49.12
C PHE E 63 6.64 -3.91 -48.58
N ASN E 64 6.30 -3.96 -47.29
CA ASN E 64 5.55 -5.08 -46.72
C ASN E 64 4.53 -4.59 -45.69
N MET E 65 3.30 -5.10 -45.74
CA MET E 65 2.26 -4.78 -44.77
C MET E 65 2.33 -5.63 -43.50
N TRP E 66 2.51 -6.94 -43.59
CA TRP E 66 2.37 -7.83 -42.43
C TRP E 66 3.64 -8.05 -41.62
N LYS E 67 4.81 -8.01 -42.24
CA LYS E 67 6.09 -8.18 -41.54
C LYS E 67 6.58 -6.91 -40.82
N ASN E 68 5.85 -5.81 -40.97
CA ASN E 68 6.30 -4.47 -40.58
C ASN E 68 6.47 -4.31 -39.07
N ASP E 69 7.70 -4.02 -38.61
CA ASP E 69 8.00 -3.89 -37.18
C ASP E 69 7.29 -2.70 -36.53
N MET E 70 7.07 -1.63 -37.29
CA MET E 70 6.43 -0.39 -36.84
C MET E 70 5.08 -0.62 -36.14
N VAL E 71 4.31 -1.62 -36.56
CA VAL E 71 3.06 -2.02 -35.91
C VAL E 71 3.30 -2.55 -34.50
N ASP E 72 4.36 -3.32 -34.26
CA ASP E 72 4.70 -3.69 -32.89
C ASP E 72 5.24 -2.52 -32.07
N GLN E 73 5.92 -1.54 -32.67
CA GLN E 73 6.34 -0.34 -31.91
C GLN E 73 5.11 0.42 -31.43
N MET E 74 4.12 0.59 -32.31
CA MET E 74 2.82 1.15 -31.96
C MET E 74 2.19 0.38 -30.80
N HIS E 75 2.08 -0.93 -30.93
CA HIS E 75 1.50 -1.80 -29.92
C HIS E 75 2.18 -1.68 -28.55
N GLU E 76 3.52 -1.72 -28.49
CA GLU E 76 4.25 -1.59 -27.25
C GLU E 76 4.11 -0.19 -26.63
N ASP E 77 4.20 0.87 -27.45
CA ASP E 77 4.02 2.22 -26.94
C ASP E 77 2.62 2.40 -26.35
N ILE E 78 1.58 1.89 -27.01
CA ILE E 78 0.21 1.93 -26.51
C ILE E 78 0.09 1.22 -25.15
N ILE E 79 0.54 -0.03 -25.06
CA ILE E 79 0.40 -0.81 -23.83
C ILE E 79 1.15 -0.15 -22.69
N SER E 80 2.40 0.22 -22.91
CA SER E 80 3.22 0.84 -21.88
C SER E 80 2.66 2.20 -21.45
N LEU E 81 2.05 2.98 -22.36
CA LEU E 81 1.44 4.26 -22.02
C LEU E 81 0.12 4.11 -21.25
N TRP E 82 -0.75 3.18 -21.64
CA TRP E 82 -1.94 2.84 -20.87
C TRP E 82 -1.54 2.49 -19.44
N ASP E 83 -0.65 1.52 -19.28
CA ASP E 83 -0.20 1.05 -17.99
C ASP E 83 0.41 2.18 -17.14
N GLN E 84 1.29 2.99 -17.72
CA GLN E 84 1.80 4.22 -17.10
C GLN E 84 0.69 5.15 -16.61
N SER E 85 -0.32 5.43 -17.43
CA SER E 85 -1.36 6.41 -17.08
C SER E 85 -2.30 5.95 -15.96
N LEU E 86 -2.37 4.64 -15.69
CA LEU E 86 -3.14 4.09 -14.57
C LEU E 86 -2.42 4.20 -13.22
N LYS E 87 -1.09 4.18 -13.19
CA LYS E 87 -0.33 4.04 -11.93
C LYS E 87 -0.65 5.06 -10.81
N PRO E 88 -0.97 6.35 -11.05
CA PRO E 88 -1.30 7.27 -9.97
C PRO E 88 -2.73 7.14 -9.43
N CYS E 89 -3.59 6.31 -10.04
CA CYS E 89 -5.03 6.32 -9.74
C CYS E 89 -5.48 5.36 -8.63
N VAL E 90 -6.69 5.58 -8.10
CA VAL E 90 -7.28 4.85 -6.96
C VAL E 90 -7.39 3.35 -7.20
N LYS E 91 -7.03 2.49 -6.22
CA LYS E 91 -7.24 1.05 -6.30
C LYS E 91 -8.48 0.61 -5.54
N LEU E 92 -9.27 -0.29 -6.11
CA LEU E 92 -10.56 -0.70 -5.55
C LEU E 92 -10.44 -1.86 -4.54
N THR E 93 -9.27 -2.13 -3.96
CA THR E 93 -9.07 -3.15 -2.92
C THR E 93 -10.05 -3.06 -1.75
N PRO E 94 -10.37 -1.88 -1.18
CA PRO E 94 -11.36 -1.76 -0.12
C PRO E 94 -12.74 -2.28 -0.50
N LEU E 95 -13.09 -2.26 -1.79
CA LEU E 95 -14.43 -2.52 -2.28
C LEU E 95 -14.75 -4.02 -2.43
N CYS E 96 -13.75 -4.90 -2.40
CA CYS E 96 -13.95 -6.36 -2.40
C CYS E 96 -14.58 -6.91 -1.11
N VAL E 97 -15.60 -6.27 -0.55
CA VAL E 97 -16.44 -6.84 0.52
C VAL E 97 -17.57 -7.66 -0.08
N THR E 98 -18.31 -8.40 0.74
CA THR E 98 -19.57 -9.04 0.35
C THR E 98 -20.60 -7.97 -0.03
N LEU E 99 -21.03 -7.94 -1.29
CA LEU E 99 -22.16 -7.13 -1.74
C LEU E 99 -23.47 -7.83 -1.38
N ILE E 100 -24.47 -7.09 -0.90
CA ILE E 100 -25.82 -7.60 -0.70
C ILE E 100 -26.77 -6.91 -1.69
N CYS E 101 -27.46 -7.68 -2.53
CA CYS E 101 -28.10 -7.16 -3.74
C CYS E 101 -29.56 -7.56 -3.94
N SER E 102 -30.29 -6.77 -4.71
CA SER E 102 -31.61 -7.07 -5.26
C SER E 102 -31.73 -6.51 -6.68
N ASP E 103 -32.69 -6.98 -7.47
CA ASP E 103 -32.92 -6.48 -8.84
C ASP E 103 -33.47 -5.05 -8.80
N ALA E 104 -32.97 -4.12 -9.64
CA ALA E 104 -33.23 -2.69 -9.48
C ALA E 104 -34.74 -2.34 -9.48
N THR E 105 -35.51 -2.94 -10.40
CA THR E 105 -36.99 -3.00 -10.35
C THR E 105 -37.50 -4.31 -11.00
N VAL E 106 -36.78 -5.42 -10.77
CA VAL E 106 -37.11 -6.78 -11.28
C VAL E 106 -37.31 -6.77 -12.82
N LYS E 107 -38.41 -7.32 -13.36
CA LYS E 107 -38.87 -7.18 -14.76
C LYS E 107 -37.85 -7.68 -15.81
N THR E 108 -38.04 -7.24 -17.06
CA THR E 108 -37.31 -7.67 -18.27
C THR E 108 -35.79 -7.38 -18.19
N GLY E 109 -34.97 -8.15 -18.91
CA GLY E 109 -33.51 -7.99 -18.95
C GLY E 109 -32.99 -6.60 -19.39
N THR E 110 -33.85 -5.75 -19.98
CA THR E 110 -33.56 -4.34 -20.27
C THR E 110 -33.34 -3.52 -18.99
N VAL E 111 -34.09 -3.80 -17.93
CA VAL E 111 -33.95 -3.20 -16.58
C VAL E 111 -33.17 -4.10 -15.62
N GLU E 112 -33.41 -5.40 -15.64
CA GLU E 112 -32.68 -6.35 -14.79
C GLU E 112 -31.18 -6.45 -15.14
N GLU E 113 -30.73 -5.83 -16.23
CA GLU E 113 -29.33 -5.50 -16.49
C GLU E 113 -28.67 -4.75 -15.31
N MET E 114 -29.43 -4.02 -14.50
CA MET E 114 -28.92 -3.31 -13.33
C MET E 114 -29.29 -4.05 -12.03
N LYS E 115 -28.31 -4.50 -11.25
CA LYS E 115 -28.55 -4.83 -9.83
C LYS E 115 -28.45 -3.57 -8.99
N ASN E 116 -29.17 -3.52 -7.86
CA ASN E 116 -28.95 -2.55 -6.79
C ASN E 116 -28.27 -3.28 -5.63
N CYS E 117 -27.08 -2.84 -5.24
CA CYS E 117 -26.27 -3.52 -4.25
C CYS E 117 -25.82 -2.55 -3.16
N SER E 118 -25.76 -3.03 -1.94
CA SER E 118 -25.30 -2.28 -0.77
C SER E 118 -24.21 -3.02 -0.03
N PHE E 119 -23.36 -2.28 0.67
CA PHE E 119 -22.23 -2.82 1.41
C PHE E 119 -21.80 -1.89 2.57
N ASN E 120 -21.12 -2.43 3.57
CA ASN E 120 -20.34 -1.62 4.50
C ASN E 120 -19.06 -1.14 3.82
N THR E 121 -18.69 0.13 3.99
CA THR E 121 -17.46 0.71 3.45
C THR E 121 -16.69 1.45 4.52
N THR E 122 -15.36 1.47 4.44
CA THR E 122 -14.54 2.18 5.43
C THR E 122 -14.59 3.67 5.17
N THR E 123 -15.05 4.43 6.16
CA THR E 123 -14.95 5.90 6.09
C THR E 123 -13.48 6.33 6.18
N GLU E 124 -13.20 7.62 6.29
CA GLU E 124 -11.86 8.11 6.60
C GLU E 124 -11.40 7.68 8.00
N ILE E 125 -12.33 7.64 8.97
CA ILE E 125 -12.06 7.26 10.34
C ILE E 125 -11.86 5.73 10.39
N ARG E 126 -10.63 5.25 10.53
CA ARG E 126 -10.29 3.83 10.26
C ARG E 126 -11.17 2.82 10.99
N ASP E 127 -11.57 3.09 12.22
CA ASP E 127 -12.42 2.19 13.01
C ASP E 127 -13.90 2.20 12.58
N LYS E 128 -14.37 3.13 11.74
CA LYS E 128 -15.79 3.31 11.42
C LYS E 128 -16.13 2.96 9.98
N GLU E 129 -17.09 2.06 9.83
CA GLU E 129 -17.67 1.69 8.54
C GLU E 129 -19.12 2.16 8.42
N LYS E 130 -19.46 2.65 7.23
CA LYS E 130 -20.74 3.25 6.86
C LYS E 130 -21.44 2.31 5.88
N LYS E 131 -22.74 2.09 6.02
CA LYS E 131 -23.52 1.38 4.99
C LYS E 131 -23.78 2.30 3.81
N GLU E 132 -23.59 1.79 2.60
CA GLU E 132 -23.60 2.58 1.36
C GLU E 132 -24.14 1.72 0.19
N TYR E 133 -24.62 2.32 -0.90
CA TYR E 133 -25.24 1.56 -2.01
C TYR E 133 -24.97 2.12 -3.41
N ALA E 134 -25.05 1.27 -4.43
CA ALA E 134 -24.79 1.59 -5.83
C ALA E 134 -25.57 0.68 -6.80
N LEU E 135 -25.69 1.08 -8.07
CA LEU E 135 -26.14 0.23 -9.15
C LEU E 135 -24.95 -0.31 -9.95
N PHE E 136 -24.99 -1.59 -10.31
CA PHE E 136 -23.95 -2.26 -11.10
C PHE E 136 -24.57 -3.03 -12.27
N TYR E 137 -23.93 -2.99 -13.43
CA TYR E 137 -24.37 -3.80 -14.57
C TYR E 137 -24.07 -5.26 -14.30
N LYS E 138 -24.99 -6.18 -14.62
CA LYS E 138 -24.85 -7.61 -14.28
C LYS E 138 -23.50 -8.25 -14.62
N PRO E 139 -22.80 -7.96 -15.73
CA PRO E 139 -21.50 -8.55 -16.00
C PRO E 139 -20.37 -8.18 -15.02
N ASP E 140 -20.42 -7.02 -14.37
CA ASP E 140 -19.42 -6.61 -13.38
C ASP E 140 -19.53 -7.39 -12.05
N ILE E 141 -20.65 -8.07 -11.84
CA ILE E 141 -21.07 -8.70 -10.58
C ILE E 141 -21.11 -10.21 -10.75
N VAL E 142 -20.69 -10.98 -9.75
CA VAL E 142 -20.72 -12.45 -9.79
C VAL E 142 -21.21 -13.04 -8.48
N PRO E 143 -22.02 -14.12 -8.48
CA PRO E 143 -22.64 -14.64 -7.27
C PRO E 143 -21.60 -15.25 -6.36
N LEU E 144 -21.62 -14.87 -5.08
CA LEU E 144 -20.71 -15.46 -4.11
C LEU E 144 -21.15 -16.90 -3.84
N SER E 145 -20.19 -17.82 -3.75
CA SER E 145 -20.42 -19.21 -3.34
C SER E 145 -20.52 -19.32 -1.79
N GLU E 146 -20.54 -20.54 -1.24
CA GLU E 146 -20.69 -20.81 0.19
C GLU E 146 -21.97 -20.20 0.82
N THR E 147 -23.06 -20.17 0.05
CA THR E 147 -24.37 -19.66 0.51
C THR E 147 -25.52 -20.35 -0.23
N ASN E 148 -26.73 -20.27 0.33
CA ASN E 148 -27.96 -20.93 -0.18
C ASN E 148 -28.59 -20.20 -1.38
N ASN E 149 -27.79 -19.91 -2.43
CA ASN E 149 -28.20 -19.23 -3.67
C ASN E 149 -28.87 -17.86 -3.39
N THR E 150 -28.21 -17.07 -2.55
CA THR E 150 -28.73 -15.86 -1.93
C THR E 150 -28.37 -14.59 -2.71
N SER E 151 -28.82 -13.46 -2.17
CA SER E 151 -28.45 -12.08 -2.49
C SER E 151 -26.99 -11.69 -2.19
N GLU E 152 -26.06 -12.63 -2.00
CA GLU E 152 -24.65 -12.33 -1.72
C GLU E 152 -23.80 -12.39 -3.00
N TYR E 153 -23.04 -11.33 -3.26
CA TYR E 153 -22.27 -11.16 -4.49
C TYR E 153 -20.88 -10.59 -4.23
N ARG E 154 -20.02 -10.59 -5.25
CA ARG E 154 -18.75 -9.87 -5.27
C ARG E 154 -18.50 -9.25 -6.64
N LEU E 155 -17.53 -8.34 -6.71
CA LEU E 155 -17.03 -7.86 -8.01
C LEU E 155 -16.31 -8.99 -8.75
N ILE E 156 -16.41 -8.99 -10.07
CA ILE E 156 -15.85 -10.05 -10.93
C ILE E 156 -14.34 -10.27 -10.73
N ASN E 157 -13.56 -9.22 -10.45
CA ASN E 157 -12.09 -9.30 -10.45
C ASN E 157 -11.42 -9.59 -9.10
N CYS E 158 -12.15 -9.67 -7.98
CA CYS E 158 -11.51 -9.86 -6.66
C CYS E 158 -10.69 -11.15 -6.54
N ASN E 159 -10.96 -12.20 -7.33
CA ASN E 159 -10.21 -13.46 -7.34
C ASN E 159 -9.16 -13.54 -8.44
N THR E 160 -8.75 -12.41 -9.04
CA THR E 160 -7.66 -12.36 -10.02
C THR E 160 -6.71 -11.19 -9.81
N SER E 161 -7.21 -9.98 -9.53
CA SER E 161 -6.41 -8.75 -9.50
C SER E 161 -7.24 -7.56 -9.03
N ALA E 162 -6.67 -6.62 -8.28
CA ALA E 162 -7.39 -5.41 -7.90
C ALA E 162 -7.31 -4.37 -9.03
N CYS E 163 -8.44 -4.03 -9.66
CA CYS E 163 -8.42 -3.06 -10.76
C CYS E 163 -8.35 -1.63 -10.22
N THR E 164 -7.56 -0.77 -10.87
CA THR E 164 -7.60 0.69 -10.65
C THR E 164 -8.86 1.30 -11.22
N GLN E 165 -9.50 2.22 -10.53
CA GLN E 165 -10.41 3.15 -11.18
C GLN E 165 -9.60 4.08 -12.07
N ALA E 166 -10.02 4.30 -13.31
CA ALA E 166 -9.38 5.28 -14.16
C ALA E 166 -9.64 6.69 -13.63
N CYS E 167 -8.59 7.50 -13.43
CA CYS E 167 -8.72 8.86 -12.93
C CYS E 167 -9.68 9.69 -13.81
N PRO E 168 -10.62 10.48 -13.27
CA PRO E 168 -11.66 11.14 -14.06
C PRO E 168 -11.11 12.26 -14.98
N LYS E 169 -9.94 12.83 -14.69
CA LYS E 169 -9.28 13.77 -15.63
C LYS E 169 -8.80 13.11 -16.92
N VAL E 170 -8.53 11.80 -16.92
CA VAL E 170 -7.99 11.07 -18.07
C VAL E 170 -9.09 10.90 -19.12
N THR E 171 -8.77 11.19 -20.37
CA THR E 171 -9.69 11.13 -21.51
C THR E 171 -9.17 10.15 -22.56
N PHE E 172 -9.96 9.14 -22.93
CA PHE E 172 -9.55 8.09 -23.87
C PHE E 172 -9.67 8.49 -25.35
N GLU E 173 -10.13 9.70 -25.65
CA GLU E 173 -10.48 10.10 -27.00
C GLU E 173 -9.29 9.91 -27.99
N PRO E 174 -9.48 9.24 -29.14
CA PRO E 174 -8.46 9.05 -30.17
C PRO E 174 -7.99 10.32 -30.91
N ILE E 175 -7.25 11.18 -30.20
CA ILE E 175 -6.50 12.30 -30.80
C ILE E 175 -5.38 11.75 -31.70
N PRO E 176 -5.21 12.23 -32.94
CA PRO E 176 -4.27 11.64 -33.89
C PRO E 176 -2.80 11.75 -33.49
N ILE E 177 -2.07 10.68 -33.74
CA ILE E 177 -0.62 10.55 -33.61
C ILE E 177 0.02 10.60 -35.00
N HIS E 178 1.10 11.35 -35.15
CA HIS E 178 2.03 11.24 -36.25
C HIS E 178 3.25 10.47 -35.74
N TYR E 179 3.71 9.41 -36.40
CA TYR E 179 5.02 8.84 -36.09
C TYR E 179 6.09 9.52 -36.94
N CYS E 180 7.27 9.78 -36.38
CA CYS E 180 8.38 10.42 -37.07
C CYS E 180 9.66 9.59 -37.03
N ALA E 181 10.43 9.63 -38.12
CA ALA E 181 11.76 9.04 -38.21
C ALA E 181 12.81 9.87 -37.47
N PRO E 182 13.70 9.26 -36.69
CA PRO E 182 14.83 9.96 -36.08
C PRO E 182 15.83 10.44 -37.13
N ALA E 183 16.78 11.29 -36.74
CA ALA E 183 17.84 11.73 -37.64
C ALA E 183 18.62 10.54 -38.23
N GLY E 184 18.98 10.60 -39.50
CA GLY E 184 19.66 9.49 -40.19
C GLY E 184 18.73 8.37 -40.63
N TYR E 185 17.42 8.51 -40.42
CA TYR E 185 16.39 7.63 -40.98
C TYR E 185 15.32 8.44 -41.73
N ALA E 186 14.66 7.81 -42.68
CA ALA E 186 13.57 8.38 -43.45
C ALA E 186 12.40 7.39 -43.52
N ILE E 187 11.16 7.88 -43.56
CA ILE E 187 10.00 7.02 -43.79
C ILE E 187 9.63 7.13 -45.25
N LEU E 188 9.66 6.03 -45.98
CA LEU E 188 9.11 5.95 -47.32
C LEU E 188 7.62 5.60 -47.24
N LYS E 189 6.83 6.08 -48.20
CA LYS E 189 5.44 5.65 -48.37
C LYS E 189 5.08 5.45 -49.83
N CYS E 190 4.13 4.57 -50.10
CA CYS E 190 3.49 4.44 -51.42
C CYS E 190 2.56 5.62 -51.71
N ASN E 191 2.82 6.36 -52.78
CA ASN E 191 1.76 7.10 -53.48
C ASN E 191 0.96 6.20 -54.43
N ASP E 192 1.48 5.01 -54.74
CA ASP E 192 0.88 4.04 -55.65
C ASP E 192 -0.32 3.29 -55.05
N GLU E 193 -1.46 3.97 -54.90
CA GLU E 193 -2.65 3.42 -54.24
C GLU E 193 -3.46 2.40 -55.07
N THR E 194 -4.36 1.66 -54.39
CA THR E 194 -4.81 0.31 -54.78
C THR E 194 -3.66 -0.71 -54.76
N PHE E 195 -2.78 -0.54 -53.76
CA PHE E 195 -1.70 -1.44 -53.42
C PHE E 195 -2.23 -2.71 -52.72
N ASN E 196 -1.68 -3.86 -53.09
CA ASN E 196 -2.04 -5.18 -52.59
C ASN E 196 -1.40 -5.54 -51.22
N GLY E 197 -0.41 -4.79 -50.72
CA GLY E 197 0.20 -4.98 -49.39
C GLY E 197 1.60 -5.61 -49.40
N THR E 198 2.06 -6.15 -50.53
CA THR E 198 3.44 -6.64 -50.75
C THR E 198 3.89 -6.41 -52.19
N GLY E 199 5.20 -6.47 -52.45
CA GLY E 199 5.78 -6.19 -53.77
C GLY E 199 6.04 -4.70 -54.02
N PRO E 200 6.48 -4.33 -55.23
CA PRO E 200 7.00 -3.01 -55.49
C PRO E 200 5.92 -1.94 -55.65
N CYS E 201 6.16 -0.75 -55.09
CA CYS E 201 5.37 0.45 -55.36
C CYS E 201 6.07 1.31 -56.43
N SER E 202 5.32 1.72 -57.43
CA SER E 202 5.84 2.45 -58.60
C SER E 202 5.98 3.95 -58.40
N ASN E 203 5.38 4.48 -57.34
CA ASN E 203 5.30 5.91 -57.04
C ASN E 203 5.50 6.04 -55.53
N VAL E 204 6.62 6.61 -55.10
CA VAL E 204 7.16 6.54 -53.73
C VAL E 204 7.57 7.92 -53.29
N SER E 205 7.38 8.25 -52.01
CA SER E 205 7.87 9.51 -51.43
C SER E 205 8.56 9.28 -50.10
N THR E 206 9.56 10.09 -49.74
CA THR E 206 9.91 10.22 -48.31
C THR E 206 8.91 11.15 -47.63
N VAL E 207 8.72 10.91 -46.33
CA VAL E 207 8.22 11.87 -45.36
C VAL E 207 9.00 11.67 -44.07
N GLN E 208 9.25 12.74 -43.32
CA GLN E 208 9.87 12.61 -42.01
C GLN E 208 8.87 12.17 -40.94
N CYS E 209 7.58 12.50 -41.13
CA CYS E 209 6.49 12.17 -40.24
C CYS E 209 5.28 11.64 -41.00
N THR E 210 4.60 10.62 -40.48
CA THR E 210 3.38 10.09 -41.08
C THR E 210 2.23 11.08 -41.02
N HIS E 211 1.20 10.86 -41.84
CA HIS E 211 -0.13 11.45 -41.63
C HIS E 211 -0.67 11.13 -40.23
N GLY E 212 -1.72 11.82 -39.80
CA GLY E 212 -2.31 11.63 -38.47
C GLY E 212 -3.12 10.34 -38.37
N ILE E 213 -2.63 9.37 -37.60
CA ILE E 213 -3.27 8.07 -37.35
C ILE E 213 -4.04 8.16 -36.04
N ARG E 214 -5.26 7.65 -35.96
CA ARG E 214 -6.06 7.65 -34.74
C ARG E 214 -5.90 6.31 -34.02
N PRO E 215 -5.55 6.28 -32.73
CA PRO E 215 -5.43 5.04 -31.95
C PRO E 215 -6.80 4.51 -31.51
N VAL E 216 -7.73 4.30 -32.45
CA VAL E 216 -9.03 3.66 -32.20
C VAL E 216 -8.83 2.18 -31.96
N VAL E 217 -9.21 1.68 -30.78
CA VAL E 217 -9.21 0.24 -30.49
C VAL E 217 -10.64 -0.29 -30.47
N SER E 218 -10.84 -1.44 -31.10
CA SER E 218 -12.16 -2.05 -31.34
C SER E 218 -11.99 -3.52 -31.78
N THR E 219 -13.08 -4.17 -32.16
CA THR E 219 -13.08 -5.50 -32.78
C THR E 219 -14.27 -5.61 -33.72
N GLN E 220 -14.25 -6.58 -34.64
CA GLN E 220 -15.25 -6.88 -35.66
C GLN E 220 -15.52 -5.77 -36.70
N LEU E 221 -15.25 -4.51 -36.38
CA LEU E 221 -15.20 -3.36 -37.27
C LEU E 221 -14.08 -2.44 -36.79
N LEU E 222 -13.50 -1.66 -37.68
CA LEU E 222 -12.74 -0.46 -37.35
C LEU E 222 -13.70 0.75 -37.36
N LEU E 223 -13.31 1.91 -36.86
CA LEU E 223 -14.10 3.14 -36.97
C LEU E 223 -13.22 4.36 -37.23
N ASN E 224 -13.75 5.38 -37.89
CA ASN E 224 -13.05 6.60 -38.29
C ASN E 224 -11.75 6.38 -39.11
N GLY E 225 -11.49 5.17 -39.61
CA GLY E 225 -10.28 4.87 -40.39
C GLY E 225 -10.28 5.62 -41.72
N SER E 226 -9.10 5.97 -42.22
CA SER E 226 -8.96 6.62 -43.53
C SER E 226 -9.36 5.65 -44.64
N LEU E 227 -10.08 6.16 -45.65
CA LEU E 227 -10.70 5.31 -46.67
C LEU E 227 -9.69 4.89 -47.75
N ALA E 228 -9.94 3.78 -48.43
CA ALA E 228 -9.16 3.41 -49.61
C ALA E 228 -9.38 4.44 -50.75
N GLU E 229 -8.43 4.57 -51.68
CA GLU E 229 -8.34 5.75 -52.53
C GLU E 229 -9.46 5.87 -53.57
N LYS E 230 -9.76 4.78 -54.28
CA LYS E 230 -10.71 4.77 -55.42
C LYS E 230 -11.68 3.59 -55.42
N GLU E 231 -11.41 2.52 -54.68
CA GLU E 231 -12.14 1.25 -54.77
C GLU E 231 -12.04 0.46 -53.46
N ILE E 232 -12.91 -0.52 -53.20
CA ILE E 232 -12.73 -1.45 -52.09
C ILE E 232 -11.44 -2.25 -52.32
N VAL E 233 -10.61 -2.39 -51.28
CA VAL E 233 -9.34 -3.12 -51.32
C VAL E 233 -9.35 -4.25 -50.32
N ILE E 234 -8.92 -5.43 -50.71
CA ILE E 234 -8.95 -6.61 -49.85
C ILE E 234 -7.52 -7.05 -49.58
N ARG E 235 -7.13 -7.16 -48.32
CA ARG E 235 -5.74 -7.51 -47.95
C ARG E 235 -5.73 -8.70 -47.01
N SER E 236 -4.91 -9.70 -47.26
CA SER E 236 -4.61 -10.76 -46.30
C SER E 236 -3.21 -11.29 -46.50
N GLU E 237 -2.54 -11.70 -45.43
CA GLU E 237 -1.16 -12.17 -45.52
C GLU E 237 -1.03 -13.44 -46.39
N ASN E 238 -2.06 -14.30 -46.39
CA ASN E 238 -2.16 -15.50 -47.21
C ASN E 238 -3.61 -15.97 -47.28
N LEU E 239 -4.36 -15.65 -48.34
CA LEU E 239 -5.77 -16.05 -48.44
C LEU E 239 -5.98 -17.56 -48.43
N THR E 240 -4.97 -18.37 -48.80
CA THR E 240 -5.11 -19.83 -48.83
C THR E 240 -5.24 -20.44 -47.43
N ASN E 241 -4.88 -19.69 -46.38
CA ASN E 241 -4.92 -20.16 -45.01
C ASN E 241 -6.03 -19.44 -44.22
N ASN E 242 -7.07 -20.15 -43.79
CA ASN E 242 -8.19 -19.54 -43.06
C ASN E 242 -7.78 -18.95 -41.70
N ALA E 243 -6.60 -19.27 -41.16
CA ALA E 243 -6.07 -18.59 -39.98
C ALA E 243 -5.82 -17.08 -40.19
N LYS E 244 -5.54 -16.64 -41.43
CA LYS E 244 -5.26 -15.23 -41.73
C LYS E 244 -6.55 -14.42 -41.84
N ILE E 245 -6.54 -13.25 -41.21
CA ILE E 245 -7.58 -12.22 -41.32
C ILE E 245 -7.68 -11.72 -42.75
N ILE E 246 -8.83 -11.21 -43.15
CA ILE E 246 -9.02 -10.48 -44.41
C ILE E 246 -9.44 -9.06 -44.06
N ILE E 247 -8.55 -8.08 -44.23
CA ILE E 247 -8.86 -6.68 -43.97
C ILE E 247 -9.59 -6.14 -45.20
N VAL E 248 -10.90 -5.93 -45.10
CA VAL E 248 -11.67 -5.41 -46.24
C VAL E 248 -11.78 -3.91 -46.12
N HIS E 249 -10.86 -3.19 -46.72
CA HIS E 249 -10.76 -1.75 -46.63
C HIS E 249 -11.82 -1.09 -47.51
N LEU E 250 -12.71 -0.27 -46.94
CA LEU E 250 -13.83 0.34 -47.66
C LEU E 250 -13.45 1.63 -48.41
N HIS E 251 -14.19 1.90 -49.48
CA HIS E 251 -14.10 3.11 -50.30
C HIS E 251 -14.99 4.25 -49.80
N THR E 252 -16.18 3.94 -49.24
CA THR E 252 -17.18 4.93 -48.79
C THR E 252 -17.63 4.68 -47.35
N PRO E 253 -17.84 5.73 -46.54
CA PRO E 253 -18.15 5.57 -45.13
C PRO E 253 -19.64 5.29 -44.93
N VAL E 254 -20.00 4.05 -44.65
CA VAL E 254 -21.28 3.74 -43.98
C VAL E 254 -21.26 4.40 -42.60
N GLU E 255 -22.36 4.99 -42.16
CA GLU E 255 -22.45 5.66 -40.86
C GLU E 255 -23.14 4.78 -39.81
N ILE E 256 -22.64 4.79 -38.58
CA ILE E 256 -23.25 4.15 -37.42
C ILE E 256 -23.59 5.20 -36.37
N VAL E 257 -24.74 5.07 -35.73
CA VAL E 257 -25.17 5.92 -34.60
C VAL E 257 -25.33 5.04 -33.40
N CYS E 258 -24.70 5.34 -32.27
CA CYS E 258 -24.81 4.54 -31.06
C CYS E 258 -25.23 5.38 -29.86
N THR E 259 -25.96 4.78 -28.92
CA THR E 259 -26.50 5.52 -27.80
C THR E 259 -26.73 4.65 -26.57
N ARG E 260 -26.64 5.25 -25.38
CA ARG E 260 -27.14 4.70 -24.11
C ARG E 260 -28.27 5.63 -23.66
N PRO E 261 -29.54 5.33 -23.90
CA PRO E 261 -30.61 6.28 -23.68
C PRO E 261 -31.10 6.37 -22.23
N ASN E 262 -30.56 5.58 -21.30
CA ASN E 262 -30.84 5.77 -19.87
C ASN E 262 -30.26 7.11 -19.43
N ASN E 263 -30.96 7.86 -18.58
CA ASN E 263 -30.41 9.08 -18.00
C ASN E 263 -29.79 8.79 -16.62
N ASN E 264 -28.56 8.32 -16.57
CA ASN E 264 -27.89 7.95 -15.31
C ASN E 264 -27.47 9.17 -14.49
N THR E 265 -27.49 9.02 -13.18
CA THR E 265 -26.84 9.94 -12.23
C THR E 265 -25.58 9.30 -11.64
N ARG E 266 -24.48 10.04 -11.60
CA ARG E 266 -23.26 9.63 -10.88
C ARG E 266 -23.36 10.04 -9.42
N LYS E 267 -22.91 9.17 -8.51
CA LYS E 267 -22.65 9.50 -7.09
C LYS E 267 -21.23 9.09 -6.73
N SER E 268 -20.64 9.79 -5.78
CA SER E 268 -19.29 9.54 -5.30
C SER E 268 -19.33 8.87 -3.93
N VAL E 269 -18.61 7.76 -3.79
CA VAL E 269 -18.45 7.07 -2.51
C VAL E 269 -17.04 7.33 -2.02
N ARG E 270 -16.92 8.00 -0.89
CA ARG E 270 -15.66 8.26 -0.20
C ARG E 270 -15.15 6.97 0.42
N ILE E 271 -13.95 6.53 0.05
CA ILE E 271 -13.35 5.28 0.53
C ILE E 271 -11.97 5.57 1.11
N GLY E 272 -11.78 5.37 2.42
CA GLY E 272 -10.53 5.76 3.07
C GLY E 272 -10.27 7.28 2.99
N PRO E 273 -9.08 7.74 3.42
CA PRO E 273 -8.68 9.14 3.32
C PRO E 273 -8.38 9.56 1.89
N GLY E 274 -9.07 10.60 1.40
CA GLY E 274 -8.67 11.30 0.18
C GLY E 274 -8.92 10.57 -1.14
N GLN E 275 -9.87 9.64 -1.19
CA GLN E 275 -10.21 8.88 -2.41
C GLN E 275 -11.73 8.77 -2.59
N THR E 276 -12.17 8.77 -3.84
CA THR E 276 -13.58 8.64 -4.19
C THR E 276 -13.78 7.66 -5.33
N PHE E 277 -14.42 6.54 -5.01
CA PHE E 277 -15.01 5.65 -5.99
C PHE E 277 -16.24 6.32 -6.61
N TYR E 278 -16.54 6.08 -7.88
CA TYR E 278 -17.72 6.64 -8.54
C TYR E 278 -18.65 5.54 -9.04
N ALA E 279 -19.94 5.65 -8.77
CA ALA E 279 -20.90 4.64 -9.16
C ALA E 279 -22.22 5.26 -9.61
N THR E 280 -23.01 4.53 -10.40
CA THR E 280 -24.33 5.02 -10.79
C THR E 280 -25.28 4.98 -9.61
N GLY E 281 -25.88 6.11 -9.24
CA GLY E 281 -26.79 6.16 -8.10
C GLY E 281 -28.22 5.80 -8.48
N ASP E 282 -28.72 6.43 -9.54
CA ASP E 282 -30.12 6.32 -9.96
C ASP E 282 -30.27 6.55 -11.46
N ILE E 283 -31.34 6.02 -12.04
CA ILE E 283 -31.76 6.26 -13.43
C ILE E 283 -32.93 7.23 -13.41
N ILE E 284 -32.79 8.38 -14.05
CA ILE E 284 -33.83 9.42 -14.09
C ILE E 284 -34.92 9.04 -15.09
N GLY E 285 -36.16 8.91 -14.61
CA GLY E 285 -37.32 8.59 -15.43
C GLY E 285 -37.26 7.18 -16.04
N ASP E 286 -37.35 7.13 -17.36
CA ASP E 286 -37.59 5.90 -18.14
C ASP E 286 -36.36 4.98 -18.24
N ILE E 287 -36.59 3.67 -18.46
CA ILE E 287 -35.52 2.69 -18.64
C ILE E 287 -34.96 2.66 -20.08
N LYS E 288 -35.57 1.95 -21.05
CA LYS E 288 -35.15 1.78 -22.46
C LYS E 288 -33.71 1.27 -22.69
N GLN E 289 -33.37 0.74 -23.87
CA GLN E 289 -32.16 -0.09 -24.04
C GLN E 289 -31.02 0.58 -24.83
N ALA E 290 -29.76 0.39 -24.46
CA ALA E 290 -28.61 0.85 -25.23
C ALA E 290 -28.46 0.10 -26.57
N HIS E 291 -28.23 0.82 -27.66
CA HIS E 291 -28.28 0.26 -29.01
C HIS E 291 -27.53 1.09 -30.03
N CYS E 292 -27.29 0.51 -31.21
CA CYS E 292 -26.70 1.16 -32.37
C CYS E 292 -27.52 0.97 -33.63
N ASN E 293 -27.56 1.98 -34.50
CA ASN E 293 -28.32 1.98 -35.72
C ASN E 293 -27.44 2.22 -36.93
N ILE E 294 -27.67 1.44 -37.99
CA ILE E 294 -26.99 1.51 -39.28
C ILE E 294 -28.08 1.54 -40.35
N SER E 295 -27.96 2.38 -41.39
CA SER E 295 -28.97 2.39 -42.46
C SER E 295 -28.84 1.11 -43.27
N GLU E 296 -29.83 0.23 -43.20
CA GLU E 296 -29.73 -1.12 -43.76
C GLU E 296 -29.70 -1.10 -45.30
N GLU E 297 -30.15 -0.01 -45.91
CA GLU E 297 -29.90 0.24 -47.33
C GLU E 297 -28.40 0.27 -47.69
N LYS E 298 -27.63 1.22 -47.11
CA LYS E 298 -26.20 1.42 -47.42
C LYS E 298 -25.40 0.21 -47.01
N TRP E 299 -25.76 -0.42 -45.90
CA TRP E 299 -25.13 -1.66 -45.50
C TRP E 299 -25.33 -2.76 -46.53
N ASN E 300 -26.55 -2.95 -47.02
CA ASN E 300 -26.80 -4.02 -47.98
C ASN E 300 -26.02 -3.78 -49.28
N ASP E 301 -26.00 -2.56 -49.82
CA ASP E 301 -25.14 -2.22 -50.95
C ASP E 301 -23.67 -2.53 -50.67
N THR E 302 -23.18 -2.20 -49.49
CA THR E 302 -21.79 -2.46 -49.13
C THR E 302 -21.48 -3.94 -49.10
N LEU E 303 -22.40 -4.78 -48.63
CA LEU E 303 -22.21 -6.22 -48.74
C LEU E 303 -22.36 -6.76 -50.17
N GLN E 304 -23.06 -6.08 -51.08
CA GLN E 304 -22.95 -6.40 -52.51
C GLN E 304 -21.53 -6.09 -52.98
N LYS E 305 -21.05 -4.86 -52.75
CA LYS E 305 -19.78 -4.40 -53.30
C LYS E 305 -18.61 -5.19 -52.74
N VAL E 306 -18.57 -5.51 -51.45
CA VAL E 306 -17.59 -6.46 -50.92
C VAL E 306 -17.77 -7.84 -51.53
N GLY E 307 -19.00 -8.26 -51.82
CA GLY E 307 -19.24 -9.51 -52.54
C GLY E 307 -18.48 -9.54 -53.86
N ILE E 308 -18.67 -8.54 -54.70
CA ILE E 308 -18.06 -8.48 -56.02
C ILE E 308 -16.53 -8.53 -55.93
N GLU E 309 -15.91 -7.68 -55.11
CA GLU E 309 -14.44 -7.69 -55.02
C GLU E 309 -13.91 -8.99 -54.41
N LEU E 310 -14.53 -9.54 -53.37
CA LEU E 310 -14.08 -10.78 -52.74
C LEU E 310 -14.23 -11.97 -53.69
N GLN E 311 -15.23 -11.95 -54.56
CA GLN E 311 -15.37 -12.95 -55.61
C GLN E 311 -14.21 -12.92 -56.62
N LYS E 312 -13.50 -11.79 -56.83
CA LYS E 312 -12.31 -11.79 -57.72
C LYS E 312 -11.22 -12.74 -57.24
N HIS E 313 -11.10 -12.96 -55.93
CA HIS E 313 -10.21 -13.94 -55.32
C HIS E 313 -10.84 -15.33 -55.14
N PHE E 314 -12.15 -15.45 -55.34
CA PHE E 314 -12.91 -16.69 -55.26
C PHE E 314 -13.95 -16.75 -56.40
N PRO E 315 -13.52 -16.93 -57.65
CA PRO E 315 -14.35 -16.66 -58.81
C PRO E 315 -15.56 -17.59 -58.92
N ASN E 316 -16.62 -17.07 -59.54
CA ASN E 316 -17.95 -17.67 -59.72
C ASN E 316 -18.76 -18.02 -58.43
N LYS E 317 -18.13 -18.19 -57.27
CA LYS E 317 -18.80 -18.57 -56.02
C LYS E 317 -19.82 -17.52 -55.56
N THR E 318 -20.94 -17.98 -55.01
CA THR E 318 -21.82 -17.18 -54.14
C THR E 318 -21.10 -16.92 -52.83
N ILE E 319 -21.32 -15.77 -52.20
CA ILE E 319 -20.65 -15.38 -50.97
C ILE E 319 -21.63 -15.40 -49.82
N LYS E 320 -21.32 -16.11 -48.74
CA LYS E 320 -22.20 -16.24 -47.58
C LYS E 320 -21.57 -15.47 -46.41
N TYR E 321 -22.26 -14.46 -45.86
CA TYR E 321 -21.84 -13.87 -44.60
C TYR E 321 -22.45 -14.64 -43.44
N ASN E 322 -21.86 -14.59 -42.26
CA ASN E 322 -22.44 -15.20 -41.08
C ASN E 322 -21.99 -14.52 -39.77
N GLN E 323 -22.68 -14.80 -38.66
CA GLN E 323 -22.29 -14.34 -37.34
C GLN E 323 -20.95 -14.93 -36.87
N SER E 324 -20.29 -14.26 -35.93
CA SER E 324 -19.11 -14.81 -35.24
C SER E 324 -19.43 -16.14 -34.55
N ALA E 325 -18.49 -17.08 -34.57
CA ALA E 325 -18.75 -18.48 -34.19
C ALA E 325 -19.08 -18.67 -32.70
N GLY E 326 -18.34 -18.04 -31.78
CA GLY E 326 -18.60 -18.15 -30.35
C GLY E 326 -17.45 -17.70 -29.45
N GLY E 327 -17.74 -17.52 -28.15
CA GLY E 327 -16.80 -17.09 -27.11
C GLY E 327 -17.38 -16.04 -26.15
N ASP E 328 -16.51 -15.34 -25.43
CA ASP E 328 -16.87 -14.21 -24.55
C ASP E 328 -17.47 -13.03 -25.31
N MET E 329 -18.05 -12.04 -24.61
CA MET E 329 -18.48 -10.79 -25.25
C MET E 329 -17.35 -10.14 -26.05
N GLU E 330 -16.14 -10.09 -25.50
CA GLU E 330 -14.96 -9.52 -26.14
C GLU E 330 -14.59 -10.17 -27.49
N ILE E 331 -15.01 -11.41 -27.72
CA ILE E 331 -14.80 -12.15 -28.97
C ILE E 331 -16.01 -12.01 -29.89
N THR E 332 -17.21 -12.11 -29.33
CA THR E 332 -18.47 -12.24 -30.07
C THR E 332 -19.19 -10.94 -30.38
N THR E 333 -18.78 -9.81 -29.81
CA THR E 333 -19.42 -8.52 -30.03
C THR E 333 -18.46 -7.52 -30.63
N HIS E 334 -18.97 -6.59 -31.42
CA HIS E 334 -18.26 -5.37 -31.75
C HIS E 334 -18.10 -4.52 -30.48
N SER E 335 -17.16 -3.58 -30.43
CA SER E 335 -16.84 -2.85 -29.20
C SER E 335 -16.36 -1.41 -29.45
N PHE E 336 -16.49 -0.53 -28.47
CA PHE E 336 -16.26 0.93 -28.58
C PHE E 336 -15.60 1.46 -27.31
N ASN E 337 -15.53 2.79 -27.17
CA ASN E 337 -15.48 3.46 -25.87
C ASN E 337 -16.30 4.76 -25.82
N CYS E 338 -17.41 4.85 -26.57
CA CYS E 338 -18.20 6.09 -26.77
C CYS E 338 -18.40 6.89 -25.49
N GLY E 339 -17.98 8.16 -25.52
CA GLY E 339 -17.90 9.05 -24.35
C GLY E 339 -16.84 8.60 -23.33
N GLY E 340 -17.04 7.39 -22.81
CA GLY E 340 -16.14 6.65 -21.94
C GLY E 340 -16.77 5.34 -21.45
N GLU E 341 -17.77 4.81 -22.16
CA GLU E 341 -18.43 3.55 -21.83
C GLU E 341 -18.01 2.44 -22.80
N PHE E 342 -17.65 1.27 -22.29
CA PHE E 342 -17.13 0.18 -23.11
C PHE E 342 -18.26 -0.71 -23.64
N PHE E 343 -19.03 -0.18 -24.59
CA PHE E 343 -20.11 -0.92 -25.25
C PHE E 343 -19.64 -2.27 -25.78
N TYR E 344 -20.52 -3.27 -25.78
CA TYR E 344 -20.32 -4.57 -26.43
C TYR E 344 -21.58 -4.92 -27.20
N CYS E 345 -21.59 -4.77 -28.52
CA CYS E 345 -22.79 -4.87 -29.35
C CYS E 345 -22.86 -6.18 -30.13
N ASN E 346 -24.00 -6.86 -30.06
CA ASN E 346 -24.22 -8.12 -30.75
C ASN E 346 -24.45 -7.90 -32.25
N THR E 347 -23.53 -8.37 -33.08
CA THR E 347 -23.53 -8.17 -34.56
C THR E 347 -24.23 -9.27 -35.35
N SER E 348 -24.89 -10.23 -34.69
CA SER E 348 -25.46 -11.39 -35.35
C SER E 348 -26.46 -11.08 -36.47
N ASN E 349 -27.32 -10.07 -36.34
CA ASN E 349 -28.22 -9.67 -37.44
C ASN E 349 -27.55 -8.88 -38.56
N LEU E 350 -26.32 -8.39 -38.37
CA LEU E 350 -25.61 -7.52 -39.31
C LEU E 350 -24.87 -8.31 -40.39
N PHE E 351 -24.08 -9.30 -39.99
CA PHE E 351 -23.40 -10.22 -40.89
C PHE E 351 -24.31 -11.41 -41.19
N ASN E 352 -25.38 -11.13 -41.94
CA ASN E 352 -26.40 -12.10 -42.29
C ASN E 352 -26.72 -12.06 -43.79
N GLY E 353 -27.21 -13.17 -44.32
CA GLY E 353 -27.55 -13.33 -45.74
C GLY E 353 -26.38 -13.78 -46.62
N THR E 354 -26.73 -14.29 -47.79
CA THR E 354 -25.77 -14.77 -48.80
C THR E 354 -26.13 -14.24 -50.18
N TYR E 355 -25.11 -13.80 -50.91
CA TYR E 355 -25.27 -12.97 -52.09
C TYR E 355 -24.52 -13.57 -53.28
N ASN E 356 -25.27 -13.83 -54.34
CA ASN E 356 -24.89 -14.53 -55.56
C ASN E 356 -24.18 -13.59 -56.55
N GLY E 357 -23.51 -14.16 -57.54
CA GLY E 357 -22.78 -13.46 -58.61
C GLY E 357 -23.59 -12.43 -59.41
N THR E 358 -24.92 -12.41 -59.26
CA THR E 358 -25.82 -11.39 -59.81
C THR E 358 -25.56 -9.99 -59.23
N TYR E 359 -25.29 -9.88 -57.93
CA TYR E 359 -24.99 -8.64 -57.19
C TYR E 359 -25.82 -7.40 -57.61
N ILE E 360 -27.14 -7.57 -57.76
CA ILE E 360 -28.08 -6.54 -58.22
C ILE E 360 -28.29 -5.42 -57.19
N SER E 361 -28.47 -4.19 -57.67
CA SER E 361 -28.91 -3.02 -56.88
C SER E 361 -30.37 -3.15 -56.41
N THR E 362 -30.63 -4.09 -55.51
CA THR E 362 -31.98 -4.39 -54.99
C THR E 362 -32.58 -3.22 -54.20
N ASN E 363 -31.73 -2.34 -53.66
CA ASN E 363 -32.13 -1.04 -53.09
C ASN E 363 -32.55 -0.09 -54.21
N SER E 364 -33.86 0.14 -54.38
CA SER E 364 -34.38 1.07 -55.39
C SER E 364 -33.95 2.52 -55.11
N SER E 365 -33.88 3.33 -56.16
CA SER E 365 -33.39 4.72 -56.10
C SER E 365 -34.29 5.65 -55.29
N ALA E 366 -35.55 5.28 -55.06
CA ALA E 366 -36.48 5.97 -54.18
C ALA E 366 -36.08 5.90 -52.70
N ASN E 367 -36.62 6.82 -51.91
CA ASN E 367 -36.36 6.92 -50.47
C ASN E 367 -36.85 5.69 -49.69
N SER E 368 -36.05 5.22 -48.73
CA SER E 368 -36.42 4.19 -47.74
C SER E 368 -35.69 4.43 -46.41
N THR E 369 -36.29 3.95 -45.33
CA THR E 369 -35.90 4.30 -43.95
C THR E 369 -35.56 3.06 -43.09
N SER E 370 -35.34 1.91 -43.71
CA SER E 370 -34.98 0.67 -43.04
C SER E 370 -33.67 0.84 -42.26
N THR E 371 -33.71 0.77 -40.92
CA THR E 371 -32.49 0.73 -40.10
C THR E 371 -32.33 -0.64 -39.47
N ILE E 372 -31.17 -1.27 -39.65
CA ILE E 372 -30.81 -2.40 -38.82
C ILE E 372 -30.34 -1.86 -37.47
N THR E 373 -30.79 -2.49 -36.38
CA THR E 373 -30.46 -2.07 -35.02
C THR E 373 -29.75 -3.19 -34.27
N LEU E 374 -28.66 -2.87 -33.58
CA LEU E 374 -27.90 -3.78 -32.75
C LEU E 374 -28.22 -3.48 -31.29
N GLN E 375 -28.58 -4.45 -30.47
CA GLN E 375 -28.66 -4.22 -29.02
C GLN E 375 -27.32 -4.47 -28.33
N CYS E 376 -26.97 -3.65 -27.35
CA CYS E 376 -25.63 -3.62 -26.78
C CYS E 376 -25.62 -3.81 -25.27
N ARG E 377 -24.81 -4.74 -24.78
CA ARG E 377 -24.41 -4.81 -23.37
C ARG E 377 -23.48 -3.63 -23.05
N ILE E 378 -23.29 -3.35 -21.78
CA ILE E 378 -22.25 -2.46 -21.27
C ILE E 378 -21.51 -3.18 -20.12
N LYS E 379 -20.25 -2.83 -19.89
CA LYS E 379 -19.44 -3.26 -18.74
C LYS E 379 -18.73 -2.05 -18.14
N GLN E 380 -18.29 -2.12 -16.90
CA GLN E 380 -17.39 -1.14 -16.31
C GLN E 380 -16.04 -1.73 -15.92
N ILE E 381 -15.99 -2.95 -15.39
CA ILE E 381 -14.70 -3.60 -15.10
C ILE E 381 -14.24 -4.31 -16.37
N ILE E 382 -13.12 -3.87 -16.93
CA ILE E 382 -12.55 -4.40 -18.18
C ILE E 382 -11.15 -4.98 -17.98
N ASN E 383 -10.90 -6.19 -18.45
CA ASN E 383 -9.61 -6.88 -18.37
C ASN E 383 -8.80 -6.59 -19.63
N MET E 384 -8.29 -5.37 -19.74
CA MET E 384 -7.98 -4.77 -21.02
C MET E 384 -6.92 -5.52 -21.83
N TRP E 385 -7.18 -5.69 -23.13
CA TRP E 385 -6.29 -6.36 -24.09
C TRP E 385 -5.94 -7.78 -23.65
N GLN E 386 -6.94 -8.48 -23.10
CA GLN E 386 -6.85 -9.81 -22.52
C GLN E 386 -5.78 -9.95 -21.42
N GLY E 387 -5.51 -8.85 -20.69
CA GLY E 387 -4.62 -8.81 -19.54
C GLY E 387 -5.36 -8.73 -18.22
N VAL E 388 -4.96 -9.57 -17.25
CA VAL E 388 -5.52 -9.62 -15.89
C VAL E 388 -5.03 -8.45 -15.03
N GLY E 389 -3.75 -8.11 -15.12
CA GLY E 389 -3.15 -6.95 -14.43
C GLY E 389 -3.33 -5.62 -15.15
N ARG E 390 -3.64 -5.65 -16.45
CA ARG E 390 -4.06 -4.48 -17.24
C ARG E 390 -5.42 -3.93 -16.82
N CYS E 391 -6.18 -4.64 -15.99
CA CYS E 391 -7.59 -4.34 -15.79
C CYS E 391 -7.85 -3.01 -15.10
N MET E 392 -8.99 -2.41 -15.40
CA MET E 392 -9.41 -1.14 -14.83
C MET E 392 -10.92 -1.08 -14.66
N TYR E 393 -11.37 -0.16 -13.83
CA TYR E 393 -12.78 0.20 -13.73
C TYR E 393 -12.96 1.55 -14.40
N ALA E 394 -13.85 1.64 -15.40
CA ALA E 394 -14.25 2.92 -15.95
C ALA E 394 -15.31 3.57 -15.05
N PRO E 395 -15.15 4.83 -14.60
CA PRO E 395 -16.19 5.50 -13.86
C PRO E 395 -17.40 5.75 -14.77
N PRO E 396 -18.63 5.74 -14.23
CA PRO E 396 -19.82 6.06 -15.01
C PRO E 396 -19.82 7.52 -15.45
N ILE E 397 -20.61 7.81 -16.48
CA ILE E 397 -20.79 9.14 -17.05
C ILE E 397 -22.26 9.52 -16.92
N ALA E 398 -22.53 10.66 -16.28
CA ALA E 398 -23.89 11.13 -16.05
C ALA E 398 -24.60 11.54 -17.33
N GLY E 399 -25.92 11.68 -17.27
CA GLY E 399 -26.73 12.01 -18.42
C GLY E 399 -26.98 10.80 -19.31
N ASN E 400 -26.98 11.04 -20.61
CA ASN E 400 -27.14 10.06 -21.67
C ASN E 400 -26.15 10.32 -22.80
N ILE E 401 -25.92 9.33 -23.67
CA ILE E 401 -24.81 9.34 -24.64
C ILE E 401 -25.34 9.21 -26.06
N THR E 402 -24.74 9.93 -27.01
CA THR E 402 -24.88 9.67 -28.46
C THR E 402 -23.50 9.80 -29.11
N CYS E 403 -23.26 9.12 -30.25
CA CYS E 403 -21.90 8.80 -30.67
C CYS E 403 -21.74 8.57 -32.20
N ARG E 404 -22.10 9.57 -33.01
CA ARG E 404 -22.07 9.50 -34.49
C ARG E 404 -20.70 9.05 -34.99
N SER E 405 -20.62 8.12 -35.94
CA SER E 405 -19.32 7.57 -36.36
C SER E 405 -19.32 7.01 -37.79
N ASN E 406 -18.17 6.94 -38.44
CA ASN E 406 -18.02 6.37 -39.78
C ASN E 406 -17.36 5.01 -39.68
N ILE E 407 -17.86 4.00 -40.37
CA ILE E 407 -17.34 2.66 -40.13
C ILE E 407 -16.31 2.16 -41.13
N THR E 408 -15.35 1.52 -40.49
CA THR E 408 -14.49 0.42 -40.91
C THR E 408 -13.74 0.27 -42.23
N GLY E 409 -12.88 -0.73 -42.08
CA GLY E 409 -12.37 -1.65 -43.04
C GLY E 409 -12.62 -2.98 -42.30
N LEU E 410 -13.56 -3.82 -42.73
CA LEU E 410 -14.04 -4.97 -41.93
C LEU E 410 -12.89 -5.93 -41.57
N LEU E 411 -12.91 -6.53 -40.38
CA LEU E 411 -11.99 -7.61 -40.03
C LEU E 411 -12.71 -8.95 -40.22
N LEU E 412 -12.69 -9.48 -41.44
CA LEU E 412 -13.28 -10.79 -41.73
C LEU E 412 -12.32 -11.95 -41.48
N THR E 413 -12.88 -13.14 -41.33
CA THR E 413 -12.19 -14.42 -41.52
C THR E 413 -13.04 -15.32 -42.42
N ARG E 414 -12.40 -16.14 -43.25
CA ARG E 414 -13.07 -17.09 -44.13
C ARG E 414 -13.33 -18.41 -43.41
N ASP E 415 -14.35 -19.13 -43.85
CA ASP E 415 -14.77 -20.39 -43.27
C ASP E 415 -15.32 -21.31 -44.37
N GLY E 416 -14.70 -22.47 -44.54
CA GLY E 416 -15.08 -23.42 -45.59
C GLY E 416 -14.19 -24.65 -45.69
N GLY E 417 -14.69 -25.67 -46.39
CA GLY E 417 -13.98 -26.90 -46.74
C GLY E 417 -14.74 -27.61 -47.86
N THR E 418 -14.81 -28.94 -47.86
CA THR E 418 -15.51 -29.70 -48.93
C THR E 418 -17.02 -29.47 -49.00
N ASN E 419 -17.62 -28.86 -47.97
CA ASN E 419 -19.00 -28.39 -48.01
C ASN E 419 -19.25 -27.38 -49.15
N SER E 420 -18.23 -26.60 -49.49
CA SER E 420 -18.34 -25.30 -50.15
C SER E 420 -18.88 -25.34 -51.57
N ASN E 421 -18.05 -25.81 -52.51
CA ASN E 421 -18.34 -25.90 -53.93
C ASN E 421 -18.78 -24.54 -54.49
N GLU E 422 -20.08 -24.28 -54.60
CA GLU E 422 -20.61 -23.00 -55.06
C GLU E 422 -20.53 -21.85 -54.04
N THR E 423 -20.31 -22.09 -52.74
CA THR E 423 -20.24 -20.97 -51.77
C THR E 423 -19.34 -21.20 -50.57
N GLU E 424 -18.86 -20.12 -49.96
CA GLU E 424 -18.08 -20.13 -48.72
C GLU E 424 -18.53 -19.03 -47.75
N THR E 425 -18.31 -19.29 -46.46
CA THR E 425 -18.73 -18.45 -45.35
C THR E 425 -17.67 -17.41 -45.01
N PHE E 426 -18.08 -16.20 -44.66
CA PHE E 426 -17.23 -15.15 -44.11
C PHE E 426 -17.85 -14.59 -42.83
N ARG E 427 -17.05 -14.45 -41.77
CA ARG E 427 -17.50 -14.09 -40.43
C ARG E 427 -16.71 -12.90 -39.87
N PRO E 428 -17.25 -12.14 -38.93
CA PRO E 428 -16.46 -11.22 -38.13
C PRO E 428 -15.41 -11.95 -37.32
N ALA E 429 -14.18 -11.47 -37.37
CA ALA E 429 -13.06 -12.02 -36.62
C ALA E 429 -12.83 -11.29 -35.29
N GLY E 430 -12.31 -12.01 -34.29
CA GLY E 430 -11.90 -11.45 -33.00
C GLY E 430 -10.56 -10.72 -33.09
N GLY E 431 -10.56 -9.52 -33.68
CA GLY E 431 -9.34 -8.79 -34.05
C GLY E 431 -8.33 -8.55 -32.91
N ASP E 432 -7.04 -8.78 -33.18
CA ASP E 432 -5.95 -8.26 -32.34
C ASP E 432 -5.84 -6.74 -32.48
N MET E 433 -5.37 -6.05 -31.45
CA MET E 433 -5.19 -4.60 -31.47
C MET E 433 -4.32 -4.16 -32.65
N ARG E 434 -3.28 -4.95 -32.96
CA ARG E 434 -2.33 -4.66 -34.04
C ARG E 434 -3.02 -4.38 -35.36
N ASP E 435 -4.05 -5.15 -35.68
CA ASP E 435 -4.64 -5.11 -37.02
C ASP E 435 -5.45 -3.85 -37.26
N ASN E 436 -5.88 -3.14 -36.21
CA ASN E 436 -6.38 -1.78 -36.39
C ASN E 436 -5.28 -0.91 -36.98
N TRP E 437 -4.13 -0.84 -36.33
CA TRP E 437 -3.05 0.04 -36.76
C TRP E 437 -2.42 -0.43 -38.07
N ARG E 438 -2.30 -1.74 -38.28
CA ARG E 438 -1.84 -2.32 -39.55
C ARG E 438 -2.70 -1.87 -40.72
N SER E 439 -3.99 -1.63 -40.53
CA SER E 439 -4.85 -1.13 -41.60
C SER E 439 -4.62 0.35 -41.93
N GLU E 440 -3.83 1.09 -41.15
CA GLU E 440 -3.33 2.42 -41.50
C GLU E 440 -1.86 2.38 -41.95
N LEU E 441 -1.03 1.60 -41.26
CA LEU E 441 0.41 1.55 -41.48
C LEU E 441 0.85 0.71 -42.69
N TYR E 442 -0.04 0.12 -43.47
CA TYR E 442 0.35 -0.68 -44.65
C TYR E 442 1.19 0.11 -45.68
N LYS E 443 1.03 1.43 -45.75
CA LYS E 443 1.71 2.31 -46.70
C LYS E 443 3.19 2.56 -46.39
N TYR E 444 3.63 2.40 -45.14
CA TYR E 444 4.87 3.02 -44.66
C TYR E 444 6.00 2.04 -44.39
N LYS E 445 7.23 2.41 -44.79
CA LYS E 445 8.47 1.64 -44.62
C LYS E 445 9.55 2.56 -44.05
N VAL E 446 10.37 2.10 -43.12
CA VAL E 446 11.43 2.92 -42.52
C VAL E 446 12.80 2.50 -43.07
N VAL E 447 13.59 3.44 -43.56
CA VAL E 447 14.92 3.15 -44.10
C VAL E 447 15.98 4.01 -43.44
N LYS E 448 17.16 3.42 -43.27
CA LYS E 448 18.39 4.03 -42.77
C LYS E 448 19.11 4.70 -43.92
N ILE E 449 19.30 6.03 -43.90
CA ILE E 449 20.20 6.67 -44.87
C ILE E 449 21.59 6.16 -44.53
N GLU E 450 22.37 5.80 -45.54
CA GLU E 450 23.69 5.21 -45.36
C GLU E 450 24.65 5.77 -46.41
N PRO E 451 25.21 6.98 -46.17
CA PRO E 451 26.06 7.66 -47.14
C PRO E 451 27.46 7.02 -47.17
N LEU E 452 28.49 7.78 -47.56
CA LEU E 452 29.88 7.31 -47.71
C LEU E 452 30.02 6.30 -48.86
N GLY E 453 29.65 6.74 -50.06
CA GLY E 453 29.80 5.99 -51.30
C GLY E 453 31.24 6.04 -51.84
N VAL E 454 31.61 5.08 -52.67
CA VAL E 454 32.94 4.97 -53.30
C VAL E 454 32.77 4.67 -54.78
N ALA E 455 33.50 5.33 -55.66
CA ALA E 455 33.34 5.12 -57.09
C ALA E 455 34.58 5.50 -57.91
N PRO E 456 34.76 4.93 -59.11
CA PRO E 456 35.86 5.27 -60.01
C PRO E 456 35.56 6.49 -60.88
N THR E 457 36.53 7.40 -61.00
CA THR E 457 36.30 8.70 -61.66
C THR E 457 37.49 9.24 -62.46
N ARG E 458 38.63 8.53 -62.43
CA ARG E 458 39.89 8.92 -63.07
C ARG E 458 40.35 10.33 -62.64
N CYS E 459 40.99 10.38 -61.49
CA CYS E 459 41.73 11.52 -60.95
C CYS E 459 42.75 11.02 -59.93
N LYS E 460 43.75 11.84 -59.61
CA LYS E 460 44.83 11.44 -58.69
C LYS E 460 45.04 12.51 -57.62
N ARG E 461 45.41 12.11 -56.40
CA ARG E 461 45.70 13.01 -55.29
C ARG E 461 46.81 14.00 -55.71
N ARG E 462 46.92 15.12 -55.01
CA ARG E 462 47.78 16.27 -55.36
C ARG E 462 49.30 16.02 -55.35
N VAL E 463 49.76 14.84 -54.94
CA VAL E 463 51.17 14.50 -54.70
C VAL E 463 51.50 13.04 -55.04
N ALA F 9 10.76 16.42 -57.93
CA ALA F 9 11.74 15.55 -57.23
C ALA F 9 12.91 16.35 -56.66
N VAL F 10 13.94 16.68 -57.47
CA VAL F 10 15.15 17.41 -57.03
C VAL F 10 14.87 18.89 -56.74
N GLY F 11 15.42 19.41 -55.65
CA GLY F 11 15.35 20.83 -55.28
C GLY F 11 16.23 21.10 -54.06
N ILE F 12 17.32 21.84 -54.23
CA ILE F 12 18.45 21.92 -53.27
C ILE F 12 18.09 22.59 -51.93
N GLY F 13 16.92 23.26 -51.85
CA GLY F 13 16.31 23.72 -50.59
C GLY F 13 15.76 22.60 -49.69
N ALA F 14 15.23 21.49 -50.25
CA ALA F 14 14.46 20.50 -49.48
C ALA F 14 14.69 19.02 -49.85
N VAL F 15 15.34 18.70 -50.98
CA VAL F 15 15.51 17.34 -51.53
C VAL F 15 15.99 16.30 -50.54
N PHE F 16 16.90 16.68 -49.65
CA PHE F 16 17.42 15.81 -48.62
C PHE F 16 17.09 16.32 -47.20
N LEU F 17 16.23 17.34 -47.06
CA LEU F 17 15.78 17.91 -45.76
C LEU F 17 14.71 17.02 -45.09
N GLY F 18 13.90 16.34 -45.90
CA GLY F 18 13.25 15.05 -45.58
C GLY F 18 13.99 13.85 -46.20
N PHE F 19 15.29 14.01 -46.51
CA PHE F 19 16.22 13.03 -47.10
C PHE F 19 15.85 12.46 -48.49
N LEU F 20 16.85 11.84 -49.13
CA LEU F 20 16.76 10.92 -50.29
C LEU F 20 16.19 11.42 -51.63
N GLY F 21 15.69 12.64 -51.75
CA GLY F 21 14.93 13.11 -52.91
C GLY F 21 15.55 13.05 -54.31
N ALA F 22 16.87 12.83 -54.44
CA ALA F 22 17.54 12.74 -55.73
C ALA F 22 17.71 11.30 -56.28
N ALA F 23 17.29 10.26 -55.54
CA ALA F 23 17.79 8.88 -55.67
C ALA F 23 17.65 8.20 -57.05
N GLY F 24 16.78 8.72 -57.93
CA GLY F 24 16.61 8.21 -59.30
C GLY F 24 17.36 8.95 -60.41
N SER F 25 18.18 9.97 -60.10
CA SER F 25 18.68 10.94 -61.10
C SER F 25 19.88 10.49 -61.95
N THR F 26 20.44 9.31 -61.68
CA THR F 26 21.75 8.81 -62.16
C THR F 26 22.95 9.47 -61.48
N MET F 27 24.05 8.72 -61.31
CA MET F 27 25.12 9.06 -60.36
C MET F 27 25.78 10.42 -60.61
N GLY F 28 25.97 10.81 -61.87
CA GLY F 28 26.58 12.10 -62.19
C GLY F 28 25.73 13.28 -61.75
N ALA F 29 24.44 13.28 -62.08
CA ALA F 29 23.56 14.39 -61.73
C ALA F 29 23.24 14.50 -60.23
N ALA F 30 23.37 13.41 -59.47
CA ALA F 30 23.18 13.47 -58.01
C ALA F 30 24.29 14.25 -57.29
N SER F 31 25.52 14.27 -57.81
CA SER F 31 26.71 14.87 -57.18
C SER F 31 26.54 16.36 -56.78
N MET F 32 25.61 17.08 -57.39
CA MET F 32 25.29 18.48 -57.07
C MET F 32 24.44 18.65 -55.79
N THR F 33 23.91 17.57 -55.21
CA THR F 33 22.95 17.64 -54.09
C THR F 33 23.49 17.24 -52.72
N LEU F 34 24.71 16.72 -52.63
CA LEU F 34 25.23 16.04 -51.44
C LEU F 34 25.15 16.91 -50.17
N THR F 35 25.34 18.23 -50.31
CA THR F 35 25.30 19.17 -49.19
C THR F 35 23.98 19.11 -48.44
N VAL F 36 22.86 18.85 -49.14
CA VAL F 36 21.54 18.81 -48.54
C VAL F 36 21.37 17.60 -47.62
N GLN F 37 22.12 16.51 -47.86
CA GLN F 37 22.14 15.35 -46.96
C GLN F 37 23.13 15.57 -45.83
N ALA F 38 24.34 16.03 -46.17
CA ALA F 38 25.39 16.31 -45.21
C ALA F 38 24.90 17.31 -44.15
N ARG F 39 24.08 18.30 -44.51
CA ARG F 39 23.50 19.27 -43.55
C ARG F 39 22.31 18.76 -42.74
N ASN F 40 21.88 17.52 -42.91
CA ASN F 40 20.65 17.00 -42.31
C ASN F 40 20.78 15.71 -41.49
N LEU F 41 21.87 14.94 -41.61
CA LEU F 41 22.14 13.77 -40.76
C LEU F 41 22.22 14.08 -39.26
N LEU F 42 22.17 15.36 -38.86
CA LEU F 42 22.28 15.82 -37.49
C LEU F 42 21.21 16.87 -37.10
N SER F 43 20.06 16.90 -37.78
CA SER F 43 18.93 17.74 -37.36
C SER F 43 18.38 17.30 -35.98
N GLY F 44 17.65 18.19 -35.33
CA GLY F 44 17.10 17.95 -33.98
C GLY F 44 16.09 18.99 -33.49
N THR F 66 11.05 9.88 -16.67
CA THR F 66 10.07 9.28 -17.59
C THR F 66 10.78 8.49 -18.69
N VAL F 67 10.35 7.26 -18.98
CA VAL F 67 10.96 6.37 -19.99
C VAL F 67 11.01 6.97 -21.40
N TRP F 68 10.05 7.80 -21.80
CA TRP F 68 10.11 8.48 -23.10
C TRP F 68 11.35 9.35 -23.24
N GLY F 69 11.81 9.99 -22.15
CA GLY F 69 13.07 10.72 -22.15
C GLY F 69 14.24 9.82 -22.51
N ILE F 70 14.25 8.58 -22.03
CA ILE F 70 15.28 7.59 -22.40
C ILE F 70 15.18 7.23 -23.88
N LYS F 71 13.96 7.03 -24.44
CA LYS F 71 13.84 6.79 -25.89
C LYS F 71 14.45 7.93 -26.69
N GLN F 72 14.16 9.19 -26.36
CA GLN F 72 14.72 10.32 -27.11
C GLN F 72 16.22 10.47 -26.91
N LEU F 73 16.73 10.32 -25.69
CA LEU F 73 18.18 10.39 -25.47
C LEU F 73 18.91 9.29 -26.25
N GLN F 74 18.40 8.06 -26.24
CA GLN F 74 19.02 7.00 -27.05
C GLN F 74 18.91 7.27 -28.55
N ALA F 75 17.81 7.86 -29.04
CA ALA F 75 17.71 8.27 -30.43
C ALA F 75 18.77 9.32 -30.80
N ARG F 76 18.93 10.36 -29.98
CA ARG F 76 19.91 11.42 -30.20
C ARG F 76 21.33 10.89 -30.20
N VAL F 77 21.71 10.14 -29.16
CA VAL F 77 23.11 9.76 -29.00
C VAL F 77 23.54 8.77 -30.09
N LEU F 78 22.67 7.86 -30.52
CA LEU F 78 22.95 7.07 -31.72
C LEU F 78 23.14 7.92 -32.97
N ALA F 79 22.32 8.95 -33.20
CA ALA F 79 22.51 9.80 -34.37
C ALA F 79 23.85 10.56 -34.35
N VAL F 80 24.32 11.00 -33.17
CA VAL F 80 25.66 11.59 -33.06
C VAL F 80 26.73 10.57 -33.35
N GLU F 81 26.69 9.38 -32.75
CA GLU F 81 27.73 8.38 -32.98
C GLU F 81 27.77 7.92 -34.43
N ARG F 82 26.62 7.77 -35.09
CA ARG F 82 26.56 7.54 -36.54
C ARG F 82 27.35 8.60 -37.28
N TYR F 83 27.13 9.88 -36.99
CA TYR F 83 27.75 10.97 -37.70
C TYR F 83 29.26 11.02 -37.45
N LEU F 84 29.69 11.01 -36.19
CA LEU F 84 31.11 11.13 -35.87
C LEU F 84 31.92 9.99 -36.47
N ARG F 85 31.40 8.75 -36.48
CA ARG F 85 32.13 7.62 -37.04
C ARG F 85 32.42 7.81 -38.53
N ASP F 86 31.51 8.38 -39.30
CA ASP F 86 31.84 8.76 -40.68
C ASP F 86 32.92 9.83 -40.74
N GLN F 87 32.85 10.88 -39.91
CA GLN F 87 33.89 11.91 -39.92
C GLN F 87 35.25 11.36 -39.52
N GLN F 88 35.30 10.38 -38.62
CA GLN F 88 36.54 9.72 -38.26
C GLN F 88 37.11 8.95 -39.46
N LEU F 89 36.30 8.19 -40.18
CA LEU F 89 36.75 7.46 -41.36
C LEU F 89 37.26 8.40 -42.45
N LEU F 90 36.50 9.43 -42.82
CA LEU F 90 36.98 10.40 -43.80
C LEU F 90 38.26 11.07 -43.32
N GLY F 91 38.38 11.33 -42.02
CA GLY F 91 39.58 11.92 -41.45
C GLY F 91 40.81 11.01 -41.61
N ILE F 92 40.62 9.70 -41.50
CA ILE F 92 41.71 8.71 -41.55
C ILE F 92 42.13 8.43 -43.00
N TRP F 93 41.21 8.29 -43.95
CA TRP F 93 41.59 8.01 -45.35
C TRP F 93 42.11 9.24 -46.09
N GLY F 94 41.79 10.41 -45.56
CA GLY F 94 41.65 11.60 -46.37
C GLY F 94 40.30 11.48 -47.13
N CYS F 95 39.44 12.48 -47.07
CA CYS F 95 39.78 13.87 -46.85
C CYS F 95 38.98 14.44 -45.67
N SER F 96 39.58 15.34 -44.90
CA SER F 96 39.15 15.64 -43.53
C SER F 96 37.72 16.16 -43.39
N GLY F 97 37.20 16.82 -44.43
CA GLY F 97 35.82 17.31 -44.47
C GLY F 97 35.32 17.66 -45.87
N LYS F 98 35.86 17.02 -46.90
CA LYS F 98 35.84 17.56 -48.27
C LYS F 98 34.63 17.18 -49.13
N LEU F 99 33.71 16.33 -48.65
CA LEU F 99 32.56 15.74 -49.39
C LEU F 99 32.91 14.88 -50.62
N ILE F 100 33.91 15.25 -51.42
CA ILE F 100 34.39 14.54 -52.60
C ILE F 100 35.92 14.56 -52.58
N CYS F 101 36.63 13.45 -52.77
CA CYS F 101 38.07 13.52 -53.09
C CYS F 101 38.69 12.27 -53.71
N CYS F 102 39.85 12.41 -54.36
CA CYS F 102 40.68 11.34 -54.96
C CYS F 102 41.63 10.72 -53.93
N THR F 103 42.23 9.56 -54.21
CA THR F 103 42.82 8.75 -53.10
C THR F 103 44.06 7.90 -53.37
N ASN F 104 44.62 7.90 -54.58
CA ASN F 104 45.81 7.09 -54.91
C ASN F 104 45.62 5.58 -54.63
N VAL F 105 44.40 5.07 -54.74
CA VAL F 105 44.12 3.64 -54.89
C VAL F 105 43.61 3.42 -56.32
N PRO F 106 44.35 2.71 -57.19
CA PRO F 106 43.86 2.36 -58.49
C PRO F 106 42.64 1.45 -58.40
N TRP F 107 41.74 1.55 -59.36
CA TRP F 107 40.52 0.76 -59.40
C TRP F 107 40.79 -0.60 -60.05
N ASN F 108 40.69 -1.68 -59.28
CA ASN F 108 41.08 -3.03 -59.73
C ASN F 108 40.16 -3.60 -60.82
N SER F 109 40.74 -4.33 -61.77
CA SER F 109 40.01 -4.99 -62.85
C SER F 109 38.85 -5.86 -62.37
N SER F 110 38.99 -6.55 -61.23
CA SER F 110 37.94 -7.40 -60.65
C SER F 110 36.72 -6.62 -60.18
N TRP F 111 36.82 -5.29 -60.06
CA TRP F 111 35.69 -4.37 -59.80
C TRP F 111 35.27 -3.59 -61.07
N SER F 112 36.14 -3.53 -62.08
CA SER F 112 36.05 -2.69 -63.28
C SER F 112 35.11 -3.24 -64.37
N ASN F 113 34.00 -3.85 -63.98
CA ASN F 113 33.12 -4.60 -64.89
C ASN F 113 32.29 -3.71 -65.84
N ARG F 114 32.52 -2.40 -65.85
CA ARG F 114 31.71 -1.37 -66.51
C ARG F 114 32.59 -0.23 -67.05
N ASN F 115 32.13 0.41 -68.12
CA ASN F 115 32.71 1.64 -68.62
C ASN F 115 32.22 2.85 -67.79
N LEU F 116 33.03 3.91 -67.66
CA LEU F 116 32.70 5.12 -66.88
C LEU F 116 31.33 5.72 -67.23
N SER F 117 30.95 5.70 -68.50
CA SER F 117 29.66 6.25 -68.91
C SER F 117 28.47 5.51 -68.29
N GLU F 118 28.55 4.19 -68.13
CA GLU F 118 27.51 3.43 -67.43
C GLU F 118 27.36 3.92 -65.98
N ILE F 119 28.49 4.18 -65.33
CA ILE F 119 28.53 4.57 -63.94
C ILE F 119 27.96 5.97 -63.81
N TRP F 120 28.56 6.96 -64.47
CA TRP F 120 28.18 8.36 -64.27
C TRP F 120 26.91 8.78 -65.02
N ASP F 121 26.50 8.04 -66.04
CA ASP F 121 25.41 8.45 -66.94
C ASP F 121 24.24 7.45 -67.02
N ASN F 122 24.38 6.21 -66.52
CA ASN F 122 23.30 5.22 -66.56
C ASN F 122 22.81 4.77 -65.18
N MET F 123 23.68 4.28 -64.29
CA MET F 123 23.22 3.80 -62.98
C MET F 123 22.82 4.94 -62.05
N THR F 124 21.98 4.65 -61.06
CA THR F 124 21.73 5.49 -59.88
C THR F 124 22.66 5.09 -58.74
N TRP F 125 22.86 5.95 -57.74
CA TRP F 125 23.64 5.58 -56.56
C TRP F 125 23.11 4.32 -55.88
N LEU F 126 21.79 4.18 -55.79
CA LEU F 126 21.19 3.00 -55.19
C LEU F 126 21.45 1.74 -56.02
N GLN F 127 21.42 1.83 -57.36
CA GLN F 127 21.78 0.72 -58.24
C GLN F 127 23.26 0.35 -58.09
N TRP F 128 24.13 1.35 -57.92
CA TRP F 128 25.56 1.15 -57.72
C TRP F 128 25.89 0.43 -56.42
N ASP F 129 25.16 0.73 -55.35
CA ASP F 129 25.36 0.12 -54.06
C ASP F 129 25.30 -1.41 -54.13
N LYS F 130 24.42 -1.95 -54.99
CA LYS F 130 24.25 -3.40 -55.13
C LYS F 130 25.50 -4.10 -55.62
N GLU F 131 26.39 -3.41 -56.34
CA GLU F 131 27.65 -3.97 -56.75
C GLU F 131 28.66 -3.81 -55.61
N ILE F 132 29.06 -2.58 -55.28
CA ILE F 132 30.20 -2.30 -54.39
C ILE F 132 29.86 -2.50 -52.89
N SER F 133 28.71 -3.07 -52.57
CA SER F 133 28.42 -3.65 -51.25
C SER F 133 29.09 -5.02 -51.07
N ASN F 134 29.48 -5.66 -52.17
CA ASN F 134 30.52 -6.68 -52.12
C ASN F 134 31.88 -6.02 -51.85
N TYR F 135 32.79 -6.75 -51.20
CA TYR F 135 34.22 -6.41 -51.08
C TYR F 135 34.55 -5.00 -50.56
N THR F 136 33.65 -4.33 -49.85
CA THR F 136 33.84 -2.93 -49.46
C THR F 136 35.05 -2.76 -48.55
N GLN F 137 35.26 -3.66 -47.59
CA GLN F 137 36.37 -3.62 -46.65
C GLN F 137 37.73 -3.91 -47.30
N ILE F 138 37.79 -4.43 -48.53
CA ILE F 138 39.04 -4.41 -49.30
C ILE F 138 39.45 -2.96 -49.50
N ILE F 139 38.49 -2.14 -49.95
CA ILE F 139 38.69 -0.74 -50.28
C ILE F 139 39.09 0.06 -49.04
N TYR F 140 38.44 -0.14 -47.90
CA TYR F 140 38.80 0.62 -46.69
C TYR F 140 40.20 0.25 -46.18
N GLY F 141 40.66 -0.99 -46.39
CA GLY F 141 42.06 -1.35 -46.09
C GLY F 141 43.06 -0.62 -46.98
N LEU F 142 42.76 -0.55 -48.28
CA LEU F 142 43.58 0.19 -49.26
C LEU F 142 43.65 1.69 -48.96
N LEU F 143 42.51 2.30 -48.62
CA LEU F 143 42.44 3.72 -48.36
C LEU F 143 43.21 4.10 -47.09
N GLU F 144 43.03 3.39 -45.98
CA GLU F 144 43.72 3.77 -44.75
C GLU F 144 45.24 3.70 -44.92
N GLU F 145 45.76 2.62 -45.50
CA GLU F 145 47.21 2.52 -45.69
C GLU F 145 47.74 3.54 -46.71
N SER F 146 46.96 3.87 -47.75
CA SER F 146 47.35 4.95 -48.67
C SER F 146 47.63 6.25 -47.92
N GLN F 147 46.86 6.57 -46.88
CA GLN F 147 47.13 7.77 -46.11
C GLN F 147 48.38 7.64 -45.23
N ASN F 148 48.59 6.51 -44.55
CA ASN F 148 49.77 6.35 -43.70
C ASN F 148 51.05 6.69 -44.47
N GLN F 149 51.20 6.11 -45.65
CA GLN F 149 52.38 6.31 -46.47
C GLN F 149 52.50 7.75 -46.95
N GLN F 150 51.40 8.45 -47.19
CA GLN F 150 51.48 9.88 -47.49
C GLN F 150 52.00 10.67 -46.29
N GLU F 151 51.46 10.46 -45.09
CA GLU F 151 51.90 11.23 -43.92
C GLU F 151 53.35 10.95 -43.56
N LYS F 152 53.83 9.70 -43.65
CA LYS F 152 55.25 9.40 -43.51
C LYS F 152 56.10 10.18 -44.53
N ASN F 153 55.72 10.18 -45.80
CA ASN F 153 56.50 10.83 -46.83
C ASN F 153 56.53 12.36 -46.65
N GLU F 154 55.42 12.97 -46.24
CA GLU F 154 55.43 14.40 -45.92
C GLU F 154 56.31 14.70 -44.71
N GLN F 155 56.35 13.82 -43.71
CA GLN F 155 57.16 14.07 -42.52
C GLN F 155 58.65 14.18 -42.85
N ASP F 156 59.17 13.35 -43.75
CA ASP F 156 60.55 13.45 -44.22
C ASP F 156 60.82 14.79 -44.93
N LEU F 157 59.92 15.22 -45.81
CA LEU F 157 60.08 16.49 -46.53
C LEU F 157 60.05 17.68 -45.58
N LEU F 158 59.16 17.71 -44.60
CA LEU F 158 59.16 18.77 -43.59
C LEU F 158 60.35 18.69 -42.63
N ALA F 159 61.00 17.52 -42.50
CA ALA F 159 62.25 17.37 -41.77
C ALA F 159 63.44 17.96 -42.54
N LEU F 160 63.43 17.84 -43.87
CA LEU F 160 64.40 18.46 -44.78
C LEU F 160 64.13 19.97 -45.00
N ASP F 161 62.87 20.42 -44.94
CA ASP F 161 62.46 21.81 -45.11
C ASP F 161 63.09 22.75 -44.07
N GLU G 1 -57.44 -2.11 -31.23
CA GLU G 1 -58.41 -2.34 -30.11
C GLU G 1 -58.24 -1.27 -29.01
N VAL G 2 -57.33 -1.48 -28.05
CA VAL G 2 -57.08 -0.62 -26.87
C VAL G 2 -58.36 -0.26 -26.08
N GLN G 3 -58.77 -1.12 -25.15
CA GLN G 3 -59.97 -0.93 -24.33
C GLN G 3 -59.66 -1.02 -22.83
N LEU G 4 -60.16 -0.08 -22.03
CA LEU G 4 -59.96 0.07 -20.59
C LEU G 4 -61.27 -0.16 -19.81
N ALA G 5 -61.22 -0.99 -18.77
CA ALA G 5 -62.35 -1.33 -17.92
C ALA G 5 -62.13 -0.94 -16.45
N GLU G 6 -62.70 0.17 -15.99
CA GLU G 6 -62.79 0.50 -14.56
C GLU G 6 -63.82 -0.37 -13.83
N SER G 7 -63.60 -0.63 -12.54
CA SER G 7 -64.42 -1.45 -11.64
C SER G 7 -64.07 -1.16 -10.17
N GLY G 8 -64.90 -1.60 -9.21
CA GLY G 8 -64.68 -1.43 -7.76
C GLY G 8 -65.50 -0.32 -7.11
N GLY G 9 -66.37 0.38 -7.86
CA GLY G 9 -67.12 1.54 -7.37
C GLY G 9 -68.10 1.24 -6.24
N GLY G 10 -68.37 2.21 -5.36
CA GLY G 10 -69.21 2.02 -4.19
C GLY G 10 -69.52 3.30 -3.38
N LEU G 11 -69.99 3.09 -2.15
CA LEU G 11 -70.44 4.07 -1.18
C LEU G 11 -69.63 3.95 0.10
N THR G 12 -69.31 5.06 0.76
CA THR G 12 -68.64 5.05 2.06
C THR G 12 -69.04 6.27 2.90
N LYS G 13 -68.87 6.12 4.22
CA LYS G 13 -68.77 7.24 5.17
C LYS G 13 -67.55 8.13 4.86
N PRO G 14 -67.61 9.44 5.13
CA PRO G 14 -66.43 10.29 5.12
C PRO G 14 -65.35 9.77 6.05
N GLY G 15 -64.08 10.05 5.73
CA GLY G 15 -62.91 9.49 6.41
C GLY G 15 -62.59 8.03 6.05
N GLY G 16 -63.49 7.32 5.36
CA GLY G 16 -63.31 5.90 5.03
C GLY G 16 -62.35 5.62 3.87
N SER G 17 -62.40 4.38 3.40
CA SER G 17 -61.56 3.86 2.32
C SER G 17 -62.33 3.03 1.28
N LEU G 18 -61.91 3.12 0.02
CA LEU G 18 -62.40 2.35 -1.14
C LEU G 18 -61.23 2.04 -2.09
N ARG G 19 -61.38 1.05 -2.97
CA ARG G 19 -60.38 0.75 -3.98
C ARG G 19 -60.98 0.55 -5.36
N LEU G 20 -60.38 1.21 -6.36
CA LEU G 20 -60.79 1.15 -7.76
C LEU G 20 -59.76 0.36 -8.58
N SER G 21 -60.25 -0.49 -9.47
CA SER G 21 -59.45 -1.38 -10.32
C SER G 21 -59.72 -1.10 -11.78
N CYS G 22 -58.69 -0.78 -12.55
CA CYS G 22 -58.77 -0.62 -14.01
C CYS G 22 -58.02 -1.75 -14.72
N ALA G 23 -58.71 -2.50 -15.56
CA ALA G 23 -58.17 -3.63 -16.30
C ALA G 23 -58.00 -3.28 -17.78
N ALA G 24 -56.84 -3.60 -18.34
CA ALA G 24 -56.40 -3.14 -19.65
C ALA G 24 -56.40 -4.25 -20.70
N SER G 25 -56.96 -3.99 -21.88
CA SER G 25 -57.16 -5.01 -22.92
C SER G 25 -56.79 -4.52 -24.33
N GLY G 26 -56.17 -5.39 -25.12
CA GLY G 26 -55.82 -5.10 -26.51
C GLY G 26 -54.67 -4.10 -26.72
N PHE G 27 -53.74 -4.00 -25.76
CA PHE G 27 -52.47 -3.29 -25.89
C PHE G 27 -51.44 -3.85 -24.91
N THR G 28 -50.15 -3.55 -25.12
CA THR G 28 -49.08 -4.06 -24.25
C THR G 28 -49.00 -3.28 -22.96
N PHE G 29 -49.68 -3.71 -21.89
CA PHE G 29 -49.82 -2.88 -20.68
C PHE G 29 -48.50 -2.57 -19.96
N SER G 30 -47.45 -3.36 -20.13
CA SER G 30 -46.13 -3.02 -19.57
C SER G 30 -45.51 -1.73 -20.11
N ASP G 31 -46.04 -1.17 -21.20
CA ASP G 31 -45.35 -0.14 -22.01
C ASP G 31 -46.01 1.22 -21.95
N PHE G 32 -46.89 1.47 -20.99
CA PHE G 32 -47.55 2.77 -20.83
C PHE G 32 -47.52 3.28 -19.40
N TYR G 33 -47.26 4.58 -19.25
CA TYR G 33 -47.76 5.33 -18.11
C TYR G 33 -49.29 5.24 -18.07
N MET G 34 -49.90 5.24 -16.90
CA MET G 34 -51.36 5.23 -16.75
C MET G 34 -51.85 6.31 -15.79
N ASP G 35 -52.99 6.91 -16.07
CA ASP G 35 -53.55 8.04 -15.34
C ASP G 35 -54.97 7.80 -14.87
N TRP G 36 -55.27 8.35 -13.70
CA TRP G 36 -56.62 8.50 -13.18
C TRP G 36 -57.07 9.95 -13.30
N VAL G 37 -58.25 10.17 -13.85
CA VAL G 37 -58.88 11.49 -14.02
C VAL G 37 -60.33 11.40 -13.61
N ARG G 38 -60.88 12.40 -12.92
CA ARG G 38 -62.22 12.32 -12.33
C ARG G 38 -63.09 13.52 -12.64
N GLN G 39 -64.39 13.31 -12.56
CA GLN G 39 -65.42 14.21 -13.05
C GLN G 39 -66.50 14.41 -12.00
N THR G 40 -66.89 15.67 -11.78
CA THR G 40 -68.00 16.06 -10.91
C THR G 40 -68.87 17.09 -11.63
N PRO G 41 -70.14 17.26 -11.23
CA PRO G 41 -71.00 18.28 -11.82
C PRO G 41 -70.48 19.72 -11.59
N GLY G 42 -69.72 19.94 -10.52
CA GLY G 42 -69.12 21.25 -10.24
C GLY G 42 -67.89 21.56 -11.09
N LYS G 43 -66.91 20.64 -11.15
CA LYS G 43 -65.57 20.89 -11.72
C LYS G 43 -65.41 20.54 -13.21
N GLY G 44 -66.20 19.61 -13.76
CA GLY G 44 -66.00 19.10 -15.12
C GLY G 44 -64.95 17.99 -15.17
N LEU G 45 -63.66 18.34 -15.12
CA LEU G 45 -62.55 17.38 -15.08
C LEU G 45 -61.45 17.81 -14.09
N GLU G 46 -60.88 16.83 -13.39
CA GLU G 46 -59.75 17.00 -12.49
C GLU G 46 -58.80 15.80 -12.63
N TRP G 47 -57.52 16.05 -12.81
CA TRP G 47 -56.50 15.01 -12.77
C TRP G 47 -56.33 14.46 -11.35
N VAL G 48 -56.10 13.16 -11.18
CA VAL G 48 -55.99 12.52 -9.86
C VAL G 48 -54.60 11.95 -9.60
N SER G 49 -54.11 11.11 -10.51
CA SER G 49 -52.79 10.49 -10.36
C SER G 49 -52.24 9.95 -11.66
N ARG G 50 -50.91 9.78 -11.71
CA ARG G 50 -50.13 9.13 -12.78
C ARG G 50 -49.17 8.11 -12.20
N ILE G 51 -48.97 6.99 -12.89
CA ILE G 51 -48.01 5.94 -12.50
C ILE G 51 -47.10 5.58 -13.67
N ASN G 52 -45.82 5.36 -13.39
CA ASN G 52 -44.86 4.91 -14.39
C ASN G 52 -45.16 3.50 -14.94
N ASN G 53 -44.55 3.09 -16.05
CA ASN G 53 -44.86 1.82 -16.70
C ASN G 53 -44.46 0.60 -15.85
N ASP G 54 -43.30 0.64 -15.21
CA ASP G 54 -42.77 -0.39 -14.28
C ASP G 54 -43.30 -0.23 -12.84
N GLY G 55 -44.19 0.74 -12.59
CA GLY G 55 -44.74 1.05 -11.28
C GLY G 55 -43.89 1.96 -10.37
N ARG G 56 -42.63 2.23 -10.74
CA ARG G 56 -41.63 2.93 -9.93
C ARG G 56 -42.02 4.35 -9.53
N ASN G 57 -41.93 5.33 -10.43
CA ASN G 57 -42.32 6.70 -10.12
C ASN G 57 -43.84 6.88 -10.16
N LYS G 58 -44.39 7.66 -9.23
CA LYS G 58 -45.83 7.92 -9.07
C LYS G 58 -46.06 9.40 -8.75
N TRP G 59 -47.17 9.96 -9.22
CA TRP G 59 -47.55 11.35 -9.00
C TRP G 59 -49.02 11.48 -8.61
N TYR G 60 -49.39 12.53 -7.89
CA TYR G 60 -50.77 12.80 -7.48
C TYR G 60 -51.11 14.29 -7.50
N ALA G 61 -52.39 14.59 -7.66
CA ALA G 61 -52.94 15.93 -7.48
C ALA G 61 -52.88 16.40 -6.01
N ASP G 62 -52.84 17.72 -5.81
CA ASP G 62 -52.79 18.31 -4.47
C ASP G 62 -54.00 17.93 -3.61
N SER G 63 -55.17 17.80 -4.24
CA SER G 63 -56.45 17.46 -3.59
C SER G 63 -56.50 16.05 -2.97
N VAL G 64 -55.57 15.16 -3.30
CA VAL G 64 -55.56 13.76 -2.82
C VAL G 64 -54.18 13.26 -2.38
N ARG G 65 -53.15 14.10 -2.43
CA ARG G 65 -51.77 13.68 -2.13
C ARG G 65 -51.69 13.05 -0.74
N GLY G 66 -51.02 11.91 -0.63
CA GLY G 66 -50.89 11.09 0.58
C GLY G 66 -52.17 10.35 0.98
N ARG G 67 -53.35 10.96 0.83
CA ARG G 67 -54.64 10.33 1.14
C ARG G 67 -54.88 9.07 0.28
N PHE G 68 -54.51 9.12 -0.99
CA PHE G 68 -54.68 8.01 -1.96
C PHE G 68 -53.32 7.45 -2.37
N THR G 69 -53.25 6.17 -2.73
CA THR G 69 -52.09 5.61 -3.45
C THR G 69 -52.46 4.78 -4.68
N VAL G 70 -51.65 4.90 -5.74
CA VAL G 70 -51.83 4.24 -7.05
C VAL G 70 -50.81 3.13 -7.22
N SER G 71 -51.18 2.04 -7.89
CA SER G 71 -50.36 0.84 -8.01
C SER G 71 -50.72 0.02 -9.24
N ARG G 72 -49.85 -0.87 -9.69
CA ARG G 72 -50.12 -1.71 -10.86
C ARG G 72 -49.48 -3.08 -10.76
N GLU G 73 -50.10 -4.02 -11.47
CA GLU G 73 -49.68 -5.41 -11.59
C GLU G 73 -49.65 -5.77 -13.07
N ASN G 74 -48.46 -5.63 -13.67
CA ASN G 74 -48.26 -5.84 -15.09
C ASN G 74 -48.48 -7.32 -15.47
N ALA G 75 -48.30 -8.23 -14.52
CA ALA G 75 -48.71 -9.63 -14.62
C ALA G 75 -50.22 -9.84 -14.86
N LYS G 76 -51.07 -8.84 -14.59
CA LYS G 76 -52.54 -8.93 -14.72
C LYS G 76 -53.14 -7.93 -15.71
N ASN G 77 -52.34 -7.18 -16.45
CA ASN G 77 -52.81 -5.99 -17.17
C ASN G 77 -53.68 -5.08 -16.28
N THR G 78 -53.31 -4.85 -15.01
CA THR G 78 -54.23 -4.17 -14.08
C THR G 78 -53.59 -3.07 -13.24
N LEU G 79 -54.31 -1.96 -13.13
CA LEU G 79 -54.02 -0.76 -12.35
C LEU G 79 -54.98 -0.69 -11.15
N TYR G 80 -54.54 -0.31 -9.97
CA TYR G 80 -55.43 -0.06 -8.83
C TYR G 80 -55.16 1.29 -8.18
N LEU G 81 -56.22 2.00 -7.81
CA LEU G 81 -56.15 3.18 -6.96
C LEU G 81 -56.78 2.84 -5.62
N GLN G 82 -55.98 2.92 -4.55
CA GLN G 82 -56.43 2.82 -3.17
C GLN G 82 -56.71 4.22 -2.64
N MET G 83 -57.95 4.43 -2.22
CA MET G 83 -58.41 5.70 -1.67
C MET G 83 -58.67 5.54 -0.18
N ASP G 84 -58.07 6.42 0.62
CA ASP G 84 -58.30 6.52 2.06
C ASP G 84 -58.61 7.96 2.45
N SER G 85 -59.12 8.17 3.66
CA SER G 85 -59.47 9.49 4.19
C SER G 85 -60.41 10.27 3.26
N LEU G 86 -61.36 9.57 2.65
CA LEU G 86 -62.27 10.12 1.65
C LEU G 86 -63.08 11.30 2.21
N ARG G 87 -62.99 12.47 1.59
CA ARG G 87 -63.76 13.69 1.91
C ARG G 87 -65.07 13.70 1.14
N ALA G 88 -66.03 14.54 1.51
CA ALA G 88 -67.28 14.64 0.77
C ALA G 88 -67.07 14.98 -0.72
N GLU G 89 -66.09 15.84 -1.02
CA GLU G 89 -65.73 16.29 -2.37
C GLU G 89 -65.19 15.16 -3.26
N ASP G 90 -64.64 14.09 -2.71
CA ASP G 90 -64.17 12.94 -3.50
C ASP G 90 -65.32 12.18 -4.17
N THR G 91 -66.58 12.53 -3.88
CA THR G 91 -67.77 12.02 -4.55
C THR G 91 -67.77 12.43 -6.02
N ALA G 92 -67.39 11.50 -6.90
CA ALA G 92 -67.10 11.80 -8.29
C ALA G 92 -67.20 10.55 -9.17
N VAL G 93 -67.25 10.74 -10.49
CA VAL G 93 -67.06 9.66 -11.47
C VAL G 93 -65.57 9.58 -11.78
N TYR G 94 -64.95 8.42 -11.63
CA TYR G 94 -63.51 8.21 -11.83
C TYR G 94 -63.26 7.46 -13.15
N TYR G 95 -62.34 7.96 -13.98
CA TYR G 95 -61.90 7.36 -15.23
C TYR G 95 -60.42 7.00 -15.19
N CYS G 96 -60.11 5.95 -15.93
CA CYS G 96 -58.77 5.45 -16.22
C CYS G 96 -58.42 5.82 -17.66
N ALA G 97 -57.23 6.36 -17.89
CA ALA G 97 -56.80 6.77 -19.22
C ALA G 97 -55.32 6.48 -19.42
N ARG G 98 -54.93 6.18 -20.66
CA ARG G 98 -53.58 5.70 -21.02
C ARG G 98 -52.71 6.84 -21.52
N ASP G 99 -51.48 6.94 -21.02
CA ASP G 99 -50.60 8.09 -21.23
C ASP G 99 -49.38 7.68 -22.09
N ARG G 100 -48.22 8.25 -21.82
CA ARG G 100 -46.98 8.18 -22.57
C ARG G 100 -46.53 6.75 -22.82
N PRO G 101 -46.24 6.34 -24.05
CA PRO G 101 -45.66 5.04 -24.32
C PRO G 101 -44.18 5.01 -23.98
N VAL G 102 -43.65 3.83 -23.69
CA VAL G 102 -42.21 3.59 -23.51
C VAL G 102 -41.84 2.29 -24.21
N TYR G 103 -41.50 2.38 -25.49
CA TYR G 103 -41.09 1.22 -26.29
C TYR G 103 -39.65 0.79 -25.98
N ARG G 104 -39.07 -0.15 -26.72
CA ARG G 104 -37.73 -0.65 -26.44
C ARG G 104 -36.64 0.43 -26.54
N TYR G 105 -36.66 1.23 -27.60
CA TYR G 105 -35.58 2.17 -27.93
C TYR G 105 -35.94 3.65 -27.76
N TRP G 106 -37.21 4.01 -27.59
CA TRP G 106 -37.70 5.40 -27.57
C TRP G 106 -39.06 5.53 -26.88
N SER G 107 -39.43 6.73 -26.47
CA SER G 107 -40.52 6.98 -25.53
C SER G 107 -41.10 8.39 -25.69
N GLY G 108 -42.16 8.51 -26.49
CA GLY G 108 -42.73 9.77 -26.99
C GLY G 108 -43.43 10.70 -26.00
N GLY G 109 -44.43 11.42 -26.50
CA GLY G 109 -45.11 12.50 -25.78
C GLY G 109 -46.23 12.05 -24.85
N TYR G 110 -46.74 12.96 -24.01
CA TYR G 110 -47.81 12.72 -23.05
C TYR G 110 -49.19 12.71 -23.68
N HIS G 111 -50.12 11.96 -23.11
CA HIS G 111 -51.47 11.72 -23.65
C HIS G 111 -52.47 11.38 -22.55
N LEU G 112 -53.76 11.46 -22.87
CA LEU G 112 -54.81 10.74 -22.17
C LEU G 112 -55.67 10.09 -23.25
N ASP G 113 -55.27 8.94 -23.77
CA ASP G 113 -55.93 8.27 -24.89
C ASP G 113 -55.60 6.77 -24.92
N PRO G 114 -56.60 5.87 -24.92
CA PRO G 114 -58.02 6.12 -24.80
C PRO G 114 -58.47 6.21 -23.33
N TRP G 115 -59.77 6.36 -23.10
CA TRP G 115 -60.39 6.42 -21.77
C TRP G 115 -61.34 5.25 -21.58
N GLY G 116 -61.35 4.63 -20.40
CA GLY G 116 -62.42 3.71 -19.99
C GLY G 116 -63.74 4.45 -19.74
N GLN G 117 -64.83 3.72 -19.54
CA GLN G 117 -66.18 4.27 -19.36
C GLN G 117 -66.46 4.82 -17.95
N GLY G 118 -65.54 4.64 -17.00
CA GLY G 118 -65.60 5.17 -15.64
C GLY G 118 -66.39 4.34 -14.63
N VAL G 119 -66.23 4.68 -13.35
CA VAL G 119 -66.94 4.13 -12.18
C VAL G 119 -67.38 5.25 -11.25
N VAL G 120 -68.35 4.97 -10.37
CA VAL G 120 -68.94 5.96 -9.45
C VAL G 120 -68.44 5.76 -8.02
N VAL G 121 -68.10 6.85 -7.32
CA VAL G 121 -67.78 6.80 -5.88
C VAL G 121 -68.60 7.84 -5.12
N THR G 122 -69.20 7.43 -4.00
CA THR G 122 -70.05 8.29 -3.17
C THR G 122 -69.53 8.38 -1.74
N VAL G 123 -69.27 9.60 -1.25
CA VAL G 123 -68.72 9.82 0.09
C VAL G 123 -69.69 10.65 0.94
N SER G 124 -70.76 9.99 1.38
CA SER G 124 -71.71 10.50 2.37
C SER G 124 -72.57 9.30 2.79
N SER G 125 -72.41 8.76 4.01
CA SER G 125 -73.15 7.55 4.44
C SER G 125 -74.42 7.84 5.25
N ALA G 126 -74.80 9.10 5.40
CA ALA G 126 -75.99 9.48 6.14
C ALA G 126 -77.29 9.21 5.38
N SER G 127 -78.39 9.09 6.13
CA SER G 127 -79.78 9.13 5.63
C SER G 127 -80.09 8.19 4.45
N THR G 128 -79.56 6.97 4.45
CA THR G 128 -79.94 5.91 3.48
C THR G 128 -81.42 5.61 3.61
N LYS G 129 -82.21 5.86 2.57
CA LYS G 129 -83.68 5.87 2.67
C LYS G 129 -84.39 5.63 1.34
N GLY G 130 -85.50 4.90 1.38
CA GLY G 130 -86.49 4.80 0.30
C GLY G 130 -87.42 6.01 0.23
N PRO G 131 -87.85 6.40 -0.99
CA PRO G 131 -88.47 7.69 -1.23
C PRO G 131 -89.82 7.92 -0.57
N SER G 132 -90.06 9.17 -0.17
CA SER G 132 -91.39 9.76 -0.11
C SER G 132 -91.87 10.03 -1.55
N VAL G 133 -93.16 9.84 -1.84
CA VAL G 133 -93.71 10.20 -3.17
C VAL G 133 -95.02 10.95 -3.00
N PHE G 134 -95.17 12.05 -3.73
CA PHE G 134 -96.35 12.89 -3.72
C PHE G 134 -96.83 13.19 -5.16
N PRO G 135 -98.14 13.15 -5.44
CA PRO G 135 -98.69 13.70 -6.68
C PRO G 135 -98.43 15.21 -6.79
N LEU G 136 -98.06 15.68 -7.98
CA LEU G 136 -98.15 17.08 -8.35
C LEU G 136 -99.43 17.28 -9.14
N ALA G 137 -100.48 17.63 -8.42
CA ALA G 137 -101.84 17.50 -8.88
C ALA G 137 -102.13 18.48 -10.05
N PRO G 138 -102.77 18.02 -11.12
CA PRO G 138 -103.40 18.88 -12.13
C PRO G 138 -104.72 19.48 -11.60
N SER G 139 -104.76 19.92 -10.33
CA SER G 139 -105.99 20.30 -9.61
C SER G 139 -106.34 21.79 -9.71
N SER G 140 -107.59 22.14 -9.44
CA SER G 140 -108.10 23.52 -9.36
C SER G 140 -107.85 24.30 -10.67
N ARG G 141 -107.33 25.53 -10.64
CA ARG G 141 -106.94 26.29 -11.86
C ARG G 141 -105.97 25.54 -12.78
N SER G 142 -105.18 24.60 -12.26
CA SER G 142 -104.32 23.73 -13.10
C SER G 142 -105.11 22.78 -14.02
N THR G 143 -106.35 22.45 -13.65
CA THR G 143 -107.26 21.60 -14.45
C THR G 143 -107.81 22.30 -15.70
N SER G 144 -107.89 23.64 -15.70
CA SER G 144 -108.63 24.40 -16.73
C SER G 144 -107.84 24.66 -18.04
N GLU G 145 -106.60 24.19 -18.12
CA GLU G 145 -105.86 24.10 -19.39
C GLU G 145 -106.52 23.07 -20.33
N SER G 146 -106.34 23.19 -21.65
CA SER G 146 -106.95 22.27 -22.63
C SER G 146 -106.26 20.89 -22.69
N THR G 147 -104.94 20.84 -22.43
CA THR G 147 -104.13 19.62 -22.32
C THR G 147 -103.22 19.72 -21.09
N ALA G 148 -103.80 19.56 -19.91
CA ALA G 148 -103.15 19.75 -18.63
C ALA G 148 -101.85 18.94 -18.47
N ALA G 149 -100.82 19.59 -17.92
CA ALA G 149 -99.71 18.88 -17.31
C ALA G 149 -100.13 18.31 -15.95
N LEU G 150 -99.70 17.09 -15.65
CA LEU G 150 -99.79 16.45 -14.34
C LEU G 150 -98.39 15.96 -13.95
N GLY G 151 -98.08 15.88 -12.66
CA GLY G 151 -96.74 15.47 -12.26
C GLY G 151 -96.68 14.67 -10.98
N CYS G 152 -95.46 14.40 -10.56
CA CYS G 152 -95.11 13.58 -9.43
C CYS G 152 -93.80 14.09 -8.83
N LEU G 153 -93.66 13.98 -7.53
CA LEU G 153 -92.50 14.39 -6.76
C LEU G 153 -92.00 13.20 -5.97
N VAL G 154 -90.79 12.74 -6.27
CA VAL G 154 -90.12 11.64 -5.57
C VAL G 154 -89.02 12.30 -4.74
N LYS G 155 -89.03 12.09 -3.43
CA LYS G 155 -88.37 13.01 -2.50
C LYS G 155 -87.73 12.27 -1.35
N ASP G 156 -86.61 12.83 -0.88
CA ASP G 156 -85.86 12.35 0.26
C ASP G 156 -85.58 10.85 0.20
N TYR G 157 -84.81 10.43 -0.81
CA TYR G 157 -84.23 9.10 -0.88
C TYR G 157 -82.71 9.16 -1.04
N PHE G 158 -82.01 8.14 -0.58
CA PHE G 158 -80.57 8.04 -0.80
C PHE G 158 -80.09 6.59 -0.78
N PRO G 159 -79.05 6.23 -1.56
CA PRO G 159 -78.50 7.00 -2.67
C PRO G 159 -79.42 6.95 -3.92
N GLU G 160 -78.98 7.39 -5.08
CA GLU G 160 -79.55 6.96 -6.38
C GLU G 160 -79.14 5.49 -6.68
N PRO G 161 -79.84 4.74 -7.55
CA PRO G 161 -80.91 5.18 -8.45
C PRO G 161 -82.35 5.03 -7.96
N VAL G 162 -83.17 6.04 -8.21
CA VAL G 162 -84.62 5.85 -8.41
C VAL G 162 -84.88 5.55 -9.89
N THR G 163 -85.89 4.74 -10.16
CA THR G 163 -86.50 4.59 -11.49
C THR G 163 -87.91 5.15 -11.43
N VAL G 164 -88.26 6.10 -12.30
CA VAL G 164 -89.57 6.79 -12.30
C VAL G 164 -90.17 6.76 -13.70
N SER G 165 -91.46 6.48 -13.84
CA SER G 165 -92.15 6.44 -15.14
C SER G 165 -93.66 6.70 -15.02
N TRP G 166 -94.32 6.96 -16.14
CA TRP G 166 -95.77 7.20 -16.19
C TRP G 166 -96.52 5.99 -16.71
N ASN G 167 -97.49 5.50 -15.93
CA ASN G 167 -98.25 4.28 -16.22
C ASN G 167 -97.34 3.12 -16.64
N SER G 168 -96.35 2.84 -15.79
CA SER G 168 -95.27 1.86 -15.99
C SER G 168 -94.45 2.07 -17.27
N GLY G 169 -94.32 3.32 -17.71
CA GLY G 169 -93.63 3.71 -18.94
C GLY G 169 -94.49 3.67 -20.21
N SER G 170 -95.74 3.19 -20.12
CA SER G 170 -96.64 3.11 -21.30
C SER G 170 -97.12 4.46 -21.82
N LEU G 171 -97.04 5.52 -21.00
CA LEU G 171 -97.40 6.90 -21.39
C LEU G 171 -96.15 7.71 -21.74
N THR G 172 -96.19 8.47 -22.84
CA THR G 172 -95.03 9.19 -23.41
C THR G 172 -95.29 10.66 -23.76
N SER G 173 -96.53 11.16 -23.66
CA SER G 173 -96.96 12.47 -24.18
C SER G 173 -96.38 13.67 -23.40
N GLY G 174 -95.21 14.17 -23.80
CA GLY G 174 -94.52 15.27 -23.12
C GLY G 174 -93.98 14.85 -21.75
N VAL G 175 -93.42 13.64 -21.65
CA VAL G 175 -92.83 13.14 -20.40
C VAL G 175 -91.50 13.84 -20.11
N HIS G 176 -91.42 14.51 -18.96
CA HIS G 176 -90.20 15.12 -18.46
C HIS G 176 -89.97 14.71 -17.00
N THR G 177 -89.28 13.60 -16.80
CA THR G 177 -88.62 13.32 -15.52
C THR G 177 -87.39 14.21 -15.42
N PHE G 178 -87.46 15.24 -14.60
CA PHE G 178 -86.37 16.18 -14.42
C PHE G 178 -85.14 15.52 -13.78
N PRO G 179 -83.91 15.93 -14.15
CA PRO G 179 -82.70 15.54 -13.45
C PRO G 179 -82.78 15.79 -11.94
N ALA G 180 -82.33 14.82 -11.16
CA ALA G 180 -82.46 14.82 -9.70
C ALA G 180 -81.51 15.82 -9.02
N VAL G 181 -81.87 16.27 -7.82
CA VAL G 181 -81.03 17.07 -6.92
C VAL G 181 -80.74 16.27 -5.66
N LEU G 182 -79.47 16.09 -5.29
CA LEU G 182 -79.06 15.69 -3.93
C LEU G 182 -79.25 16.91 -3.01
N GLN G 183 -80.33 16.92 -2.23
CA GLN G 183 -80.80 18.10 -1.49
C GLN G 183 -79.95 18.41 -0.25
N SER G 184 -80.15 19.60 0.32
CA SER G 184 -79.55 20.01 1.60
C SER G 184 -79.88 19.07 2.77
N SER G 185 -80.99 18.32 2.69
CA SER G 185 -81.34 17.27 3.65
C SER G 185 -80.33 16.10 3.72
N GLY G 186 -79.45 15.92 2.72
CA GLY G 186 -78.59 14.75 2.56
C GLY G 186 -79.23 13.64 1.72
N LEU G 187 -80.35 13.92 1.06
CA LEU G 187 -81.11 12.96 0.26
C LEU G 187 -81.49 13.53 -1.11
N TYR G 188 -81.49 12.68 -2.14
CA TYR G 188 -81.93 13.05 -3.47
C TYR G 188 -83.44 13.25 -3.55
N SER G 189 -83.86 14.05 -4.51
CA SER G 189 -85.24 14.21 -4.94
C SER G 189 -85.28 14.56 -6.44
N LEU G 190 -86.38 14.23 -7.12
CA LEU G 190 -86.70 14.69 -8.47
C LEU G 190 -88.21 14.93 -8.60
N SER G 191 -88.59 15.64 -9.66
CA SER G 191 -89.99 15.68 -10.11
C SER G 191 -90.12 15.13 -11.52
N SER G 192 -91.26 14.55 -11.83
CA SER G 192 -91.62 14.15 -13.20
C SER G 192 -92.96 14.75 -13.60
N VAL G 193 -93.15 15.04 -14.88
CA VAL G 193 -94.40 15.57 -15.42
C VAL G 193 -94.75 14.92 -16.76
N VAL G 194 -96.03 14.95 -17.11
CA VAL G 194 -96.55 14.54 -18.42
C VAL G 194 -97.76 15.39 -18.79
N THR G 195 -98.03 15.61 -20.07
CA THR G 195 -99.17 16.42 -20.53
C THR G 195 -100.21 15.57 -21.23
N VAL G 196 -101.47 15.68 -20.82
CA VAL G 196 -102.58 14.85 -21.30
C VAL G 196 -103.87 15.66 -21.43
N PRO G 197 -104.87 15.23 -22.22
CA PRO G 197 -106.15 15.94 -22.33
C PRO G 197 -106.89 15.99 -20.99
N SER G 198 -107.43 17.16 -20.64
CA SER G 198 -107.92 17.43 -19.28
C SER G 198 -109.14 16.61 -18.86
N SER G 199 -109.94 16.13 -19.81
CA SER G 199 -111.03 15.17 -19.57
C SER G 199 -110.52 13.73 -19.34
N SER G 200 -109.30 13.40 -19.79
CA SER G 200 -108.70 12.09 -19.53
C SER G 200 -108.20 11.96 -18.08
N LEU G 201 -107.98 13.05 -17.35
CA LEU G 201 -107.66 13.05 -15.91
C LEU G 201 -108.72 12.29 -15.11
N GLY G 202 -108.34 11.23 -14.40
CA GLY G 202 -109.26 10.33 -13.69
C GLY G 202 -109.93 9.28 -14.59
N THR G 203 -110.31 9.64 -15.81
CA THR G 203 -110.85 8.72 -16.83
C THR G 203 -109.82 7.66 -17.21
N GLN G 204 -108.57 8.08 -17.36
CA GLN G 204 -107.39 7.23 -17.21
C GLN G 204 -106.84 7.45 -15.80
N THR G 205 -106.52 6.37 -15.09
CA THR G 205 -105.76 6.46 -13.84
C THR G 205 -104.31 6.78 -14.15
N TYR G 206 -103.93 8.05 -14.17
CA TYR G 206 -102.52 8.42 -14.35
C TYR G 206 -101.70 8.05 -13.12
N VAL G 207 -100.56 7.39 -13.33
CA VAL G 207 -99.73 6.86 -12.24
C VAL G 207 -98.27 7.22 -12.45
N CYS G 208 -97.65 7.74 -11.39
CA CYS G 208 -96.21 7.81 -11.25
C CYS G 208 -95.73 6.50 -10.62
N ASN G 209 -95.13 5.64 -11.43
CA ASN G 209 -94.62 4.35 -10.99
C ASN G 209 -93.15 4.49 -10.65
N VAL G 210 -92.79 4.11 -9.42
CA VAL G 210 -91.47 4.39 -8.82
C VAL G 210 -90.87 3.13 -8.21
N ASN G 211 -89.56 2.94 -8.35
CA ASN G 211 -88.76 2.01 -7.53
C ASN G 211 -87.44 2.71 -7.15
N HIS G 212 -86.78 2.25 -6.10
CA HIS G 212 -85.53 2.75 -5.55
C HIS G 212 -84.63 1.56 -5.22
N LYS G 213 -83.80 1.15 -6.18
CA LYS G 213 -83.00 -0.09 -6.13
C LYS G 213 -82.13 -0.25 -4.88
N PRO G 214 -81.56 0.81 -4.26
CA PRO G 214 -80.79 0.67 -3.02
C PRO G 214 -81.59 0.19 -1.80
N SER G 215 -82.93 0.28 -1.83
CA SER G 215 -83.81 -0.17 -0.73
C SER G 215 -84.96 -1.10 -1.20
N ASN G 216 -85.14 -1.27 -2.52
CA ASN G 216 -86.28 -1.93 -3.15
C ASN G 216 -87.65 -1.27 -2.83
N THR G 217 -87.63 -0.07 -2.24
CA THR G 217 -88.83 0.73 -1.96
C THR G 217 -89.48 1.18 -3.25
N LYS G 218 -90.76 0.87 -3.42
CA LYS G 218 -91.50 1.14 -4.66
C LYS G 218 -92.93 1.59 -4.40
N VAL G 219 -93.46 2.43 -5.28
CA VAL G 219 -94.76 3.11 -5.14
C VAL G 219 -95.38 3.35 -6.51
N ASP G 220 -96.56 2.79 -6.77
CA ASP G 220 -97.38 3.10 -7.94
C ASP G 220 -98.33 4.25 -7.61
N LYS G 221 -97.80 5.47 -7.43
CA LYS G 221 -98.55 6.62 -6.90
C LYS G 221 -99.48 7.23 -7.97
N ARG G 222 -100.80 7.05 -7.84
CA ARG G 222 -101.81 7.66 -8.73
C ARG G 222 -101.88 9.18 -8.55
N VAL G 223 -102.15 9.92 -9.63
CA VAL G 223 -102.12 11.40 -9.70
C VAL G 223 -103.44 11.91 -10.28
N GLU G 224 -104.08 12.92 -9.66
CA GLU G 224 -105.48 13.30 -9.95
C GLU G 224 -105.78 14.80 -9.76
N ILE G 225 -106.89 15.27 -10.34
CA ILE G 225 -107.51 16.58 -10.01
C ILE G 225 -107.72 16.68 -8.48
N TYR H 1 -47.76 25.63 -12.22
CA TYR H 1 -49.19 25.36 -12.49
C TYR H 1 -49.60 25.95 -13.84
N VAL H 2 -50.67 25.45 -14.47
CA VAL H 2 -51.25 26.00 -15.71
C VAL H 2 -52.76 26.11 -15.61
N VAL H 3 -53.30 27.32 -15.45
CA VAL H 3 -54.74 27.58 -15.58
C VAL H 3 -55.13 27.46 -17.06
N MET H 4 -56.39 27.12 -17.34
CA MET H 4 -56.97 27.03 -18.68
C MET H 4 -58.31 27.78 -18.71
N THR H 5 -58.77 28.21 -19.89
CA THR H 5 -60.04 28.93 -20.08
C THR H 5 -60.45 28.89 -21.54
N GLN H 6 -61.71 28.58 -21.80
CA GLN H 6 -62.37 28.62 -23.11
C GLN H 6 -63.28 29.85 -23.26
N SER H 7 -63.31 30.48 -24.42
CA SER H 7 -64.05 31.74 -24.62
C SER H 7 -65.58 31.56 -24.81
N PRO H 8 -66.11 30.88 -25.85
CA PRO H 8 -67.54 30.64 -25.97
C PRO H 8 -67.99 29.60 -24.96
N LEU H 9 -69.13 29.83 -24.30
CA LEU H 9 -69.76 28.82 -23.45
C LEU H 9 -70.76 28.03 -24.27
N SER H 10 -71.99 28.51 -24.43
CA SER H 10 -72.95 27.89 -25.36
C SER H 10 -72.59 28.20 -26.81
N LEU H 11 -72.72 27.19 -27.67
CA LEU H 11 -72.73 27.30 -29.13
C LEU H 11 -74.11 26.82 -29.65
N PRO H 12 -75.17 27.66 -29.58
CA PRO H 12 -76.48 27.33 -30.13
C PRO H 12 -76.45 27.56 -31.64
N ILE H 13 -76.02 26.57 -32.41
CA ILE H 13 -75.61 26.73 -33.82
C ILE H 13 -76.35 25.74 -34.74
N THR H 14 -76.73 26.21 -35.92
CA THR H 14 -77.51 25.44 -36.90
C THR H 14 -76.70 24.28 -37.48
N PRO H 15 -77.26 23.06 -37.63
CA PRO H 15 -76.58 21.98 -38.33
C PRO H 15 -76.20 22.40 -39.76
N GLY H 16 -74.92 22.22 -40.10
CA GLY H 16 -74.31 22.60 -41.37
C GLY H 16 -73.39 23.81 -41.30
N GLN H 17 -73.47 24.65 -40.27
CA GLN H 17 -72.67 25.88 -40.17
C GLN H 17 -71.29 25.63 -39.55
N PRO H 18 -70.23 26.36 -39.93
CA PRO H 18 -68.96 26.30 -39.22
C PRO H 18 -69.12 26.82 -37.79
N ALA H 19 -68.28 26.31 -36.89
CA ALA H 19 -68.12 26.89 -35.56
C ALA H 19 -66.66 26.79 -35.12
N SER H 20 -66.24 27.63 -34.17
CA SER H 20 -64.91 27.52 -33.58
C SER H 20 -64.92 27.90 -32.10
N ILE H 21 -63.95 27.36 -31.37
CA ILE H 21 -63.78 27.49 -29.93
C ILE H 21 -62.32 27.87 -29.72
N SER H 22 -62.05 28.75 -28.77
CA SER H 22 -60.70 29.20 -28.44
C SER H 22 -60.40 28.94 -26.97
N CYS H 23 -59.19 28.50 -26.67
CA CYS H 23 -58.70 28.19 -25.33
C CYS H 23 -57.34 28.88 -25.11
N ARG H 24 -57.15 29.44 -23.93
CA ARG H 24 -56.06 30.38 -23.64
C ARG H 24 -55.47 30.10 -22.26
N SER H 25 -54.33 29.42 -22.24
CA SER H 25 -53.65 29.02 -21.00
C SER H 25 -53.00 30.20 -20.30
N SER H 26 -52.67 30.03 -19.01
CA SER H 26 -51.92 31.03 -18.23
C SER H 26 -50.43 31.12 -18.60
N GLN H 27 -49.85 30.06 -19.14
CA GLN H 27 -48.44 29.94 -19.48
C GLN H 27 -48.30 29.09 -20.75
N ARG H 28 -47.24 29.28 -21.53
CA ARG H 28 -47.11 28.68 -22.85
C ARG H 28 -47.04 27.15 -22.78
N LEU H 29 -47.79 26.48 -23.66
CA LEU H 29 -47.92 25.03 -23.65
C LEU H 29 -46.77 24.28 -24.35
N LEU H 30 -45.79 24.99 -24.88
CA LEU H 30 -44.59 24.40 -25.45
C LEU H 30 -43.82 23.59 -24.38
N HIS H 31 -43.57 22.31 -24.63
CA HIS H 31 -42.72 21.47 -23.76
C HIS H 31 -41.25 21.61 -24.11
N SER H 32 -40.37 21.31 -23.15
CA SER H 32 -38.92 21.27 -23.36
C SER H 32 -38.50 20.37 -24.53
N ASP H 33 -39.23 19.29 -24.79
CA ASP H 33 -38.94 18.39 -25.89
C ASP H 33 -39.22 18.99 -27.28
N GLY H 34 -39.90 20.14 -27.33
CA GLY H 34 -40.13 20.93 -28.54
C GLY H 34 -41.47 20.70 -29.22
N ASN H 35 -42.28 19.75 -28.76
CA ASN H 35 -43.69 19.69 -29.12
C ASN H 35 -44.51 20.63 -28.22
N THR H 36 -45.78 20.81 -28.55
CA THR H 36 -46.74 21.51 -27.69
C THR H 36 -47.94 20.59 -27.40
N TYR H 37 -48.22 20.31 -26.12
CA TYR H 37 -49.10 19.21 -25.70
C TYR H 37 -50.47 19.68 -25.22
N LEU H 38 -51.17 20.44 -26.07
CA LEU H 38 -52.61 20.63 -25.96
C LEU H 38 -53.36 19.48 -26.66
N ALA H 39 -54.57 19.20 -26.19
CA ALA H 39 -55.55 18.40 -26.90
C ALA H 39 -56.97 18.90 -26.63
N TRP H 40 -57.92 18.51 -27.49
CA TRP H 40 -59.33 18.83 -27.37
C TRP H 40 -60.17 17.56 -27.22
N TYR H 41 -61.04 17.50 -26.23
CA TYR H 41 -61.88 16.34 -25.93
C TYR H 41 -63.34 16.66 -26.18
N GLN H 42 -64.10 15.74 -26.76
CA GLN H 42 -65.57 15.80 -26.81
C GLN H 42 -66.15 14.80 -25.81
N GLN H 43 -67.10 15.25 -25.00
CA GLN H 43 -68.00 14.41 -24.22
C GLN H 43 -69.40 14.53 -24.81
N ARG H 44 -69.92 13.46 -25.43
CA ARG H 44 -71.35 13.34 -25.76
C ARG H 44 -72.19 13.21 -24.47
N PRO H 45 -73.50 13.48 -24.53
CA PRO H 45 -74.42 13.14 -23.45
C PRO H 45 -74.26 11.70 -22.97
N GLY H 46 -74.08 11.51 -21.66
CA GLY H 46 -74.05 10.18 -21.03
C GLY H 46 -72.83 9.30 -21.35
N GLN H 47 -71.67 9.86 -21.71
CA GLN H 47 -70.48 9.09 -22.10
C GLN H 47 -69.19 9.63 -21.48
N PRO H 48 -68.12 8.81 -21.40
CA PRO H 48 -66.80 9.32 -21.06
C PRO H 48 -66.33 10.33 -22.12
N PRO H 49 -65.42 11.25 -21.78
CA PRO H 49 -64.69 12.04 -22.77
C PRO H 49 -63.89 11.15 -23.71
N ARG H 50 -63.78 11.56 -24.98
CA ARG H 50 -62.78 11.04 -25.93
C ARG H 50 -62.03 12.20 -26.60
N ARG H 51 -60.84 11.95 -27.10
CA ARG H 51 -59.92 12.97 -27.63
C ARG H 51 -60.03 13.13 -29.15
N LEU H 52 -60.37 14.32 -29.64
CA LEU H 52 -60.44 14.59 -31.09
C LEU H 52 -59.10 15.06 -31.66
N ILE H 53 -58.54 16.13 -31.11
CA ILE H 53 -57.37 16.79 -31.65
C ILE H 53 -56.29 16.73 -30.60
N TYR H 54 -55.03 16.52 -30.96
CA TYR H 54 -53.95 16.33 -30.00
C TYR H 54 -52.60 16.72 -30.58
N GLU H 55 -51.57 16.87 -29.75
CA GLU H 55 -50.27 17.42 -30.17
C GLU H 55 -50.50 18.74 -30.95
N VAL H 56 -51.26 19.65 -30.35
CA VAL H 56 -51.88 20.86 -30.93
C VAL H 56 -53.01 20.62 -31.93
N SER H 57 -52.77 19.83 -32.97
CA SER H 57 -53.54 19.92 -34.22
C SER H 57 -53.72 18.62 -35.00
N LYS H 58 -53.00 17.55 -34.68
CA LYS H 58 -53.18 16.26 -35.35
C LYS H 58 -54.58 15.71 -35.06
N LEU H 59 -55.24 15.09 -36.02
CA LEU H 59 -56.44 14.30 -35.71
C LEU H 59 -56.05 12.97 -35.07
N ASP H 60 -56.74 12.61 -34.00
CA ASP H 60 -56.64 11.26 -33.44
C ASP H 60 -57.39 10.25 -34.33
N SER H 61 -57.01 8.98 -34.25
CA SER H 61 -57.57 7.92 -35.10
C SER H 61 -59.10 7.84 -34.97
N GLY H 62 -59.81 7.74 -36.09
CA GLY H 62 -61.27 7.59 -36.14
C GLY H 62 -62.07 8.90 -36.10
N VAL H 63 -61.42 10.04 -35.86
CA VAL H 63 -62.06 11.37 -35.79
C VAL H 63 -62.60 11.83 -37.16
N PRO H 64 -63.81 12.41 -37.27
CA PRO H 64 -64.30 12.99 -38.51
C PRO H 64 -63.49 14.20 -38.99
N ASP H 65 -63.29 14.29 -40.31
CA ASP H 65 -62.40 15.29 -40.91
C ASP H 65 -62.86 16.75 -40.75
N ARG H 66 -64.14 16.98 -40.39
CA ARG H 66 -64.65 18.33 -40.14
C ARG H 66 -63.99 19.03 -38.95
N PHE H 67 -63.44 18.29 -37.99
CA PHE H 67 -62.66 18.86 -36.89
C PHE H 67 -61.24 19.21 -37.34
N SER H 68 -60.68 20.26 -36.75
CA SER H 68 -59.39 20.85 -37.12
C SER H 68 -58.93 21.82 -36.03
N GLY H 69 -57.65 22.19 -36.01
CA GLY H 69 -57.20 23.16 -35.00
C GLY H 69 -55.89 23.88 -35.33
N SER H 70 -55.61 24.90 -34.52
CA SER H 70 -54.48 25.82 -34.67
C SER H 70 -54.05 26.39 -33.32
N GLY H 71 -52.86 27.01 -33.29
CA GLY H 71 -52.49 27.94 -32.23
C GLY H 71 -50.98 28.08 -32.01
N ALA H 72 -50.62 28.85 -30.99
CA ALA H 72 -49.24 29.07 -30.59
C ALA H 72 -49.15 29.56 -29.13
N GLY H 73 -48.01 29.30 -28.46
CA GLY H 73 -47.73 29.85 -27.14
C GLY H 73 -48.78 29.47 -26.10
N THR H 74 -49.63 30.41 -25.69
CA THR H 74 -50.76 30.17 -24.78
C THR H 74 -52.10 29.94 -25.47
N ASP H 75 -52.26 30.31 -26.75
CA ASP H 75 -53.57 30.51 -27.37
C ASP H 75 -53.81 29.55 -28.54
N PHE H 76 -54.91 28.79 -28.47
CA PHE H 76 -55.21 27.70 -29.40
C PHE H 76 -56.70 27.61 -29.71
N THR H 77 -57.04 27.09 -30.89
CA THR H 77 -58.44 27.02 -31.33
C THR H 77 -58.78 25.68 -31.96
N LEU H 78 -60.01 25.26 -31.72
CA LEU H 78 -60.66 24.11 -32.34
C LEU H 78 -61.67 24.69 -33.33
N LYS H 79 -61.60 24.28 -34.60
CA LYS H 79 -62.56 24.67 -35.64
C LYS H 79 -63.26 23.44 -36.19
N ILE H 80 -64.56 23.59 -36.38
CA ILE H 80 -65.46 22.62 -36.97
C ILE H 80 -65.91 23.22 -38.30
N SER H 81 -65.64 22.54 -39.42
CA SER H 81 -65.98 23.08 -40.75
C SER H 81 -67.49 23.20 -40.95
N ARG H 82 -68.26 22.26 -40.41
CA ARG H 82 -69.73 22.26 -40.34
C ARG H 82 -70.20 21.48 -39.11
N VAL H 83 -70.92 22.07 -38.17
CA VAL H 83 -71.48 21.35 -37.01
C VAL H 83 -72.63 20.42 -37.41
N GLU H 84 -72.80 19.33 -36.69
CA GLU H 84 -73.81 18.29 -36.96
C GLU H 84 -74.44 17.76 -35.66
N ALA H 85 -75.55 17.00 -35.75
CA ALA H 85 -76.29 16.55 -34.56
C ALA H 85 -75.42 15.77 -33.56
N GLU H 86 -74.57 14.88 -34.06
CA GLU H 86 -73.63 14.09 -33.27
C GLU H 86 -72.49 14.92 -32.63
N ASP H 87 -72.34 16.19 -33.01
CA ASP H 87 -71.38 17.08 -32.37
C ASP H 87 -71.91 17.66 -31.05
N VAL H 88 -73.22 17.54 -30.75
CA VAL H 88 -73.82 18.04 -29.51
C VAL H 88 -73.18 17.41 -28.26
N GLY H 89 -72.96 18.19 -27.22
CA GLY H 89 -72.23 17.79 -26.02
C GLY H 89 -71.20 18.85 -25.59
N VAL H 90 -70.31 18.50 -24.67
CA VAL H 90 -69.32 19.43 -24.10
C VAL H 90 -67.94 19.16 -24.65
N TYR H 91 -67.25 20.22 -25.05
CA TYR H 91 -65.86 20.21 -25.50
C TYR H 91 -64.97 20.84 -24.44
N TYR H 92 -63.86 20.18 -24.09
CA TYR H 92 -62.85 20.71 -23.19
C TYR H 92 -61.53 20.81 -23.94
N CYS H 93 -60.81 21.93 -23.85
CA CYS H 93 -59.36 21.88 -24.06
C CYS H 93 -58.71 21.23 -22.84
N GLY H 94 -57.52 20.69 -23.00
CA GLY H 94 -56.67 20.27 -21.88
C GLY H 94 -55.20 20.30 -22.26
N GLN H 95 -54.34 20.58 -21.29
CA GLN H 95 -52.89 20.59 -21.45
C GLN H 95 -52.27 19.43 -20.70
N ASN H 96 -51.20 18.87 -21.26
CA ASN H 96 -50.40 17.82 -20.64
C ASN H 96 -48.93 18.19 -20.48
N THR H 97 -48.54 19.40 -20.84
CA THR H 97 -47.15 19.86 -20.79
C THR H 97 -46.60 19.93 -19.37
N TYR H 98 -47.39 20.39 -18.40
CA TYR H 98 -46.95 20.47 -17.00
C TYR H 98 -47.93 19.77 -16.07
N LEU H 99 -47.43 19.10 -15.02
CA LEU H 99 -48.30 18.61 -13.96
C LEU H 99 -48.82 19.79 -13.12
N PRO H 100 -50.04 19.70 -12.58
CA PRO H 100 -51.05 18.71 -12.91
C PRO H 100 -51.60 18.95 -14.32
N TYR H 101 -51.90 17.89 -15.06
CA TYR H 101 -52.63 18.03 -16.32
C TYR H 101 -53.96 18.72 -16.03
N SER H 102 -54.34 19.71 -16.83
CA SER H 102 -55.46 20.60 -16.50
C SER H 102 -56.34 20.88 -17.71
N PHE H 103 -57.59 21.28 -17.44
CA PHE H 103 -58.69 21.28 -18.39
C PHE H 103 -59.41 22.63 -18.40
N GLY H 104 -59.86 23.07 -19.58
CA GLY H 104 -60.77 24.20 -19.69
C GLY H 104 -62.11 23.92 -19.00
N GLN H 105 -62.81 24.97 -18.61
CA GLN H 105 -64.10 24.86 -17.93
C GLN H 105 -65.24 24.35 -18.85
N GLY H 106 -64.97 24.20 -20.15
CA GLY H 106 -65.88 23.59 -21.12
C GLY H 106 -66.64 24.59 -22.00
N SER H 107 -67.14 24.08 -23.12
CA SER H 107 -68.02 24.75 -24.08
C SER H 107 -69.08 23.76 -24.56
N LYS H 108 -70.34 24.16 -24.73
CA LYS H 108 -71.44 23.24 -25.07
C LYS H 108 -71.98 23.51 -26.48
N VAL H 109 -71.91 22.50 -27.36
CA VAL H 109 -72.51 22.55 -28.71
C VAL H 109 -73.97 22.12 -28.63
N GLU H 110 -74.85 22.91 -29.24
CA GLU H 110 -76.31 22.75 -29.16
C GLU H 110 -76.96 23.01 -30.51
N ILE H 111 -77.98 22.23 -30.90
CA ILE H 111 -78.73 22.49 -32.14
C ILE H 111 -79.44 23.84 -32.05
N LYS H 112 -79.28 24.71 -33.05
CA LYS H 112 -80.13 25.90 -33.23
C LYS H 112 -81.47 25.53 -33.88
N ARG H 113 -82.54 26.09 -33.32
CA ARG H 113 -83.94 25.94 -33.72
C ARG H 113 -84.74 27.13 -33.20
N ALA H 114 -85.97 27.33 -33.68
CA ALA H 114 -86.74 28.55 -33.40
C ALA H 114 -87.00 28.79 -31.90
N VAL H 115 -87.07 30.07 -31.48
CA VAL H 115 -87.22 30.57 -30.10
C VAL H 115 -88.62 30.28 -29.52
N ALA H 116 -88.88 29.02 -29.22
CA ALA H 116 -90.18 28.52 -28.78
C ALA H 116 -90.55 29.01 -27.37
N ALA H 117 -91.73 29.58 -27.20
CA ALA H 117 -92.27 29.94 -25.88
C ALA H 117 -92.70 28.68 -25.09
N PRO H 118 -92.52 28.64 -23.76
CA PRO H 118 -92.99 27.53 -22.93
C PRO H 118 -94.51 27.40 -22.92
N SER H 119 -95.02 26.18 -22.88
CA SER H 119 -96.32 25.89 -22.25
C SER H 119 -96.11 25.95 -20.73
N VAL H 120 -96.97 26.67 -19.99
CA VAL H 120 -96.70 27.02 -18.57
C VAL H 120 -97.80 26.49 -17.65
N PHE H 121 -97.41 25.89 -16.53
CA PHE H 121 -98.31 25.22 -15.59
C PHE H 121 -97.87 25.40 -14.13
N ILE H 122 -98.80 25.26 -13.18
CA ILE H 122 -98.55 25.19 -11.72
C ILE H 122 -99.26 23.97 -11.11
N PHE H 123 -98.74 23.42 -10.02
CA PHE H 123 -99.35 22.26 -9.37
C PHE H 123 -99.64 22.55 -7.90
N PRO H 124 -100.91 22.48 -7.48
CA PRO H 124 -101.23 22.39 -6.07
C PRO H 124 -100.59 21.14 -5.45
N PRO H 125 -99.96 21.23 -4.27
CA PRO H 125 -99.55 20.07 -3.51
C PRO H 125 -100.73 19.13 -3.21
N SER H 126 -100.48 17.82 -3.28
CA SER H 126 -101.45 16.76 -2.97
C SER H 126 -101.83 16.70 -1.48
N GLU H 127 -102.99 16.13 -1.14
CA GLU H 127 -103.55 16.23 0.23
C GLU H 127 -102.64 15.62 1.31
N ASP H 128 -101.92 14.55 1.00
CA ASP H 128 -100.90 13.95 1.86
C ASP H 128 -99.68 14.87 2.04
N GLN H 129 -99.27 15.57 0.99
CA GLN H 129 -98.22 16.57 1.06
C GLN H 129 -98.69 17.82 1.82
N VAL H 130 -99.94 18.26 1.63
CA VAL H 130 -100.58 19.45 2.23
C VAL H 130 -100.60 19.40 3.76
N LYS H 131 -100.67 18.20 4.35
CA LYS H 131 -100.53 18.00 5.80
C LYS H 131 -99.08 17.74 6.28
N SER H 132 -98.16 17.41 5.36
CA SER H 132 -96.79 17.01 5.70
C SER H 132 -95.92 18.20 6.11
N GLY H 133 -94.96 17.96 7.02
CA GLY H 133 -94.15 18.99 7.69
C GLY H 133 -93.38 19.95 6.77
N THR H 134 -93.03 19.51 5.56
CA THR H 134 -92.59 20.39 4.47
C THR H 134 -93.41 20.12 3.22
N VAL H 135 -93.68 21.18 2.45
CA VAL H 135 -94.54 21.17 1.27
C VAL H 135 -93.83 21.81 0.09
N SER H 136 -93.65 21.06 -0.99
CA SER H 136 -93.13 21.57 -2.26
C SER H 136 -94.27 22.04 -3.16
N VAL H 137 -94.48 23.35 -3.22
CA VAL H 137 -95.25 23.96 -4.32
C VAL H 137 -94.42 23.88 -5.59
N VAL H 138 -95.04 23.62 -6.75
CA VAL H 138 -94.31 23.35 -8.00
C VAL H 138 -94.87 24.11 -9.21
N CYS H 139 -93.99 24.51 -10.12
CA CYS H 139 -94.31 25.10 -11.42
C CYS H 139 -93.49 24.44 -12.56
N LEU H 140 -94.05 24.38 -13.76
CA LEU H 140 -93.47 23.78 -14.97
C LEU H 140 -93.50 24.77 -16.13
N LEU H 141 -92.36 24.94 -16.79
CA LEU H 141 -92.23 25.57 -18.10
C LEU H 141 -91.86 24.44 -19.05
N ASN H 142 -92.60 24.24 -20.14
CA ASN H 142 -92.45 23.04 -20.97
C ASN H 142 -92.19 23.37 -22.45
N ASN H 143 -91.21 22.66 -23.02
CA ASN H 143 -90.86 22.66 -24.43
C ASN H 143 -90.63 24.06 -25.03
N PHE H 144 -89.61 24.76 -24.54
CA PHE H 144 -89.20 26.12 -24.91
C PHE H 144 -87.76 26.18 -25.45
N TYR H 145 -87.39 27.20 -26.24
CA TYR H 145 -86.01 27.38 -26.73
C TYR H 145 -85.63 28.87 -26.75
N PRO H 146 -84.37 29.26 -26.47
CA PRO H 146 -83.25 28.45 -26.01
C PRO H 146 -83.38 28.01 -24.53
N ARG H 147 -82.33 27.37 -24.01
CA ARG H 147 -82.28 26.63 -22.73
C ARG H 147 -82.54 27.46 -21.47
N GLU H 148 -82.10 28.71 -21.43
CA GLU H 148 -82.07 29.52 -20.21
C GLU H 148 -83.47 29.90 -19.72
N ALA H 149 -83.86 29.44 -18.52
CA ALA H 149 -85.13 29.73 -17.87
C ALA H 149 -85.05 29.64 -16.33
N SER H 150 -86.06 30.18 -15.63
CA SER H 150 -86.28 30.13 -14.18
C SER H 150 -87.74 30.50 -13.84
N VAL H 151 -88.11 30.44 -12.56
CA VAL H 151 -89.39 30.90 -12.03
C VAL H 151 -89.17 31.96 -10.95
N LYS H 152 -90.02 32.99 -10.89
CA LYS H 152 -90.17 33.87 -9.70
C LYS H 152 -91.41 33.44 -8.93
N TRP H 153 -91.27 33.21 -7.63
CA TRP H 153 -92.37 32.66 -6.81
C TRP H 153 -93.15 33.75 -6.08
N LYS H 154 -94.47 33.63 -6.11
CA LYS H 154 -95.43 34.54 -5.48
C LYS H 154 -96.56 33.78 -4.78
N VAL H 155 -97.28 34.46 -3.90
CA VAL H 155 -98.53 33.98 -3.29
C VAL H 155 -99.36 35.19 -2.91
N ASP H 156 -100.68 35.21 -3.12
CA ASP H 156 -101.52 36.34 -2.67
C ASP H 156 -101.08 37.73 -3.22
N GLY H 157 -100.29 37.77 -4.30
CA GLY H 157 -99.60 38.97 -4.81
C GLY H 157 -98.30 39.36 -4.08
N VAL H 158 -97.96 38.65 -3.00
CA VAL H 158 -96.72 38.75 -2.21
C VAL H 158 -95.59 37.99 -2.90
N LEU H 159 -94.37 38.54 -2.95
CA LEU H 159 -93.18 37.75 -3.34
C LEU H 159 -92.92 36.64 -2.30
N LYS H 160 -92.77 35.39 -2.75
CA LYS H 160 -92.71 34.17 -1.92
C LYS H 160 -91.48 33.31 -2.26
N THR H 161 -90.36 33.98 -2.51
CA THR H 161 -89.06 33.36 -2.82
C THR H 161 -88.37 32.83 -1.55
N GLY H 162 -87.46 31.86 -1.72
CA GLY H 162 -86.81 31.12 -0.64
C GLY H 162 -86.31 29.75 -1.12
N ASN H 163 -86.97 28.68 -0.69
CA ASN H 163 -86.65 27.29 -1.05
C ASN H 163 -87.10 26.90 -2.48
N SER H 164 -87.06 27.80 -3.46
CA SER H 164 -87.34 27.50 -4.87
C SER H 164 -86.16 26.80 -5.54
N GLN H 165 -86.01 25.49 -5.28
CA GLN H 165 -85.05 24.63 -5.98
C GLN H 165 -85.54 24.39 -7.43
N GLU H 166 -84.66 24.34 -8.42
CA GLU H 166 -85.05 24.21 -9.83
C GLU H 166 -84.24 23.13 -10.56
N SER H 167 -84.82 22.57 -11.62
CA SER H 167 -84.17 21.58 -12.49
C SER H 167 -84.64 21.73 -13.94
N VAL H 168 -83.79 21.33 -14.89
CA VAL H 168 -83.96 21.54 -16.33
C VAL H 168 -83.61 20.30 -17.13
N THR H 169 -84.27 20.11 -18.27
CA THR H 169 -83.94 19.04 -19.22
C THR H 169 -82.65 19.36 -19.98
N GLU H 170 -82.03 18.33 -20.59
CA GLU H 170 -81.17 18.53 -21.76
C GLU H 170 -82.01 18.93 -22.99
N GLN H 171 -81.40 19.22 -24.15
CA GLN H 171 -82.13 19.52 -25.37
C GLN H 171 -83.05 18.36 -25.78
N ASP H 172 -84.30 18.69 -26.07
CA ASP H 172 -85.40 17.77 -26.34
C ASP H 172 -85.13 16.91 -27.59
N SER H 173 -85.35 15.60 -27.50
CA SER H 173 -85.07 14.65 -28.58
C SER H 173 -86.12 14.62 -29.71
N LYS H 174 -87.32 15.18 -29.50
CA LYS H 174 -88.45 15.18 -30.44
C LYS H 174 -88.64 16.54 -31.13
N ASP H 175 -88.34 17.65 -30.45
CA ASP H 175 -88.47 19.00 -31.02
C ASP H 175 -87.25 19.92 -30.77
N ASN H 176 -86.22 19.46 -30.07
CA ASN H 176 -85.00 20.22 -29.76
C ASN H 176 -85.21 21.53 -28.98
N THR H 177 -86.33 21.68 -28.27
CA THR H 177 -86.54 22.66 -27.19
C THR H 177 -85.96 22.17 -25.84
N TYR H 178 -86.41 22.69 -24.70
CA TYR H 178 -86.05 22.31 -23.34
C TYR H 178 -87.27 22.46 -22.41
N SER H 179 -87.22 21.91 -21.21
CA SER H 179 -88.26 22.11 -20.17
C SER H 179 -87.61 22.35 -18.80
N LEU H 180 -88.37 22.93 -17.86
CA LEU H 180 -87.91 23.34 -16.52
C LEU H 180 -88.99 23.09 -15.47
N SER H 181 -88.58 22.67 -14.27
CA SER H 181 -89.44 22.64 -13.08
C SER H 181 -88.82 23.45 -11.93
N SER H 182 -89.69 24.04 -11.12
CA SER H 182 -89.31 24.85 -9.96
C SER H 182 -90.11 24.43 -8.75
N THR H 183 -89.48 24.37 -7.57
CA THR H 183 -89.85 23.45 -6.49
C THR H 183 -89.82 24.14 -5.11
N LEU H 184 -90.64 25.18 -4.92
CA LEU H 184 -90.69 25.98 -3.70
C LEU H 184 -91.08 25.11 -2.47
N THR H 185 -90.07 24.69 -1.71
CA THR H 185 -90.19 23.67 -0.65
C THR H 185 -90.29 24.34 0.73
N LEU H 186 -91.48 24.83 1.04
CA LEU H 186 -91.86 25.54 2.26
C LEU H 186 -91.94 24.60 3.48
N SER H 187 -91.95 25.16 4.69
CA SER H 187 -92.52 24.46 5.86
C SER H 187 -94.05 24.38 5.73
N ASN H 188 -94.70 23.47 6.45
CA ASN H 188 -96.16 23.38 6.44
C ASN H 188 -96.79 24.69 6.92
N THR H 189 -96.21 25.32 7.94
CA THR H 189 -96.67 26.63 8.41
C THR H 189 -96.57 27.69 7.33
N ASP H 190 -95.40 27.84 6.69
CA ASP H 190 -95.18 28.88 5.68
C ASP H 190 -96.03 28.63 4.41
N TYR H 191 -96.34 27.37 4.10
CA TYR H 191 -97.33 27.00 3.07
C TYR H 191 -98.76 27.38 3.47
N GLN H 192 -99.22 26.95 4.65
CA GLN H 192 -100.58 27.22 5.14
C GLN H 192 -100.81 28.70 5.51
N SER H 193 -99.75 29.47 5.73
CA SER H 193 -99.77 30.90 6.05
C SER H 193 -100.34 31.80 4.94
N HIS H 194 -100.28 31.35 3.68
CA HIS H 194 -100.63 32.12 2.48
C HIS H 194 -101.34 31.22 1.46
N ASN H 195 -102.04 31.78 0.45
CA ASN H 195 -103.14 31.05 -0.21
C ASN H 195 -103.03 30.96 -1.74
N VAL H 196 -103.10 32.05 -2.47
CA VAL H 196 -103.14 32.04 -3.95
C VAL H 196 -101.72 31.97 -4.52
N TYR H 197 -101.10 30.81 -4.41
CA TYR H 197 -99.75 30.56 -4.89
C TYR H 197 -99.67 30.77 -6.40
N ALA H 198 -98.63 31.48 -6.84
CA ALA H 198 -98.40 31.83 -8.22
C ALA H 198 -96.93 31.62 -8.60
N CYS H 199 -96.69 31.15 -9.82
CA CYS H 199 -95.36 31.11 -10.41
C CYS H 199 -95.31 32.01 -11.64
N GLU H 200 -94.29 32.88 -11.68
CA GLU H 200 -94.03 33.80 -12.78
C GLU H 200 -92.87 33.27 -13.62
N VAL H 201 -93.06 33.25 -14.93
CA VAL H 201 -92.11 32.77 -15.92
C VAL H 201 -90.84 33.61 -15.92
N THR H 202 -89.73 32.97 -16.25
CA THR H 202 -88.53 33.60 -16.81
C THR H 202 -87.99 32.64 -17.85
N HIS H 203 -87.90 33.06 -19.12
CA HIS H 203 -87.28 32.31 -20.21
C HIS H 203 -86.54 33.29 -21.13
N GLN H 204 -85.39 32.89 -21.67
CA GLN H 204 -84.62 33.73 -22.60
C GLN H 204 -85.36 34.03 -23.92
N GLY H 205 -86.33 33.19 -24.31
CA GLY H 205 -87.36 33.55 -25.28
C GLY H 205 -88.47 34.40 -24.63
N LEU H 206 -89.38 33.73 -23.93
CA LEU H 206 -90.50 34.34 -23.21
C LEU H 206 -90.07 34.92 -21.86
N SER H 207 -89.39 36.07 -21.88
CA SER H 207 -88.93 36.73 -20.64
C SER H 207 -90.05 37.43 -19.85
N SER H 208 -91.23 37.55 -20.45
CA SER H 208 -92.42 38.24 -19.91
C SER H 208 -92.92 37.68 -18.56
N PRO H 209 -93.60 38.49 -17.74
CA PRO H 209 -94.15 38.10 -16.43
C PRO H 209 -95.39 37.19 -16.50
N VAL H 210 -95.49 36.33 -17.53
CA VAL H 210 -96.57 35.34 -17.67
C VAL H 210 -96.62 34.48 -16.41
N THR H 211 -97.81 34.27 -15.86
CA THR H 211 -97.98 33.71 -14.52
C THR H 211 -99.16 32.73 -14.47
N LYS H 212 -98.99 31.62 -13.74
CA LYS H 212 -100.07 30.68 -13.40
C LYS H 212 -100.19 30.58 -11.88
N SER H 213 -101.39 30.31 -11.38
CA SER H 213 -101.68 30.31 -9.94
C SER H 213 -102.73 29.28 -9.53
N PHE H 214 -102.79 28.95 -8.24
CA PHE H 214 -103.90 28.21 -7.63
C PHE H 214 -104.20 28.78 -6.24
N ASN H 215 -105.45 28.72 -5.79
CA ASN H 215 -105.76 28.92 -4.38
C ASN H 215 -105.52 27.63 -3.58
N ARG H 216 -104.82 27.73 -2.44
CA ARG H 216 -104.42 26.60 -1.60
C ARG H 216 -105.62 25.76 -1.11
N GLY H 217 -105.60 24.45 -1.32
CA GLY H 217 -106.61 23.49 -0.86
C GLY H 217 -108.06 23.88 -1.19
N GLU I 2 38.85 49.60 -54.46
CA GLU I 2 38.68 48.52 -53.47
C GLU I 2 37.35 47.81 -53.63
N ASN I 3 37.25 46.54 -53.25
CA ASN I 3 36.00 45.78 -53.26
C ASN I 3 35.93 44.78 -52.10
N LEU I 4 34.73 44.43 -51.68
CA LEU I 4 34.44 43.78 -50.42
C LEU I 4 33.94 42.36 -50.60
N TRP I 5 34.36 41.48 -49.70
CA TRP I 5 34.18 40.04 -49.73
C TRP I 5 33.78 39.51 -48.36
N VAL I 6 32.89 38.54 -48.31
CA VAL I 6 32.55 37.84 -47.07
C VAL I 6 33.74 37.07 -46.52
N THR I 7 34.00 37.26 -45.22
CA THR I 7 34.76 36.33 -44.38
C THR I 7 33.83 35.76 -43.32
N VAL I 8 34.08 34.52 -42.89
CA VAL I 8 33.41 33.95 -41.73
C VAL I 8 34.33 33.89 -40.54
N TYR I 9 33.82 34.26 -39.36
CA TYR I 9 34.52 34.19 -38.08
C TYR I 9 33.78 33.27 -37.12
N TYR I 10 34.45 32.24 -36.60
CA TYR I 10 33.89 31.45 -35.52
C TYR I 10 34.25 32.07 -34.15
N GLY I 11 33.60 31.61 -33.09
CA GLY I 11 33.91 32.04 -31.72
C GLY I 11 33.64 33.50 -31.33
N VAL I 12 33.08 34.37 -32.19
CA VAL I 12 32.85 35.78 -31.84
C VAL I 12 31.90 35.95 -30.67
N PRO I 13 32.13 36.93 -29.78
CA PRO I 13 31.29 37.17 -28.61
C PRO I 13 30.00 37.92 -28.98
N VAL I 14 28.95 37.20 -29.32
CA VAL I 14 27.58 37.72 -29.36
C VAL I 14 26.62 36.71 -28.76
N TRP I 15 25.45 37.17 -28.33
CA TRP I 15 24.50 36.36 -27.58
C TRP I 15 23.04 36.76 -27.85
N LYS I 16 22.13 35.95 -27.34
CA LYS I 16 20.67 36.15 -27.38
C LYS I 16 20.05 35.63 -26.09
N GLU I 17 18.94 36.20 -25.63
CA GLU I 17 18.19 35.65 -24.48
C GLU I 17 17.64 34.26 -24.81
N ALA I 18 17.62 33.38 -23.81
CA ALA I 18 17.02 32.05 -23.96
C ALA I 18 16.49 31.50 -22.64
N LYS I 19 15.48 30.64 -22.75
CA LYS I 19 15.04 29.73 -21.70
C LYS I 19 15.83 28.43 -21.80
N THR I 20 16.51 28.04 -20.73
CA THR I 20 17.32 26.80 -20.69
C THR I 20 17.40 26.26 -19.28
N THR I 21 17.47 24.94 -19.11
CA THR I 21 17.54 24.32 -17.78
C THR I 21 18.89 24.58 -17.12
N LEU I 22 18.90 25.41 -16.07
CA LEU I 22 20.04 25.61 -15.19
C LEU I 22 20.28 24.38 -14.30
N PHE I 23 21.47 24.23 -13.74
CA PHE I 23 21.77 23.14 -12.82
C PHE I 23 22.28 23.66 -11.48
N CYS I 24 22.01 22.95 -10.40
CA CYS I 24 22.33 23.36 -9.03
C CYS I 24 23.67 22.78 -8.58
N ALA I 25 24.51 23.66 -8.02
CA ALA I 25 25.86 23.37 -7.59
C ALA I 25 26.02 23.78 -6.13
N SER I 26 26.42 22.86 -5.27
CA SER I 26 26.57 23.09 -3.83
C SER I 26 27.92 23.75 -3.49
N ASP I 27 28.17 23.98 -2.21
CA ASP I 27 29.53 24.24 -1.67
C ASP I 27 30.28 22.93 -1.32
N ALA I 28 29.75 21.75 -1.66
CA ALA I 28 30.26 20.42 -1.32
C ALA I 28 30.37 20.05 0.18
N ARG I 29 30.09 20.94 1.15
CA ARG I 29 30.40 20.65 2.57
C ARG I 29 29.60 19.47 3.13
N ALA I 30 28.36 19.31 2.65
CA ALA I 30 27.45 18.25 3.06
C ALA I 30 27.79 16.85 2.50
N TYR I 31 28.70 16.69 1.53
CA TYR I 31 28.80 15.47 0.72
C TYR I 31 29.55 14.31 1.38
N GLU I 32 29.57 14.31 2.71
CA GLU I 32 29.63 13.11 3.55
C GLU I 32 28.26 12.40 3.45
N LYS I 33 27.64 12.00 4.56
CA LYS I 33 26.23 11.54 4.57
C LYS I 33 25.23 12.64 4.21
N GLU I 34 25.53 13.89 4.57
CA GLU I 34 24.52 14.95 4.65
C GLU I 34 23.91 15.38 3.30
N VAL I 35 24.55 15.10 2.16
CA VAL I 35 24.00 15.37 0.81
C VAL I 35 22.60 14.79 0.63
N HIS I 36 22.35 13.58 1.14
CA HIS I 36 21.04 12.93 1.04
C HIS I 36 20.12 13.22 2.24
N ASN I 37 20.68 13.71 3.35
CA ASN I 37 19.89 14.19 4.48
C ASN I 37 19.34 15.60 4.22
N VAL I 38 20.13 16.49 3.66
CA VAL I 38 19.74 17.88 3.45
C VAL I 38 18.86 17.97 2.21
N TRP I 39 17.58 18.21 2.45
CA TRP I 39 16.66 18.71 1.42
C TRP I 39 17.28 19.96 0.78
N ALA I 40 17.00 20.21 -0.51
CA ALA I 40 17.71 21.25 -1.27
C ALA I 40 19.25 21.04 -1.35
N THR I 41 19.70 19.79 -1.51
CA THR I 41 21.10 19.45 -1.83
C THR I 41 21.25 18.11 -2.54
N HIS I 42 20.42 17.10 -2.27
CA HIS I 42 20.59 15.76 -2.87
C HIS I 42 20.55 15.71 -4.41
N ALA I 43 19.93 16.69 -5.06
CA ALA I 43 19.91 16.85 -6.52
C ALA I 43 21.21 17.44 -7.12
N CYS I 44 22.10 18.01 -6.31
CA CYS I 44 23.12 18.95 -6.78
C CYS I 44 24.52 18.34 -6.85
N VAL I 45 25.39 18.95 -7.64
CA VAL I 45 26.80 18.54 -7.79
C VAL I 45 27.62 19.02 -6.58
N PRO I 46 28.57 18.24 -6.04
CA PRO I 46 29.60 18.74 -5.14
C PRO I 46 30.64 19.53 -5.92
N THR I 47 30.81 20.81 -5.56
CA THR I 47 31.57 21.79 -6.35
C THR I 47 32.19 22.86 -5.46
N ASP I 48 33.20 23.53 -6.01
CA ASP I 48 33.67 24.87 -5.62
C ASP I 48 33.29 25.88 -6.73
N PRO I 49 32.01 26.29 -6.89
CA PRO I 49 31.54 27.09 -8.02
C PRO I 49 31.86 28.59 -7.84
N SER I 50 33.14 28.93 -7.63
CA SER I 50 33.62 30.28 -7.30
C SER I 50 33.30 31.29 -8.42
N PRO I 51 32.41 32.28 -8.21
CA PRO I 51 31.98 33.17 -9.28
C PRO I 51 33.15 34.00 -9.85
N GLN I 52 33.20 34.15 -11.16
CA GLN I 52 34.40 34.57 -11.88
C GLN I 52 34.47 36.09 -12.10
N GLU I 53 35.67 36.57 -12.42
CA GLU I 53 36.08 37.96 -12.25
C GLU I 53 35.80 38.88 -13.47
N LEU I 54 35.04 38.43 -14.44
CA LEU I 54 35.01 38.98 -15.80
C LEU I 54 34.08 40.19 -15.95
N VAL I 55 34.54 41.38 -15.58
CA VAL I 55 33.87 42.66 -15.90
C VAL I 55 33.87 42.86 -17.42
N LEU I 56 32.71 43.15 -18.00
CA LEU I 56 32.54 43.27 -19.45
C LEU I 56 32.98 44.60 -20.07
N GLY I 57 33.29 45.62 -19.27
CA GLY I 57 33.68 46.92 -19.80
C GLY I 57 32.50 47.64 -20.45
N ASN I 58 32.64 48.04 -21.72
CA ASN I 58 31.73 48.94 -22.45
C ASN I 58 30.35 48.36 -22.82
N VAL I 59 29.86 47.35 -22.10
CA VAL I 59 28.58 46.67 -22.38
C VAL I 59 27.47 47.25 -21.52
N THR I 60 26.32 47.54 -22.11
CA THR I 60 25.07 47.84 -21.40
C THR I 60 23.99 46.84 -21.77
N GLU I 61 23.34 46.24 -20.80
CA GLU I 61 22.48 45.06 -20.98
C GLU I 61 21.13 45.27 -20.28
N ASN I 62 20.01 44.95 -20.92
CA ASN I 62 18.67 45.12 -20.33
C ASN I 62 18.32 43.97 -19.39
N PHE I 63 18.52 44.15 -18.09
CA PHE I 63 18.08 43.19 -17.06
C PHE I 63 16.58 43.31 -16.75
N ASN I 64 15.99 42.25 -16.21
CA ASN I 64 14.64 42.25 -15.68
C ASN I 64 14.50 41.35 -14.43
N MET I 65 13.79 41.82 -13.40
CA MET I 65 13.51 41.10 -12.16
C MET I 65 12.23 40.25 -12.20
N TRP I 66 11.18 40.70 -12.87
CA TRP I 66 9.84 40.11 -12.76
C TRP I 66 9.49 39.15 -13.89
N LYS I 67 10.02 39.38 -15.09
CA LYS I 67 9.83 38.52 -16.27
C LYS I 67 10.80 37.33 -16.31
N ASN I 68 11.68 37.24 -15.32
CA ASN I 68 12.86 36.38 -15.30
C ASN I 68 12.49 34.88 -15.17
N ASP I 69 12.85 34.04 -16.15
CA ASP I 69 12.50 32.60 -16.13
C ASP I 69 13.20 31.83 -15.00
N MET I 70 14.42 32.22 -14.64
CA MET I 70 15.25 31.52 -13.68
C MET I 70 14.59 31.35 -12.30
N VAL I 71 13.67 32.27 -11.96
CA VAL I 71 12.85 32.21 -10.74
C VAL I 71 11.85 31.05 -10.78
N ASP I 72 11.26 30.73 -11.93
CA ASP I 72 10.39 29.56 -12.05
C ASP I 72 11.16 28.24 -12.04
N GLN I 73 12.41 28.23 -12.49
CA GLN I 73 13.25 27.04 -12.39
C GLN I 73 13.50 26.70 -10.92
N MET I 74 13.91 27.69 -10.12
CA MET I 74 13.97 27.55 -8.66
C MET I 74 12.65 26.99 -8.11
N HIS I 75 11.50 27.55 -8.49
CA HIS I 75 10.22 27.13 -7.95
C HIS I 75 9.87 25.67 -8.30
N GLU I 76 9.93 25.29 -9.57
CA GLU I 76 9.65 23.91 -9.99
C GLU I 76 10.65 22.92 -9.40
N ASP I 77 11.92 23.30 -9.31
CA ASP I 77 12.96 22.50 -8.68
C ASP I 77 12.68 22.28 -7.20
N ILE I 78 12.38 23.32 -6.43
CA ILE I 78 12.08 23.21 -5.01
C ILE I 78 10.87 22.30 -4.79
N ILE I 79 9.76 22.50 -5.52
CA ILE I 79 8.59 21.67 -5.35
C ILE I 79 8.89 20.21 -5.67
N SER I 80 9.50 19.94 -6.82
CA SER I 80 9.77 18.56 -7.23
C SER I 80 10.73 17.86 -6.27
N LEU I 81 11.76 18.56 -5.75
CA LEU I 81 12.70 17.96 -4.81
C LEU I 81 12.10 17.68 -3.43
N TRP I 82 11.26 18.59 -2.93
CA TRP I 82 10.50 18.37 -1.69
C TRP I 82 9.67 17.09 -1.81
N ASP I 83 8.84 17.01 -2.83
CA ASP I 83 7.94 15.88 -3.06
C ASP I 83 8.72 14.56 -3.23
N GLN I 84 9.78 14.58 -4.04
CA GLN I 84 10.68 13.45 -4.23
C GLN I 84 11.32 12.97 -2.92
N SER I 85 11.64 13.87 -1.99
CA SER I 85 12.30 13.49 -0.73
C SER I 85 11.37 12.82 0.27
N LEU I 86 10.05 13.04 0.20
CA LEU I 86 9.07 12.44 1.11
C LEU I 86 8.69 11.00 0.74
N LYS I 87 8.90 10.58 -0.52
CA LYS I 87 8.45 9.26 -1.03
C LYS I 87 8.82 8.04 -0.19
N PRO I 88 10.05 7.87 0.36
CA PRO I 88 10.36 6.71 1.18
C PRO I 88 9.74 6.71 2.58
N CYS I 89 9.15 7.82 3.04
CA CYS I 89 8.82 8.00 4.46
C CYS I 89 7.45 7.45 4.88
N VAL I 90 7.29 7.22 6.19
CA VAL I 90 6.12 6.62 6.85
C VAL I 90 4.82 7.37 6.54
N LYS I 91 3.89 6.77 5.78
CA LYS I 91 2.54 7.33 5.61
C LYS I 91 1.72 7.15 6.89
N LEU I 92 0.98 8.19 7.29
CA LEU I 92 0.19 8.16 8.52
C LEU I 92 -1.24 7.59 8.37
N THR I 93 -1.54 6.84 7.30
CA THR I 93 -2.87 6.24 7.12
C THR I 93 -3.39 5.48 8.33
N PRO I 94 -2.58 4.67 9.06
CA PRO I 94 -3.08 3.91 10.20
C PRO I 94 -3.62 4.77 11.34
N LEU I 95 -3.15 6.01 11.45
CA LEU I 95 -3.38 6.85 12.60
C LEU I 95 -4.71 7.62 12.57
N CYS I 96 -5.42 7.63 11.43
CA CYS I 96 -6.76 8.21 11.32
C CYS I 96 -7.87 7.43 12.04
N VAL I 97 -7.62 6.81 13.19
CA VAL I 97 -8.69 6.28 14.06
C VAL I 97 -9.38 7.40 14.82
N THR I 98 -10.48 7.12 15.50
CA THR I 98 -11.10 8.06 16.45
C THR I 98 -10.18 8.32 17.63
N LEU I 99 -9.83 9.58 17.90
CA LEU I 99 -9.09 9.99 19.09
C LEU I 99 -10.07 10.33 20.22
N ILE I 100 -9.73 9.97 21.44
CA ILE I 100 -10.42 10.41 22.65
C ILE I 100 -9.49 11.35 23.42
N CYS I 101 -9.94 12.55 23.78
CA CYS I 101 -9.07 13.62 24.27
C CYS I 101 -9.56 14.32 25.53
N SER I 102 -8.63 14.99 26.21
CA SER I 102 -8.91 16.02 27.22
C SER I 102 -7.85 17.14 27.15
N ASP I 103 -8.12 18.26 27.82
CA ASP I 103 -7.17 19.37 27.94
C ASP I 103 -5.96 18.95 28.80
N ALA I 104 -4.74 19.34 28.42
CA ALA I 104 -3.52 18.81 29.04
C ALA I 104 -3.45 19.02 30.58
N THR I 105 -3.84 20.21 31.06
CA THR I 105 -4.18 20.47 32.49
C THR I 105 -5.23 21.60 32.61
N VAL I 106 -6.21 21.62 31.69
CA VAL I 106 -7.23 22.69 31.58
C VAL I 106 -6.53 24.08 31.45
N LYS I 107 -6.99 25.10 32.19
CA LYS I 107 -6.32 26.41 32.36
C LYS I 107 -6.12 27.21 31.05
N THR I 108 -5.29 28.26 31.11
CA THR I 108 -5.03 29.26 30.06
C THR I 108 -4.56 28.68 28.72
N GLY I 109 -4.77 29.40 27.61
CA GLY I 109 -4.40 28.96 26.25
C GLY I 109 -2.91 28.65 26.00
N THR I 110 -2.02 29.02 26.92
CA THR I 110 -0.60 28.61 26.96
C THR I 110 -0.43 27.13 27.26
N VAL I 111 -1.18 26.56 28.21
CA VAL I 111 -1.27 25.10 28.41
C VAL I 111 -2.29 24.47 27.48
N GLU I 112 -3.47 25.08 27.32
CA GLU I 112 -4.54 24.50 26.51
C GLU I 112 -4.29 24.54 24.99
N GLU I 113 -3.18 25.12 24.53
CA GLU I 113 -2.65 24.84 23.20
C GLU I 113 -2.38 23.33 23.01
N MET I 114 -2.03 22.60 24.07
CA MET I 114 -1.86 21.15 24.04
C MET I 114 -3.15 20.43 24.43
N LYS I 115 -3.60 19.49 23.59
CA LYS I 115 -4.52 18.42 24.00
C LYS I 115 -3.73 17.18 24.37
N ASN I 116 -4.27 16.36 25.26
CA ASN I 116 -3.78 15.02 25.55
C ASN I 116 -4.79 14.02 25.02
N CYS I 117 -4.39 13.16 24.10
CA CYS I 117 -5.29 12.30 23.35
C CYS I 117 -4.83 10.85 23.32
N SER I 118 -5.75 9.90 23.31
CA SER I 118 -5.48 8.47 23.31
C SER I 118 -6.30 7.75 22.24
N PHE I 119 -5.76 6.65 21.73
CA PHE I 119 -6.27 5.92 20.56
C PHE I 119 -5.72 4.49 20.53
N ASN I 120 -6.32 3.58 19.75
CA ASN I 120 -5.79 2.23 19.58
C ASN I 120 -4.84 2.16 18.37
N THR I 121 -3.55 1.86 18.58
CA THR I 121 -2.60 1.57 17.48
C THR I 121 -2.64 0.10 17.08
N THR I 122 -2.40 -0.24 15.82
CA THR I 122 -2.13 -1.63 15.43
C THR I 122 -0.70 -1.99 15.81
N THR I 123 -0.51 -3.03 16.60
CA THR I 123 0.85 -3.50 16.94
C THR I 123 1.53 -4.13 15.72
N GLU I 124 2.72 -4.71 15.88
CA GLU I 124 3.34 -5.53 14.83
C GLU I 124 2.40 -6.65 14.37
N ILE I 125 1.65 -7.22 15.31
CA ILE I 125 0.71 -8.30 15.07
C ILE I 125 -0.63 -7.74 14.61
N ARG I 126 -0.99 -7.99 13.35
CA ARG I 126 -2.17 -7.40 12.68
C ARG I 126 -3.45 -7.56 13.50
N ASP I 127 -3.64 -8.71 14.13
CA ASP I 127 -4.83 -8.97 14.95
C ASP I 127 -4.81 -8.34 16.36
N LYS I 128 -3.69 -7.81 16.87
CA LYS I 128 -3.64 -7.17 18.19
C LYS I 128 -3.51 -5.65 18.07
N GLU I 129 -4.46 -4.92 18.65
CA GLU I 129 -4.41 -3.46 18.78
C GLU I 129 -4.26 -3.04 20.24
N LYS I 130 -3.39 -2.05 20.48
CA LYS I 130 -2.96 -1.59 21.80
C LYS I 130 -3.40 -0.14 22.04
N LYS I 131 -3.93 0.22 23.20
CA LYS I 131 -4.22 1.62 23.53
C LYS I 131 -2.94 2.39 23.80
N GLU I 132 -2.85 3.59 23.26
CA GLU I 132 -1.65 4.44 23.28
C GLU I 132 -2.06 5.92 23.36
N TYR I 133 -1.17 6.81 23.78
CA TYR I 133 -1.50 8.23 23.98
C TYR I 133 -0.39 9.20 23.55
N ALA I 134 -0.74 10.43 23.21
CA ALA I 134 0.19 11.48 22.80
C ALA I 134 -0.36 12.89 23.02
N LEU I 135 0.49 13.91 22.99
CA LEU I 135 0.06 15.30 23.01
C LEU I 135 0.02 15.89 21.60
N PHE I 136 -1.01 16.65 21.27
CA PHE I 136 -1.13 17.35 19.98
C PHE I 136 -1.45 18.81 20.19
N TYR I 137 -0.97 19.69 19.32
CA TYR I 137 -1.37 21.09 19.35
C TYR I 137 -2.77 21.25 18.79
N LYS I 138 -3.62 22.14 19.33
CA LYS I 138 -5.00 22.28 18.86
C LYS I 138 -5.15 22.46 17.35
N PRO I 139 -4.26 23.15 16.61
CA PRO I 139 -4.37 23.26 15.16
C PRO I 139 -4.25 21.95 14.37
N ASP I 140 -3.63 20.88 14.88
CA ASP I 140 -3.60 19.58 14.19
C ASP I 140 -4.91 18.79 14.35
N ILE I 141 -5.77 19.18 15.30
CA ILE I 141 -6.93 18.44 15.77
C ILE I 141 -8.22 19.16 15.39
N VAL I 142 -9.27 18.41 15.02
CA VAL I 142 -10.60 18.97 14.74
C VAL I 142 -11.68 18.14 15.43
N PRO I 143 -12.71 18.76 16.04
CA PRO I 143 -13.77 18.01 16.73
C PRO I 143 -14.46 17.06 15.76
N LEU I 144 -14.49 15.78 16.11
CA LEU I 144 -15.22 14.82 15.31
C LEU I 144 -16.72 15.07 15.50
N SER I 145 -17.46 15.17 14.41
CA SER I 145 -18.93 15.35 14.44
C SER I 145 -19.64 14.02 14.75
N GLU I 146 -20.95 13.93 14.49
CA GLU I 146 -21.76 12.69 14.69
C GLU I 146 -21.81 12.21 16.15
N THR I 147 -21.74 13.15 17.10
CA THR I 147 -21.66 12.88 18.54
C THR I 147 -22.21 14.07 19.35
N ASN I 148 -22.51 13.85 20.62
CA ASN I 148 -23.17 14.83 21.49
C ASN I 148 -22.18 15.83 22.11
N ASN I 149 -21.41 16.53 21.26
CA ASN I 149 -20.37 17.52 21.63
C ASN I 149 -19.28 16.95 22.57
N THR I 150 -18.95 15.67 22.42
CA THR I 150 -18.12 14.87 23.33
C THR I 150 -16.61 15.11 23.15
N SER I 151 -15.82 14.35 23.91
CA SER I 151 -14.36 14.23 23.89
C SER I 151 -13.77 13.52 22.66
N GLU I 152 -14.47 13.48 21.53
CA GLU I 152 -14.09 12.72 20.32
C GLU I 152 -13.50 13.60 19.23
N TYR I 153 -12.39 13.17 18.63
CA TYR I 153 -11.58 13.98 17.73
C TYR I 153 -10.96 13.18 16.59
N ARG I 154 -10.46 13.89 15.57
CA ARG I 154 -9.59 13.31 14.54
C ARG I 154 -8.47 14.26 14.16
N LEU I 155 -7.47 13.74 13.45
CA LEU I 155 -6.47 14.55 12.76
C LEU I 155 -7.15 15.37 11.65
N ILE I 156 -6.71 16.61 11.48
CA ILE I 156 -7.30 17.57 10.54
C ILE I 156 -7.32 17.09 9.08
N ASN I 157 -6.36 16.25 8.65
CA ASN I 157 -6.19 15.86 7.24
C ASN I 157 -6.81 14.51 6.83
N CYS I 158 -7.43 13.72 7.72
CA CYS I 158 -8.03 12.46 7.29
C CYS I 158 -9.14 12.62 6.24
N ASN I 159 -9.84 13.76 6.18
CA ASN I 159 -10.82 14.05 5.12
C ASN I 159 -10.23 14.64 3.84
N THR I 160 -8.91 14.57 3.60
CA THR I 160 -8.27 15.10 2.37
C THR I 160 -7.17 14.22 1.81
N SER I 161 -6.23 13.78 2.63
CA SER I 161 -5.00 13.13 2.18
C SER I 161 -4.23 12.62 3.39
N ALA I 162 -3.70 11.40 3.36
CA ALA I 162 -2.92 10.92 4.49
C ALA I 162 -1.47 11.42 4.37
N CYS I 163 -1.06 12.33 5.24
CA CYS I 163 0.26 12.95 5.16
C CYS I 163 1.37 11.96 5.55
N THR I 164 2.55 12.08 4.94
CA THR I 164 3.76 11.37 5.41
C THR I 164 4.38 12.07 6.61
N GLN I 165 4.82 11.33 7.61
CA GLN I 165 5.87 11.82 8.50
C GLN I 165 7.10 12.15 7.67
N ALA I 166 7.70 13.32 7.81
CA ALA I 166 8.99 13.57 7.17
C ALA I 166 10.07 12.74 7.90
N CYS I 167 10.88 11.98 7.17
CA CYS I 167 11.86 11.08 7.80
C CYS I 167 12.81 11.86 8.72
N PRO I 168 13.13 11.36 9.93
CA PRO I 168 13.91 12.10 10.92
C PRO I 168 15.35 12.38 10.48
N LYS I 169 15.91 11.56 9.58
CA LYS I 169 17.21 11.81 8.96
C LYS I 169 17.24 13.07 8.08
N VAL I 170 16.09 13.48 7.54
CA VAL I 170 16.00 14.61 6.61
C VAL I 170 16.16 15.92 7.38
N THR I 171 16.76 16.91 6.75
CA THR I 171 17.13 18.19 7.37
C THR I 171 16.67 19.33 6.49
N PHE I 172 15.99 20.32 7.07
CA PHE I 172 15.36 21.43 6.33
C PHE I 172 16.22 22.70 6.32
N GLU I 173 17.41 22.68 6.91
CA GLU I 173 18.24 23.88 7.04
C GLU I 173 18.56 24.50 5.65
N PRO I 174 18.45 25.82 5.44
CA PRO I 174 18.66 26.43 4.13
C PRO I 174 20.15 26.51 3.72
N ILE I 175 20.78 25.36 3.44
CA ILE I 175 22.11 25.26 2.84
C ILE I 175 22.12 25.95 1.46
N PRO I 176 23.10 26.80 1.13
CA PRO I 176 23.08 27.59 -0.09
C PRO I 176 23.19 26.75 -1.38
N ILE I 177 22.29 27.00 -2.33
CA ILE I 177 22.41 26.57 -3.73
C ILE I 177 23.20 27.63 -4.48
N HIS I 178 24.12 27.25 -5.37
CA HIS I 178 24.56 28.09 -6.48
C HIS I 178 23.86 27.58 -7.74
N TYR I 179 23.26 28.46 -8.53
CA TYR I 179 22.79 28.07 -9.87
C TYR I 179 23.87 28.30 -10.91
N CYS I 180 24.00 27.39 -11.87
CA CYS I 180 24.96 27.47 -12.96
C CYS I 180 24.29 27.38 -14.33
N ALA I 181 24.82 28.12 -15.30
CA ALA I 181 24.51 27.95 -16.71
C ALA I 181 25.23 26.71 -17.27
N PRO I 182 24.63 25.90 -18.15
CA PRO I 182 25.32 24.78 -18.77
C PRO I 182 26.34 25.25 -19.80
N ALA I 183 27.14 24.34 -20.35
CA ALA I 183 28.04 24.66 -21.45
C ALA I 183 27.28 25.28 -22.63
N GLY I 184 27.84 26.33 -23.26
CA GLY I 184 27.17 27.03 -24.37
C GLY I 184 26.13 28.05 -23.94
N TYR I 185 26.02 28.34 -22.64
CA TYR I 185 25.26 29.45 -22.07
C TYR I 185 26.10 30.20 -21.03
N ALA I 186 25.72 31.41 -20.68
CA ALA I 186 26.42 32.25 -19.73
C ALA I 186 25.44 32.95 -18.80
N ILE I 187 25.82 33.20 -17.54
CA ILE I 187 25.05 34.08 -16.65
C ILE I 187 25.72 35.44 -16.63
N LEU I 188 24.91 36.47 -16.80
CA LEU I 188 25.32 37.85 -16.63
C LEU I 188 24.71 38.39 -15.35
N LYS I 189 25.44 39.24 -14.63
CA LYS I 189 24.90 39.99 -13.50
C LYS I 189 25.21 41.47 -13.56
N CYS I 190 24.38 42.28 -12.94
CA CYS I 190 24.71 43.65 -12.60
C CYS I 190 25.81 43.73 -11.53
N ASN I 191 26.83 44.54 -11.78
CA ASN I 191 27.67 45.13 -10.73
C ASN I 191 27.14 46.52 -10.31
N ASP I 192 26.30 47.15 -11.13
CA ASP I 192 25.73 48.49 -10.96
C ASP I 192 24.66 48.54 -9.86
N GLU I 193 25.05 48.29 -8.61
CA GLU I 193 24.13 48.14 -7.49
C GLU I 193 23.44 49.44 -7.07
N THR I 194 22.33 49.29 -6.33
CA THR I 194 21.19 50.23 -6.33
C THR I 194 20.51 50.24 -7.71
N PHE I 195 20.38 49.05 -8.30
CA PHE I 195 19.59 48.81 -9.51
C PHE I 195 18.09 48.83 -9.18
N ASN I 196 17.30 49.37 -10.11
CA ASN I 196 15.86 49.57 -9.95
C ASN I 196 15.00 48.33 -10.29
N GLY I 197 15.54 47.34 -11.01
CA GLY I 197 14.85 46.08 -11.31
C GLY I 197 14.45 45.88 -12.79
N THR I 198 14.48 46.94 -13.60
CA THR I 198 14.28 46.91 -15.07
C THR I 198 15.15 47.96 -15.77
N GLY I 199 15.33 47.83 -17.09
CA GLY I 199 16.13 48.76 -17.89
C GLY I 199 17.64 48.47 -17.85
N PRO I 200 18.42 49.23 -18.62
CA PRO I 200 19.82 48.90 -18.87
C PRO I 200 20.69 49.04 -17.62
N CYS I 201 21.56 48.06 -17.41
CA CYS I 201 22.50 48.02 -16.30
C CYS I 201 23.90 48.42 -16.80
N SER I 202 24.57 49.37 -16.15
CA SER I 202 25.72 50.07 -16.74
C SER I 202 27.09 49.43 -16.50
N ASN I 203 27.15 48.40 -15.67
CA ASN I 203 28.37 47.75 -15.23
C ASN I 203 28.01 46.28 -15.01
N VAL I 204 28.51 45.39 -15.87
CA VAL I 204 28.02 44.01 -16.03
C VAL I 204 29.18 43.02 -16.03
N SER I 205 29.00 41.82 -15.50
CA SER I 205 30.05 40.77 -15.53
C SER I 205 29.48 39.41 -15.87
N THR I 206 30.26 38.56 -16.53
CA THR I 206 29.91 37.14 -16.62
C THR I 206 30.34 36.39 -15.38
N VAL I 207 29.52 35.41 -15.00
CA VAL I 207 29.87 34.34 -14.06
C VAL I 207 29.26 33.05 -14.60
N GLN I 208 29.93 31.90 -14.48
CA GLN I 208 29.31 30.64 -14.89
C GLN I 208 28.23 30.21 -13.87
N CYS I 209 28.41 30.61 -12.60
CA CYS I 209 27.54 30.25 -11.48
C CYS I 209 27.28 31.43 -10.55
N THR I 210 26.09 31.52 -9.96
CA THR I 210 25.70 32.57 -9.01
C THR I 210 26.47 32.49 -7.70
N HIS I 211 26.38 33.55 -6.89
CA HIS I 211 26.65 33.47 -5.43
C HIS I 211 25.78 32.40 -4.75
N GLY I 212 26.09 32.07 -3.51
CA GLY I 212 25.31 31.09 -2.73
C GLY I 212 23.97 31.67 -2.28
N ILE I 213 22.87 31.13 -2.80
CA ILE I 213 21.51 31.58 -2.50
C ILE I 213 20.89 30.59 -1.51
N ARG I 214 20.43 31.08 -0.37
CA ARG I 214 19.73 30.24 0.62
C ARG I 214 18.25 30.07 0.22
N PRO I 215 17.71 28.86 0.15
CA PRO I 215 16.30 28.64 -0.19
C PRO I 215 15.40 28.86 1.05
N VAL I 216 15.48 30.01 1.71
CA VAL I 216 14.72 30.29 2.94
C VAL I 216 13.24 30.49 2.60
N VAL I 217 12.39 29.56 3.00
CA VAL I 217 10.92 29.73 2.91
C VAL I 217 10.40 30.55 4.09
N SER I 218 9.44 31.44 3.85
CA SER I 218 8.83 32.30 4.86
C SER I 218 7.59 33.01 4.29
N THR I 219 7.06 33.98 5.01
CA THR I 219 6.10 34.98 4.53
C THR I 219 6.15 36.21 5.43
N GLN I 220 5.64 37.35 4.98
CA GLN I 220 5.66 38.68 5.63
C GLN I 220 7.03 39.30 5.96
N LEU I 221 8.06 38.50 6.12
CA LEU I 221 9.46 38.89 6.22
C LEU I 221 10.28 37.90 5.42
N LEU I 222 11.44 38.36 4.96
CA LEU I 222 12.51 37.50 4.45
C LEU I 222 13.58 37.37 5.56
N LEU I 223 14.40 36.33 5.58
CA LEU I 223 15.33 36.09 6.70
C LEU I 223 16.64 35.50 6.19
N ASN I 224 17.77 35.71 6.89
CA ASN I 224 19.09 35.25 6.46
C ASN I 224 19.51 35.76 5.05
N GLY I 225 18.74 36.62 4.38
CA GLY I 225 18.99 37.08 3.00
C GLY I 225 20.17 38.03 2.87
N SER I 226 20.69 38.20 1.66
CA SER I 226 21.75 39.16 1.37
C SER I 226 21.24 40.61 1.44
N LEU I 227 22.04 41.53 1.99
CA LEU I 227 21.65 42.93 2.16
C LEU I 227 21.86 43.73 0.86
N ALA I 228 21.03 44.74 0.61
CA ALA I 228 21.25 45.68 -0.49
C ALA I 228 22.52 46.53 -0.25
N GLU I 229 23.10 47.11 -1.31
CA GLU I 229 24.53 47.45 -1.31
C GLU I 229 24.90 48.69 -0.48
N LYS I 230 24.12 49.78 -0.58
CA LYS I 230 24.45 51.07 0.04
C LYS I 230 23.26 51.80 0.67
N GLU I 231 22.06 51.47 0.28
CA GLU I 231 20.84 52.20 0.63
C GLU I 231 19.64 51.25 0.55
N ILE I 232 18.54 51.56 1.23
CA ILE I 232 17.31 50.76 1.15
C ILE I 232 16.73 50.87 -0.26
N VAL I 233 16.49 49.74 -0.92
CA VAL I 233 15.97 49.67 -2.29
C VAL I 233 14.53 49.21 -2.26
N ILE I 234 13.64 49.90 -2.96
CA ILE I 234 12.24 49.52 -3.06
C ILE I 234 11.98 49.00 -4.48
N ARG I 235 11.54 47.75 -4.63
CA ARG I 235 11.26 47.15 -5.94
C ARG I 235 9.81 46.66 -6.03
N SER I 236 9.10 47.01 -7.09
CA SER I 236 7.77 46.46 -7.40
C SER I 236 7.53 46.47 -8.89
N GLU I 237 6.78 45.51 -9.43
CA GLU I 237 6.53 45.45 -10.88
C GLU I 237 5.73 46.66 -11.42
N ASN I 238 4.81 47.23 -10.62
CA ASN I 238 4.12 48.50 -10.91
C ASN I 238 3.47 49.08 -9.63
N LEU I 239 4.10 50.08 -9.02
CA LEU I 239 3.59 50.69 -7.78
C LEU I 239 2.18 51.27 -7.91
N THR I 240 1.75 51.71 -9.09
CA THR I 240 0.43 52.32 -9.31
C THR I 240 -0.73 51.31 -9.24
N ASN I 241 -0.42 50.01 -9.18
CA ASN I 241 -1.40 48.96 -8.99
C ASN I 241 -1.25 48.37 -7.58
N ASN I 242 -2.31 48.43 -6.76
CA ASN I 242 -2.26 47.94 -5.38
C ASN I 242 -1.95 46.43 -5.29
N ALA I 243 -2.27 45.65 -6.32
CA ALA I 243 -2.03 44.21 -6.32
C ALA I 243 -0.55 43.81 -6.40
N LYS I 244 0.36 44.71 -6.79
CA LYS I 244 1.78 44.37 -6.89
C LYS I 244 2.45 44.40 -5.52
N ILE I 245 3.16 43.33 -5.19
CA ILE I 245 4.02 43.25 -4.01
C ILE I 245 5.05 44.37 -4.05
N ILE I 246 5.46 44.88 -2.90
CA ILE I 246 6.61 45.76 -2.79
C ILE I 246 7.68 45.05 -1.99
N ILE I 247 8.81 44.73 -2.60
CA ILE I 247 9.99 44.25 -1.90
C ILE I 247 10.72 45.46 -1.34
N VAL I 248 10.83 45.58 -0.02
CA VAL I 248 11.57 46.67 0.60
C VAL I 248 12.90 46.15 1.08
N HIS I 249 13.88 46.02 0.21
CA HIS I 249 15.17 45.39 0.48
C HIS I 249 16.02 46.27 1.38
N LEU I 250 16.46 45.78 2.54
CA LEU I 250 17.16 46.59 3.53
C LEU I 250 18.67 46.66 3.31
N HIS I 251 19.27 47.74 3.82
CA HIS I 251 20.72 47.99 3.82
C HIS I 251 21.41 47.54 5.10
N THR I 252 20.71 47.54 6.25
CA THR I 252 21.21 47.03 7.53
C THR I 252 20.24 45.99 8.12
N PRO I 253 20.73 44.90 8.72
CA PRO I 253 19.88 43.85 9.23
C PRO I 253 19.31 44.25 10.60
N VAL I 254 17.98 44.17 10.76
CA VAL I 254 17.39 43.99 12.09
C VAL I 254 17.67 42.56 12.56
N GLU I 255 17.80 42.32 13.87
CA GLU I 255 17.93 40.96 14.39
C GLU I 255 16.65 40.50 15.07
N ILE I 256 16.18 39.30 14.74
CA ILE I 256 15.04 38.63 15.39
C ILE I 256 15.56 37.43 16.17
N VAL I 257 14.96 37.13 17.32
CA VAL I 257 15.27 35.94 18.12
C VAL I 257 13.97 35.21 18.43
N CYS I 258 13.91 33.90 18.22
CA CYS I 258 12.70 33.11 18.42
C CYS I 258 12.92 31.87 19.25
N THR I 259 11.88 31.42 19.94
CA THR I 259 12.01 30.30 20.86
C THR I 259 10.71 29.56 21.12
N ARG I 260 10.80 28.25 21.36
CA ARG I 260 9.77 27.42 22.00
C ARG I 260 10.30 27.04 23.38
N PRO I 261 9.98 27.76 24.45
CA PRO I 261 10.58 27.50 25.75
C PRO I 261 9.99 26.29 26.51
N ASN I 262 8.87 25.69 26.09
CA ASN I 262 8.43 24.40 26.63
C ASN I 262 9.56 23.37 26.49
N ASN I 263 9.82 22.54 27.50
CA ASN I 263 10.82 21.47 27.42
C ASN I 263 10.18 20.12 27.09
N ASN I 264 9.90 19.87 25.81
CA ASN I 264 9.19 18.66 25.37
C ASN I 264 10.07 17.41 25.41
N THR I 265 9.49 16.29 25.84
CA THR I 265 10.02 14.94 25.58
C THR I 265 9.45 14.37 24.29
N ARG I 266 10.19 13.49 23.64
CA ARG I 266 9.78 12.75 22.45
C ARG I 266 9.55 11.27 22.77
N LYS I 267 8.44 10.70 22.29
CA LYS I 267 8.13 9.26 22.36
C LYS I 267 7.89 8.70 20.97
N SER I 268 8.20 7.41 20.78
CA SER I 268 8.00 6.69 19.52
C SER I 268 6.93 5.62 19.65
N VAL I 269 5.94 5.66 18.78
CA VAL I 269 4.87 4.67 18.70
C VAL I 269 5.09 3.76 17.51
N ARG I 270 5.12 2.45 17.72
CA ARG I 270 5.15 1.43 16.66
C ARG I 270 3.79 1.30 16.01
N ILE I 271 3.77 1.13 14.70
CA ILE I 271 2.56 1.09 13.89
C ILE I 271 2.72 0.01 12.82
N GLY I 272 2.07 -1.14 12.96
CA GLY I 272 2.35 -2.29 12.09
C GLY I 272 3.83 -2.73 12.17
N PRO I 273 4.35 -3.42 11.15
CA PRO I 273 5.74 -3.89 11.13
C PRO I 273 6.73 -2.79 10.75
N GLY I 274 7.78 -2.63 11.54
CA GLY I 274 8.96 -1.79 11.26
C GLY I 274 8.77 -0.26 11.37
N GLN I 275 7.61 0.26 10.99
CA GLN I 275 7.32 1.70 11.00
C GLN I 275 7.13 2.26 12.41
N THR I 276 7.60 3.50 12.63
CA THR I 276 7.39 4.22 13.89
C THR I 276 7.00 5.65 13.66
N PHE I 277 6.02 6.11 14.42
CA PHE I 277 5.50 7.47 14.43
C PHE I 277 5.99 8.17 15.69
N TYR I 278 6.63 9.34 15.58
CA TYR I 278 7.10 10.09 16.74
C TYR I 278 6.08 11.14 17.16
N ALA I 279 5.90 11.33 18.46
CA ALA I 279 4.93 12.27 19.00
C ALA I 279 5.42 12.89 20.30
N THR I 280 4.88 14.04 20.69
CA THR I 280 5.26 14.69 21.94
C THR I 280 4.70 13.90 23.10
N GLY I 281 5.53 13.48 24.04
CA GLY I 281 5.09 12.63 25.15
C GLY I 281 4.58 13.42 26.35
N ASP I 282 5.44 14.25 26.90
CA ASP I 282 5.24 14.99 28.15
C ASP I 282 6.10 16.26 28.14
N ILE I 283 5.73 17.26 28.91
CA ILE I 283 6.46 18.53 29.05
C ILE I 283 7.13 18.55 30.42
N ILE I 284 8.45 18.66 30.45
CA ILE I 284 9.16 18.70 31.72
C ILE I 284 9.05 20.09 32.35
N GLY I 285 8.58 20.14 33.60
CA GLY I 285 8.59 21.36 34.39
C GLY I 285 7.54 22.38 33.95
N ASP I 286 7.95 23.63 33.83
CA ASP I 286 7.09 24.78 33.56
C ASP I 286 6.58 24.80 32.11
N ILE I 287 5.41 25.40 31.89
CA ILE I 287 4.82 25.57 30.56
C ILE I 287 5.46 26.72 29.75
N LYS I 288 5.12 28.00 30.02
CA LYS I 288 5.51 29.22 29.28
C LYS I 288 5.25 29.16 27.75
N GLN I 289 5.40 30.26 27.02
CA GLN I 289 4.84 30.39 25.67
C GLN I 289 5.88 30.57 24.55
N ALA I 290 5.65 30.05 23.36
CA ALA I 290 6.54 30.24 22.21
C ALA I 290 6.42 31.66 21.65
N HIS I 291 7.54 32.37 21.52
CA HIS I 291 7.54 33.80 21.20
C HIS I 291 8.82 34.22 20.49
N CYS I 292 8.80 35.40 19.86
CA CYS I 292 9.94 36.02 19.19
C CYS I 292 10.15 37.48 19.63
N ASN I 293 11.39 37.92 19.73
CA ASN I 293 11.75 39.26 20.18
C ASN I 293 12.55 40.04 19.16
N ILE I 294 12.23 41.33 19.03
CA ILE I 294 12.88 42.27 18.12
C ILE I 294 13.19 43.52 18.93
N SER I 295 14.40 44.08 18.81
CA SER I 295 14.75 45.31 19.51
C SER I 295 13.96 46.47 18.93
N GLU I 296 12.94 46.93 19.64
CA GLU I 296 11.95 47.86 19.09
C GLU I 296 12.52 49.25 18.85
N GLU I 297 13.66 49.58 19.47
CA GLU I 297 14.47 50.72 19.05
C GLU I 297 14.84 50.65 17.55
N LYS I 298 15.58 49.60 17.15
CA LYS I 298 16.12 49.46 15.79
C LYS I 298 15.02 49.23 14.77
N TRP I 299 13.97 48.52 15.16
CA TRP I 299 12.79 48.39 14.30
C TRP I 299 12.08 49.73 14.08
N ASN I 300 11.98 50.60 15.09
CA ASN I 300 11.34 51.89 14.86
C ASN I 300 12.16 52.73 13.87
N ASP I 301 13.49 52.82 14.06
CA ASP I 301 14.37 53.47 13.07
C ASP I 301 14.19 52.91 11.66
N THR I 302 14.09 51.59 11.52
CA THR I 302 13.89 50.98 10.21
C THR I 302 12.55 51.35 9.61
N LEU I 303 11.48 51.43 10.38
CA LEU I 303 10.21 51.93 9.87
C LEU I 303 10.20 53.44 9.62
N GLN I 304 11.07 54.24 10.26
CA GLN I 304 11.32 55.61 9.81
C GLN I 304 11.98 55.58 8.43
N LYS I 305 13.11 54.88 8.28
CA LYS I 305 13.90 54.91 7.05
C LYS I 305 13.13 54.33 5.87
N VAL I 306 12.40 53.23 6.01
CA VAL I 306 11.50 52.78 4.95
C VAL I 306 10.43 53.81 4.65
N GLY I 307 9.96 54.55 5.65
CA GLY I 307 9.06 55.67 5.44
C GLY I 307 9.67 56.71 4.50
N ILE I 308 10.88 57.18 4.79
CA ILE I 308 11.59 58.17 3.96
C ILE I 308 11.68 57.70 2.50
N GLU I 309 12.19 56.50 2.26
CA GLU I 309 12.37 56.03 0.88
C GLU I 309 11.06 55.80 0.16
N LEU I 310 10.07 55.18 0.80
CA LEU I 310 8.77 54.93 0.19
C LEU I 310 8.06 56.23 -0.16
N GLN I 311 8.23 57.27 0.65
CA GLN I 311 7.71 58.59 0.35
C GLN I 311 8.29 59.21 -0.94
N LYS I 312 9.50 58.86 -1.40
CA LYS I 312 10.01 59.36 -2.69
C LYS I 312 9.16 58.93 -3.89
N HIS I 313 8.34 57.88 -3.74
CA HIS I 313 7.33 57.49 -4.73
C HIS I 313 5.92 57.99 -4.38
N PHE I 314 5.71 58.44 -3.15
CA PHE I 314 4.44 58.96 -2.63
C PHE I 314 4.69 60.30 -1.90
N PRO I 315 5.06 61.35 -2.65
CA PRO I 315 5.63 62.57 -2.09
C PRO I 315 4.71 63.26 -1.08
N ASN I 316 5.34 63.91 -0.09
CA ASN I 316 4.75 64.55 1.10
C ASN I 316 3.86 63.67 2.01
N LYS I 317 3.32 62.54 1.54
CA LYS I 317 2.37 61.74 2.32
C LYS I 317 2.99 61.20 3.61
N THR I 318 2.23 61.27 4.70
CA THR I 318 2.40 60.42 5.88
C THR I 318 2.25 58.96 5.47
N ILE I 319 2.97 58.04 6.09
CA ILE I 319 2.87 56.62 5.79
C ILE I 319 2.19 55.90 6.93
N LYS I 320 1.13 55.14 6.66
CA LYS I 320 0.49 54.28 7.66
C LYS I 320 1.00 52.87 7.48
N TYR I 321 1.58 52.28 8.53
CA TYR I 321 1.69 50.83 8.60
C TYR I 321 0.41 50.26 9.22
N ASN I 322 0.07 49.01 8.92
CA ASN I 322 -1.11 48.35 9.47
C ASN I 322 -0.90 46.83 9.54
N GLN I 323 -1.71 46.10 10.28
CA GLN I 323 -1.64 44.64 10.33
C GLN I 323 -2.04 43.98 9.00
N SER I 324 -1.73 42.69 8.85
CA SER I 324 -2.23 41.86 7.76
C SER I 324 -3.76 41.86 7.73
N ALA I 325 -4.35 41.79 6.53
CA ALA I 325 -5.76 42.11 6.35
C ALA I 325 -6.74 41.02 6.85
N GLY I 326 -6.49 39.73 6.59
CA GLY I 326 -7.36 38.65 7.05
C GLY I 326 -7.07 37.26 6.49
N GLY I 327 -7.81 36.25 6.97
CA GLY I 327 -7.75 34.85 6.54
C GLY I 327 -7.16 33.87 7.56
N ASP I 328 -6.69 32.71 7.10
CA ASP I 328 -6.04 31.65 7.91
C ASP I 328 -4.65 32.05 8.44
N MET I 329 -4.07 31.24 9.34
CA MET I 329 -2.74 31.47 9.87
C MET I 329 -1.71 31.69 8.77
N GLU I 330 -1.62 30.78 7.80
CA GLU I 330 -0.64 30.82 6.71
C GLU I 330 -0.71 32.12 5.89
N ILE I 331 -1.87 32.78 5.88
CA ILE I 331 -2.10 34.05 5.19
C ILE I 331 -1.78 35.24 6.11
N THR I 332 -2.30 35.20 7.34
CA THR I 332 -2.28 36.31 8.29
C THR I 332 -1.00 36.44 9.11
N THR I 333 -0.22 35.37 9.29
CA THR I 333 0.91 35.31 10.23
C THR I 333 2.24 35.14 9.51
N HIS I 334 3.32 35.65 10.11
CA HIS I 334 4.69 35.36 9.68
C HIS I 334 5.03 33.88 9.96
N SER I 335 6.09 33.30 9.38
CA SER I 335 6.39 31.87 9.53
C SER I 335 7.90 31.54 9.37
N PHE I 336 8.34 30.41 9.92
CA PHE I 336 9.72 29.93 9.99
C PHE I 336 9.75 28.40 9.79
N ASN I 337 10.93 27.79 9.87
CA ASN I 337 11.07 26.40 10.31
C ASN I 337 12.21 26.24 11.35
N CYS I 338 12.37 27.18 12.28
CA CYS I 338 13.44 27.19 13.29
C CYS I 338 13.67 25.82 13.93
N GLY I 339 14.88 25.27 13.80
CA GLY I 339 15.26 24.00 14.41
C GLY I 339 14.46 22.77 13.96
N GLY I 340 13.65 22.87 12.91
CA GLY I 340 12.74 21.82 12.47
C GLY I 340 11.29 21.97 12.96
N GLU I 341 10.92 23.08 13.61
CA GLU I 341 9.56 23.37 14.03
C GLU I 341 8.96 24.52 13.23
N PHE I 342 7.73 24.38 12.73
CA PHE I 342 7.09 25.37 11.87
C PHE I 342 6.30 26.41 12.65
N PHE I 343 6.97 27.46 13.13
CA PHE I 343 6.31 28.54 13.85
C PHE I 343 5.31 29.28 12.97
N TYR I 344 4.25 29.79 13.55
CA TYR I 344 3.38 30.81 12.97
C TYR I 344 3.25 31.96 13.95
N CYS I 345 3.46 33.21 13.54
CA CYS I 345 3.55 34.32 14.48
C CYS I 345 2.64 35.49 14.14
N ASN I 346 1.90 35.98 15.13
CA ASN I 346 1.06 37.15 14.99
C ASN I 346 1.90 38.43 14.90
N THR I 347 1.92 39.09 13.74
CA THR I 347 2.64 40.35 13.45
C THR I 347 1.84 41.61 13.73
N SER I 348 0.62 41.52 14.24
CA SER I 348 -0.29 42.68 14.39
C SER I 348 0.29 43.84 15.20
N ASN I 349 1.07 43.58 16.25
CA ASN I 349 1.70 44.66 17.01
C ASN I 349 2.98 45.22 16.36
N LEU I 350 3.52 44.56 15.34
CA LEU I 350 4.81 44.89 14.72
C LEU I 350 4.69 45.89 13.56
N PHE I 351 3.64 45.75 12.73
CA PHE I 351 3.32 46.68 11.65
C PHE I 351 2.28 47.67 12.12
N ASN I 352 2.73 48.59 12.96
CA ASN I 352 1.88 49.52 13.68
C ASN I 352 2.50 50.92 13.74
N GLY I 353 1.68 51.93 14.03
CA GLY I 353 2.07 53.33 13.97
C GLY I 353 2.06 53.91 12.56
N THR I 354 2.01 55.23 12.49
CA THR I 354 2.04 55.99 11.25
C THR I 354 2.99 57.16 11.37
N TYR I 355 3.80 57.38 10.35
CA TYR I 355 4.96 58.26 10.44
C TYR I 355 4.94 59.29 9.30
N ASN I 356 4.92 60.54 9.73
CA ASN I 356 4.86 61.75 8.91
C ASN I 356 6.21 62.02 8.24
N GLY I 357 6.24 62.96 7.30
CA GLY I 357 7.45 63.44 6.62
C GLY I 357 8.56 63.98 7.54
N THR I 358 8.27 64.12 8.83
CA THR I 358 9.21 64.63 9.85
C THR I 358 10.38 63.67 10.09
N TYR I 359 10.12 62.36 10.13
CA TYR I 359 11.12 61.29 10.28
C TYR I 359 12.26 61.57 11.29
N ILE I 360 11.89 62.11 12.46
CA ILE I 360 12.79 62.38 13.59
C ILE I 360 13.29 61.08 14.21
N SER I 361 14.59 61.02 14.52
CA SER I 361 15.25 59.89 15.21
C SER I 361 14.95 59.90 16.71
N THR I 362 13.68 59.64 17.05
CA THR I 362 13.12 59.66 18.40
C THR I 362 13.83 58.73 19.41
N ASN I 363 14.47 57.65 18.94
CA ASN I 363 15.35 56.79 19.75
C ASN I 363 16.62 57.54 20.17
N SER I 364 16.72 57.90 21.44
CA SER I 364 17.82 58.71 21.99
C SER I 364 19.16 57.98 22.00
N SER I 365 20.25 58.74 22.05
CA SER I 365 21.64 58.23 22.01
C SER I 365 22.10 57.54 23.31
N ALA I 366 21.29 57.56 24.37
CA ALA I 366 21.49 56.75 25.57
C ALA I 366 21.06 55.28 25.37
N ASN I 367 21.54 54.38 26.23
CA ASN I 367 21.15 52.97 26.20
C ASN I 367 19.64 52.78 26.46
N SER I 368 19.02 51.82 25.76
CA SER I 368 17.61 51.44 25.93
C SER I 368 17.40 49.95 25.63
N THR I 369 16.40 49.33 26.24
CA THR I 369 16.15 47.88 26.18
C THR I 369 14.72 47.51 25.78
N SER I 370 13.97 48.45 25.17
CA SER I 370 12.64 48.18 24.66
C SER I 370 12.65 47.06 23.61
N THR I 371 12.11 45.89 23.95
CA THR I 371 11.86 44.80 23.00
C THR I 371 10.38 44.71 22.71
N ILE I 372 10.00 44.69 21.45
CA ILE I 372 8.67 44.22 21.10
C ILE I 372 8.70 42.68 21.07
N THR I 373 7.58 42.04 21.35
CA THR I 373 7.47 40.57 21.40
C THR I 373 6.25 40.08 20.63
N LEU I 374 6.41 39.00 19.89
CA LEU I 374 5.36 38.33 19.13
C LEU I 374 5.05 37.01 19.82
N GLN I 375 3.80 36.71 20.13
CA GLN I 375 3.45 35.33 20.51
C GLN I 375 3.20 34.49 19.27
N CYS I 376 3.57 33.21 19.30
CA CYS I 376 3.55 32.35 18.12
C CYS I 376 2.85 31.01 18.37
N ARG I 377 1.95 30.64 17.48
CA ARG I 377 1.39 29.28 17.37
C ARG I 377 2.46 28.34 16.85
N ILE I 378 2.23 27.04 16.94
CA ILE I 378 3.01 26.00 16.25
C ILE I 378 2.03 25.00 15.63
N LYS I 379 2.42 24.34 14.55
CA LYS I 379 1.67 23.24 13.93
C LYS I 379 2.62 22.09 13.63
N GLN I 380 2.10 20.87 13.52
CA GLN I 380 2.89 19.73 13.06
C GLN I 380 2.47 19.26 11.68
N ILE I 381 1.17 19.19 11.41
CA ILE I 381 0.66 18.88 10.06
C ILE I 381 0.65 20.16 9.24
N ILE I 382 1.32 20.17 8.08
CA ILE I 382 1.41 21.34 7.19
C ILE I 382 1.06 20.96 5.75
N ASN I 383 0.26 21.79 5.07
CA ASN I 383 -0.11 21.62 3.67
C ASN I 383 0.82 22.47 2.80
N MET I 384 2.07 22.02 2.64
CA MET I 384 3.16 22.85 2.12
C MET I 384 2.84 23.49 0.75
N TRP I 385 3.04 24.80 0.66
CA TRP I 385 2.72 25.62 -0.52
C TRP I 385 1.28 25.42 -1.02
N GLN I 386 0.35 25.32 -0.06
CA GLN I 386 -1.08 25.15 -0.30
C GLN I 386 -1.43 23.88 -1.12
N GLY I 387 -0.57 22.86 -1.08
CA GLY I 387 -0.78 21.58 -1.77
C GLY I 387 -1.34 20.52 -0.84
N VAL I 388 -2.43 19.87 -1.24
CA VAL I 388 -3.10 18.81 -0.46
C VAL I 388 -2.30 17.50 -0.51
N GLY I 389 -1.72 17.17 -1.66
CA GLY I 389 -0.84 16.00 -1.81
C GLY I 389 0.61 16.24 -1.34
N ARG I 390 1.01 17.50 -1.16
CA ARG I 390 2.30 17.90 -0.56
C ARG I 390 2.31 17.83 0.96
N CYS I 391 1.19 17.49 1.62
CA CYS I 391 1.09 17.62 3.06
C CYS I 391 1.98 16.62 3.80
N MET I 392 2.57 17.05 4.90
CA MET I 392 3.48 16.25 5.70
C MET I 392 3.32 16.57 7.17
N TYR I 393 3.76 15.64 8.00
CA TYR I 393 3.80 15.76 9.44
C TYR I 393 5.25 15.98 9.86
N ALA I 394 5.53 17.06 10.57
CA ALA I 394 6.86 17.36 11.06
C ALA I 394 7.06 16.72 12.44
N PRO I 395 7.99 15.77 12.62
CA PRO I 395 8.16 15.10 13.89
C PRO I 395 8.64 16.09 14.95
N PRO I 396 8.23 15.95 16.22
CA PRO I 396 8.60 16.87 17.29
C PRO I 396 10.07 16.74 17.63
N ILE I 397 10.65 17.78 18.23
CA ILE I 397 12.07 17.88 18.55
C ILE I 397 12.25 18.08 20.06
N ALA I 398 13.07 17.23 20.67
CA ALA I 398 13.29 17.18 22.11
C ALA I 398 13.92 18.46 22.66
N GLY I 399 13.81 18.68 23.98
CA GLY I 399 14.43 19.82 24.64
C GLY I 399 13.65 21.11 24.37
N ASN I 400 14.37 22.21 24.16
CA ASN I 400 13.79 23.48 23.74
C ASN I 400 14.59 24.12 22.61
N ILE I 401 13.90 24.97 21.85
CA ILE I 401 14.38 25.58 20.61
C ILE I 401 14.73 27.04 20.86
N THR I 402 15.88 27.49 20.39
CA THR I 402 16.21 28.91 20.22
C THR I 402 16.85 29.10 18.86
N CYS I 403 16.69 30.29 18.30
CA CYS I 403 16.86 30.52 16.87
C CYS I 403 17.13 32.00 16.61
N ARG I 404 18.32 32.36 16.15
CA ARG I 404 18.67 33.76 15.80
C ARG I 404 18.32 34.01 14.33
N SER I 405 18.27 35.25 13.88
CA SER I 405 18.39 35.57 12.45
C SER I 405 18.62 37.06 12.24
N ASN I 406 19.55 37.44 11.37
CA ASN I 406 19.48 38.73 10.68
C ASN I 406 18.22 38.73 9.82
N ILE I 407 17.59 39.88 9.57
CA ILE I 407 16.36 39.89 8.77
C ILE I 407 16.27 40.85 7.60
N THR I 408 15.54 40.30 6.64
CA THR I 408 14.67 40.87 5.62
C THR I 408 15.04 41.89 4.57
N GLY I 409 14.12 41.80 3.62
CA GLY I 409 13.60 42.78 2.72
C GLY I 409 12.09 42.58 2.90
N LEU I 410 11.32 43.54 3.41
CA LEU I 410 9.91 43.34 3.78
C LEU I 410 9.04 43.03 2.55
N LEU I 411 8.04 42.16 2.65
CA LEU I 411 7.05 41.96 1.58
C LEU I 411 5.79 42.76 1.90
N LEU I 412 5.60 43.94 1.32
CA LEU I 412 4.43 44.78 1.58
C LEU I 412 3.41 44.76 0.43
N THR I 413 2.18 45.20 0.72
CA THR I 413 1.17 45.59 -0.26
C THR I 413 0.50 46.89 0.18
N ARG I 414 0.17 47.75 -0.79
CA ARG I 414 -0.41 49.07 -0.56
C ARG I 414 -1.94 49.01 -0.50
N ASP I 415 -2.55 49.92 0.24
CA ASP I 415 -3.98 49.95 0.50
C ASP I 415 -4.44 51.40 0.67
N GLY I 416 -5.38 51.85 -0.17
CA GLY I 416 -5.88 53.22 -0.13
C GLY I 416 -6.71 53.62 -1.35
N GLY I 417 -7.54 54.64 -1.18
CA GLY I 417 -8.50 55.15 -2.16
C GLY I 417 -8.69 56.66 -2.01
N THR I 418 -9.92 57.15 -2.22
CA THR I 418 -10.24 58.58 -2.09
C THR I 418 -10.11 59.10 -0.65
N ASN I 419 -9.99 58.20 0.33
CA ASN I 419 -9.63 58.52 1.72
C ASN I 419 -8.21 59.11 1.88
N SER I 420 -7.32 58.84 0.92
CA SER I 420 -5.88 58.88 1.12
C SER I 420 -5.35 60.28 1.40
N ASN I 421 -5.31 61.12 0.37
CA ASN I 421 -4.91 62.52 0.42
C ASN I 421 -3.52 62.74 1.02
N GLU I 422 -3.39 62.88 2.35
CA GLU I 422 -2.10 62.95 3.05
C GLU I 422 -1.52 61.58 3.44
N THR I 423 -2.23 60.45 3.35
CA THR I 423 -1.63 59.15 3.73
C THR I 423 -2.21 57.93 3.03
N GLU I 424 -1.46 56.83 2.99
CA GLU I 424 -1.95 55.51 2.61
C GLU I 424 -1.40 54.42 3.53
N THR I 425 -2.14 53.33 3.62
CA THR I 425 -1.81 52.14 4.38
C THR I 425 -0.89 51.23 3.59
N PHE I 426 0.09 50.65 4.28
CA PHE I 426 0.93 49.57 3.79
C PHE I 426 0.89 48.40 4.78
N ARG I 427 0.69 47.19 4.27
CA ARG I 427 0.40 45.97 5.02
C ARG I 427 1.43 44.89 4.71
N PRO I 428 1.75 43.98 5.63
CA PRO I 428 2.45 42.76 5.26
C PRO I 428 1.62 41.93 4.29
N ALA I 429 2.23 41.44 3.23
CA ALA I 429 1.54 40.69 2.19
C ALA I 429 1.70 39.18 2.37
N GLY I 430 0.73 38.42 1.85
CA GLY I 430 0.78 36.95 1.77
C GLY I 430 1.79 36.45 0.73
N GLY I 431 3.08 36.61 1.01
CA GLY I 431 4.19 36.30 0.09
C GLY I 431 4.11 34.90 -0.54
N ASP I 432 4.37 34.80 -1.84
CA ASP I 432 4.49 33.52 -2.53
C ASP I 432 5.82 32.80 -2.18
N MET I 433 5.94 31.54 -2.59
CA MET I 433 7.23 30.88 -2.78
C MET I 433 8.23 31.77 -3.52
N ARG I 434 7.81 32.33 -4.67
CA ARG I 434 8.73 32.92 -5.63
C ARG I 434 9.44 34.16 -5.11
N ASP I 435 8.72 35.02 -4.40
CA ASP I 435 9.22 36.36 -4.12
C ASP I 435 10.46 36.35 -3.24
N ASN I 436 10.57 35.37 -2.33
CA ASN I 436 11.77 35.12 -1.56
C ASN I 436 12.99 34.98 -2.49
N TRP I 437 12.87 34.12 -3.49
CA TRP I 437 13.91 33.85 -4.47
C TRP I 437 14.10 35.02 -5.42
N ARG I 438 13.02 35.70 -5.81
CA ARG I 438 13.08 36.90 -6.65
C ARG I 438 13.91 38.00 -5.99
N SER I 439 13.85 38.14 -4.67
CA SER I 439 14.69 39.09 -3.94
C SER I 439 16.19 38.80 -4.01
N GLU I 440 16.59 37.63 -4.48
CA GLU I 440 18.00 37.27 -4.70
C GLU I 440 18.35 37.19 -6.19
N LEU I 441 17.45 36.70 -7.02
CA LEU I 441 17.69 36.51 -8.45
C LEU I 441 17.52 37.78 -9.30
N TYR I 442 17.05 38.91 -8.75
CA TYR I 442 16.92 40.19 -9.47
C TYR I 442 18.22 40.67 -10.16
N LYS I 443 19.40 40.27 -9.64
CA LYS I 443 20.71 40.60 -10.22
C LYS I 443 21.02 39.91 -11.55
N TYR I 444 20.39 38.77 -11.88
CA TYR I 444 20.94 37.80 -12.83
C TYR I 444 20.10 37.61 -14.09
N LYS I 445 20.78 37.38 -15.22
CA LYS I 445 20.20 37.12 -16.55
C LYS I 445 20.97 35.99 -17.24
N VAL I 446 20.31 35.13 -17.99
CA VAL I 446 20.94 33.98 -18.66
C VAL I 446 20.90 34.16 -20.18
N VAL I 447 22.02 33.98 -20.87
CA VAL I 447 22.09 34.13 -22.32
C VAL I 447 22.73 32.95 -23.00
N LYS I 448 22.27 32.69 -24.22
CA LYS I 448 22.85 31.75 -25.18
C LYS I 448 24.00 32.46 -25.89
N ILE I 449 25.24 31.97 -25.77
CA ILE I 449 26.30 32.46 -26.66
C ILE I 449 25.95 31.96 -28.06
N GLU I 450 26.05 32.82 -29.07
CA GLU I 450 25.64 32.49 -30.44
C GLU I 450 26.70 32.91 -31.45
N PRO I 451 27.84 32.20 -31.50
CA PRO I 451 28.97 32.54 -32.35
C PRO I 451 28.66 32.23 -33.83
N LEU I 452 29.68 32.23 -34.70
CA LEU I 452 29.59 32.09 -36.16
C LEU I 452 29.04 33.38 -36.80
N GLY I 453 29.87 34.41 -36.80
CA GLY I 453 29.55 35.71 -37.39
C GLY I 453 30.12 35.89 -38.78
N VAL I 454 29.44 36.67 -39.61
CA VAL I 454 29.76 36.88 -41.02
C VAL I 454 30.06 38.36 -41.24
N ALA I 455 31.19 38.73 -41.86
CA ALA I 455 31.57 40.14 -42.01
C ALA I 455 32.47 40.40 -43.22
N PRO I 456 32.54 41.64 -43.75
CA PRO I 456 33.32 41.99 -44.92
C PRO I 456 34.71 42.49 -44.58
N THR I 457 35.74 42.08 -45.31
CA THR I 457 37.15 42.33 -44.92
C THR I 457 38.13 42.64 -46.05
N ARG I 458 37.71 42.59 -47.32
CA ARG I 458 38.57 42.69 -48.50
C ARG I 458 39.71 41.65 -48.49
N CYS I 459 39.38 40.42 -48.86
CA CYS I 459 40.33 39.34 -49.18
C CYS I 459 39.66 38.28 -50.05
N LYS I 460 40.45 37.44 -50.73
CA LYS I 460 39.90 36.45 -51.68
C LYS I 460 40.42 35.04 -51.39
N ARG I 461 39.59 34.00 -51.56
CA ARG I 461 40.00 32.59 -51.43
C ARG I 461 41.11 32.29 -52.45
N ARG I 462 41.96 31.30 -52.17
CA ARG I 462 43.21 31.02 -52.93
C ARG I 462 43.04 30.44 -54.35
N VAL I 463 41.84 30.47 -54.95
CA VAL I 463 41.53 29.95 -56.29
C VAL I 463 40.35 30.70 -56.94
N ALA J 9 39.04 43.44 -18.54
CA ALA J 9 38.14 42.74 -19.47
C ALA J 9 38.87 41.66 -20.29
N VAL J 10 39.57 42.02 -21.38
CA VAL J 10 40.33 41.05 -22.21
C VAL J 10 41.49 40.44 -21.42
N GLY J 11 41.65 39.12 -21.57
CA GLY J 11 42.76 38.34 -21.02
C GLY J 11 42.64 36.90 -21.46
N ILE J 12 43.56 36.42 -22.30
CA ILE J 12 43.40 35.18 -23.10
C ILE J 12 43.30 33.92 -22.20
N GLY J 13 43.77 33.98 -20.95
CA GLY J 13 43.63 32.90 -19.96
C GLY J 13 42.20 32.69 -19.41
N ALA J 14 41.29 33.67 -19.50
CA ALA J 14 39.95 33.54 -18.91
C ALA J 14 38.80 34.27 -19.65
N VAL J 15 39.08 35.20 -20.57
CA VAL J 15 38.07 36.12 -21.16
C VAL J 15 36.81 35.43 -21.64
N PHE J 16 36.94 34.26 -22.26
CA PHE J 16 35.82 33.46 -22.72
C PHE J 16 35.68 32.11 -21.99
N LEU J 17 36.40 31.91 -20.88
CA LEU J 17 36.28 30.75 -19.97
C LEU J 17 35.04 30.84 -19.05
N GLY J 18 34.66 32.07 -18.66
CA GLY J 18 33.28 32.43 -18.31
C GLY J 18 32.48 32.94 -19.52
N PHE J 19 32.98 32.74 -20.75
CA PHE J 19 32.51 33.29 -22.03
C PHE J 19 32.48 34.83 -22.11
N LEU J 20 32.28 35.34 -23.32
CA LEU J 20 31.86 36.72 -23.65
C LEU J 20 32.81 37.89 -23.34
N GLY J 21 33.84 37.76 -22.51
CA GLY J 21 34.53 38.90 -21.89
C GLY J 21 35.23 39.97 -22.74
N ALA J 22 35.34 39.81 -24.06
CA ALA J 22 35.86 40.85 -24.95
C ALA J 22 34.77 41.72 -25.60
N ALA J 23 33.49 41.52 -25.27
CA ALA J 23 32.34 42.04 -26.02
C ALA J 23 32.29 43.57 -26.21
N GLY J 24 32.99 44.35 -25.38
CA GLY J 24 33.08 45.80 -25.50
C GLY J 24 34.23 46.35 -26.36
N SER J 25 35.06 45.51 -26.99
CA SER J 25 36.41 45.91 -27.45
C SER J 25 36.54 46.47 -28.88
N THR J 26 35.46 46.46 -29.66
CA THR J 26 35.43 46.64 -31.14
C THR J 26 35.95 45.45 -31.95
N MET J 27 35.38 45.24 -33.13
CA MET J 27 35.52 43.99 -33.90
C MET J 27 36.96 43.67 -34.28
N GLY J 28 37.76 44.66 -34.66
CA GLY J 28 39.17 44.47 -34.97
C GLY J 28 39.97 43.94 -33.78
N ALA J 29 39.77 44.51 -32.60
CA ALA J 29 40.49 44.08 -31.41
C ALA J 29 40.01 42.70 -30.91
N ALA J 30 38.72 42.41 -30.96
CA ALA J 30 38.17 41.14 -30.49
C ALA J 30 38.71 39.93 -31.29
N SER J 31 39.07 40.13 -32.57
CA SER J 31 39.53 39.07 -33.48
C SER J 31 40.75 38.28 -32.98
N MET J 32 41.58 38.82 -32.09
CA MET J 32 42.72 38.11 -31.50
C MET J 32 42.32 37.07 -30.45
N THR J 33 41.06 37.05 -30.00
CA THR J 33 40.63 36.32 -28.79
C THR J 33 39.75 35.09 -29.06
N LEU J 34 39.35 34.85 -30.32
CA LEU J 34 38.27 33.92 -30.67
C LEU J 34 38.50 32.50 -30.12
N THR J 35 39.76 32.06 -30.03
CA THR J 35 40.15 30.72 -29.57
C THR J 35 39.59 30.41 -28.20
N VAL J 36 39.54 31.39 -27.31
CA VAL J 36 39.10 31.20 -25.92
C VAL J 36 37.60 30.86 -25.86
N GLN J 37 36.82 31.26 -26.86
CA GLN J 37 35.40 30.95 -26.93
C GLN J 37 35.21 29.53 -27.40
N ALA J 38 35.82 29.20 -28.54
CA ALA J 38 35.75 27.88 -29.13
C ALA J 38 36.15 26.83 -28.08
N ARG J 39 37.32 26.96 -27.45
CA ARG J 39 37.82 25.97 -26.47
C ARG J 39 36.95 25.82 -25.22
N ASN J 40 35.91 26.63 -25.05
CA ASN J 40 34.99 26.53 -23.93
C ASN J 40 33.56 26.12 -24.30
N LEU J 41 33.16 26.14 -25.57
CA LEU J 41 31.82 25.72 -26.01
C LEU J 41 31.45 24.26 -25.66
N LEU J 42 32.42 23.45 -25.25
CA LEU J 42 32.26 22.02 -25.02
C LEU J 42 32.87 21.52 -23.70
N SER J 43 32.99 22.40 -22.72
CA SER J 43 33.40 22.04 -21.35
C SER J 43 32.34 21.18 -20.63
N GLY J 44 32.71 20.59 -19.49
CA GLY J 44 31.88 19.65 -18.73
C GLY J 44 32.48 19.23 -17.38
N THR J 66 17.79 8.97 -10.85
CA THR J 66 16.88 10.06 -10.48
C THR J 66 16.71 11.05 -11.64
N VAL J 67 15.59 11.77 -11.70
CA VAL J 67 15.22 12.69 -12.82
C VAL J 67 16.29 13.75 -13.15
N TRP J 68 17.05 14.21 -12.17
CA TRP J 68 18.17 15.15 -12.37
C TRP J 68 19.21 14.63 -13.35
N GLY J 69 19.41 13.31 -13.43
CA GLY J 69 20.27 12.70 -14.43
C GLY J 69 19.75 12.93 -15.85
N ILE J 70 18.44 12.85 -16.10
CA ILE J 70 17.84 13.23 -17.38
C ILE J 70 18.10 14.71 -17.65
N LYS J 71 17.94 15.59 -16.65
CA LYS J 71 18.20 17.03 -16.84
C LYS J 71 19.64 17.29 -17.27
N GLN J 72 20.62 16.66 -16.63
CA GLN J 72 22.02 16.82 -17.03
C GLN J 72 22.33 16.20 -18.40
N LEU J 73 21.87 14.98 -18.68
CA LEU J 73 22.06 14.38 -20.00
C LEU J 73 21.45 15.26 -21.09
N GLN J 74 20.24 15.78 -20.91
CA GLN J 74 19.64 16.68 -21.91
C GLN J 74 20.45 17.97 -22.11
N ALA J 75 21.05 18.54 -21.06
CA ALA J 75 21.91 19.70 -21.23
C ALA J 75 23.20 19.37 -22.02
N ARG J 76 23.86 18.25 -21.70
CA ARG J 76 25.07 17.78 -22.40
C ARG J 76 24.78 17.52 -23.86
N VAL J 77 23.76 16.72 -24.15
CA VAL J 77 23.46 16.30 -25.50
C VAL J 77 23.10 17.49 -26.39
N LEU J 78 22.41 18.51 -25.89
CA LEU J 78 22.22 19.75 -26.64
C LEU J 78 23.52 20.52 -26.86
N ALA J 79 24.40 20.63 -25.86
CA ALA J 79 25.68 21.28 -26.05
C ALA J 79 26.52 20.62 -27.15
N VAL J 80 26.51 19.29 -27.24
CA VAL J 80 27.17 18.55 -28.32
C VAL J 80 26.54 18.86 -29.66
N GLU J 81 25.23 18.73 -29.83
CA GLU J 81 24.63 18.91 -31.15
C GLU J 81 24.72 20.35 -31.65
N ARG J 82 24.62 21.33 -30.76
CA ARG J 82 24.92 22.73 -31.08
C ARG J 82 26.31 22.85 -31.68
N TYR J 83 27.32 22.36 -30.96
CA TYR J 83 28.70 22.47 -31.41
C TYR J 83 28.90 21.78 -32.74
N LEU J 84 28.36 20.57 -32.93
CA LEU J 84 28.54 19.88 -34.20
C LEU J 84 27.84 20.54 -35.36
N ARG J 85 26.61 21.05 -35.21
CA ARG J 85 25.91 21.75 -36.29
C ARG J 85 26.69 22.98 -36.74
N ASP J 86 27.36 23.70 -35.84
CA ASP J 86 28.28 24.74 -36.26
C ASP J 86 29.43 24.21 -37.11
N GLN J 87 30.10 23.13 -36.69
CA GLN J 87 31.21 22.58 -37.46
C GLN J 87 30.76 22.03 -38.82
N GLN J 88 29.55 21.49 -38.90
CA GLN J 88 28.98 20.99 -40.14
C GLN J 88 28.83 22.12 -41.17
N LEU J 89 28.24 23.27 -40.78
CA LEU J 89 28.16 24.44 -41.65
C LEU J 89 29.53 24.89 -42.11
N LEU J 90 30.47 25.08 -41.18
CA LEU J 90 31.80 25.52 -41.53
C LEU J 90 32.47 24.56 -42.51
N GLY J 91 32.24 23.26 -42.39
CA GLY J 91 32.72 22.29 -43.36
C GLY J 91 32.13 22.54 -44.74
N ILE J 92 30.81 22.65 -44.82
CA ILE J 92 30.08 22.73 -46.09
C ILE J 92 30.40 24.00 -46.86
N TRP J 93 30.54 25.15 -46.20
CA TRP J 93 30.95 26.39 -46.87
C TRP J 93 32.43 26.44 -47.18
N GLY J 94 33.21 25.64 -46.46
CA GLY J 94 34.59 25.97 -46.17
C GLY J 94 34.62 27.13 -45.16
N CYS J 95 35.33 27.04 -44.04
CA CYS J 95 36.51 26.22 -43.88
C CYS J 95 36.39 25.34 -42.64
N SER J 96 36.81 24.09 -42.74
CA SER J 96 36.47 23.03 -41.78
C SER J 96 37.04 23.19 -40.37
N GLY J 97 38.09 23.99 -40.19
CA GLY J 97 38.66 24.23 -38.85
C GLY J 97 39.41 25.55 -38.67
N LYS J 98 39.21 26.52 -39.56
CA LYS J 98 40.17 27.61 -39.78
C LYS J 98 39.93 28.85 -38.91
N LEU J 99 38.85 28.91 -38.10
CA LEU J 99 38.38 30.07 -37.29
C LEU J 99 38.08 31.38 -38.05
N ILE J 100 38.75 31.64 -39.17
CA ILE J 100 38.75 32.88 -39.96
C ILE J 100 39.00 32.46 -41.41
N CYS J 101 38.09 32.65 -42.36
CA CYS J 101 38.46 32.46 -43.77
C CYS J 101 37.69 33.30 -44.79
N CYS J 102 38.34 33.63 -45.91
CA CYS J 102 37.79 34.32 -47.08
C CYS J 102 36.95 33.35 -47.93
N THR J 103 35.98 33.82 -48.74
CA THR J 103 34.94 32.89 -49.26
C THR J 103 34.42 33.10 -50.69
N ASN J 104 34.99 34.02 -51.46
CA ASN J 104 34.56 34.29 -52.84
C ASN J 104 33.04 34.52 -53.00
N VAL J 105 32.45 35.21 -52.03
CA VAL J 105 31.14 35.84 -52.17
C VAL J 105 31.33 37.35 -52.00
N PRO J 106 31.08 38.17 -53.04
CA PRO J 106 31.19 39.62 -52.89
C PRO J 106 30.12 40.17 -51.96
N TRP J 107 30.40 41.30 -51.32
CA TRP J 107 29.48 41.94 -50.38
C TRP J 107 28.52 42.86 -51.13
N ASN J 108 27.23 42.52 -51.16
CA ASN J 108 26.23 43.27 -51.94
C ASN J 108 26.02 44.69 -51.38
N SER J 109 25.78 45.66 -52.26
CA SER J 109 25.62 47.07 -51.89
C SER J 109 24.53 47.29 -50.84
N SER J 110 23.44 46.51 -50.87
CA SER J 110 22.36 46.64 -49.89
C SER J 110 22.76 46.30 -48.45
N TRP J 111 23.88 45.58 -48.25
CA TRP J 111 24.48 45.34 -46.93
C TRP J 111 25.71 46.22 -46.67
N SER J 112 26.25 46.84 -47.71
CA SER J 112 27.48 47.64 -47.70
C SER J 112 27.30 49.05 -47.11
N ASN J 113 26.40 49.19 -46.14
CA ASN J 113 25.89 50.47 -45.64
C ASN J 113 26.89 51.28 -44.79
N ARG J 114 28.15 50.82 -44.70
CA ARG J 114 29.23 51.36 -43.87
C ARG J 114 30.56 51.25 -44.58
N ASN J 115 31.48 52.15 -44.24
CA ASN J 115 32.87 52.04 -44.60
C ASN J 115 33.55 50.96 -43.73
N LEU J 116 34.49 50.19 -44.29
CA LEU J 116 35.25 49.14 -43.57
C LEU J 116 35.82 49.64 -42.24
N SER J 117 36.29 50.88 -42.18
CA SER J 117 36.87 51.46 -40.96
C SER J 117 35.86 51.61 -39.81
N GLU J 118 34.57 51.80 -40.06
CA GLU J 118 33.57 51.75 -39.00
C GLU J 118 33.46 50.33 -38.44
N ILE J 119 33.40 49.35 -39.34
CA ILE J 119 33.16 47.97 -38.98
C ILE J 119 34.32 47.45 -38.13
N TRP J 120 35.54 47.60 -38.60
CA TRP J 120 36.69 47.01 -37.92
C TRP J 120 37.22 47.87 -36.77
N ASP J 121 36.98 49.18 -36.76
CA ASP J 121 37.60 50.07 -35.77
C ASP J 121 36.61 50.81 -34.86
N ASN J 122 35.30 50.79 -35.14
CA ASN J 122 34.30 51.53 -34.36
C ASN J 122 33.21 50.65 -33.74
N MET J 123 32.57 49.72 -34.46
CA MET J 123 31.51 48.89 -33.88
C MET J 123 32.06 47.76 -33.02
N THR J 124 31.27 47.32 -32.05
CA THR J 124 31.44 46.03 -31.36
C THR J 124 30.75 44.91 -32.12
N TRP J 125 31.20 43.66 -31.94
CA TRP J 125 30.58 42.51 -32.59
C TRP J 125 29.09 42.41 -32.30
N LEU J 126 28.70 42.70 -31.07
CA LEU J 126 27.29 42.71 -30.70
C LEU J 126 26.49 43.79 -31.45
N GLN J 127 27.03 45.00 -31.55
CA GLN J 127 26.34 46.06 -32.28
C GLN J 127 26.28 45.76 -33.78
N TRP J 128 27.28 45.10 -34.35
CA TRP J 128 27.26 44.66 -35.74
C TRP J 128 26.18 43.60 -35.99
N ASP J 129 26.02 42.66 -35.06
CA ASP J 129 25.01 41.62 -35.19
C ASP J 129 23.62 42.20 -35.36
N LYS J 130 23.31 43.30 -34.68
CA LYS J 130 22.02 43.99 -34.84
C LYS J 130 21.72 44.40 -36.28
N GLU J 131 22.72 44.52 -37.16
CA GLU J 131 22.50 44.69 -38.59
C GLU J 131 22.35 43.36 -39.30
N ILE J 132 23.41 42.55 -39.41
CA ILE J 132 23.41 41.37 -40.31
C ILE J 132 22.68 40.15 -39.71
N SER J 133 21.98 40.33 -38.59
CA SER J 133 20.90 39.45 -38.14
C SER J 133 19.68 39.56 -39.05
N ASN J 134 19.52 40.65 -39.81
CA ASN J 134 18.64 40.65 -40.96
C ASN J 134 19.26 39.81 -42.09
N TYR J 135 18.44 39.09 -42.85
CA TYR J 135 18.81 38.43 -44.12
C TYR J 135 20.05 37.50 -44.12
N THR J 136 20.48 36.95 -42.99
CA THR J 136 21.72 36.16 -42.90
C THR J 136 21.69 34.94 -43.83
N GLN J 137 20.51 34.33 -44.01
CA GLN J 137 20.32 33.14 -44.84
C GLN J 137 20.58 33.39 -46.32
N ILE J 138 20.46 34.63 -46.81
CA ILE J 138 20.89 34.97 -48.17
C ILE J 138 22.39 34.69 -48.29
N ILE J 139 23.16 35.08 -47.27
CA ILE J 139 24.60 34.87 -47.24
C ILE J 139 24.92 33.37 -47.13
N TYR J 140 24.17 32.60 -46.35
CA TYR J 140 24.41 31.15 -46.29
C TYR J 140 24.14 30.46 -47.64
N GLY J 141 23.13 30.90 -48.39
CA GLY J 141 22.86 30.37 -49.74
C GLY J 141 23.98 30.72 -50.73
N LEU J 142 24.60 31.89 -50.59
CA LEU J 142 25.78 32.24 -51.38
C LEU J 142 27.00 31.40 -50.97
N LEU J 143 27.27 31.27 -49.68
CA LEU J 143 28.42 30.51 -49.19
C LEU J 143 28.33 29.03 -49.55
N GLU J 144 27.19 28.39 -49.37
CA GLU J 144 27.07 26.97 -49.69
C GLU J 144 27.30 26.70 -51.17
N GLU J 145 26.63 27.47 -52.04
CA GLU J 145 26.75 27.28 -53.47
C GLU J 145 28.15 27.64 -54.00
N SER J 146 28.81 28.63 -53.40
CA SER J 146 30.20 28.96 -53.70
C SER J 146 31.12 27.76 -53.53
N GLN J 147 30.89 26.90 -52.53
CA GLN J 147 31.76 25.74 -52.34
C GLN J 147 31.51 24.65 -53.39
N ASN J 148 30.26 24.39 -53.76
CA ASN J 148 29.94 23.40 -54.80
C ASN J 148 30.75 23.64 -56.07
N GLN J 149 30.65 24.86 -56.60
CA GLN J 149 31.28 25.22 -57.86
C GLN J 149 32.80 25.10 -57.78
N GLN J 150 33.38 25.41 -56.63
CA GLN J 150 34.79 25.16 -56.42
C GLN J 150 35.11 23.66 -56.43
N GLU J 151 34.39 22.82 -55.68
CA GLU J 151 34.74 21.39 -55.59
C GLU J 151 34.55 20.66 -56.93
N LYS J 152 33.54 21.02 -57.71
CA LYS J 152 33.43 20.59 -59.12
C LYS J 152 34.65 21.04 -59.93
N ASN J 153 35.03 22.31 -59.86
CA ASN J 153 36.21 22.82 -60.57
C ASN J 153 37.48 22.08 -60.17
N GLU J 154 37.73 21.85 -58.87
CA GLU J 154 38.92 21.10 -58.42
C GLU J 154 38.91 19.67 -58.94
N GLN J 155 37.76 18.99 -58.95
CA GLN J 155 37.68 17.62 -59.45
C GLN J 155 38.13 17.52 -60.92
N ASP J 156 37.77 18.50 -61.74
CA ASP J 156 38.21 18.54 -63.14
C ASP J 156 39.71 18.78 -63.31
N LEU J 157 40.38 19.45 -62.37
CA LEU J 157 41.84 19.62 -62.38
C LEU J 157 42.55 18.36 -61.89
N LEU J 158 42.11 17.77 -60.78
CA LEU J 158 42.67 16.50 -60.31
C LEU J 158 42.40 15.35 -61.31
N ALA J 159 41.35 15.46 -62.14
CA ALA J 159 41.07 14.59 -63.27
C ALA J 159 42.08 14.71 -64.43
N LEU J 160 43.04 15.63 -64.33
CA LEU J 160 44.17 15.80 -65.25
C LEU J 160 45.53 15.78 -64.51
N ASP J 161 45.53 15.55 -63.20
CA ASP J 161 46.74 15.45 -62.37
C ASP J 161 47.38 14.06 -62.42
N GLU K 1 2.16 44.54 47.67
CA GLU K 1 1.31 43.99 48.75
C GLU K 1 1.76 42.58 49.17
N VAL K 2 1.35 41.51 48.45
CA VAL K 2 1.75 40.09 48.65
C VAL K 2 1.65 39.62 50.11
N GLN K 3 0.47 39.16 50.53
CA GLN K 3 0.19 38.70 51.89
C GLN K 3 -0.50 37.33 51.92
N LEU K 4 -0.10 36.50 52.88
CA LEU K 4 -0.50 35.10 53.05
C LEU K 4 -1.20 34.87 54.38
N ALA K 5 -2.21 34.00 54.38
CA ALA K 5 -3.00 33.69 55.57
C ALA K 5 -3.28 32.18 55.67
N GLU K 6 -2.50 31.47 56.48
CA GLU K 6 -2.77 30.09 56.86
C GLU K 6 -4.01 29.98 57.77
N SER K 7 -4.68 28.82 57.75
CA SER K 7 -5.95 28.52 58.44
C SER K 7 -6.18 27.00 58.53
N GLY K 8 -7.11 26.57 59.38
CA GLY K 8 -7.56 25.17 59.49
C GLY K 8 -6.87 24.32 60.57
N GLY K 9 -5.99 24.93 61.38
CA GLY K 9 -5.23 24.23 62.41
C GLY K 9 -6.06 23.81 63.63
N GLY K 10 -5.62 22.79 64.36
CA GLY K 10 -6.31 22.33 65.57
C GLY K 10 -5.65 21.12 66.26
N LEU K 11 -6.37 20.57 67.22
CA LEU K 11 -6.04 19.35 67.96
C LEU K 11 -6.31 18.10 67.13
N THR K 12 -5.53 17.03 67.34
CA THR K 12 -5.91 15.69 66.88
C THR K 12 -5.33 14.58 67.74
N LYS K 13 -5.99 13.42 67.74
CA LYS K 13 -5.43 12.12 68.13
C LYS K 13 -4.32 11.66 67.17
N PRO K 14 -3.29 10.94 67.64
CA PRO K 14 -2.32 10.24 66.79
C PRO K 14 -3.01 9.27 65.83
N GLY K 15 -2.40 9.06 64.65
CA GLY K 15 -3.04 8.37 63.52
C GLY K 15 -4.20 9.13 62.86
N GLY K 16 -4.60 10.28 63.40
CA GLY K 16 -5.68 11.10 62.86
C GLY K 16 -5.30 11.86 61.59
N SER K 17 -6.22 12.71 61.17
CA SER K 17 -6.13 13.50 59.94
C SER K 17 -6.61 14.94 60.14
N LEU K 18 -5.96 15.89 59.48
CA LEU K 18 -6.25 17.33 59.53
C LEU K 18 -5.97 17.98 58.16
N ARG K 19 -6.58 19.13 57.90
CA ARG K 19 -6.33 19.88 56.68
C ARG K 19 -6.05 21.35 56.95
N LEU K 20 -4.97 21.86 56.38
CA LEU K 20 -4.59 23.27 56.46
C LEU K 20 -4.85 23.95 55.13
N SER K 21 -5.29 25.21 55.16
CA SER K 21 -5.50 26.03 53.96
C SER K 21 -4.75 27.34 54.07
N CYS K 22 -4.01 27.74 53.05
CA CYS K 22 -3.34 29.02 52.96
C CYS K 22 -4.00 29.85 51.85
N ALA K 23 -4.46 31.04 52.21
CA ALA K 23 -5.12 31.98 51.30
C ALA K 23 -4.16 33.11 50.90
N ALA K 24 -4.14 33.45 49.62
CA ALA K 24 -3.20 34.38 49.03
C ALA K 24 -3.88 35.69 48.60
N SER K 25 -3.28 36.82 48.97
CA SER K 25 -3.86 38.15 48.76
C SER K 25 -2.81 39.12 48.21
N GLY K 26 -3.17 39.95 47.24
CA GLY K 26 -2.27 40.95 46.69
C GLY K 26 -1.15 40.42 45.78
N PHE K 27 -1.36 39.31 45.07
CA PHE K 27 -0.49 38.84 43.99
C PHE K 27 -1.22 37.91 43.01
N THR K 28 -0.67 37.68 41.82
CA THR K 28 -1.25 36.77 40.82
C THR K 28 -0.96 35.32 41.19
N PHE K 29 -1.84 34.70 41.97
CA PHE K 29 -1.56 33.40 42.57
C PHE K 29 -1.32 32.28 41.57
N SER K 30 -1.78 32.37 40.32
CA SER K 30 -1.46 31.37 39.28
C SER K 30 0.01 31.28 38.92
N ASP K 31 0.81 32.29 39.22
CA ASP K 31 2.15 32.45 38.64
C ASP K 31 3.28 32.09 39.61
N PHE K 32 2.97 31.28 40.61
CA PHE K 32 3.95 30.90 41.63
C PHE K 32 3.86 29.43 42.02
N TYR K 33 5.00 28.77 42.17
CA TYR K 33 5.08 27.61 43.04
C TYR K 33 4.77 28.04 44.47
N MET K 34 4.28 27.15 45.32
CA MET K 34 4.05 27.43 46.74
C MET K 34 4.55 26.29 47.63
N ASP K 35 5.02 26.64 48.82
CA ASP K 35 5.67 25.73 49.76
C ASP K 35 5.10 25.79 51.16
N TRP K 36 5.07 24.64 51.81
CA TRP K 36 4.81 24.50 53.23
C TRP K 36 6.12 24.23 53.95
N VAL K 37 6.37 24.96 55.04
CA VAL K 37 7.55 24.79 55.90
C VAL K 37 7.10 24.85 57.33
N ARG K 38 7.59 23.97 58.21
CA ARG K 38 7.12 23.85 59.58
C ARG K 38 8.23 23.97 60.59
N GLN K 39 7.87 24.41 61.78
CA GLN K 39 8.77 24.86 62.81
C GLN K 39 8.41 24.23 64.14
N THR K 40 9.43 23.75 64.83
CA THR K 40 9.32 23.15 66.17
C THR K 40 10.50 23.60 67.02
N PRO K 41 10.38 23.61 68.35
CA PRO K 41 11.52 23.87 69.22
C PRO K 41 12.70 22.90 68.99
N GLY K 42 12.41 21.64 68.67
CA GLY K 42 13.41 20.59 68.44
C GLY K 42 14.16 20.67 67.10
N LYS K 43 13.68 21.44 66.11
CA LYS K 43 14.28 21.50 64.76
C LYS K 43 14.47 22.92 64.19
N GLY K 44 13.78 23.94 64.69
CA GLY K 44 13.85 25.30 64.15
C GLY K 44 13.08 25.44 62.84
N LEU K 45 13.55 24.83 61.74
CA LEU K 45 12.88 24.82 60.45
C LEU K 45 13.00 23.44 59.76
N GLU K 46 11.90 22.98 59.18
CA GLU K 46 11.83 21.77 58.36
C GLU K 46 10.93 22.05 57.15
N TRP K 47 11.42 21.81 55.94
CA TRP K 47 10.60 21.92 54.73
C TRP K 47 9.60 20.75 54.65
N VAL K 48 8.35 21.00 54.30
CA VAL K 48 7.28 19.98 54.29
C VAL K 48 6.91 19.55 52.88
N SER K 49 6.56 20.51 52.02
CA SER K 49 6.10 20.20 50.66
C SER K 49 6.16 21.40 49.72
N ARG K 50 6.25 21.13 48.40
CA ARG K 50 6.21 22.11 47.29
C ARG K 50 5.18 21.68 46.26
N ILE K 51 4.47 22.63 45.66
CA ILE K 51 3.51 22.38 44.59
C ILE K 51 3.72 23.33 43.42
N ASN K 52 3.60 22.82 42.20
CA ASN K 52 3.74 23.58 40.98
C ASN K 52 2.66 24.66 40.82
N ASN K 53 2.85 25.62 39.91
CA ASN K 53 1.91 26.74 39.75
C ASN K 53 0.52 26.29 39.26
N ASP K 54 0.44 25.27 38.39
CA ASP K 54 -0.81 24.63 37.95
C ASP K 54 -1.22 23.40 38.79
N GLY K 55 -0.43 23.00 39.79
CA GLY K 55 -0.63 21.79 40.60
C GLY K 55 -0.21 20.45 39.97
N ARG K 56 0.24 20.43 38.71
CA ARG K 56 0.58 19.21 37.96
C ARG K 56 1.73 18.40 38.54
N ASN K 57 2.67 19.03 39.23
CA ASN K 57 3.78 18.37 39.93
C ASN K 57 3.82 18.78 41.40
N LYS K 58 4.18 17.85 42.28
CA LYS K 58 4.22 18.02 43.74
C LYS K 58 5.42 17.30 44.34
N TRP K 59 5.94 17.77 45.47
CA TRP K 59 7.05 17.15 46.20
C TRP K 59 6.83 17.19 47.71
N TYR K 60 7.53 16.32 48.44
CA TYR K 60 7.42 16.19 49.89
C TYR K 60 8.75 15.81 50.54
N ALA K 61 8.92 16.17 51.80
CA ALA K 61 10.01 15.67 52.64
C ALA K 61 9.78 14.21 53.07
N ASP K 62 10.87 13.49 53.33
CA ASP K 62 10.87 12.07 53.74
C ASP K 62 10.05 11.81 55.01
N SER K 63 10.00 12.79 55.91
CA SER K 63 9.25 12.75 57.16
C SER K 63 7.73 12.75 56.98
N VAL K 64 7.21 13.11 55.80
CA VAL K 64 5.76 13.24 55.56
C VAL K 64 5.30 12.58 54.27
N ARG K 65 6.21 11.99 53.48
CA ARG K 65 5.91 11.49 52.14
C ARG K 65 4.80 10.46 52.17
N GLY K 66 3.85 10.58 51.24
CA GLY K 66 2.64 9.78 51.17
C GLY K 66 1.61 10.03 52.28
N ARG K 67 2.04 10.21 53.54
CA ARG K 67 1.16 10.50 54.68
C ARG K 67 0.35 11.78 54.48
N PHE K 68 0.95 12.79 53.85
CA PHE K 68 0.31 14.07 53.53
C PHE K 68 0.19 14.27 52.01
N THR K 69 -0.85 14.97 51.54
CA THR K 69 -0.94 15.41 50.15
C THR K 69 -1.30 16.88 50.02
N VAL K 70 -0.64 17.62 49.14
CA VAL K 70 -0.85 19.06 48.91
C VAL K 70 -1.65 19.29 47.62
N SER K 71 -2.59 20.22 47.60
CA SER K 71 -3.38 20.58 46.40
C SER K 71 -3.63 22.07 46.35
N ARG K 72 -4.01 22.63 45.20
CA ARG K 72 -4.25 24.07 45.07
C ARG K 72 -5.40 24.39 44.15
N GLU K 73 -6.02 25.54 44.41
CA GLU K 73 -7.14 26.07 43.69
C GLU K 73 -6.86 27.53 43.35
N ASN K 74 -6.27 27.74 42.17
CA ASN K 74 -6.06 29.06 41.60
C ASN K 74 -7.39 29.80 41.35
N ALA K 75 -8.50 29.05 41.22
CA ALA K 75 -9.85 29.59 41.20
C ALA K 75 -10.26 30.31 42.51
N LYS K 76 -9.51 30.12 43.61
CA LYS K 76 -9.81 30.66 44.95
C LYS K 76 -8.62 31.33 45.62
N ASN K 77 -7.50 31.56 44.91
CA ASN K 77 -6.25 32.01 45.53
C ASN K 77 -5.85 31.15 46.75
N THR K 78 -6.09 29.83 46.72
CA THR K 78 -5.96 28.99 47.93
C THR K 78 -5.19 27.70 47.70
N LEU K 79 -4.35 27.37 48.67
CA LEU K 79 -3.50 26.20 48.76
C LEU K 79 -3.98 25.31 49.93
N TYR K 80 -4.04 23.99 49.80
CA TYR K 80 -4.47 23.08 50.86
C TYR K 80 -3.42 22.00 51.11
N LEU K 81 -3.20 21.66 52.36
CA LEU K 81 -2.44 20.49 52.74
C LEU K 81 -3.35 19.55 53.52
N GLN K 82 -3.65 18.40 52.95
CA GLN K 82 -4.23 17.28 53.70
C GLN K 82 -3.12 16.52 54.39
N MET K 83 -3.21 16.39 55.70
CA MET K 83 -2.34 15.55 56.50
C MET K 83 -3.13 14.36 57.03
N ASP K 84 -2.59 13.16 56.84
CA ASP K 84 -3.14 11.93 57.41
C ASP K 84 -2.07 11.15 58.16
N SER K 85 -2.49 10.16 58.96
CA SER K 85 -1.59 9.28 59.69
C SER K 85 -0.61 10.08 60.56
N LEU K 86 -1.08 11.14 61.20
CA LEU K 86 -0.25 12.07 61.97
C LEU K 86 0.45 11.37 63.15
N ARG K 87 1.76 11.61 63.28
CA ARG K 87 2.64 11.14 64.36
C ARG K 87 2.74 12.22 65.42
N ALA K 88 3.09 11.89 66.66
CA ALA K 88 3.34 12.92 67.69
C ALA K 88 4.45 13.92 67.26
N GLU K 89 5.42 13.47 66.47
CA GLU K 89 6.46 14.28 65.85
C GLU K 89 5.94 15.32 64.84
N ASP K 90 4.73 15.18 64.29
CA ASP K 90 4.12 16.18 63.41
C ASP K 90 3.53 17.38 64.16
N THR K 91 3.67 17.42 65.49
CA THR K 91 3.25 18.58 66.31
C THR K 91 4.14 19.78 66.03
N ALA K 92 3.62 20.80 65.35
CA ALA K 92 4.42 21.92 64.87
C ALA K 92 3.58 23.18 64.59
N VAL K 93 4.26 24.32 64.43
CA VAL K 93 3.70 25.46 63.69
C VAL K 93 3.97 25.25 62.21
N TYR K 94 2.95 25.32 61.37
CA TYR K 94 3.06 25.19 59.93
C TYR K 94 2.91 26.56 59.27
N TYR K 95 3.86 26.92 58.42
CA TYR K 95 3.89 28.15 57.64
C TYR K 95 3.77 27.87 56.16
N CYS K 96 3.15 28.81 55.47
CA CYS K 96 3.01 28.88 54.04
C CYS K 96 3.98 29.92 53.50
N ALA K 97 4.74 29.61 52.45
CA ALA K 97 5.62 30.56 51.79
C ALA K 97 5.57 30.42 50.27
N ARG K 98 5.70 31.54 49.56
CA ARG K 98 5.64 31.60 48.08
C ARG K 98 7.02 31.40 47.46
N ASP K 99 7.12 30.68 46.36
CA ASP K 99 8.39 30.23 45.78
C ASP K 99 8.57 30.81 44.37
N ARG K 100 9.01 30.00 43.42
CA ARG K 100 9.52 30.38 42.12
C ARG K 100 8.44 31.01 41.26
N PRO K 101 8.62 32.21 40.72
CA PRO K 101 7.67 32.80 39.81
C PRO K 101 7.69 32.10 38.45
N VAL K 102 6.58 32.15 37.72
CA VAL K 102 6.48 31.63 36.36
C VAL K 102 5.61 32.56 35.52
N TYR K 103 6.23 33.51 34.81
CA TYR K 103 5.53 34.48 33.97
C TYR K 103 5.29 33.93 32.57
N ARG K 104 4.67 34.71 31.69
CA ARG K 104 4.30 34.28 30.35
C ARG K 104 5.48 33.78 29.52
N TYR K 105 6.65 34.42 29.56
CA TYR K 105 7.79 34.05 28.70
C TYR K 105 9.02 33.52 29.43
N TRP K 106 9.09 33.56 30.76
CA TRP K 106 10.28 33.20 31.54
C TRP K 106 9.96 32.90 33.00
N SER K 107 10.86 32.22 33.72
CA SER K 107 10.61 31.71 35.07
C SER K 107 11.90 31.55 35.87
N GLY K 108 12.25 32.56 36.66
CA GLY K 108 13.52 32.68 37.39
C GLY K 108 13.76 31.75 38.59
N GLY K 109 14.43 32.29 39.61
CA GLY K 109 15.00 31.52 40.71
C GLY K 109 14.01 31.00 41.74
N TYR K 110 14.42 30.01 42.52
CA TYR K 110 13.70 29.47 43.68
C TYR K 110 13.79 30.38 44.90
N HIS K 111 12.77 30.41 45.74
CA HIS K 111 12.65 31.31 46.89
C HIS K 111 11.71 30.77 47.97
N LEU K 112 11.74 31.39 49.15
CA LEU K 112 10.64 31.30 50.11
C LEU K 112 10.35 32.73 50.55
N ASP K 113 9.52 33.46 49.83
CA ASP K 113 9.25 34.86 50.14
C ASP K 113 7.94 35.33 49.47
N PRO K 114 7.00 35.91 50.22
CA PRO K 114 6.98 36.07 51.67
C PRO K 114 6.44 34.82 52.38
N TRP K 115 6.47 34.87 53.71
CA TRP K 115 5.95 33.85 54.64
C TRP K 115 4.69 34.36 55.32
N GLY K 116 3.66 33.52 55.43
CA GLY K 116 2.48 33.80 56.27
C GLY K 116 2.80 33.77 57.76
N GLN K 117 1.79 33.99 58.61
CA GLN K 117 1.96 34.06 60.08
C GLN K 117 1.88 32.68 60.77
N GLY K 118 1.56 31.63 60.02
CA GLY K 118 1.49 30.25 60.47
C GLY K 118 0.21 29.86 61.22
N VAL K 119 0.01 28.56 61.42
CA VAL K 119 -1.04 27.93 62.23
C VAL K 119 -0.47 26.75 62.99
N VAL K 120 -1.13 26.32 64.07
CA VAL K 120 -0.62 25.31 65.01
C VAL K 120 -1.35 23.98 64.86
N VAL K 121 -0.63 22.87 64.84
CA VAL K 121 -1.20 21.51 64.84
C VAL K 121 -0.72 20.72 66.05
N THR K 122 -1.64 20.21 66.88
CA THR K 122 -1.31 19.47 68.11
C THR K 122 -1.63 17.98 67.97
N VAL K 123 -0.61 17.14 67.76
CA VAL K 123 -0.81 15.69 67.57
C VAL K 123 -0.61 14.92 68.86
N SER K 124 -1.58 15.07 69.75
CA SER K 124 -1.89 14.18 70.88
C SER K 124 -3.27 14.55 71.42
N SER K 125 -4.16 13.58 71.64
CA SER K 125 -5.49 13.81 72.25
C SER K 125 -5.57 13.36 73.72
N ALA K 126 -4.46 12.89 74.28
CA ALA K 126 -4.37 12.41 75.65
C ALA K 126 -4.72 13.51 76.69
N SER K 127 -5.20 13.08 77.86
CA SER K 127 -5.20 13.84 79.12
C SER K 127 -5.66 15.31 79.03
N THR K 128 -6.71 15.60 78.26
CA THR K 128 -7.28 16.95 78.14
C THR K 128 -7.89 17.36 79.49
N LYS K 129 -7.38 18.42 80.10
CA LYS K 129 -7.60 18.73 81.53
C LYS K 129 -7.34 20.19 81.85
N GLY K 130 -8.09 20.76 82.81
CA GLY K 130 -7.79 22.04 83.44
C GLY K 130 -6.86 21.95 84.66
N PRO K 131 -6.09 23.00 84.96
CA PRO K 131 -4.98 22.96 85.91
C PRO K 131 -5.39 22.87 87.38
N SER K 132 -4.54 22.20 88.15
CA SER K 132 -4.37 22.48 89.58
C SER K 132 -3.53 23.75 89.73
N VAL K 133 -3.70 24.54 90.79
CA VAL K 133 -2.77 25.63 91.11
C VAL K 133 -2.26 25.49 92.55
N PHE K 134 -0.94 25.44 92.72
CA PHE K 134 -0.27 25.32 94.02
C PHE K 134 0.62 26.55 94.27
N PRO K 135 0.44 27.32 95.36
CA PRO K 135 1.32 28.44 95.69
C PRO K 135 2.80 28.06 95.85
N LEU K 136 3.69 28.82 95.22
CA LEU K 136 5.12 28.86 95.49
C LEU K 136 5.32 29.80 96.68
N ALA K 137 5.31 29.24 97.89
CA ALA K 137 5.08 30.01 99.09
C ALA K 137 6.29 30.92 99.44
N PRO K 138 6.09 32.21 99.75
CA PRO K 138 7.08 33.06 100.41
C PRO K 138 7.17 32.71 101.91
N SER K 139 7.25 31.42 102.25
CA SER K 139 7.16 30.91 103.62
C SER K 139 8.52 30.48 104.20
N SER K 140 8.59 30.24 105.51
CA SER K 140 9.82 29.91 106.24
C SER K 140 10.93 30.95 105.95
N ARG K 141 12.18 30.54 105.72
CA ARG K 141 13.29 31.43 105.33
C ARG K 141 12.99 32.32 104.12
N SER K 142 12.10 31.93 103.21
CA SER K 142 11.74 32.75 102.05
C SER K 142 11.06 34.07 102.46
N THR K 143 10.35 34.08 103.60
CA THR K 143 9.65 35.26 104.14
C THR K 143 10.57 36.43 104.51
N SER K 144 11.78 36.15 105.02
CA SER K 144 12.70 37.16 105.59
C SER K 144 13.60 37.84 104.55
N GLU K 145 13.53 37.46 103.29
CA GLU K 145 14.03 38.28 102.17
C GLU K 145 13.37 39.67 102.21
N SER K 146 14.12 40.76 101.99
CA SER K 146 13.55 42.12 102.10
C SER K 146 12.47 42.41 101.04
N THR K 147 12.67 41.87 99.83
CA THR K 147 11.69 41.90 98.73
C THR K 147 11.38 40.48 98.27
N ALA K 148 10.70 39.70 99.11
CA ALA K 148 10.54 38.26 98.91
C ALA K 148 9.88 37.89 97.57
N ALA K 149 10.34 36.79 96.97
CA ALA K 149 9.66 36.13 95.89
C ALA K 149 8.45 35.35 96.41
N LEU K 150 7.36 35.40 95.65
CA LEU K 150 6.18 34.55 95.81
C LEU K 150 5.72 34.10 94.43
N GLY K 151 4.94 33.04 94.34
CA GLY K 151 4.55 32.52 93.04
C GLY K 151 3.44 31.48 93.07
N CYS K 152 3.19 30.87 91.91
CA CYS K 152 2.26 29.76 91.72
C CYS K 152 2.83 28.77 90.72
N LEU K 153 2.59 27.48 90.97
CA LEU K 153 2.76 26.39 90.02
C LEU K 153 1.38 26.03 89.49
N VAL K 154 1.22 26.09 88.18
CA VAL K 154 0.01 25.71 87.45
C VAL K 154 0.31 24.34 86.85
N LYS K 155 -0.40 23.30 87.25
CA LYS K 155 0.03 21.91 87.03
C LYS K 155 -1.01 21.06 86.33
N ASP K 156 -0.50 20.20 85.46
CA ASP K 156 -1.21 19.10 84.82
C ASP K 156 -2.49 19.56 84.12
N TYR K 157 -2.32 20.32 83.05
CA TYR K 157 -3.41 20.75 82.16
C TYR K 157 -3.03 20.52 80.71
N PHE K 158 -4.02 20.37 79.83
CA PHE K 158 -3.79 20.17 78.41
C PHE K 158 -5.07 20.48 77.60
N PRO K 159 -4.96 20.95 76.36
CA PRO K 159 -3.77 21.53 75.73
C PRO K 159 -3.45 22.94 76.29
N GLU K 160 -2.55 23.70 75.68
CA GLU K 160 -2.49 25.17 75.84
C GLU K 160 -3.65 25.83 75.04
N PRO K 161 -4.13 27.04 75.41
CA PRO K 161 -3.48 27.95 76.34
C PRO K 161 -4.02 27.98 77.78
N VAL K 162 -3.11 28.21 78.72
CA VAL K 162 -3.43 28.87 80.00
C VAL K 162 -3.06 30.35 79.93
N THR K 163 -3.92 31.18 80.49
CA THR K 163 -3.65 32.61 80.70
C THR K 163 -3.49 32.84 82.20
N VAL K 164 -2.41 33.51 82.62
CA VAL K 164 -2.05 33.69 84.03
C VAL K 164 -1.65 35.14 84.30
N SER K 165 -2.10 35.73 85.41
CA SER K 165 -1.66 37.06 85.86
C SER K 165 -1.68 37.20 87.39
N TRP K 166 -0.94 38.18 87.91
CA TRP K 166 -0.86 38.48 89.35
C TRP K 166 -1.84 39.58 89.72
N ASN K 167 -2.73 39.29 90.66
CA ASN K 167 -3.80 40.18 91.11
C ASN K 167 -4.58 40.78 89.92
N SER K 168 -5.08 39.89 89.05
CA SER K 168 -5.74 40.17 87.76
C SER K 168 -4.91 41.08 86.83
N GLY K 169 -3.58 41.03 86.97
CA GLY K 169 -2.62 41.84 86.21
C GLY K 169 -2.30 43.21 86.82
N SER K 170 -2.87 43.56 87.98
CA SER K 170 -2.57 44.83 88.67
C SER K 170 -1.16 44.90 89.27
N LEU K 171 -0.42 43.79 89.29
CA LEU K 171 0.92 43.68 89.85
C LEU K 171 1.95 43.32 88.76
N THR K 172 3.15 43.88 88.87
CA THR K 172 4.20 43.85 87.82
C THR K 172 5.62 43.57 88.37
N SER K 173 5.82 43.71 89.68
CA SER K 173 7.13 43.71 90.36
C SER K 173 7.97 42.44 90.18
N GLY K 174 8.82 42.36 89.14
CA GLY K 174 9.58 41.14 88.83
C GLY K 174 8.67 39.97 88.45
N VAL K 175 7.52 40.24 87.80
CA VAL K 175 6.63 39.21 87.27
C VAL K 175 7.32 38.39 86.20
N HIS K 176 7.31 37.06 86.36
CA HIS K 176 7.81 36.09 85.39
C HIS K 176 6.92 34.84 85.37
N THR K 177 5.96 34.80 84.45
CA THR K 177 5.24 33.56 84.08
C THR K 177 6.14 32.79 83.11
N PHE K 178 6.88 31.81 83.62
CA PHE K 178 7.86 31.07 82.81
C PHE K 178 7.21 30.31 81.65
N PRO K 179 7.92 30.13 80.51
CA PRO K 179 7.50 29.25 79.43
C PRO K 179 7.14 27.85 79.95
N ALA K 180 5.98 27.33 79.52
CA ALA K 180 5.46 26.06 80.00
C ALA K 180 6.32 24.87 79.56
N VAL K 181 6.39 23.84 80.41
CA VAL K 181 6.93 22.53 80.06
C VAL K 181 5.75 21.63 79.72
N LEU K 182 5.72 21.05 78.52
CA LEU K 182 4.88 19.87 78.27
C LEU K 182 5.53 18.65 78.95
N GLN K 183 4.98 18.22 80.08
CA GLN K 183 5.59 17.19 80.92
C GLN K 183 5.50 15.79 80.31
N SER K 184 6.29 14.86 80.84
CA SER K 184 6.30 13.44 80.48
C SER K 184 4.93 12.74 80.70
N SER K 185 4.10 13.28 81.60
CA SER K 185 2.71 12.87 81.82
C SER K 185 1.77 13.12 80.62
N GLY K 186 2.18 13.94 79.64
CA GLY K 186 1.31 14.37 78.55
C GLY K 186 0.44 15.59 78.89
N LEU K 187 0.72 16.26 80.02
CA LEU K 187 0.10 17.52 80.38
C LEU K 187 1.15 18.62 80.57
N TYR K 188 0.80 19.86 80.25
CA TYR K 188 1.61 21.02 80.53
C TYR K 188 1.65 21.39 82.01
N SER K 189 2.72 22.08 82.40
CA SER K 189 2.81 22.83 83.64
C SER K 189 3.67 24.07 83.46
N LEU K 190 3.47 25.09 84.30
CA LEU K 190 4.35 26.25 84.39
C LEU K 190 4.44 26.76 85.83
N SER K 191 5.43 27.60 86.09
CA SER K 191 5.46 28.48 87.27
C SER K 191 5.30 29.94 86.86
N SER K 192 4.59 30.72 87.68
CA SER K 192 4.67 32.18 87.67
C SER K 192 5.21 32.67 89.01
N VAL K 193 6.01 33.74 89.00
CA VAL K 193 6.59 34.34 90.21
C VAL K 193 6.58 35.84 90.12
N VAL K 194 6.66 36.49 91.27
CA VAL K 194 6.71 37.94 91.45
C VAL K 194 7.48 38.23 92.75
N THR K 195 8.19 39.35 92.80
CA THR K 195 9.06 39.74 93.93
C THR K 195 8.54 41.04 94.55
N VAL K 196 8.22 41.05 95.84
CA VAL K 196 7.48 42.15 96.48
C VAL K 196 8.03 42.51 97.85
N PRO K 197 7.97 43.80 98.28
CA PRO K 197 8.45 44.22 99.61
C PRO K 197 7.73 43.47 100.73
N SER K 198 8.45 42.77 101.60
CA SER K 198 7.87 41.68 102.40
C SER K 198 6.91 42.12 103.51
N SER K 199 6.86 43.41 103.84
CA SER K 199 5.76 44.02 104.63
C SER K 199 4.39 43.83 103.96
N SER K 200 4.38 43.75 102.62
CA SER K 200 3.17 43.54 101.81
C SER K 200 2.63 42.11 101.89
N LEU K 201 3.40 41.09 102.32
CA LEU K 201 2.89 39.72 102.40
C LEU K 201 1.72 39.63 103.40
N GLY K 202 0.56 39.14 102.95
CA GLY K 202 -0.68 39.11 103.74
C GLY K 202 -1.38 40.48 103.81
N THR K 203 -0.62 41.54 104.07
CA THR K 203 -1.06 42.95 104.04
C THR K 203 -1.71 43.31 102.69
N GLN K 204 -1.07 42.88 101.59
CA GLN K 204 -1.68 42.75 100.27
C GLN K 204 -2.07 41.28 100.07
N THR K 205 -3.29 41.02 99.61
CA THR K 205 -3.75 39.66 99.31
C THR K 205 -3.19 39.24 97.94
N TYR K 206 -1.99 38.68 97.91
CA TYR K 206 -1.37 38.20 96.67
C TYR K 206 -2.10 37.01 96.09
N VAL K 207 -2.47 37.11 94.81
CA VAL K 207 -3.24 36.11 94.08
C VAL K 207 -2.61 35.90 92.71
N CYS K 208 -2.50 34.64 92.27
CA CYS K 208 -2.38 34.35 90.85
C CYS K 208 -3.77 33.97 90.33
N ASN K 209 -4.19 34.65 89.28
CA ASN K 209 -5.47 34.43 88.62
C ASN K 209 -5.17 33.71 87.30
N VAL K 210 -5.84 32.59 87.08
CA VAL K 210 -5.50 31.57 86.07
C VAL K 210 -6.76 31.18 85.32
N ASN K 211 -6.67 30.97 84.00
CA ASN K 211 -7.73 30.33 83.22
C ASN K 211 -7.13 29.39 82.16
N HIS K 212 -7.62 28.16 82.06
CA HIS K 212 -7.32 27.22 80.98
C HIS K 212 -8.42 27.26 79.93
N LYS K 213 -8.20 27.99 78.83
CA LYS K 213 -9.22 28.28 77.82
C LYS K 213 -9.84 27.02 77.16
N PRO K 214 -9.12 25.90 76.96
CA PRO K 214 -9.72 24.67 76.43
C PRO K 214 -10.78 23.99 77.33
N SER K 215 -10.83 24.32 78.63
CA SER K 215 -11.86 23.81 79.57
C SER K 215 -12.61 24.92 80.32
N ASN K 216 -12.16 26.17 80.19
CA ASN K 216 -12.55 27.33 81.03
C ASN K 216 -12.28 27.14 82.54
N THR K 217 -11.49 26.13 82.92
CA THR K 217 -11.06 25.89 84.31
C THR K 217 -10.25 27.09 84.77
N LYS K 218 -10.80 27.85 85.72
CA LYS K 218 -10.20 29.12 86.17
C LYS K 218 -10.15 29.23 87.69
N VAL K 219 -9.05 29.80 88.20
CA VAL K 219 -8.70 29.77 89.62
C VAL K 219 -8.07 31.10 90.05
N ASP K 220 -8.50 31.61 91.20
CA ASP K 220 -7.97 32.82 91.82
C ASP K 220 -7.20 32.46 93.07
N LYS K 221 -6.08 31.74 92.89
CA LYS K 221 -5.34 31.09 93.98
C LYS K 221 -4.48 32.09 94.75
N ARG K 222 -4.78 32.25 96.03
CA ARG K 222 -4.10 33.17 96.95
C ARG K 222 -2.78 32.57 97.45
N VAL K 223 -1.78 33.41 97.67
CA VAL K 223 -0.39 33.01 97.94
C VAL K 223 0.10 33.69 99.22
N GLU K 224 0.62 32.91 100.17
CA GLU K 224 0.90 33.39 101.54
C GLU K 224 2.11 32.70 102.20
N ILE K 225 2.59 33.27 103.31
CA ILE K 225 3.63 32.70 104.19
C ILE K 225 3.22 31.29 104.67
N TYR L 1 21.14 15.31 49.00
CA TYR L 1 20.85 16.12 50.21
C TYR L 1 21.94 17.18 50.45
N VAL L 2 21.66 18.18 51.29
CA VAL L 2 22.60 19.21 51.75
C VAL L 2 22.43 19.43 53.24
N VAL L 3 23.45 19.11 54.03
CA VAL L 3 23.54 19.53 55.45
C VAL L 3 23.96 20.99 55.50
N MET L 4 23.51 21.73 56.52
CA MET L 4 23.87 23.12 56.77
C MET L 4 24.36 23.28 58.21
N THR L 5 25.15 24.32 58.50
CA THR L 5 25.78 24.54 59.81
C THR L 5 26.15 26.00 59.96
N GLN L 6 25.80 26.62 61.09
CA GLN L 6 26.13 28.01 61.44
C GLN L 6 27.19 28.06 62.52
N SER L 7 28.23 28.86 62.33
CA SER L 7 29.42 28.80 63.19
C SER L 7 29.21 29.42 64.59
N PRO L 8 28.76 30.68 64.77
CA PRO L 8 28.43 31.21 66.09
C PRO L 8 27.01 30.80 66.51
N LEU L 9 26.81 30.33 67.74
CA LEU L 9 25.48 30.06 68.28
C LEU L 9 24.89 31.36 68.87
N SER L 10 25.24 31.71 70.12
CA SER L 10 24.86 33.01 70.68
C SER L 10 25.77 34.12 70.11
N LEU L 11 25.19 35.32 69.99
CA LEU L 11 25.87 36.56 69.62
C LEU L 11 25.55 37.66 70.67
N PRO L 12 26.19 37.65 71.86
CA PRO L 12 25.96 38.63 72.90
C PRO L 12 26.75 39.91 72.62
N ILE L 13 26.15 40.87 71.92
CA ILE L 13 26.88 41.97 71.27
C ILE L 13 26.28 43.35 71.61
N THR L 14 27.15 44.36 71.76
CA THR L 14 26.76 45.73 72.13
C THR L 14 26.02 46.43 70.98
N PRO L 15 24.92 47.18 71.22
CA PRO L 15 24.25 47.98 70.20
C PRO L 15 25.23 49.00 69.59
N GLY L 16 25.26 49.06 68.25
CA GLY L 16 26.20 49.87 67.49
C GLY L 16 27.41 49.09 66.94
N GLN L 17 27.82 47.97 67.54
CA GLN L 17 28.94 47.16 67.05
C GLN L 17 28.56 46.31 65.83
N PRO L 18 29.47 46.06 64.88
CA PRO L 18 29.27 45.03 63.86
C PRO L 18 29.16 43.63 64.46
N ALA L 19 28.51 42.75 63.71
CA ALA L 19 28.43 41.32 63.97
C ALA L 19 28.46 40.55 62.64
N SER L 20 28.89 39.30 62.63
CA SER L 20 28.75 38.44 61.45
C SER L 20 28.55 36.98 61.82
N ILE L 21 27.81 36.29 60.96
CA ILE L 21 27.42 34.90 61.12
C ILE L 21 27.86 34.19 59.85
N SER L 22 28.65 33.14 59.98
CA SER L 22 29.05 32.30 58.84
C SER L 22 28.27 30.98 58.86
N CYS L 23 27.91 30.52 57.68
CA CYS L 23 27.20 29.27 57.44
C CYS L 23 27.87 28.49 56.30
N ARG L 24 27.87 27.16 56.42
CA ARG L 24 28.70 26.26 55.62
C ARG L 24 27.92 25.00 55.25
N SER L 25 27.78 24.76 53.96
CA SER L 25 27.05 23.62 53.42
C SER L 25 27.94 22.39 53.18
N SER L 26 27.33 21.21 53.12
CA SER L 26 28.05 19.97 52.82
C SER L 26 28.41 19.80 51.34
N GLN L 27 27.70 20.46 50.43
CA GLN L 27 27.96 20.48 48.98
C GLN L 27 27.79 21.92 48.47
N ARG L 28 28.44 22.28 47.36
CA ARG L 28 28.38 23.66 46.83
C ARG L 28 26.95 24.06 46.43
N LEU L 29 26.57 25.30 46.71
CA LEU L 29 25.20 25.78 46.49
C LEU L 29 24.98 26.41 45.10
N LEU L 30 25.98 26.36 44.22
CA LEU L 30 25.85 26.72 42.81
C LEU L 30 24.72 25.89 42.17
N HIS L 31 23.73 26.55 41.57
CA HIS L 31 22.73 25.87 40.77
C HIS L 31 23.21 25.65 39.34
N SER L 32 22.64 24.66 38.65
CA SER L 32 22.88 24.42 37.23
C SER L 32 22.61 25.65 36.34
N ASP L 33 21.72 26.58 36.74
CA ASP L 33 21.47 27.82 36.00
C ASP L 33 22.54 28.91 36.23
N GLY L 34 23.51 28.66 37.11
CA GLY L 34 24.66 29.54 37.35
C GLY L 34 24.47 30.55 38.48
N ASN L 35 23.27 30.72 39.03
CA ASN L 35 23.08 31.45 40.28
C ASN L 35 23.49 30.59 41.48
N THR L 36 23.49 31.18 42.68
CA THR L 36 23.64 30.43 43.93
C THR L 36 22.50 30.77 44.88
N TYR L 37 21.67 29.78 45.25
CA TYR L 37 20.39 30.01 45.94
C TYR L 37 20.47 29.75 47.45
N LEU L 38 21.38 30.45 48.11
CA LEU L 38 21.37 30.64 49.55
C LEU L 38 20.59 31.89 49.95
N ALA L 39 20.03 31.88 51.15
CA ALA L 39 19.42 33.04 51.79
C ALA L 39 19.60 33.02 53.31
N TRP L 40 19.46 34.19 53.93
CA TRP L 40 19.43 34.36 55.37
C TRP L 40 18.07 34.90 55.83
N TYR L 41 17.45 34.24 56.80
CA TYR L 41 16.15 34.62 57.36
C TYR L 41 16.29 35.05 58.81
N GLN L 42 15.76 36.20 59.18
CA GLN L 42 15.61 36.60 60.57
C GLN L 42 14.22 36.23 61.07
N GLN L 43 14.15 35.61 62.23
CA GLN L 43 12.95 35.44 63.03
C GLN L 43 13.07 36.31 64.29
N ARG L 44 12.23 37.32 64.44
CA ARG L 44 12.07 38.03 65.71
C ARG L 44 11.31 37.17 66.73
N PRO L 45 11.41 37.44 68.03
CA PRO L 45 10.49 36.91 69.05
C PRO L 45 9.02 37.06 68.64
N GLY L 46 8.27 35.98 68.80
CA GLY L 46 6.82 35.93 68.55
C GLY L 46 6.37 36.25 67.12
N GLN L 47 7.19 35.99 66.10
CA GLN L 47 6.87 36.27 64.70
C GLN L 47 7.34 35.14 63.78
N PRO L 48 6.77 35.02 62.57
CA PRO L 48 7.33 34.16 61.54
C PRO L 48 8.74 34.61 61.16
N PRO L 49 9.56 33.71 60.59
CA PRO L 49 10.75 34.11 59.87
C PRO L 49 10.39 35.04 58.70
N ARG L 50 11.32 35.94 58.33
CA ARG L 50 11.29 36.68 57.06
C ARG L 50 12.68 36.69 56.44
N ARG L 51 12.76 36.74 55.13
CA ARG L 51 14.04 36.74 54.40
C ARG L 51 14.68 38.12 54.37
N LEU L 52 15.95 38.24 54.75
CA LEU L 52 16.68 39.50 54.64
C LEU L 52 17.58 39.56 53.41
N ILE L 53 18.36 38.50 53.21
CA ILE L 53 19.40 38.41 52.19
C ILE L 53 19.11 37.17 51.37
N TYR L 54 19.26 37.23 50.06
CA TYR L 54 18.88 36.14 49.18
C TYR L 54 19.68 36.15 47.89
N GLU L 55 19.68 35.03 47.15
CA GLU L 55 20.58 34.83 46.00
C GLU L 55 22.03 35.20 46.39
N VAL L 56 22.51 34.62 47.49
CA VAL L 56 23.76 34.97 48.22
C VAL L 56 23.73 36.32 48.93
N SER L 57 23.41 37.40 48.22
CA SER L 57 23.84 38.74 48.64
C SER L 57 22.90 39.88 48.31
N LYS L 58 21.88 39.69 47.47
CA LYS L 58 20.91 40.76 47.22
C LYS L 58 20.11 41.03 48.50
N LEU L 59 19.80 42.29 48.79
CA LEU L 59 18.81 42.58 49.83
C LEU L 59 17.41 42.35 49.28
N ASP L 60 16.56 41.70 50.08
CA ASP L 60 15.13 41.65 49.82
C ASP L 60 14.50 43.03 50.06
N SER L 61 13.34 43.28 49.48
CA SER L 61 12.69 44.60 49.49
C SER L 61 12.50 45.14 50.92
N GLY L 62 12.86 46.39 51.17
CA GLY L 62 12.60 47.08 52.44
C GLY L 62 13.53 46.72 53.61
N VAL L 63 14.50 45.83 53.40
CA VAL L 63 15.47 45.43 54.43
C VAL L 63 16.47 46.57 54.72
N PRO L 64 16.80 46.89 55.99
CA PRO L 64 17.81 47.90 56.30
C PRO L 64 19.19 47.59 55.70
N ASP L 65 19.89 48.62 55.23
CA ASP L 65 21.19 48.50 54.56
C ASP L 65 22.33 48.00 55.47
N ARG L 66 22.13 47.93 56.80
CA ARG L 66 23.16 47.40 57.69
C ARG L 66 23.45 45.91 57.49
N PHE L 67 22.50 45.12 57.00
CA PHE L 67 22.76 43.72 56.67
C PHE L 67 23.42 43.61 55.29
N SER L 68 24.29 42.63 55.10
CA SER L 68 24.98 42.38 53.84
C SER L 68 25.42 40.93 53.74
N GLY L 69 25.41 40.40 52.52
CA GLY L 69 25.79 39.01 52.24
C GLY L 69 27.18 38.88 51.63
N SER L 70 27.70 37.65 51.61
CA SER L 70 29.03 37.32 51.09
C SER L 70 29.21 35.81 50.92
N GLY L 71 30.19 35.39 50.13
CA GLY L 71 30.68 34.00 50.08
C GLY L 71 30.69 33.38 48.69
N ALA L 72 31.15 32.13 48.64
CA ALA L 72 31.16 31.29 47.45
C ALA L 72 31.29 29.79 47.80
N GLY L 73 30.93 28.92 46.87
CA GLY L 73 31.09 27.46 47.03
C GLY L 73 30.19 26.88 48.11
N THR L 74 30.77 26.52 49.25
CA THR L 74 30.02 26.05 50.44
C THR L 74 29.87 27.10 51.53
N ASP L 75 30.66 28.18 51.53
CA ASP L 75 30.84 29.05 52.70
C ASP L 75 30.35 30.47 52.45
N PHE L 76 29.46 30.95 53.31
CA PHE L 76 28.74 32.21 53.15
C PHE L 76 28.55 32.92 54.48
N THR L 77 28.49 34.25 54.46
CA THR L 77 28.32 35.02 55.71
C THR L 77 27.35 36.18 55.59
N LEU L 78 26.50 36.30 56.60
CA LEU L 78 25.71 37.48 56.89
C LEU L 78 26.60 38.40 57.73
N LYS L 79 26.84 39.62 57.28
CA LYS L 79 27.53 40.66 58.04
C LYS L 79 26.57 41.82 58.32
N ILE L 80 26.47 42.20 59.58
CA ILE L 80 25.66 43.31 60.08
C ILE L 80 26.61 44.43 60.47
N SER L 81 26.47 45.62 59.88
CA SER L 81 27.45 46.70 60.06
C SER L 81 27.39 47.34 61.46
N ARG L 82 26.22 47.34 62.09
CA ARG L 82 25.97 47.78 63.47
C ARG L 82 24.71 47.08 64.00
N VAL L 83 24.79 46.18 64.98
CA VAL L 83 23.57 45.56 65.53
C VAL L 83 22.71 46.59 66.28
N GLU L 84 21.41 46.34 66.36
CA GLU L 84 20.44 47.15 67.09
C GLU L 84 19.44 46.27 67.85
N ALA L 85 18.60 46.86 68.71
CA ALA L 85 17.64 46.11 69.51
C ALA L 85 16.62 45.31 68.65
N GLU L 86 16.14 45.86 67.54
CA GLU L 86 15.29 45.14 66.57
C GLU L 86 16.03 44.00 65.83
N ASP L 87 17.34 43.90 65.97
CA ASP L 87 18.12 42.78 65.45
C ASP L 87 18.14 41.59 66.43
N VAL L 88 17.62 41.71 67.65
CA VAL L 88 17.45 40.58 68.58
C VAL L 88 16.47 39.55 68.02
N GLY L 89 16.79 38.27 68.17
CA GLY L 89 16.07 37.17 67.54
C GLY L 89 17.04 36.19 66.88
N VAL L 90 16.50 35.26 66.10
CA VAL L 90 17.25 34.12 65.53
C VAL L 90 17.45 34.29 64.03
N TYR L 91 18.66 34.01 63.56
CA TYR L 91 19.03 34.05 62.15
C TYR L 91 19.29 32.66 61.65
N TYR L 92 18.66 32.28 60.55
CA TYR L 92 18.88 31.01 59.87
C TYR L 92 19.51 31.26 58.52
N CYS L 93 20.61 30.60 58.18
CA CYS L 93 20.88 30.37 56.76
C CYS L 93 19.94 29.28 56.25
N GLY L 94 19.66 29.27 54.95
CA GLY L 94 19.02 28.14 54.28
C GLY L 94 19.27 28.17 52.79
N GLN L 95 19.11 27.02 52.14
CA GLN L 95 19.39 26.83 50.72
C GLN L 95 18.20 26.27 49.98
N ASN L 96 18.07 26.66 48.71
CA ASN L 96 17.00 26.27 47.81
C ASN L 96 17.55 25.67 46.50
N THR L 97 18.85 25.43 46.41
CA THR L 97 19.49 24.86 45.24
C THR L 97 19.11 23.40 45.03
N TYR L 98 18.99 22.61 46.10
CA TYR L 98 18.62 21.19 46.04
C TYR L 98 17.46 20.88 46.97
N LEU L 99 16.52 20.06 46.50
CA LEU L 99 15.51 19.45 47.36
C LEU L 99 16.12 18.37 48.25
N PRO L 100 15.67 18.22 49.51
CA PRO L 100 14.79 19.14 50.21
C PRO L 100 15.50 20.46 50.52
N TYR L 101 14.79 21.58 50.42
CA TYR L 101 15.31 22.85 50.90
C TYR L 101 15.64 22.71 52.39
N SER L 102 16.80 23.21 52.81
CA SER L 102 17.36 22.89 54.11
C SER L 102 17.98 24.11 54.77
N PHE L 103 18.05 24.06 56.10
CA PHE L 103 18.26 25.21 56.98
C PHE L 103 19.37 24.93 57.97
N GLY L 104 20.18 25.94 58.29
CA GLY L 104 21.11 25.86 59.40
C GLY L 104 20.38 25.79 60.75
N GLN L 105 21.10 25.41 61.79
CA GLN L 105 20.52 25.19 63.13
C GLN L 105 20.18 26.50 63.86
N GLY L 106 20.49 27.66 63.26
CA GLY L 106 20.20 28.98 63.81
C GLY L 106 21.34 29.58 64.62
N SER L 107 21.32 30.91 64.74
CA SER L 107 22.21 31.73 65.56
C SER L 107 21.41 32.85 66.20
N LYS L 108 21.68 33.24 67.45
CA LYS L 108 20.83 34.14 68.23
C LYS L 108 21.54 35.42 68.61
N VAL L 109 21.05 36.57 68.13
CA VAL L 109 21.54 37.90 68.52
C VAL L 109 20.95 38.30 69.86
N GLU L 110 21.81 38.70 70.79
CA GLU L 110 21.47 39.06 72.16
C GLU L 110 22.14 40.39 72.53
N ILE L 111 21.45 41.27 73.25
CA ILE L 111 22.05 42.54 73.71
C ILE L 111 23.15 42.23 74.74
N LYS L 112 24.37 42.72 74.52
CA LYS L 112 25.43 42.73 75.56
C LYS L 112 25.10 43.79 76.61
N ARG L 113 25.09 43.38 77.88
CA ARG L 113 24.85 44.22 79.06
C ARG L 113 25.64 43.67 80.26
N ALA L 114 25.72 44.40 81.36
CA ALA L 114 26.62 44.01 82.45
C ALA L 114 26.26 42.64 83.05
N VAL L 115 27.26 41.81 83.36
CA VAL L 115 27.08 40.56 84.12
C VAL L 115 26.43 40.89 85.46
N ALA L 116 25.36 40.17 85.81
CA ALA L 116 24.51 40.47 86.95
C ALA L 116 24.13 39.21 87.71
N ALA L 117 24.14 39.29 89.04
CA ALA L 117 23.82 38.18 89.91
C ALA L 117 22.33 37.82 89.88
N PRO L 118 21.96 36.52 90.02
CA PRO L 118 20.59 36.16 90.31
C PRO L 118 20.22 36.61 91.73
N SER L 119 19.04 37.21 91.92
CA SER L 119 18.41 37.14 93.24
C SER L 119 17.95 35.69 93.45
N VAL L 120 18.36 35.05 94.55
CA VAL L 120 18.19 33.60 94.74
C VAL L 120 17.08 33.34 95.73
N PHE L 121 16.13 32.48 95.37
CA PHE L 121 14.95 32.18 96.18
C PHE L 121 14.61 30.70 96.18
N ILE L 122 13.93 30.26 97.23
CA ILE L 122 13.39 28.92 97.38
C ILE L 122 11.96 29.01 97.93
N PHE L 123 11.12 28.05 97.60
CA PHE L 123 9.72 28.03 98.03
C PHE L 123 9.40 26.74 98.77
N PRO L 124 8.98 26.79 100.04
CA PRO L 124 8.25 25.66 100.62
C PRO L 124 7.01 25.35 99.78
N PRO L 125 6.72 24.09 99.46
CA PRO L 125 5.45 23.69 98.85
C PRO L 125 4.26 24.10 99.72
N SER L 126 3.18 24.59 99.11
CA SER L 126 1.92 24.90 99.80
C SER L 126 1.28 23.66 100.42
N GLU L 127 0.48 23.84 101.47
CA GLU L 127 -0.02 22.73 102.30
C GLU L 127 -0.87 21.69 101.53
N ASP L 128 -1.61 22.15 100.51
CA ASP L 128 -2.37 21.31 99.58
C ASP L 128 -1.43 20.52 98.64
N GLN L 129 -0.31 21.12 98.28
CA GLN L 129 0.76 20.42 97.56
C GLN L 129 1.42 19.36 98.46
N VAL L 130 1.68 19.68 99.73
CA VAL L 130 2.31 18.78 100.72
C VAL L 130 1.53 17.46 100.88
N LYS L 131 0.21 17.46 100.67
CA LYS L 131 -0.63 16.24 100.67
C LYS L 131 -0.82 15.55 99.31
N SER L 132 -0.44 16.18 98.18
CA SER L 132 -0.72 15.66 96.83
C SER L 132 0.34 14.65 96.35
N GLY L 133 -0.05 13.76 95.42
CA GLY L 133 0.71 12.56 95.05
C GLY L 133 2.16 12.77 94.56
N THR L 134 2.43 13.92 93.93
CA THR L 134 3.79 14.41 93.65
C THR L 134 3.89 15.86 94.10
N VAL L 135 5.10 16.29 94.51
CA VAL L 135 5.36 17.63 95.02
C VAL L 135 6.56 18.24 94.30
N SER L 136 6.36 19.41 93.70
CA SER L 136 7.40 20.29 93.17
C SER L 136 7.95 21.18 94.29
N VAL L 137 9.12 20.84 94.82
CA VAL L 137 9.98 21.81 95.53
C VAL L 137 10.60 22.73 94.48
N VAL L 138 10.65 24.04 94.73
CA VAL L 138 10.99 25.03 93.68
C VAL L 138 12.07 26.02 94.12
N CYS L 139 12.90 26.42 93.17
CA CYS L 139 13.94 27.43 93.32
C CYS L 139 13.84 28.42 92.16
N LEU L 140 14.16 29.69 92.42
CA LEU L 140 14.13 30.79 91.43
C LEU L 140 15.45 31.56 91.48
N LEU L 141 16.00 31.80 90.29
CA LEU L 141 17.12 32.70 90.05
C LEU L 141 16.56 33.88 89.25
N ASN L 142 16.72 35.12 89.71
CA ASN L 142 16.01 36.25 89.12
C ASN L 142 16.92 37.36 88.60
N ASN L 143 16.62 37.84 87.39
CA ASN L 143 17.22 39.00 86.72
C ASN L 143 18.76 39.02 86.76
N PHE L 144 19.36 37.92 86.32
CA PHE L 144 20.80 37.73 86.13
C PHE L 144 21.22 37.91 84.66
N TYR L 145 22.50 38.17 84.39
CA TYR L 145 23.06 38.16 83.02
C TYR L 145 24.46 37.56 83.07
N PRO L 146 24.93 36.79 82.08
CA PRO L 146 24.28 36.37 80.82
C PRO L 146 23.29 35.20 81.02
N ARG L 147 22.68 34.69 79.93
CA ARG L 147 21.49 33.79 79.93
C ARG L 147 21.70 32.43 80.60
N GLU L 148 22.88 31.84 80.45
CA GLU L 148 23.15 30.43 80.80
C GLU L 148 23.11 30.15 82.31
N ALA L 149 22.13 29.36 82.76
CA ALA L 149 21.90 29.02 84.19
C ALA L 149 21.22 27.65 84.42
N SER L 150 21.25 27.15 85.66
CA SER L 150 20.57 25.93 86.16
C SER L 150 20.57 25.91 87.71
N VAL L 151 19.91 24.94 88.35
CA VAL L 151 20.02 24.69 89.80
C VAL L 151 20.55 23.30 90.09
N LYS L 152 21.34 23.17 91.17
CA LYS L 152 21.72 21.88 91.77
C LYS L 152 20.92 21.63 93.05
N TRP L 153 20.36 20.44 93.20
CA TRP L 153 19.36 20.16 94.23
C TRP L 153 19.88 19.24 95.35
N LYS L 154 19.66 19.68 96.59
CA LYS L 154 20.07 19.00 97.82
C LYS L 154 18.95 19.04 98.87
N VAL L 155 19.03 18.14 99.85
CA VAL L 155 18.17 18.16 101.05
C VAL L 155 18.84 17.40 102.17
N ASP L 156 18.83 17.95 103.39
CA ASP L 156 19.54 17.36 104.54
C ASP L 156 21.06 17.15 104.27
N GLY L 157 21.65 17.95 103.37
CA GLY L 157 23.00 17.77 102.82
C GLY L 157 23.18 16.58 101.86
N VAL L 158 22.15 15.76 101.66
CA VAL L 158 22.11 14.67 100.67
C VAL L 158 21.79 15.26 99.28
N LEU L 159 22.40 14.73 98.22
CA LEU L 159 22.08 15.12 96.85
C LEU L 159 20.69 14.57 96.45
N LYS L 160 19.88 15.39 95.77
CA LYS L 160 18.44 15.16 95.54
C LYS L 160 18.03 15.29 94.06
N THR L 161 19.01 15.18 93.16
CA THR L 161 18.86 15.42 91.71
C THR L 161 18.08 14.32 90.99
N GLY L 162 17.38 14.65 89.89
CA GLY L 162 16.52 13.75 89.11
C GLY L 162 15.42 14.52 88.39
N ASN L 163 14.23 14.63 88.99
CA ASN L 163 13.06 15.34 88.43
C ASN L 163 13.16 16.88 88.57
N SER L 164 14.33 17.48 88.35
CA SER L 164 14.53 18.93 88.42
C SER L 164 14.15 19.61 87.09
N GLN L 165 12.85 19.81 86.86
CA GLN L 165 12.35 20.46 85.65
C GLN L 165 12.71 21.95 85.66
N GLU L 166 13.16 22.54 84.56
CA GLU L 166 13.63 23.94 84.53
C GLU L 166 13.09 24.76 83.34
N SER L 167 12.91 26.07 83.53
CA SER L 167 12.46 27.00 82.49
C SER L 167 13.07 28.39 82.69
N VAL L 168 13.21 29.17 81.62
CA VAL L 168 13.97 30.44 81.61
C VAL L 168 13.27 31.52 80.79
N THR L 169 13.54 32.78 81.12
CA THR L 169 13.02 33.92 80.35
C THR L 169 13.76 34.12 79.04
N GLU L 170 13.11 34.78 78.09
CA GLU L 170 13.81 35.53 77.05
C GLU L 170 14.57 36.73 77.68
N GLN L 171 15.38 37.47 76.91
CA GLN L 171 16.08 38.65 77.39
C GLN L 171 15.09 39.68 77.95
N ASP L 172 15.32 40.14 79.18
CA ASP L 172 14.39 40.96 79.95
C ASP L 172 14.07 42.27 79.23
N SER L 173 12.78 42.59 79.08
CA SER L 173 12.34 43.74 78.30
C SER L 173 12.65 45.09 78.97
N LYS L 174 12.88 45.10 80.29
CA LYS L 174 13.10 46.30 81.11
C LYS L 174 14.58 46.55 81.39
N ASP L 175 15.38 45.50 81.59
CA ASP L 175 16.81 45.62 81.97
C ASP L 175 17.76 44.70 81.19
N ASN L 176 17.24 43.87 80.30
CA ASN L 176 17.99 42.94 79.45
C ASN L 176 18.81 41.86 80.18
N THR L 177 18.54 41.59 81.46
CA THR L 177 18.96 40.36 82.17
C THR L 177 18.05 39.17 81.81
N TYR L 178 18.01 38.10 82.61
CA TYR L 178 17.19 36.91 82.46
C TYR L 178 16.80 36.33 83.83
N SER L 179 15.76 35.51 83.90
CA SER L 179 15.39 34.77 85.11
C SER L 179 15.18 33.28 84.78
N LEU L 180 15.27 32.41 85.79
CA LEU L 180 15.18 30.96 85.67
C LEU L 180 14.40 30.41 86.86
N SER L 181 13.61 29.37 86.64
CA SER L 181 13.00 28.56 87.70
C SER L 181 13.39 27.10 87.55
N SER L 182 13.56 26.41 88.68
CA SER L 182 13.85 24.98 88.77
C SER L 182 12.88 24.31 89.75
N THR L 183 12.43 23.11 89.39
CA THR L 183 11.13 22.58 89.80
C THR L 183 11.27 21.08 90.10
N LEU L 184 11.92 20.78 91.23
CA LEU L 184 12.23 19.43 91.69
C LEU L 184 10.95 18.68 92.10
N THR L 185 10.48 17.76 91.26
CA THR L 185 9.13 17.17 91.38
C THR L 185 9.20 15.72 91.85
N LEU L 186 9.29 15.55 93.16
CA LEU L 186 9.35 14.26 93.86
C LEU L 186 7.98 13.58 93.97
N SER L 187 7.93 12.28 94.26
CA SER L 187 6.72 11.65 94.81
C SER L 187 6.44 12.16 96.23
N ASN L 188 5.21 12.03 96.75
CA ASN L 188 4.90 12.50 98.11
C ASN L 188 5.83 11.83 99.15
N THR L 189 6.05 10.52 99.04
CA THR L 189 6.99 9.76 99.88
C THR L 189 8.42 10.29 99.79
N ASP L 190 8.96 10.46 98.59
CA ASP L 190 10.34 10.94 98.40
C ASP L 190 10.49 12.42 98.84
N TYR L 191 9.43 13.23 98.75
CA TYR L 191 9.39 14.57 99.34
C TYR L 191 9.37 14.53 100.88
N GLN L 192 8.50 13.73 101.47
CA GLN L 192 8.37 13.57 102.93
C GLN L 192 9.60 12.89 103.56
N SER L 193 10.37 12.11 102.78
CA SER L 193 11.57 11.39 103.20
C SER L 193 12.70 12.30 103.72
N HIS L 194 12.72 13.57 103.31
CA HIS L 194 13.79 14.52 103.62
C HIS L 194 13.26 15.92 103.98
N ASN L 195 14.07 16.78 104.60
CA ASN L 195 13.56 17.86 105.46
C ASN L 195 14.04 19.26 105.07
N VAL L 196 15.32 19.57 105.26
CA VAL L 196 15.93 20.88 104.96
C VAL L 196 16.30 20.91 103.49
N TYR L 197 15.34 21.25 102.64
CA TYR L 197 15.53 21.37 101.20
C TYR L 197 16.42 22.55 100.89
N ALA L 198 17.37 22.37 99.98
CA ALA L 198 18.36 23.36 99.62
C ALA L 198 18.59 23.41 98.09
N CYS L 199 18.66 24.62 97.53
CA CYS L 199 18.88 24.84 96.11
C CYS L 199 20.10 25.73 95.85
N GLU L 200 21.01 25.24 95.01
CA GLU L 200 22.29 25.87 94.72
C GLU L 200 22.31 26.47 93.32
N VAL L 201 22.73 27.73 93.20
CA VAL L 201 22.88 28.42 91.91
C VAL L 201 23.85 27.69 90.99
N THR L 202 23.49 27.58 89.72
CA THR L 202 24.44 27.46 88.61
C THR L 202 24.18 28.60 87.64
N HIS L 203 25.16 29.44 87.35
CA HIS L 203 25.03 30.56 86.41
C HIS L 203 26.38 30.85 85.74
N GLN L 204 26.37 31.28 84.48
CA GLN L 204 27.58 31.64 83.75
C GLN L 204 28.20 32.97 84.23
N GLY L 205 27.42 33.86 84.85
CA GLY L 205 27.92 35.07 85.50
C GLY L 205 28.40 34.84 86.94
N LEU L 206 27.46 34.75 87.88
CA LEU L 206 27.72 34.46 89.27
C LEU L 206 27.75 32.93 89.49
N SER L 207 28.82 32.28 89.02
CA SER L 207 29.01 30.82 89.10
C SER L 207 29.24 30.24 90.50
N SER L 208 29.44 31.08 91.52
CA SER L 208 29.68 30.67 92.91
C SER L 208 28.49 29.84 93.46
N PRO L 209 28.72 28.91 94.41
CA PRO L 209 27.74 27.89 94.82
C PRO L 209 26.71 28.43 95.83
N VAL L 210 26.20 29.64 95.58
CA VAL L 210 25.25 30.35 96.43
C VAL L 210 23.98 29.50 96.61
N THR L 211 23.56 29.29 97.85
CA THR L 211 22.49 28.34 98.20
C THR L 211 21.45 28.94 99.14
N LYS L 212 20.18 28.61 98.90
CA LYS L 212 19.02 28.93 99.77
C LYS L 212 18.39 27.64 100.25
N SER L 213 17.73 27.67 101.40
CA SER L 213 17.12 26.48 101.99
C SER L 213 15.88 26.77 102.86
N PHE L 214 15.03 25.77 103.06
CA PHE L 214 13.87 25.79 103.96
C PHE L 214 13.66 24.41 104.59
N ASN L 215 12.93 24.30 105.71
CA ASN L 215 12.57 23.02 106.32
C ASN L 215 11.10 22.63 106.03
N ARG L 216 10.89 21.36 105.66
CA ARG L 216 9.59 20.78 105.30
C ARG L 216 8.52 21.02 106.38
N GLY L 217 7.36 21.55 105.99
CA GLY L 217 6.19 21.74 106.86
C GLY L 217 6.47 22.60 108.10
C1 NAG M . 15.63 -37.04 -4.85
C2 NAG M . 16.66 -36.75 -5.96
C3 NAG M . 17.14 -38.03 -6.64
C4 NAG M . 17.54 -39.13 -5.64
C5 NAG M . 16.32 -39.40 -4.76
C6 NAG M . 16.51 -40.53 -3.75
C7 NAG M . 16.52 -34.66 -7.24
C8 NAG M . 15.66 -33.85 -8.23
N2 NAG M . 16.04 -35.87 -6.94
O3 NAG M . 18.29 -37.75 -7.48
O4 NAG M . 17.92 -40.30 -6.44
O5 NAG M . 16.04 -38.16 -4.01
O6 NAG M . 17.52 -40.14 -2.80
O7 NAG M . 17.55 -34.23 -6.74
C1 NAG M . 19.13 -41.02 -5.98
C2 NAG M . 19.25 -42.55 -6.22
C3 NAG M . 20.22 -43.10 -5.17
C4 NAG M . 21.54 -42.32 -5.18
C5 NAG M . 21.34 -40.82 -4.89
C6 NAG M . 22.64 -40.01 -5.01
C7 NAG M . 17.16 -43.43 -7.13
C8 NAG M . 15.86 -44.19 -6.86
N2 NAG M . 17.95 -43.22 -6.08
O3 NAG M . 20.50 -44.49 -5.46
O4 NAG M . 22.35 -42.89 -4.11
O5 NAG M . 20.35 -40.22 -5.83
O6 NAG M . 22.99 -39.93 -6.41
O7 NAG M . 17.48 -43.06 -8.26
C1 NAG N . 26.41 -38.75 2.77
C2 NAG N . 25.52 -39.69 1.95
C3 NAG N . 24.81 -40.70 2.85
C4 NAG N . 25.71 -41.28 3.95
C5 NAG N . 26.53 -40.21 4.67
C6 NAG N . 27.49 -40.75 5.72
C7 NAG N . 24.83 -38.39 0.01
C8 NAG N . 23.78 -37.45 -0.59
N2 NAG N . 24.56 -38.89 1.21
O3 NAG N . 24.31 -41.80 2.06
O4 NAG N . 24.81 -41.87 4.93
O5 NAG N . 27.28 -39.51 3.63
O6 NAG N . 28.47 -41.60 5.09
O7 NAG N . 25.88 -38.65 -0.56
C1 NAG N . 24.95 -43.30 5.11
C2 NAG N . 24.15 -43.70 6.36
C3 NAG N . 24.15 -45.21 6.48
C4 NAG N . 23.41 -45.73 5.25
C5 NAG N . 24.30 -45.47 4.04
C6 NAG N . 23.72 -46.00 2.74
C7 NAG N . 23.92 -42.46 8.45
C8 NAG N . 24.57 -42.08 9.77
N2 NAG N . 24.69 -43.12 7.59
O3 NAG N . 23.49 -45.59 7.70
O4 NAG N . 22.92 -47.10 5.37
O5 NAG N . 24.42 -44.00 3.94
O6 NAG N . 24.73 -45.85 1.73
O7 NAG N . 22.75 -42.19 8.19
C1 BMA N . 23.75 -48.27 5.52
C2 BMA N . 24.35 -48.65 6.89
C3 BMA N . 25.58 -49.46 6.58
C4 BMA N . 25.30 -50.65 5.64
C5 BMA N . 24.65 -50.22 4.32
C6 BMA N . 24.10 -51.37 3.50
O2 BMA N . 23.50 -49.48 7.73
O3 BMA N . 26.19 -49.83 7.89
O4 BMA N . 26.56 -51.28 5.31
O5 BMA N . 23.53 -49.29 4.53
O6 BMA N . 23.28 -52.25 4.33
C1 MAN N . 21.90 -51.84 4.52
C2 MAN N . 21.32 -52.81 5.52
C3 MAN N . 21.01 -54.21 4.95
C4 MAN N . 20.35 -54.17 3.55
C5 MAN N . 21.09 -53.20 2.62
C6 MAN N . 20.49 -53.03 1.23
O2 MAN N . 20.10 -52.25 6.08
O3 MAN N . 20.12 -54.75 5.99
O4 MAN N . 20.40 -55.47 2.91
O5 MAN N . 21.16 -51.88 3.26
O6 MAN N . 19.07 -52.92 1.31
C1 MAN N . 19.39 -55.97 5.78
C2 MAN N . 18.09 -56.07 6.58
C3 MAN N . 18.31 -57.04 7.76
C4 MAN N . 19.03 -58.33 7.38
C5 MAN N . 20.40 -58.05 6.72
C6 MAN N . 21.06 -59.30 6.18
O2 MAN N . 17.09 -56.63 5.72
O3 MAN N . 17.05 -57.32 8.41
O4 MAN N . 19.22 -59.06 8.59
O5 MAN N . 20.17 -57.16 5.55
O6 MAN N . 21.48 -60.15 7.24
C1 MAN N . 25.86 -51.13 8.48
C2 MAN N . 25.59 -51.25 10.01
C3 MAN N . 26.78 -51.94 10.75
C4 MAN N . 27.40 -53.13 9.99
C5 MAN N . 27.81 -52.71 8.54
C6 MAN N . 28.40 -53.83 7.69
O2 MAN N . 24.42 -52.09 10.20
O3 MAN N . 26.32 -52.38 12.05
O4 MAN N . 28.57 -53.57 10.71
O5 MAN N . 26.59 -52.23 7.85
O6 MAN N . 28.54 -53.36 6.34
C1 NAG O . 28.34 -25.18 -8.90
C2 NAG O . 26.96 -24.84 -8.31
C3 NAG O . 26.00 -26.01 -8.51
C4 NAG O . 25.96 -26.47 -9.96
C5 NAG O . 27.36 -26.81 -10.46
C6 NAG O . 27.39 -27.22 -11.93
C7 NAG O . 26.34 -23.59 -6.31
C8 NAG O . 26.53 -23.43 -4.81
N2 NAG O . 27.09 -24.52 -6.89
O3 NAG O . 24.65 -25.64 -8.13
O4 NAG O . 25.14 -27.68 -10.07
O5 NAG O . 28.19 -25.61 -10.27
O6 NAG O . 26.76 -26.20 -12.73
O7 NAG O . 25.55 -22.89 -6.93
C1 NAG O . 23.94 -27.50 -10.89
C2 NAG O . 23.29 -28.85 -11.24
C3 NAG O . 22.10 -28.57 -12.15
C4 NAG O . 21.08 -27.66 -11.45
C5 NAG O . 21.72 -26.37 -10.87
C6 NAG O . 20.86 -25.63 -9.85
C7 NAG O . 24.83 -30.72 -11.25
C8 NAG O . 25.85 -31.53 -12.04
N2 NAG O . 24.25 -29.73 -11.90
O3 NAG O . 21.44 -29.82 -12.49
O4 NAG O . 20.09 -27.27 -12.49
O5 NAG O . 22.96 -26.73 -10.14
O6 NAG O . 19.59 -25.27 -10.42
O7 NAG O . 24.58 -30.97 -10.07
C1 BMA O . 18.75 -27.88 -12.52
C2 BMA O . 18.19 -28.61 -11.27
C3 BMA O . 16.90 -29.37 -11.62
C4 BMA O . 15.95 -28.57 -12.53
C5 BMA O . 16.67 -28.22 -13.84
C6 BMA O . 15.79 -27.45 -14.81
O2 BMA O . 17.97 -27.74 -10.12
O3 BMA O . 16.21 -29.70 -10.38
O4 BMA O . 14.81 -29.42 -12.80
O5 BMA O . 17.79 -27.33 -13.46
O6 BMA O . 15.45 -26.15 -14.19
C1 MAN O . 14.23 -25.59 -14.74
C2 MAN O . 14.19 -24.06 -14.51
C3 MAN O . 13.79 -23.68 -13.08
C4 MAN O . 12.58 -24.47 -12.56
C5 MAN O . 12.88 -25.97 -12.69
C6 MAN O . 11.78 -26.88 -12.16
O2 MAN O . 13.24 -23.47 -15.43
O3 MAN O . 13.46 -22.25 -13.03
O4 MAN O . 12.38 -24.12 -11.17
O5 MAN O . 13.09 -26.26 -14.12
O6 MAN O . 12.30 -28.22 -12.09
C1 NAG P . 39.94 -24.15 18.93
C2 NAG P . 40.97 -24.79 19.86
C3 NAG P . 40.37 -24.91 21.27
C4 NAG P . 39.72 -23.61 21.77
C5 NAG P . 38.75 -23.03 20.73
C6 NAG P . 38.18 -21.67 21.15
C7 NAG P . 42.45 -26.73 19.54
C8 NAG P . 42.49 -28.24 19.25
N2 NAG P . 41.28 -26.13 19.37
O3 NAG P . 41.40 -25.33 22.22
O4 NAG P . 38.91 -23.94 22.94
O5 NAG P . 39.45 -22.89 19.43
O6 NAG P . 39.22 -20.69 21.12
O7 NAG P . 43.45 -26.12 19.91
C1 NAG P . 39.45 -23.59 24.26
C2 NAG P . 38.29 -23.67 25.28
C3 NAG P . 38.80 -23.43 26.72
C4 NAG P . 39.90 -24.44 27.04
C5 NAG P . 41.04 -24.42 26.01
C6 NAG P . 42.04 -25.56 26.21
C7 NAG P . 37.20 -21.47 24.90
C8 NAG P . 35.89 -20.77 24.55
N2 NAG P . 37.17 -22.80 24.92
O3 NAG P . 37.73 -23.57 27.68
O4 NAG P . 40.43 -24.09 28.35
O5 NAG P . 40.49 -24.56 24.64
O6 NAG P . 42.74 -25.36 27.46
O7 NAG P . 38.24 -20.85 25.13
C1 NAG Q . 7.98 -37.12 -3.39
C2 NAG Q . 7.86 -38.57 -3.89
C3 NAG Q . 7.00 -38.63 -5.16
C4 NAG Q . 5.63 -37.97 -4.94
C5 NAG Q . 5.82 -36.53 -4.44
C6 NAG Q . 4.50 -35.81 -4.15
C7 NAG Q . 9.93 -39.72 -3.28
C8 NAG Q . 11.19 -40.42 -3.80
N2 NAG Q . 9.17 -39.15 -4.19
O3 NAG Q . 6.80 -40.02 -5.55
O4 NAG Q . 4.94 -37.92 -6.24
O5 NAG Q . 6.64 -36.57 -3.21
O6 NAG Q . 3.68 -36.62 -3.29
O7 NAG Q . 9.65 -39.67 -2.09
C1 NAG Q . 3.75 -38.77 -6.38
C2 NAG Q . 3.02 -38.45 -7.70
C3 NAG Q . 1.80 -39.36 -7.84
C4 NAG Q . 2.27 -40.81 -7.85
C5 NAG Q . 3.08 -41.16 -6.60
C6 NAG Q . 3.68 -42.56 -6.65
C7 NAG Q . 1.97 -36.31 -6.99
C8 NAG Q . 1.85 -34.81 -7.28
N2 NAG Q . 2.69 -37.02 -7.85
O3 NAG Q . 1.08 -39.10 -9.09
O4 NAG Q . 1.09 -41.64 -7.92
O5 NAG Q . 4.18 -40.17 -6.41
O6 NAG Q . 4.66 -42.65 -7.70
O7 NAG Q . 1.46 -36.82 -6.00
C1 NAG R . -29.85 12.60 -24.67
C2 NAG R . -28.92 13.13 -25.79
C3 NAG R . -29.63 14.17 -26.69
C4 NAG R . -31.04 13.73 -27.07
C5 NAG R . -31.86 13.35 -25.85
C6 NAG R . -33.29 12.90 -26.16
C7 NAG R . -26.50 13.47 -25.48
C8 NAG R . -25.42 14.31 -24.78
N2 NAG R . -27.76 13.76 -25.19
O3 NAG R . -28.87 14.39 -27.90
O4 NAG R . -31.67 14.87 -27.77
O5 NAG R . -31.16 12.22 -25.19
O6 NAG R . -33.26 11.77 -27.03
O7 NAG R . -26.21 12.59 -26.30
C1 NAG R . -32.30 14.56 -29.06
C2 NAG R . -33.44 15.46 -29.59
C3 NAG R . -34.25 14.64 -30.58
C4 NAG R . -33.34 13.98 -31.64
C5 NAG R . -32.32 13.03 -30.99
C6 NAG R . -31.36 12.37 -31.98
C7 NAG R . -34.06 17.08 -27.88
C8 NAG R . -35.00 17.45 -26.72
N2 NAG R . -34.29 15.92 -28.49
O3 NAG R . -35.24 15.47 -31.26
O4 NAG R . -34.18 13.25 -32.53
O5 NAG R . -31.49 13.78 -30.00
O6 NAG R . -30.43 13.37 -32.44
O7 NAG R . -33.14 17.83 -28.23
C1 NAG S . -32.66 3.32 -33.84
C2 NAG S . -33.34 4.61 -33.39
C3 NAG S . -34.70 4.31 -32.74
C4 NAG S . -35.51 3.26 -33.52
C5 NAG S . -34.70 2.06 -33.97
C6 NAG S . -35.46 1.09 -34.87
C7 NAG S . -31.67 6.28 -32.80
C8 NAG S . -30.57 6.66 -31.80
N2 NAG S . -32.45 5.27 -32.45
O3 NAG S . -35.48 5.52 -32.68
O4 NAG S . -36.53 2.75 -32.58
O5 NAG S . -33.55 2.57 -34.70
O6 NAG S . -35.74 1.71 -36.13
O7 NAG S . -31.80 6.84 -33.88
C1 NAG S . -37.90 3.07 -32.95
C2 NAG S . -38.85 2.35 -31.99
C3 NAG S . -40.27 2.82 -32.24
C4 NAG S . -40.27 4.31 -31.92
C5 NAG S . -39.47 5.00 -33.01
C6 NAG S . -39.44 6.51 -32.96
C7 NAG S . -38.56 0.10 -31.10
C8 NAG S . -38.61 -1.40 -31.35
N2 NAG S . -38.79 0.89 -32.13
O3 NAG S . -41.17 2.09 -31.38
O4 NAG S . -41.61 4.86 -31.65
O5 NAG S . -38.09 4.51 -32.84
O6 NAG S . -38.80 6.94 -34.17
O7 NAG S . -38.29 0.56 -29.99
C1 BMA S . -42.61 4.97 -32.69
C2 BMA S . -43.56 3.80 -32.96
C3 BMA S . -43.68 3.83 -34.47
C4 BMA S . -44.25 5.18 -34.93
C5 BMA S . -43.39 6.38 -34.46
C6 BMA S . -44.09 7.73 -34.60
O2 BMA S . -44.89 3.94 -32.40
O3 BMA S . -44.43 2.62 -34.89
O4 BMA S . -44.24 5.19 -36.38
O5 BMA S . -43.03 6.29 -33.03
O6 BMA S . -45.46 7.58 -34.08
C1 MAN S . -45.65 7.82 -32.66
C2 MAN S . -46.92 7.26 -31.99
C3 MAN S . -48.05 8.32 -31.80
C4 MAN S . -47.50 9.72 -31.38
C5 MAN S . -46.25 10.18 -32.14
C6 MAN S . -45.58 11.47 -31.65
O2 MAN S . -46.58 6.73 -30.70
O3 MAN S . -48.96 7.74 -30.78
O4 MAN S . -48.52 10.70 -31.69
O5 MAN S . -45.21 9.12 -32.19
O6 MAN S . -45.78 11.65 -30.24
C1 MAN S . -50.13 8.55 -30.41
C2 MAN S . -50.79 8.23 -29.06
C3 MAN S . -52.10 7.45 -29.26
C4 MAN S . -52.98 8.02 -30.39
C5 MAN S . -52.22 8.10 -31.73
C6 MAN S . -53.00 8.83 -32.81
O2 MAN S . -51.16 9.50 -28.47
O3 MAN S . -52.84 7.41 -28.03
O4 MAN S . -54.09 7.12 -30.49
O5 MAN S . -51.01 8.92 -31.51
O6 MAN S . -54.20 8.12 -33.12
C1 MAN S . -45.89 2.68 -34.90
C2 MAN S . -46.71 1.45 -34.47
C3 MAN S . -47.35 0.72 -35.69
C4 MAN S . -47.92 1.70 -36.77
C5 MAN S . -46.86 2.73 -37.22
C6 MAN S . -47.35 3.77 -38.23
O2 MAN S . -47.80 1.92 -33.65
O3 MAN S . -48.43 -0.15 -35.21
O4 MAN S . -48.30 0.92 -37.92
O5 MAN S . -46.40 3.47 -36.02
O6 MAN S . -46.29 4.72 -38.47
C1 NAG T . -23.75 -19.78 -39.80
C2 NAG T . -24.50 -20.76 -40.71
C3 NAG T . -25.21 -21.85 -39.88
C4 NAG T . -24.42 -22.40 -38.68
C5 NAG T . -23.60 -21.32 -37.93
C6 NAG T . -22.57 -21.81 -36.91
C7 NAG T . -26.00 -20.34 -42.63
C8 NAG T . -26.73 -19.24 -43.41
N2 NAG T . -25.47 -19.97 -41.47
O3 NAG T . -25.55 -22.95 -40.75
O4 NAG T . -25.43 -22.92 -37.74
O5 NAG T . -22.86 -20.48 -38.90
O6 NAG T . -21.45 -22.40 -37.60
O7 NAG T . -25.88 -21.48 -43.06
C1 NAG T . -25.40 -24.33 -37.34
C2 NAG T . -25.75 -25.33 -38.48
C3 NAG T . -25.63 -26.79 -37.96
C4 NAG T . -24.31 -27.04 -37.22
C5 NAG T . -24.03 -25.98 -36.14
C6 NAG T . -22.64 -26.09 -35.50
C7 NAG T . -27.58 -25.39 -40.14
C8 NAG T . -28.99 -24.91 -40.49
N2 NAG T . -27.11 -25.05 -38.93
O3 NAG T . -25.74 -27.71 -39.07
O4 NAG T . -24.36 -28.32 -36.57
O5 NAG T . -24.10 -24.65 -36.75
O6 NAG T . -22.55 -27.28 -34.70
O7 NAG T . -26.91 -26.08 -40.91
C1 NAG U . -31.38 13.78 -16.94
C2 NAG U . -32.44 14.82 -17.31
C3 NAG U . -32.04 16.19 -16.75
C4 NAG U . -31.82 16.10 -15.25
C5 NAG U . -30.78 15.04 -14.91
C6 NAG U . -30.56 14.84 -13.41
C7 NAG U . -33.48 14.13 -19.41
C8 NAG U . -33.45 14.21 -20.94
N2 NAG U . -32.59 14.86 -18.77
O3 NAG U . -33.09 17.15 -17.04
O4 NAG U . -31.29 17.41 -14.77
O5 NAG U . -31.22 13.76 -15.49
O6 NAG U . -31.82 14.60 -12.75
O7 NAG U . -34.23 13.36 -18.81
C1 NAG U . -32.23 18.16 -13.94
C2 NAG U . -31.58 19.46 -13.41
C3 NAG U . -32.61 20.29 -12.63
C4 NAG U . -33.87 20.55 -13.48
C5 NAG U . -34.45 19.25 -14.05
C6 NAG U . -35.61 19.44 -15.04
C7 NAG U . -30.32 18.42 -11.55
C8 NAG U . -28.93 18.16 -10.95
N2 NAG U . -30.37 19.20 -12.62
O3 NAG U . -32.05 21.57 -12.22
O4 NAG U . -34.86 21.15 -12.61
O5 NAG U . -33.38 18.53 -14.76
O6 NAG U . -35.13 20.10 -16.24
O7 NAG U . -31.33 17.93 -11.05
C1 NAG V . -15.26 8.72 -34.44
C2 NAG V . -15.11 8.80 -32.89
C3 NAG V . -16.32 9.50 -32.30
C4 NAG V . -16.43 10.90 -32.92
C5 NAG V . -16.53 10.83 -34.44
C6 NAG V . -16.53 12.20 -35.10
C7 NAG V . -15.56 6.42 -32.34
C8 NAG V . -15.15 5.27 -31.43
N2 NAG V . -14.84 7.53 -32.24
O3 NAG V . -16.17 9.66 -30.87
O4 NAG V . -17.63 11.57 -32.39
O5 NAG V . -15.36 10.09 -34.93
O6 NAG V . -15.31 12.88 -34.76
O7 NAG V . -16.49 6.33 -33.14
C1 NAG V . -17.32 12.71 -31.54
C2 NAG V . -18.54 13.62 -31.36
C3 NAG V . -18.15 14.78 -30.45
C4 NAG V . -17.60 14.29 -29.10
C5 NAG V . -16.44 13.32 -29.31
C6 NAG V . -15.95 12.67 -28.01
C7 NAG V . -20.24 14.02 -33.07
C8 NAG V . -20.54 14.62 -34.45
N2 NAG V . -18.99 14.12 -32.66
O3 NAG V . -19.31 15.64 -30.24
O4 NAG V . -17.08 15.46 -28.36
O5 NAG V . -16.87 12.23 -30.23
O6 NAG V . -16.95 11.75 -27.54
O7 NAG V . -21.11 13.48 -32.39
C1 BMA V . -17.66 15.83 -27.05
C2 BMA V . -19.16 16.21 -27.01
C3 BMA V . -19.38 16.99 -25.71
C4 BMA V . -18.76 16.29 -24.50
C5 BMA V . -17.22 16.09 -24.63
C6 BMA V . -16.60 15.24 -23.52
O2 BMA V . -20.10 15.09 -27.02
O3 BMA V . -20.82 17.16 -25.50
O4 BMA V . -19.04 17.11 -23.33
O5 BMA V . -16.97 15.31 -25.87
O6 BMA V . -16.86 15.83 -22.19
C1 MAN V . -15.97 16.93 -21.84
C2 MAN V . -14.64 16.40 -21.30
C3 MAN V . -14.81 15.80 -19.89
C4 MAN V . -15.44 16.80 -18.92
C5 MAN V . -16.80 17.27 -19.47
C6 MAN V . -17.43 18.39 -18.62
O2 MAN V . -13.68 17.47 -21.23
O3 MAN V . -13.50 15.40 -19.39
O4 MAN V . -15.60 16.18 -17.61
O5 MAN V . -16.65 17.79 -20.85
O6 MAN V . -18.60 18.90 -19.29
C1 NAG W . 11.73 38.03 24.92
C2 NAG W . 12.65 37.38 25.96
C3 NAG W . 11.96 37.32 27.32
C4 NAG W . 11.21 38.60 27.70
C5 NAG W . 10.35 39.13 26.55
C6 NAG W . 9.67 40.47 26.84
C7 NAG W . 14.09 35.76 24.84
C8 NAG W . 14.22 34.33 24.31
N2 NAG W . 12.99 36.03 25.50
O3 NAG W . 12.94 37.08 28.34
O4 NAG W . 10.31 38.22 28.78
O5 NAG W . 11.24 39.30 25.40
O6 NAG W . 10.66 41.48 27.05
O7 NAG W . 14.94 36.62 24.64
C1 NAG W . 10.57 38.85 30.05
C2 NAG W . 9.40 38.49 30.97
C3 NAG W . 9.70 38.91 32.40
C4 NAG W . 10.97 38.19 32.81
C5 NAG W . 12.12 38.77 32.00
C6 NAG W . 13.49 38.24 32.39
C7 NAG W . 7.03 38.40 30.42
C8 NAG W . 5.78 39.20 30.03
N2 NAG W . 8.16 39.10 30.53
O3 NAG W . 8.61 38.50 33.23
O4 NAG W . 11.17 38.12 34.26
O5 NAG W . 11.84 38.38 30.60
O6 NAG W . 14.44 38.91 31.56
O7 NAG W . 6.99 37.20 30.63
C1 BMA W . 11.35 39.28 35.11
C2 BMA W . 10.16 40.07 35.67
C3 BMA W . 10.62 41.51 35.66
C4 BMA W . 11.94 41.68 36.47
C5 BMA W . 13.06 40.70 36.01
C6 BMA W . 14.23 40.61 36.98
O2 BMA W . 9.85 39.76 37.06
O3 BMA W . 9.47 42.33 36.11
O4 BMA W . 12.44 43.02 36.27
O5 BMA W . 12.58 39.33 35.84
O6 BMA W . 13.70 40.53 38.34
C1 MAN W . 13.43 39.21 38.89
C2 MAN W . 12.54 39.16 40.13
C3 MAN W . 13.33 38.93 41.45
C4 MAN W . 14.50 37.92 41.30
C5 MAN W . 15.37 38.15 40.05
C6 MAN W . 16.47 37.09 39.82
O2 MAN W . 11.54 38.14 39.94
O3 MAN W . 12.31 38.45 42.39
O4 MAN W . 15.40 38.05 42.44
O5 MAN W . 14.54 38.25 38.84
O6 MAN W . 16.03 35.80 40.25
C1 MAN W . 12.73 38.20 43.77
C2 MAN W . 11.84 37.22 44.55
C3 MAN W . 10.93 38.00 45.54
C4 MAN W . 11.68 39.09 46.33
C5 MAN W . 12.42 40.09 45.42
C6 MAN W . 13.33 41.02 46.21
O2 MAN W . 12.68 36.35 45.32
O3 MAN W . 10.26 37.07 46.42
O4 MAN W . 10.67 39.77 47.08
O5 MAN W . 13.30 39.32 44.50
O6 MAN W . 12.55 41.84 47.05
C1 MAN W . 9.39 42.75 37.52
C2 MAN W . 8.01 42.85 38.20
C3 MAN W . 7.51 44.32 38.36
C4 MAN W . 8.64 45.29 38.82
C5 MAN W . 9.87 45.20 37.88
C6 MAN W . 11.03 46.13 38.27
O2 MAN W . 8.15 42.33 39.56
O3 MAN W . 6.42 44.33 39.33
O4 MAN W . 8.12 46.63 38.74
O5 MAN W . 10.37 43.79 37.86
O6 MAN W . 12.18 45.81 37.47
C1 NAG X . 16.98 25.81 26.07
C2 NAG X . 18.09 26.41 25.17
C3 NAG X . 19.25 26.97 26.02
C4 NAG X . 18.73 27.91 27.12
C5 NAG X . 17.76 27.14 28.01
C6 NAG X . 17.19 27.93 29.18
C7 NAG X . 18.49 25.48 22.94
C8 NAG X . 19.19 24.40 22.10
N2 NAG X . 18.60 25.39 24.26
O3 NAG X . 20.19 27.71 25.20
O4 NAG X . 19.89 28.40 27.87
O5 NAG X . 16.63 26.73 27.15
O6 NAG X . 16.38 29.00 28.67
O7 NAG X . 17.89 26.42 22.41
C1 NAG X . 19.88 29.87 28.09
C2 NAG X . 20.51 30.46 29.38
C3 NAG X . 19.94 31.87 29.57
C4 NAG X . 20.00 32.71 28.28
C5 NAG X . 19.21 32.04 27.14
C6 NAG X . 19.21 32.83 25.84
C7 NAG X . 21.00 28.69 30.99
C8 NAG X . 20.61 28.06 32.32
N2 NAG X . 20.19 29.65 30.55
O3 NAG X . 20.66 32.55 30.63
O4 NAG X . 19.40 33.98 28.58
O5 NAG X . 19.77 30.68 26.88
O6 NAG X . 20.56 32.92 25.33
O7 NAG X . 22.01 28.36 30.36
C1 NAG Y . -0.14 50.28 18.10
C2 NAG Y . -1.11 49.42 18.92
C3 NAG Y . -1.82 50.30 19.96
C4 NAG Y . -0.86 51.16 20.80
C5 NAG Y . 0.14 51.91 19.91
C6 NAG Y . 1.24 52.66 20.69
C7 NAG Y . -2.44 47.54 18.07
C8 NAG Y . -3.57 47.13 17.11
N2 NAG Y . -2.11 48.82 18.03
O3 NAG Y . -2.61 49.44 20.82
O4 NAG Y . -1.61 52.20 21.54
O5 NAG Y . 0.80 50.96 18.99
O6 NAG Y . 2.21 51.70 21.15
O7 NAG Y . -1.86 46.73 18.79
C1 NAG Y . -2.30 51.85 22.79
C2 NAG Y . -2.51 53.12 23.63
C3 NAG Y . -3.38 52.87 24.87
C4 NAG Y . -4.71 52.22 24.45
C5 NAG Y . -4.46 50.94 23.65
C6 NAG Y . -5.75 50.29 23.14
C7 NAG Y . -0.28 53.17 24.74
C8 NAG Y . 0.97 54.02 25.00
N2 NAG Y . -1.23 53.76 24.00
O3 NAG Y . -3.66 54.12 25.56
O4 NAG Y . -5.42 51.92 25.67
O5 NAG Y . -3.62 51.28 22.47
O6 NAG Y . -5.44 49.07 22.44
O7 NAG Y . -0.40 52.04 25.18
C1 NAG Z . -5.73 49.91 9.51
C2 NAG Z . -6.33 51.21 10.11
C3 NAG Z . -7.76 50.95 10.62
C4 NAG Z . -8.54 50.12 9.59
C5 NAG Z . -7.87 48.73 9.41
C6 NAG Z . -8.66 47.78 8.51
C7 NAG Z . -5.08 51.19 12.25
C8 NAG Z . -4.08 51.95 13.13
N2 NAG Z . -5.46 51.80 11.13
O3 NAG Z . -8.43 52.23 10.83
O4 NAG Z . -9.98 50.04 9.89
O5 NAG Z . -6.58 49.01 8.76
O6 NAG Z . -7.82 46.64 8.20
O7 NAG Z . -5.47 50.05 12.52
C1 NAG Z . -10.41 49.64 11.24
C2 NAG Z . -11.94 49.86 11.39
C3 NAG Z . -12.36 49.46 12.81
C4 NAG Z . -11.98 48.00 13.09
C5 NAG Z . -10.50 47.69 12.77
C6 NAG Z . -10.19 46.19 12.72
C7 NAG Z . -11.81 52.36 11.46
C8 NAG Z . -12.45 53.66 10.98
N2 NAG Z . -12.37 51.23 11.04
O3 NAG Z . -13.80 49.62 12.97
O4 NAG Z . -12.21 47.74 14.49
O5 NAG Z . -10.12 48.22 11.44
O6 NAG Z . -10.53 45.58 13.97
O7 NAG Z . -10.80 52.35 12.17
C1 NAG AA . 19.08 32.43 10.21
C2 NAG AA . 18.83 30.93 9.96
C3 NAG AA . 19.03 30.17 11.29
C4 NAG AA . 20.45 30.38 11.79
C5 NAG AA . 20.82 31.86 11.93
C6 NAG AA . 22.30 32.05 12.18
C7 NAG AA . 16.36 30.96 9.85
C8 NAG AA . 15.12 30.42 9.13
N2 NAG AA . 17.54 30.63 9.34
O3 NAG AA . 18.79 28.76 11.12
O4 NAG AA . 20.51 29.82 13.16
O5 NAG AA . 20.43 32.63 10.72
O6 NAG AA . 22.97 31.99 10.91
O7 NAG AA . 16.26 31.65 10.85
C1 NAG AA . 21.32 28.62 13.35
C2 NAG AA . 21.51 28.38 14.85
C3 NAG AA . 22.41 27.14 15.04
C4 NAG AA . 21.78 25.89 14.39
C5 NAG AA . 21.37 26.17 12.95
C6 NAG AA . 20.50 25.07 12.34
C7 NAG AA . 23.21 30.12 15.31
C8 NAG AA . 23.55 31.34 16.16
N2 NAG AA . 22.04 29.53 15.57
O3 NAG AA . 22.63 26.91 16.45
O4 NAG AA . 22.84 24.85 14.35
O5 NAG AA . 20.63 27.45 12.82
O6 NAG AA . 19.20 25.11 12.95
O7 NAG AA . 23.95 29.69 14.43
C1 BMA AA . 22.71 23.60 15.11
C2 BMA AA . 22.91 23.76 16.64
C3 BMA AA . 22.93 22.37 17.28
C4 BMA AA . 21.60 21.64 17.01
C5 BMA AA . 21.28 21.61 15.49
C6 BMA AA . 19.85 21.14 15.23
O2 BMA AA . 21.80 24.51 17.20
O3 BMA AA . 23.14 22.47 18.71
O4 BMA AA . 21.76 20.29 17.48
O5 BMA AA . 21.42 22.95 14.88
O6 BMA AA . 19.77 19.68 15.41
C1 MAN AA . 19.82 18.94 14.15
C2 MAN AA . 19.35 17.50 14.43
C3 MAN AA . 20.37 16.77 15.30
C4 MAN AA . 21.77 16.80 14.67
C5 MAN AA . 22.22 18.24 14.39
C6 MAN AA . 23.54 18.35 13.62
O2 MAN AA . 19.19 16.76 13.19
O3 MAN AA . 19.94 15.38 15.46
O4 MAN AA . 22.68 16.18 15.61
O5 MAN AA . 21.18 18.95 13.60
O6 MAN AA . 23.35 17.98 12.25
C1 NAG BA . 14.62 19.45 29.88
C2 NAG BA . 15.45 19.66 31.16
C3 NAG BA . 16.64 18.68 31.14
C4 NAG BA . 16.10 17.26 31.07
C5 NAG BA . 15.18 17.05 29.86
C6 NAG BA . 14.51 15.67 29.80
C7 NAG BA . 16.60 21.76 30.56
C8 NAG BA . 16.89 23.21 30.98
N2 NAG BA . 15.84 21.05 31.38
O3 NAG BA . 17.43 18.82 32.35
O4 NAG BA . 17.26 16.34 30.97
O5 NAG BA . 14.12 18.08 29.88
O6 NAG BA . 14.05 15.30 31.11
O7 NAG BA . 17.03 21.28 29.51
C1 NAG BA . 17.38 15.41 32.09
C2 NAG BA . 18.48 14.36 31.80
C3 NAG BA . 18.72 13.46 33.02
C4 NAG BA . 19.05 14.29 34.25
C5 NAG BA . 17.93 15.31 34.50
C6 NAG BA . 18.18 16.25 35.68
C7 NAG BA . 17.13 12.79 30.43
C8 NAG BA . 17.03 12.02 29.11
N2 NAG BA . 18.18 13.59 30.58
O3 NAG BA . 19.80 12.54 32.78
O4 NAG BA . 19.16 13.33 35.37
O5 NAG BA . 17.78 16.16 33.29
O6 NAG BA . 19.45 16.91 35.49
O7 NAG BA . 16.27 12.69 31.30
C1 BMA BA . 20.29 13.59 36.28
C2 BMA BA . 20.33 12.51 37.39
C3 BMA BA . 21.51 12.80 38.34
C4 BMA BA . 22.84 12.92 37.57
C5 BMA BA . 22.75 13.86 36.36
C6 BMA BA . 23.96 13.77 35.45
O2 BMA BA . 20.53 11.20 36.82
O3 BMA BA . 21.60 11.74 39.31
O4 BMA BA . 23.83 13.45 38.51
O5 BMA BA . 21.55 13.52 35.55
O6 BMA BA . 23.97 12.50 34.79
C1 NAG CA . -0.77 -29.73 10.76
C2 NAG CA . -1.09 -31.18 10.34
C3 NAG CA . -2.51 -31.30 9.78
C4 NAG CA . -3.53 -30.66 10.71
C5 NAG CA . -3.15 -29.20 11.04
C6 NAG CA . -4.10 -28.54 12.04
C7 NAG CA . 1.01 -32.23 9.65
C8 NAG CA . 1.78 -32.86 8.48
N2 NAG CA . -0.14 -31.64 9.33
O3 NAG CA . -2.86 -32.70 9.60
O4 NAG CA . -4.82 -30.71 10.05
O5 NAG CA . -1.82 -29.24 11.65
O6 NAG CA . -5.39 -28.35 11.43
O7 NAG CA . 1.42 -32.25 10.81
C1 NAG DA . 28.62 -27.96 15.29
C2 NAG DA . 27.90 -27.02 16.28
C3 NAG DA . 28.35 -27.27 17.73
C4 NAG DA . 28.36 -28.75 18.11
C5 NAG DA . 29.23 -29.53 17.11
C6 NAG DA . 29.31 -31.03 17.41
C7 NAG DA . 27.53 -24.88 15.15
C8 NAG DA . 28.07 -23.45 14.98
N2 NAG DA . 28.23 -25.64 15.98
O3 NAG DA . 27.48 -26.56 18.65
O4 NAG DA . 28.94 -28.85 19.43
O5 NAG DA . 28.65 -29.35 15.76
O6 NAG DA . 29.91 -31.68 16.28
O7 NAG DA . 26.54 -25.29 14.56
C1 NAG EA . 12.80 -8.40 17.38
C2 NAG EA . 13.95 -7.71 18.15
C3 NAG EA . 15.03 -8.74 18.50
C4 NAG EA . 14.41 -9.84 19.36
C5 NAG EA . 13.20 -10.52 18.69
C6 NAG EA . 12.39 -11.40 19.65
C7 NAG EA . 14.02 -5.36 17.51
C8 NAG EA . 14.69 -4.27 16.66
N2 NAG EA . 14.49 -6.60 17.38
O3 NAG EA . 16.11 -8.12 19.23
O4 NAG EA . 15.44 -10.83 19.57
O5 NAG EA . 12.26 -9.48 18.20
O6 NAG EA . 13.24 -12.47 20.11
O7 NAG EA . 13.07 -5.12 18.25
C1 NAG FA . 64.01 -23.62 11.17
C2 NAG FA . 65.01 -22.71 11.92
C3 NAG FA . 66.44 -22.99 11.43
C4 NAG FA . 66.77 -24.50 11.47
C5 NAG FA . 65.73 -25.31 10.69
C6 NAG FA . 65.91 -26.84 10.74
C7 NAG FA . 63.90 -20.62 12.56
C8 NAG FA . 63.53 -19.19 12.14
N2 NAG FA . 64.69 -21.30 11.72
O3 NAG FA . 67.40 -22.26 12.25
O4 NAG FA . 68.07 -24.68 10.89
O5 NAG FA . 64.40 -25.02 11.25
O6 NAG FA . 65.50 -27.33 12.04
O7 NAG FA . 63.47 -21.12 13.59
C1 NAG GA . 35.34 -29.62 -11.56
C2 NAG GA . 34.36 -29.38 -12.73
C3 NAG GA . 34.68 -30.38 -13.85
C4 NAG GA . 36.14 -30.24 -14.28
C5 NAG GA . 37.11 -30.45 -13.10
C6 NAG GA . 38.58 -30.14 -13.45
C7 NAG GA . 32.23 -28.53 -11.89
C8 NAG GA . 30.79 -28.86 -11.52
N2 NAG GA . 32.98 -29.54 -12.30
O3 NAG GA . 33.83 -30.17 -14.99
O4 NAG GA . 36.39 -31.23 -15.31
O5 NAG GA . 36.73 -29.54 -12.00
O6 NAG GA . 39.02 -30.98 -14.54
O7 NAG GA . 32.68 -27.38 -11.82
C1 NAG HA . 53.42 -10.04 -1.77
C2 NAG HA . 54.28 -8.76 -1.65
C3 NAG HA . 54.20 -8.13 -0.24
C4 NAG HA . 52.74 -7.95 0.18
C5 NAG HA . 52.04 -9.30 0.17
C6 NAG HA . 50.59 -9.30 0.65
C7 NAG HA . 56.17 -9.08 -3.18
C8 NAG HA . 57.64 -9.49 -3.32
N2 NAG HA . 55.68 -9.07 -1.95
O3 NAG HA . 54.86 -6.84 -0.23
O4 NAG HA . 52.74 -7.42 1.52
O5 NAG HA . 52.09 -9.83 -1.21
O6 NAG HA . 49.75 -8.52 -0.20
O7 NAG HA . 55.48 -8.78 -4.15
C1 NAG IA . -27.11 -12.15 -30.61
C2 NAG IA . -26.83 -13.22 -29.53
C3 NAG IA . -27.53 -14.54 -29.87
C4 NAG IA . -29.01 -14.33 -30.19
C5 NAG IA . -29.20 -13.30 -31.31
C6 NAG IA . -30.66 -12.96 -31.58
C7 NAG IA . -24.61 -12.74 -28.62
C8 NAG IA . -23.11 -12.99 -28.74
N2 NAG IA . -25.39 -13.44 -29.43
O3 NAG IA . -27.39 -15.47 -28.76
O4 NAG IA . -29.55 -15.60 -30.63
O5 NAG IA . -28.54 -12.04 -30.90
O6 NAG IA . -30.71 -11.87 -32.51
O7 NAG IA . -25.07 -11.93 -27.82
C1 NAG JA . -12.58 -16.34 -10.51
C2 NAG JA . -12.00 -17.64 -11.09
C3 NAG JA . -12.77 -18.04 -12.36
C4 NAG JA . -14.25 -18.20 -12.03
C5 NAG JA . -14.86 -16.93 -11.42
C6 NAG JA . -16.26 -17.13 -10.85
C7 NAG JA . -9.62 -17.72 -10.51
C8 NAG JA . -8.18 -17.56 -11.00
N2 NAG JA . -10.58 -17.48 -11.40
O3 NAG JA . -12.29 -19.29 -12.89
O4 NAG JA . -14.93 -18.53 -13.26
O5 NAG JA . -14.02 -16.48 -10.28
O6 NAG JA . -17.13 -17.69 -11.85
O7 NAG JA . -9.89 -18.04 -9.35
C1 NAG KA . -16.87 -19.24 -64.35
C2 NAG KA . -16.21 -20.48 -65.00
C3 NAG KA . -16.04 -20.25 -66.51
C4 NAG KA . -17.39 -19.90 -67.15
C5 NAG KA . -18.02 -18.68 -66.48
C6 NAG KA . -19.42 -18.34 -67.00
C7 NAG KA . -14.71 -21.72 -63.47
C8 NAG KA . -13.33 -21.77 -62.82
N2 NAG KA . -14.91 -20.77 -64.37
O3 NAG KA . -15.51 -21.44 -67.14
O4 NAG KA . -17.15 -19.61 -68.54
O5 NAG KA . -18.13 -18.93 -65.01
O6 NAG KA . -20.38 -19.20 -66.37
O7 NAG KA . -15.60 -22.51 -63.17
C1 NAG LA . -17.52 10.69 -42.13
C2 NAG LA . -16.44 11.71 -41.75
C3 NAG LA . -16.90 13.12 -42.17
C4 NAG LA . -17.25 13.16 -43.66
C5 NAG LA . -18.26 12.06 -44.06
C6 NAG LA . -18.47 11.93 -45.57
C7 NAG LA . -15.19 10.94 -39.79
C8 NAG LA . -14.99 11.05 -38.27
N2 NAG LA . -16.18 11.66 -40.31
O3 NAG LA . -15.85 14.09 -41.92
O4 NAG LA . -17.84 14.46 -43.91
O5 NAG LA . -17.77 10.74 -43.57
O6 NAG LA . -18.93 13.18 -46.12
O7 NAG LA . -14.50 10.20 -40.48
C1 NAG MA . -31.24 0.87 -3.97
C2 NAG MA . -32.45 1.83 -4.02
C3 NAG MA . -32.41 2.81 -2.85
C4 NAG MA . -32.26 2.09 -1.51
C5 NAG MA . -31.03 1.17 -1.55
C6 NAG MA . -30.80 0.37 -0.28
C7 NAG MA . -33.00 2.13 -6.38
C8 NAG MA . -33.05 3.09 -7.58
N2 NAG MA . -32.46 2.59 -5.26
O3 NAG MA . -33.62 3.60 -2.79
O4 NAG MA . -32.09 3.11 -0.49
O5 NAG MA . -31.21 0.22 -2.66
O6 NAG MA . -30.37 1.29 0.74
O7 NAG MA . -33.43 0.98 -6.45
C1 NAG NA . -0.76 -9.76 -53.07
C2 NAG NA . 0.38 -10.59 -53.72
C3 NAG NA . 0.28 -12.00 -53.13
C4 NAG NA . 0.42 -11.95 -51.60
C5 NAG NA . -0.63 -11.01 -50.97
C6 NAG NA . -0.47 -10.81 -49.46
C7 NAG NA . 0.81 -9.75 -55.96
C8 NAG NA . 0.80 -10.04 -57.46
N2 NAG NA . 0.25 -10.65 -55.17
O3 NAG NA . 1.34 -12.86 -53.66
O4 NAG NA . 0.22 -13.30 -51.10
O5 NAG NA . -0.54 -9.70 -51.63
O6 NAG NA . 0.82 -10.25 -49.15
O7 NAG NA . 1.34 -8.75 -55.49
C1 NAG OA . 5.00 68.74 -1.56
C2 NAG OA . 4.09 69.20 -2.72
C3 NAG OA . 4.78 70.35 -3.48
C4 NAG OA . 5.07 71.50 -2.51
C5 NAG OA . 5.95 71.03 -1.34
C6 NAG OA . 6.20 72.11 -0.28
C7 NAG OA . 2.65 67.43 -3.65
C8 NAG OA . 2.52 66.32 -4.69
N2 NAG OA . 3.79 68.11 -3.65
O3 NAG OA . 3.94 70.83 -4.56
O4 NAG OA . 5.77 72.51 -3.28
O5 NAG OA . 5.31 69.86 -0.68
O6 NAG OA . 4.98 72.34 0.47
O7 NAG OA . 1.74 67.70 -2.86
C1 NAG PA . -2.04 12.09 29.14
C2 NAG PA . -1.25 12.17 30.47
C3 NAG PA . -0.85 10.76 30.93
C4 NAG PA . -2.06 9.83 30.97
C5 NAG PA . -2.73 9.79 29.60
C6 NAG PA . -3.98 8.90 29.49
C7 NAG PA . -0.08 14.30 30.38
C8 NAG PA . 1.25 15.02 30.13
N2 NAG PA . -0.05 12.98 30.30
O3 NAG PA . -0.27 10.80 32.26
O4 NAG PA . -1.58 8.51 31.34
O5 NAG PA . -3.15 11.16 29.28
O6 NAG PA . -3.61 7.53 29.64
O7 NAG PA . -1.12 14.91 30.60
C1 NAG QA . 24.35 39.65 10.20
C2 NAG QA . 25.23 38.39 10.08
C3 NAG QA . 26.63 38.74 10.56
C4 NAG QA . 27.22 39.87 9.71
C5 NAG QA . 26.30 41.12 9.73
C6 NAG QA . 26.72 42.19 8.71
C7 NAG QA . 23.75 36.46 10.46
C8 NAG QA . 23.23 35.44 11.47
N2 NAG QA . 24.67 37.30 10.89
O3 NAG QA . 27.52 37.58 10.49
O4 NAG QA . 28.50 40.22 10.28
O5 NAG QA . 24.91 40.74 9.39
O6 NAG QA . 28.04 42.68 9.06
O7 NAG QA . 23.31 36.51 9.31
C1 NAG RA . -3.10 39.15 16.76
C2 NAG RA . -4.45 38.53 16.29
C3 NAG RA . -5.56 39.57 16.45
C4 NAG RA . -5.57 40.18 17.86
C5 NAG RA . -4.20 40.76 18.24
C6 NAG RA . -4.13 41.33 19.66
C7 NAG RA . -4.22 36.90 14.47
C8 NAG RA . -4.00 36.69 12.97
N2 NAG RA . -4.34 38.16 14.88
O3 NAG RA . -6.85 38.95 16.19
O4 NAG RA . -6.57 41.22 17.90
O5 NAG RA . -3.20 39.69 18.12
O6 NAG RA . -2.76 41.70 19.94
O7 NAG RA . -4.25 35.95 15.27
C1 NAG SA . -12.53 18.63 6.16
C2 NAG SA . -13.30 19.59 5.22
C3 NAG SA . -13.21 21.01 5.77
C4 NAG SA . -13.88 21.06 7.15
C5 NAG SA . -13.26 20.04 8.13
C6 NAG SA . -14.13 19.84 9.39
C7 NAG SA . -13.36 18.83 2.91
C8 NAG SA . -12.76 18.98 1.51
N2 NAG SA . -12.77 19.53 3.86
O3 NAG SA . -13.89 21.96 4.92
O4 NAG SA . -13.68 22.39 7.67
O5 NAG SA . -13.13 18.70 7.50
O6 NAG SA . -14.28 21.10 10.09
O7 NAG SA . -14.32 18.11 3.14
C1 NAG TA . 12.04 51.33 -12.02
C2 NAG TA . 11.63 51.84 -13.41
C3 NAG TA . 10.09 51.86 -13.50
C4 NAG TA . 9.54 50.45 -13.25
C5 NAG TA . 10.05 49.86 -11.93
C6 NAG TA . 9.69 48.39 -11.75
C7 NAG TA . 13.38 53.35 -14.19
C8 NAG TA . 13.81 54.81 -14.43
N2 NAG TA . 12.18 53.18 -13.66
O3 NAG TA . 9.66 52.33 -14.80
O4 NAG TA . 8.11 50.60 -13.20
O5 NAG TA . 11.52 49.97 -11.86
O6 NAG TA . 10.33 47.58 -12.76
O7 NAG TA . 14.11 52.40 -14.45
#